data_7S4M
#
_entry.id   7S4M
#
_cell.length_a   1.00
_cell.length_b   1.00
_cell.length_c   1.00
_cell.angle_alpha   90.00
_cell.angle_beta   90.00
_cell.angle_gamma   90.00
#
_symmetry.space_group_name_H-M   'P 1'
#
loop_
_entity.id
_entity.type
_entity.pdbx_description
1 polymer 'Particulate methane monooxygenase alpha subunit'
2 polymer 'Particulate methane monooxygenase beta subunit'
3 polymer 'Ammonia monooxygenase/methane monooxygenase, subunit C family protein'
4 polymer 'Unidentified Helix'
5 non-polymer 'COPPER (II) ION'
6 non-polymer 1,2-dihexanoyl-sn-glycero-3-phosphocholine
7 non-polymer DECANE
8 non-polymer DODECANE
9 water water
#
loop_
_entity_poly.entity_id
_entity_poly.type
_entity_poly.pdbx_seq_one_letter_code
_entity_poly.pdbx_strand_id
1 'polypeptide(L)'
;HGEKSQQAFLRMRTLNWYDVQWSKTTVNVNEEMVLSGKVHVFSAWPQAVANPRVSFLNAGEPGPVLVRTAQFIGEQFAPR
SVSLEIGKDYAFSINLRGRRAGRWHVHAQINVEGGGPIIGPGQWIEIKGDMKDFTDPVTLLDGSTVDLEHYGISRVYAWH
LPWMAVGAAWIFFWFVRKGIITSYIRVAEGKADDVIGDDDRRIGAIVLALTILATIVGYAVTNSTFPRTIPLQAGLQKPL
TPIETEGTVGVGKENVTTELNGGVYKVPGRELTINVKVKNNTSQPLRLGEYTAAGLRFLNPDVFTTKPDFPDYLLADRGL
SVDATPIAPGEAKEIVVKIQDARWDIERLSDLAYDTDSQIGGLLFFFSPDGKRYASEIGGPVIPKFVA
;
A,E,I
2 'polypeptide(L)'
;AVGPFNSVAEAAGCVQTVDWMLLVLLFFAVLGGYHVHFMLTAGDWDFWVDWKDRRMWPTVVPILGVTFCAASQAFWWVNF
RLPFGAVFAALGLLIGEWINRYVNFWGWTYFPISLVFPSALIVPAIWLDVILLLSGSYVITAVVGSLGWGLLFYPNNWPA
IAAFHQATEQHGQLMTLADLIGFHFVRTSMPEYIRMVERGTLRTFGKDVVPVAAFFSGFVSMMVYFLWWFMGRWYSTTKV
IDTI
;
F,B,J
3 'polypeptide(L)'
;ESVVDLRGMWIGLVLLNVFYLIVRIYEQVFGWRAGLDSFAPEFQTYWMSILWTEIPLELVSGLGLAGYLWKTRDRNVDAV
TPREEMRRLVVLVQWLVVYGIAIYWGASFFTEQDGTWHMTVIRDTDFTPSHIIEFYMSYPIYSVIAVGAFFYAKTRIPYF
AHGYSLAFLIVAIGPFMIIPNVGLNEWGHTFWFMEELFVAPLHWGFVFFGWMALGVFGVVLQILMRIHALVGKEGVKLLT
E
;
G,C,K
4 'polypeptide(L)'
;(UNK)(UNK)(UNK)(UNK)(UNK)(UNK)(UNK)(UNK)(UNK)(UNK)(UNK)(UNK)(UNK)(UNK)(UNK)(UNK)
(UNK)(UNK)(UNK)
;
D,N,H
#
loop_
_chem_comp.id
_chem_comp.type
_chem_comp.name
_chem_comp.formula
CU non-polymer 'COPPER (II) ION' 'Cu 2'
D10 non-polymer DECANE 'C10 H22'
D12 non-polymer DODECANE 'C12 H26'
HXG non-polymer 1,2-dihexanoyl-sn-glycero-3-phosphocholine 'C20 H41 N O8 P 1'
#
# COMPACT_ATOMS: atom_id res chain seq x y z
N HIS A 1 17.50 -26.00 -14.38
CA HIS A 1 17.23 -26.79 -15.58
C HIS A 1 16.24 -26.09 -16.47
N GLY A 2 15.61 -25.03 -15.95
CA GLY A 2 14.63 -24.28 -16.69
C GLY A 2 15.15 -22.96 -17.22
N GLU A 3 16.47 -22.80 -17.25
CA GLU A 3 17.07 -21.54 -17.68
C GLU A 3 16.79 -21.24 -19.15
N LYS A 4 16.39 -22.24 -19.93
CA LYS A 4 16.11 -21.99 -21.34
C LYS A 4 14.94 -21.04 -21.52
N SER A 5 13.92 -21.15 -20.67
CA SER A 5 12.74 -20.32 -20.78
C SER A 5 12.96 -18.88 -20.34
N GLN A 6 14.01 -18.61 -19.56
CA GLN A 6 14.26 -17.25 -19.11
C GLN A 6 14.68 -16.37 -20.29
N GLN A 7 14.41 -15.07 -20.16
CA GLN A 7 14.70 -14.15 -21.24
C GLN A 7 16.20 -14.06 -21.50
N ALA A 8 16.57 -13.97 -22.78
CA ALA A 8 17.97 -14.05 -23.17
C ALA A 8 18.77 -12.86 -22.64
N PHE A 9 18.27 -11.64 -22.88
CA PHE A 9 19.05 -10.47 -22.52
C PHE A 9 19.22 -10.35 -21.01
N LEU A 10 18.25 -10.83 -20.24
CA LEU A 10 18.42 -10.86 -18.79
C LEU A 10 19.45 -11.92 -18.38
N ARG A 11 19.45 -13.05 -19.07
CA ARG A 11 20.41 -14.10 -18.74
C ARG A 11 21.84 -13.65 -19.03
N MET A 12 22.04 -12.92 -20.12
CA MET A 12 23.40 -12.58 -20.53
C MET A 12 23.87 -11.24 -19.97
N ARG A 13 23.01 -10.50 -19.27
CA ARG A 13 23.39 -9.19 -18.75
C ARG A 13 23.19 -9.09 -17.24
N THR A 14 23.12 -10.20 -16.53
CA THR A 14 23.05 -10.15 -15.07
C THR A 14 24.28 -10.78 -14.43
N LEU A 15 24.55 -12.05 -14.71
CA LEU A 15 25.66 -12.77 -14.11
C LEU A 15 26.40 -13.52 -15.20
N ASN A 16 27.72 -13.40 -15.22
CA ASN A 16 28.54 -14.07 -16.22
C ASN A 16 29.39 -15.11 -15.49
N TRP A 17 28.98 -16.37 -15.61
CA TRP A 17 29.67 -17.46 -14.95
C TRP A 17 30.89 -17.89 -15.74
N TYR A 18 31.97 -18.19 -15.03
CA TYR A 18 33.18 -18.71 -15.65
C TYR A 18 33.97 -19.48 -14.61
N ASP A 19 34.87 -20.33 -15.11
CA ASP A 19 35.69 -21.19 -14.27
C ASP A 19 34.85 -22.11 -13.39
N VAL A 20 33.66 -22.47 -13.88
CA VAL A 20 32.78 -23.36 -13.12
C VAL A 20 33.26 -24.79 -13.26
N GLN A 21 33.47 -25.45 -12.13
CA GLN A 21 33.98 -26.82 -12.12
C GLN A 21 33.18 -27.66 -11.15
N TRP A 22 33.04 -28.95 -11.48
CA TRP A 22 32.45 -29.94 -10.60
C TRP A 22 33.54 -30.92 -10.20
N SER A 23 33.73 -31.10 -8.89
CA SER A 23 34.83 -31.93 -8.41
C SER A 23 34.71 -33.36 -8.90
N LYS A 24 33.50 -33.93 -8.84
CA LYS A 24 33.26 -35.29 -9.27
C LYS A 24 31.99 -35.34 -10.09
N THR A 25 32.01 -36.14 -11.16
CA THR A 25 30.81 -36.38 -11.95
C THR A 25 29.98 -37.54 -11.40
N THR A 26 30.64 -38.60 -10.97
CA THR A 26 29.98 -39.73 -10.32
C THR A 26 30.32 -39.72 -8.84
N VAL A 27 29.30 -39.75 -7.99
CA VAL A 27 29.48 -39.68 -6.55
C VAL A 27 28.65 -40.78 -5.90
N ASN A 28 29.06 -41.18 -4.71
CA ASN A 28 28.31 -42.15 -3.93
C ASN A 28 27.51 -41.47 -2.84
N VAL A 29 26.58 -42.22 -2.26
CA VAL A 29 25.85 -41.71 -1.10
C VAL A 29 26.82 -41.48 0.04
N ASN A 30 26.66 -40.35 0.72
CA ASN A 30 27.52 -39.89 1.82
C ASN A 30 28.91 -39.50 1.33
N GLU A 31 29.10 -39.31 0.04
CA GLU A 31 30.38 -38.86 -0.51
C GLU A 31 30.27 -37.40 -0.92
N GLU A 32 31.34 -36.65 -0.67
CA GLU A 32 31.34 -35.20 -0.85
C GLU A 32 31.86 -34.83 -2.22
N MET A 33 31.15 -33.91 -2.88
CA MET A 33 31.60 -33.31 -4.13
C MET A 33 31.48 -31.80 -4.02
N VAL A 34 32.38 -31.09 -4.68
CA VAL A 34 32.48 -29.64 -4.55
C VAL A 34 32.20 -29.02 -5.91
N LEU A 35 31.23 -28.11 -5.96
CA LEU A 35 30.91 -27.33 -7.14
C LEU A 35 31.39 -25.91 -6.90
N SER A 36 32.37 -25.48 -7.68
CA SER A 36 32.97 -24.18 -7.50
C SER A 36 33.02 -23.42 -8.82
N GLY A 37 33.26 -22.12 -8.74
CA GLY A 37 33.34 -21.31 -9.93
C GLY A 37 33.48 -19.85 -9.56
N LYS A 38 33.50 -19.01 -10.59
CA LYS A 38 33.55 -17.57 -10.43
C LYS A 38 32.42 -16.94 -11.21
N VAL A 39 31.89 -15.84 -10.69
CA VAL A 39 30.77 -15.14 -11.31
C VAL A 39 31.09 -13.66 -11.41
N HIS A 40 30.76 -13.06 -12.54
CA HIS A 40 30.96 -11.64 -12.76
C HIS A 40 29.61 -10.95 -12.83
N VAL A 41 29.47 -9.87 -12.07
CA VAL A 41 28.24 -9.10 -12.03
C VAL A 41 28.32 -8.05 -13.13
N PHE A 42 27.36 -8.09 -14.06
CA PHE A 42 27.39 -7.20 -15.21
C PHE A 42 27.29 -5.75 -14.76
N SER A 43 28.12 -4.89 -15.39
CA SER A 43 28.12 -3.48 -15.03
C SER A 43 26.79 -2.82 -15.37
N ALA A 44 26.22 -3.15 -16.53
CA ALA A 44 24.93 -2.59 -16.93
C ALA A 44 23.81 -3.50 -16.45
N TRP A 45 23.61 -3.49 -15.14
CA TRP A 45 22.57 -4.30 -14.54
C TRP A 45 21.20 -3.84 -15.03
N PRO A 46 20.36 -4.74 -15.52
CA PRO A 46 19.07 -4.32 -16.09
C PRO A 46 18.17 -3.70 -15.04
N GLN A 47 17.34 -2.75 -15.49
CA GLN A 47 16.35 -2.15 -14.62
C GLN A 47 15.30 -3.17 -14.18
N ALA A 48 15.01 -4.15 -15.03
CA ALA A 48 13.98 -5.14 -14.70
C ALA A 48 14.35 -5.94 -13.46
N VAL A 49 15.60 -6.33 -13.34
CA VAL A 49 16.09 -7.07 -12.19
C VAL A 49 16.54 -6.10 -11.13
N ALA A 50 16.11 -6.32 -9.89
CA ALA A 50 16.52 -5.44 -8.81
C ALA A 50 18.02 -5.55 -8.57
N ASN A 51 18.53 -4.68 -7.72
CA ASN A 51 19.96 -4.66 -7.44
C ASN A 51 20.38 -5.97 -6.78
N PRO A 52 21.57 -6.47 -7.09
CA PRO A 52 22.05 -7.70 -6.44
C PRO A 52 22.52 -7.44 -5.01
N ARG A 53 22.14 -6.28 -4.47
CA ARG A 53 22.52 -5.92 -3.11
C ARG A 53 22.07 -6.96 -2.10
N VAL A 54 20.98 -7.65 -2.37
CA VAL A 54 20.53 -8.76 -1.54
C VAL A 54 20.39 -9.98 -2.45
N SER A 55 21.22 -11.00 -2.20
CA SER A 55 21.23 -12.17 -3.05
C SER A 55 21.67 -13.38 -2.24
N PHE A 56 21.36 -14.57 -2.78
CA PHE A 56 21.62 -15.82 -2.09
C PHE A 56 22.27 -16.80 -3.06
N LEU A 57 23.35 -17.44 -2.62
CA LEU A 57 23.99 -18.48 -3.40
C LEU A 57 23.31 -19.81 -3.17
N ASN A 58 23.05 -20.54 -4.24
CA ASN A 58 22.28 -21.77 -4.15
C ASN A 58 22.79 -22.78 -5.17
N ALA A 59 22.45 -24.05 -4.94
CA ALA A 59 22.78 -25.13 -5.85
C ALA A 59 21.49 -25.55 -6.56
N GLY A 60 21.46 -25.37 -7.88
CA GLY A 60 20.28 -25.70 -8.65
C GLY A 60 20.18 -27.18 -8.96
N GLU A 61 19.30 -27.87 -8.26
CA GLU A 61 19.15 -29.31 -8.40
C GLU A 61 17.69 -29.68 -8.19
N PRO A 62 17.24 -30.80 -8.75
CA PRO A 62 15.85 -31.21 -8.56
C PRO A 62 15.59 -31.75 -7.16
N GLY A 63 15.43 -30.85 -6.20
CA GLY A 63 15.21 -31.24 -4.83
C GLY A 63 16.52 -31.57 -4.14
N PRO A 64 16.43 -32.05 -2.91
CA PRO A 64 17.63 -32.38 -2.12
C PRO A 64 18.23 -33.73 -2.47
N VAL A 65 18.50 -33.94 -3.76
CA VAL A 65 19.23 -35.15 -4.16
C VAL A 65 20.67 -35.06 -3.69
N LEU A 66 21.19 -33.85 -3.51
CA LEU A 66 22.50 -33.62 -2.93
C LEU A 66 22.36 -32.64 -1.78
N VAL A 67 22.80 -33.05 -0.59
CA VAL A 67 22.70 -32.22 0.59
C VAL A 67 23.87 -31.25 0.62
N ARG A 68 23.57 -29.97 0.80
CA ARG A 68 24.58 -28.92 0.86
C ARG A 68 25.14 -28.83 2.27
N THR A 69 26.38 -29.26 2.45
CA THR A 69 27.01 -29.19 3.76
C THR A 69 27.61 -27.83 4.07
N ALA A 70 28.10 -27.11 3.06
CA ALA A 70 28.64 -25.78 3.24
C ALA A 70 28.77 -25.11 1.89
N GLN A 71 28.68 -23.79 1.89
CA GLN A 71 28.86 -23.01 0.67
C GLN A 71 29.54 -21.70 1.03
N PHE A 72 30.40 -21.24 0.14
CA PHE A 72 31.14 -20.02 0.35
C PHE A 72 31.04 -19.14 -0.89
N ILE A 73 31.02 -17.83 -0.68
CA ILE A 73 31.11 -16.87 -1.76
C ILE A 73 31.78 -15.61 -1.22
N GLY A 74 32.63 -15.01 -2.04
CA GLY A 74 33.38 -13.85 -1.58
C GLY A 74 34.28 -14.14 -0.39
N GLU A 75 34.86 -15.34 -0.33
CA GLU A 75 35.74 -15.74 0.76
C GLU A 75 35.02 -15.70 2.10
N GLN A 76 33.72 -16.02 2.09
CA GLN A 76 32.91 -15.99 3.30
C GLN A 76 31.97 -17.18 3.30
N PHE A 77 31.80 -17.79 4.47
CA PHE A 77 30.76 -18.80 4.65
C PHE A 77 29.41 -18.11 4.53
N ALA A 78 28.58 -18.57 3.60
CA ALA A 78 27.35 -17.87 3.22
C ALA A 78 26.16 -18.79 3.30
N PRO A 79 25.68 -19.11 4.50
CA PRO A 79 24.38 -19.78 4.63
C PRO A 79 23.21 -18.83 4.55
N ARG A 80 23.45 -17.52 4.60
CA ARG A 80 22.40 -16.51 4.55
C ARG A 80 22.62 -15.62 3.34
N SER A 81 21.77 -14.62 3.19
CA SER A 81 21.83 -13.74 2.04
C SER A 81 23.11 -12.91 2.06
N VAL A 82 23.63 -12.62 0.87
CA VAL A 82 24.86 -11.87 0.71
C VAL A 82 24.62 -10.74 -0.29
N SER A 83 25.57 -9.81 -0.33
CA SER A 83 25.51 -8.65 -1.20
C SER A 83 26.50 -8.80 -2.34
N LEU A 84 26.03 -8.59 -3.57
CA LEU A 84 26.88 -8.59 -4.75
C LEU A 84 26.93 -7.18 -5.30
N GLU A 85 28.14 -6.64 -5.42
CA GLU A 85 28.33 -5.30 -5.96
C GLU A 85 28.42 -5.37 -7.48
N ILE A 86 27.74 -4.43 -8.14
CA ILE A 86 27.71 -4.43 -9.60
C ILE A 86 29.09 -4.16 -10.15
N GLY A 87 29.51 -5.00 -11.10
CA GLY A 87 30.80 -4.84 -11.74
C GLY A 87 31.93 -5.64 -11.13
N LYS A 88 31.68 -6.35 -10.03
CA LYS A 88 32.71 -7.12 -9.35
C LYS A 88 32.63 -8.58 -9.73
N ASP A 89 33.72 -9.31 -9.46
CA ASP A 89 33.80 -10.73 -9.68
C ASP A 89 33.95 -11.45 -8.35
N TYR A 90 33.24 -12.55 -8.19
CA TYR A 90 33.21 -13.29 -6.93
C TYR A 90 33.47 -14.76 -7.19
N ALA A 91 34.16 -15.40 -6.25
CA ALA A 91 34.44 -16.83 -6.31
C ALA A 91 33.54 -17.56 -5.33
N PHE A 92 32.91 -18.63 -5.79
CA PHE A 92 32.00 -19.40 -4.96
C PHE A 92 32.36 -20.87 -5.00
N SER A 93 31.96 -21.59 -3.96
CA SER A 93 32.19 -23.03 -3.87
C SER A 93 31.13 -23.63 -2.96
N ILE A 94 30.52 -24.72 -3.41
CA ILE A 94 29.46 -25.39 -2.67
C ILE A 94 29.89 -26.82 -2.41
N ASN A 95 29.89 -27.22 -1.15
CA ASN A 95 30.22 -28.59 -0.77
C ASN A 95 28.94 -29.41 -0.71
N LEU A 96 28.73 -30.24 -1.72
CA LEU A 96 27.53 -31.08 -1.80
C LEU A 96 27.84 -32.46 -1.26
N ARG A 97 26.78 -33.23 -0.99
CA ARG A 97 26.90 -34.58 -0.45
C ARG A 97 25.79 -35.44 -1.05
N GLY A 98 26.16 -36.57 -1.63
CA GLY A 98 25.21 -37.44 -2.29
C GLY A 98 24.14 -37.98 -1.36
N ARG A 99 22.88 -37.87 -1.78
CA ARG A 99 21.78 -38.37 -0.96
C ARG A 99 20.86 -39.34 -1.70
N ARG A 100 20.54 -39.07 -2.96
CA ARG A 100 19.56 -39.85 -3.70
C ARG A 100 20.21 -40.44 -4.94
N ALA A 101 20.07 -41.75 -5.12
CA ALA A 101 20.64 -42.42 -6.28
C ALA A 101 19.92 -41.99 -7.56
N GLY A 102 20.71 -41.72 -8.59
CA GLY A 102 20.15 -41.36 -9.87
C GLY A 102 21.12 -40.50 -10.64
N ARG A 103 20.63 -39.94 -11.75
CA ARG A 103 21.39 -39.03 -12.60
C ARG A 103 20.70 -37.69 -12.56
N TRP A 104 21.36 -36.70 -11.98
CA TRP A 104 20.77 -35.40 -11.72
C TRP A 104 21.57 -34.30 -12.39
N HIS A 105 20.88 -33.27 -12.86
CA HIS A 105 21.51 -32.11 -13.47
C HIS A 105 21.61 -31.01 -12.42
N VAL A 106 22.83 -30.76 -11.95
CA VAL A 106 23.07 -29.85 -10.84
C VAL A 106 23.65 -28.56 -11.40
N HIS A 107 22.98 -27.45 -11.13
CA HIS A 107 23.38 -26.13 -11.62
C HIS A 107 23.99 -25.32 -10.49
N ALA A 108 24.72 -24.27 -10.87
CA ALA A 108 25.08 -23.22 -9.92
C ALA A 108 24.10 -22.07 -10.08
N GLN A 109 23.53 -21.62 -8.96
CA GLN A 109 22.43 -20.68 -9.03
C GLN A 109 22.58 -19.59 -7.98
N ILE A 110 22.29 -18.36 -8.37
CA ILE A 110 22.24 -17.22 -7.46
C ILE A 110 20.89 -16.55 -7.64
N ASN A 111 20.22 -16.27 -6.52
CA ASN A 111 18.91 -15.63 -6.53
C ASN A 111 19.04 -14.20 -6.07
N VAL A 112 18.45 -13.28 -6.82
CA VAL A 112 18.43 -11.86 -6.47
C VAL A 112 17.08 -11.56 -5.84
N GLU A 113 17.08 -10.68 -4.83
CA GLU A 113 15.88 -10.46 -4.03
C GLU A 113 14.70 -10.02 -4.89
N GLY A 114 14.88 -8.96 -5.66
CA GLY A 114 13.82 -8.45 -6.49
C GLY A 114 13.84 -8.91 -7.92
N GLY A 115 14.80 -9.76 -8.28
CA GLY A 115 14.88 -10.28 -9.63
C GLY A 115 14.39 -11.71 -9.78
N GLY A 116 14.87 -12.60 -8.90
CA GLY A 116 14.52 -13.99 -9.01
C GLY A 116 15.75 -14.87 -9.21
N PRO A 117 15.56 -16.02 -9.83
CA PRO A 117 16.68 -16.97 -9.97
C PRO A 117 17.51 -16.69 -11.20
N ILE A 118 18.82 -16.79 -11.03
CA ILE A 118 19.77 -16.73 -12.14
C ILE A 118 20.50 -18.07 -12.14
N ILE A 119 20.37 -18.82 -13.23
CA ILE A 119 20.86 -20.19 -13.31
C ILE A 119 22.16 -20.20 -14.09
N GLY A 120 23.20 -20.79 -13.50
CA GLY A 120 24.48 -20.91 -14.15
C GLY A 120 24.64 -22.24 -14.85
N PRO A 121 25.89 -22.61 -15.14
CA PRO A 121 26.14 -23.88 -15.81
C PRO A 121 25.71 -25.06 -14.94
N GLY A 122 25.27 -26.13 -15.60
CA GLY A 122 24.84 -27.33 -14.92
C GLY A 122 25.52 -28.56 -15.51
N GLN A 123 25.78 -29.54 -14.64
CA GLN A 123 26.45 -30.76 -15.03
C GLN A 123 25.67 -31.95 -14.51
N TRP A 124 25.68 -33.03 -15.29
CA TRP A 124 25.02 -34.27 -14.88
C TRP A 124 25.85 -34.95 -13.80
N ILE A 125 25.22 -35.28 -12.68
CA ILE A 125 25.87 -35.95 -11.57
C ILE A 125 25.23 -37.32 -11.40
N GLU A 126 26.04 -38.36 -11.46
CA GLU A 126 25.56 -39.70 -11.22
C GLU A 126 25.78 -40.07 -9.76
N ILE A 127 24.72 -40.49 -9.09
CA ILE A 127 24.78 -40.85 -7.67
C ILE A 127 24.45 -42.32 -7.53
N LYS A 128 25.35 -43.06 -6.89
CA LYS A 128 25.19 -44.49 -6.67
C LYS A 128 25.04 -44.76 -5.19
N GLY A 129 24.23 -45.77 -4.87
CA GLY A 129 24.00 -46.13 -3.49
C GLY A 129 22.53 -46.23 -3.14
N ASP A 130 22.20 -46.17 -1.85
CA ASP A 130 20.84 -46.28 -1.39
C ASP A 130 20.51 -45.10 -0.49
N MET A 131 19.24 -44.67 -0.54
CA MET A 131 18.81 -43.53 0.27
C MET A 131 18.93 -43.82 1.76
N LYS A 132 18.57 -45.03 2.16
CA LYS A 132 18.56 -45.37 3.59
C LYS A 132 19.94 -45.37 4.21
N ASP A 133 20.99 -45.38 3.40
CA ASP A 133 22.36 -45.33 3.92
C ASP A 133 22.83 -43.91 4.17
N PHE A 134 21.99 -42.91 3.94
CA PHE A 134 22.42 -41.53 4.04
C PHE A 134 22.37 -41.03 5.48
N THR A 135 23.50 -40.49 5.95
CA THR A 135 23.57 -39.77 7.21
C THR A 135 24.34 -38.49 6.98
N ASP A 136 23.98 -37.43 7.71
CA ASP A 136 24.67 -36.17 7.44
C ASP A 136 26.11 -36.27 7.95
N PRO A 137 26.40 -36.34 9.26
CA PRO A 137 25.74 -35.97 10.52
C PRO A 137 26.28 -34.62 10.97
N VAL A 138 25.68 -34.00 11.98
CA VAL A 138 26.14 -32.71 12.46
C VAL A 138 26.38 -32.79 13.96
N THR A 139 27.19 -31.88 14.47
CA THR A 139 27.55 -31.85 15.88
C THR A 139 26.96 -30.60 16.54
N LEU A 140 26.49 -30.77 17.77
CA LEU A 140 25.89 -29.69 18.51
C LEU A 140 26.95 -28.91 19.28
N LEU A 141 26.52 -27.81 19.89
CA LEU A 141 27.45 -27.01 20.70
C LEU A 141 27.93 -27.79 21.91
N ASP A 142 27.06 -28.60 22.52
CA ASP A 142 27.45 -29.39 23.68
C ASP A 142 28.40 -30.53 23.32
N GLY A 143 28.61 -30.80 22.04
CA GLY A 143 29.50 -31.83 21.59
C GLY A 143 28.81 -33.09 21.08
N SER A 144 27.53 -33.25 21.36
CA SER A 144 26.81 -34.42 20.87
C SER A 144 26.62 -34.32 19.36
N THR A 145 26.56 -35.49 18.72
CA THR A 145 26.41 -35.58 17.28
C THR A 145 25.03 -36.16 16.96
N VAL A 146 24.33 -35.53 16.03
CA VAL A 146 23.01 -35.98 15.60
C VAL A 146 23.02 -36.17 14.09
N ASP A 147 22.04 -36.92 13.62
CA ASP A 147 21.86 -37.19 12.19
C ASP A 147 20.65 -36.40 11.71
N LEU A 148 20.90 -35.35 10.93
CA LEU A 148 19.84 -34.45 10.51
C LEU A 148 18.80 -35.13 9.62
N GLU A 149 19.13 -36.29 9.05
CA GLU A 149 18.16 -36.99 8.23
C GLU A 149 16.97 -37.47 9.05
N HIS A 150 17.22 -37.86 10.31
CA HIS A 150 16.18 -38.43 11.15
C HIS A 150 15.96 -37.70 12.46
N TYR A 151 16.83 -36.75 12.83
CA TYR A 151 16.73 -36.15 14.15
C TYR A 151 15.49 -35.28 14.28
N GLY A 152 14.82 -35.40 15.41
CA GLY A 152 13.69 -34.55 15.73
C GLY A 152 12.37 -34.99 15.16
N ILE A 153 12.36 -35.91 14.21
CA ILE A 153 11.11 -36.33 13.59
C ILE A 153 10.26 -37.12 14.58
N SER A 154 10.90 -37.97 15.39
CA SER A 154 10.14 -38.76 16.35
C SER A 154 9.42 -37.88 17.35
N ARG A 155 10.10 -36.84 17.85
CA ARG A 155 9.47 -35.92 18.80
C ARG A 155 8.31 -35.17 18.16
N VAL A 156 8.48 -34.74 16.91
CA VAL A 156 7.42 -34.03 16.21
C VAL A 156 6.20 -34.92 16.06
N TYR A 157 6.41 -36.18 15.66
CA TYR A 157 5.29 -37.12 15.57
C TYR A 157 4.64 -37.31 16.92
N ALA A 158 5.44 -37.56 17.96
CA ALA A 158 4.90 -37.85 19.28
C ALA A 158 4.16 -36.67 19.87
N TRP A 159 4.42 -35.47 19.39
CA TRP A 159 3.65 -34.33 19.88
C TRP A 159 2.45 -34.02 18.99
N HIS A 160 2.54 -34.27 17.69
CA HIS A 160 1.48 -33.86 16.78
C HIS A 160 0.38 -34.91 16.68
N LEU A 161 0.75 -36.17 16.42
CA LEU A 161 -0.25 -37.19 16.23
C LEU A 161 -1.19 -37.38 17.42
N PRO A 162 -0.71 -37.42 18.67
CA PRO A 162 -1.67 -37.54 19.79
C PRO A 162 -2.69 -36.42 19.84
N TRP A 163 -2.29 -35.19 19.51
CA TRP A 163 -3.24 -34.10 19.55
C TRP A 163 -4.28 -34.21 18.44
N MET A 164 -3.86 -34.65 17.25
CA MET A 164 -4.83 -34.91 16.19
C MET A 164 -5.80 -36.01 16.60
N ALA A 165 -5.29 -37.05 17.26
CA ALA A 165 -6.17 -38.10 17.76
C ALA A 165 -7.14 -37.55 18.79
N VAL A 166 -6.66 -36.67 19.67
CA VAL A 166 -7.54 -36.08 20.68
C VAL A 166 -8.64 -35.26 20.02
N GLY A 167 -8.29 -34.47 19.01
CA GLY A 167 -9.30 -33.70 18.31
C GLY A 167 -10.33 -34.58 17.62
N ALA A 168 -9.86 -35.65 16.97
CA ALA A 168 -10.79 -36.58 16.34
C ALA A 168 -11.70 -37.23 17.37
N ALA A 169 -11.14 -37.59 18.53
CA ALA A 169 -11.94 -38.19 19.58
C ALA A 169 -13.00 -37.22 20.09
N TRP A 170 -12.63 -35.95 20.25
CA TRP A 170 -13.58 -34.94 20.68
C TRP A 170 -14.72 -34.79 19.68
N ILE A 171 -14.37 -34.74 18.40
CA ILE A 171 -15.39 -34.60 17.36
C ILE A 171 -16.32 -35.81 17.36
N PHE A 172 -15.75 -37.01 17.43
CA PHE A 172 -16.58 -38.21 17.40
C PHE A 172 -17.42 -38.36 18.66
N PHE A 173 -16.89 -37.95 19.81
CA PHE A 173 -17.67 -37.98 21.04
C PHE A 173 -18.90 -37.09 20.91
N TRP A 174 -18.71 -35.85 20.47
CA TRP A 174 -19.86 -34.97 20.34
C TRP A 174 -20.78 -35.39 19.19
N PHE A 175 -20.25 -36.09 18.19
CA PHE A 175 -21.10 -36.55 17.10
C PHE A 175 -21.96 -37.74 17.48
N VAL A 176 -21.44 -38.65 18.32
CA VAL A 176 -22.23 -39.79 18.72
C VAL A 176 -23.15 -39.45 19.90
N ARG A 177 -22.72 -38.59 20.81
CA ARG A 177 -23.60 -38.21 21.92
C ARG A 177 -24.82 -37.46 21.41
N LYS A 178 -24.62 -36.54 20.47
CA LYS A 178 -25.71 -35.82 19.82
C LYS A 178 -25.55 -35.96 18.32
N GLY A 179 -26.58 -36.48 17.66
CA GLY A 179 -26.53 -36.65 16.22
C GLY A 179 -26.57 -35.32 15.50
N ILE A 180 -26.25 -35.36 14.21
CA ILE A 180 -26.25 -34.14 13.40
C ILE A 180 -27.68 -33.78 13.07
N ILE A 181 -28.42 -34.71 12.44
CA ILE A 181 -29.82 -34.45 12.13
C ILE A 181 -30.63 -34.27 13.41
N THR A 182 -30.38 -35.12 14.40
CA THR A 182 -31.15 -35.05 15.64
C THR A 182 -30.97 -33.71 16.32
N SER A 183 -29.73 -33.27 16.48
CA SER A 183 -29.49 -31.98 17.15
C SER A 183 -29.97 -30.81 16.31
N TYR A 184 -29.84 -30.91 14.97
CA TYR A 184 -30.36 -29.84 14.13
C TYR A 184 -31.87 -29.70 14.31
N ILE A 185 -32.59 -30.82 14.28
CA ILE A 185 -34.03 -30.77 14.47
C ILE A 185 -34.37 -30.22 15.84
N ARG A 186 -33.64 -30.67 16.86
CA ARG A 186 -33.86 -30.20 18.22
C ARG A 186 -33.68 -28.69 18.31
N VAL A 187 -32.61 -28.16 17.71
CA VAL A 187 -32.36 -26.72 17.74
C VAL A 187 -33.45 -25.98 16.98
N ALA A 188 -33.83 -26.48 15.80
CA ALA A 188 -34.85 -25.82 15.01
C ALA A 188 -36.20 -25.82 15.68
N GLU A 189 -36.46 -26.81 16.54
CA GLU A 189 -37.77 -26.90 17.23
C GLU A 189 -37.76 -25.99 18.47
N GLY A 190 -36.89 -24.98 18.48
CA GLY A 190 -36.84 -24.02 19.60
C GLY A 190 -35.98 -24.52 20.75
N LYS A 191 -36.03 -25.82 21.04
CA LYS A 191 -35.31 -26.39 22.20
C LYS A 191 -33.83 -26.61 21.87
N ALA A 192 -33.06 -25.53 21.65
CA ALA A 192 -31.61 -25.67 21.43
C ALA A 192 -30.91 -25.59 22.79
N ASP A 193 -31.52 -26.16 23.83
CA ASP A 193 -30.96 -26.10 25.20
C ASP A 193 -30.77 -27.52 25.72
N ASP A 194 -31.63 -28.46 25.30
CA ASP A 194 -31.43 -29.88 25.70
C ASP A 194 -30.49 -30.56 24.71
N VAL A 195 -30.00 -29.84 23.70
CA VAL A 195 -28.97 -30.40 22.77
C VAL A 195 -27.62 -30.21 23.44
N ILE A 196 -27.37 -29.05 24.06
CA ILE A 196 -26.11 -28.83 24.83
C ILE A 196 -26.46 -28.13 26.15
N GLY A 197 -26.19 -28.79 27.28
CA GLY A 197 -26.49 -28.23 28.62
C GLY A 197 -25.86 -29.10 29.69
N ASP A 198 -25.20 -28.49 30.69
CA ASP A 198 -24.48 -29.25 31.77
C ASP A 198 -25.31 -30.47 32.21
N ASP A 199 -24.83 -31.68 31.89
CA ASP A 199 -23.45 -32.13 32.23
C ASP A 199 -22.53 -31.96 31.03
N ASP A 200 -23.07 -31.54 29.87
CA ASP A 200 -22.27 -31.38 28.63
C ASP A 200 -21.18 -30.34 28.87
N ARG A 201 -21.53 -29.22 29.51
CA ARG A 201 -20.55 -28.13 29.77
C ARG A 201 -19.48 -28.63 30.76
N ARG A 202 -19.86 -29.51 31.69
CA ARG A 202 -18.87 -30.09 32.65
C ARG A 202 -17.83 -30.90 31.86
N ILE A 203 -18.27 -31.76 30.94
CA ILE A 203 -17.33 -32.55 30.09
C ILE A 203 -16.40 -31.59 29.35
N GLY A 204 -16.96 -30.52 28.77
CA GLY A 204 -16.16 -29.51 28.05
C GLY A 204 -15.08 -28.89 28.93
N ALA A 205 -15.44 -28.47 30.15
CA ALA A 205 -14.49 -27.82 31.07
C ALA A 205 -13.43 -28.81 31.54
N ILE A 206 -13.79 -30.08 31.75
CA ILE A 206 -12.80 -31.13 32.12
C ILE A 206 -11.79 -31.26 30.97
N VAL A 207 -12.29 -31.33 29.73
CA VAL A 207 -11.40 -31.44 28.54
C VAL A 207 -10.46 -30.23 28.51
N LEU A 208 -10.98 -29.02 28.74
CA LEU A 208 -10.15 -27.83 28.66
C LEU A 208 -9.07 -27.83 29.73
N ALA A 209 -9.43 -28.21 30.96
CA ALA A 209 -8.44 -28.26 32.03
C ALA A 209 -7.35 -29.27 31.72
N LEU A 210 -7.74 -30.45 31.21
CA LEU A 210 -6.75 -31.45 30.85
C LEU A 210 -5.85 -30.95 29.72
N THR A 211 -6.43 -30.26 28.73
CA THR A 211 -5.64 -29.74 27.63
C THR A 211 -4.64 -28.69 28.11
N ILE A 212 -5.08 -27.79 28.97
CA ILE A 212 -4.18 -26.77 29.51
C ILE A 212 -3.07 -27.42 30.33
N LEU A 213 -3.43 -28.44 31.12
CA LEU A 213 -2.43 -29.13 31.93
C LEU A 213 -1.40 -29.81 31.03
N ALA A 214 -1.86 -30.47 29.96
CA ALA A 214 -0.93 -31.12 29.05
C ALA A 214 -0.03 -30.11 28.35
N THR A 215 -0.59 -28.97 27.96
CA THR A 215 0.22 -27.94 27.32
C THR A 215 1.28 -27.41 28.28
N ILE A 216 0.91 -27.13 29.52
CA ILE A 216 1.87 -26.64 30.50
C ILE A 216 2.89 -27.73 30.82
N VAL A 217 2.41 -28.96 31.05
CA VAL A 217 3.33 -30.07 31.32
C VAL A 217 4.23 -30.31 30.11
N GLY A 218 3.65 -30.31 28.91
CA GLY A 218 4.47 -30.50 27.72
C GLY A 218 5.49 -29.40 27.54
N TYR A 219 5.09 -28.15 27.78
CA TYR A 219 6.03 -27.04 27.67
C TYR A 219 7.15 -27.16 28.71
N ALA A 220 6.80 -27.48 29.95
CA ALA A 220 7.82 -27.63 30.98
C ALA A 220 8.74 -28.81 30.71
N VAL A 221 8.18 -29.94 30.28
CA VAL A 221 8.99 -31.12 29.99
C VAL A 221 9.97 -30.83 28.86
N THR A 222 9.50 -30.21 27.78
CA THR A 222 10.39 -29.89 26.69
C THR A 222 11.29 -28.70 27.00
N ASN A 223 11.16 -28.10 28.18
CA ASN A 223 12.14 -27.13 28.65
C ASN A 223 13.24 -27.77 29.47
N SER A 224 12.93 -28.85 30.19
CA SER A 224 13.98 -29.63 30.84
C SER A 224 14.93 -30.20 29.81
N THR A 225 14.40 -30.88 28.81
CA THR A 225 15.18 -31.19 27.62
C THR A 225 15.40 -29.89 26.83
N PHE A 226 16.54 -29.81 26.15
CA PHE A 226 16.92 -28.61 25.43
C PHE A 226 16.77 -27.36 26.29
N PRO A 227 17.45 -27.29 27.44
CA PRO A 227 17.30 -26.12 28.31
C PRO A 227 17.94 -24.86 27.75
N ARG A 228 18.83 -24.99 26.77
CA ARG A 228 19.53 -23.84 26.19
C ARG A 228 19.30 -23.87 24.69
N THR A 229 18.40 -23.02 24.22
CA THR A 229 18.09 -22.89 22.80
C THR A 229 18.31 -21.46 22.36
N ILE A 230 18.46 -21.27 21.06
CA ILE A 230 18.72 -19.94 20.51
C ILE A 230 17.70 -19.64 19.42
N PRO A 231 17.38 -18.37 19.17
CA PRO A 231 16.45 -18.05 18.07
C PRO A 231 17.10 -18.28 16.72
N LEU A 232 16.24 -18.34 15.70
CA LEU A 232 16.72 -18.53 14.34
C LEU A 232 17.69 -17.43 13.96
N GLN A 233 18.82 -17.81 13.37
CA GLN A 233 19.86 -16.88 12.98
C GLN A 233 19.57 -16.41 11.56
N ALA A 234 19.32 -15.11 11.40
CA ALA A 234 18.95 -14.54 10.11
C ALA A 234 19.58 -13.17 9.96
N GLY A 235 19.63 -12.71 8.72
CA GLY A 235 20.15 -11.39 8.43
C GLY A 235 21.15 -11.37 7.31
N LEU A 236 21.24 -10.25 6.60
CA LEU A 236 22.22 -10.10 5.54
C LEU A 236 23.62 -10.13 6.13
N GLN A 237 24.54 -10.74 5.38
CA GLN A 237 25.91 -10.91 5.84
C GLN A 237 26.73 -9.67 5.52
N LYS A 238 27.96 -9.65 6.04
CA LYS A 238 28.87 -8.54 5.80
C LYS A 238 29.29 -8.52 4.34
N PRO A 239 29.73 -7.36 3.83
CA PRO A 239 30.07 -7.27 2.40
C PRO A 239 31.17 -8.24 2.02
N LEU A 240 31.04 -8.80 0.82
CA LEU A 240 31.97 -9.81 0.33
C LEU A 240 33.23 -9.16 -0.23
N THR A 241 34.28 -9.97 -0.37
CA THR A 241 35.54 -9.52 -0.94
C THR A 241 35.65 -10.04 -2.36
N PRO A 242 35.68 -9.17 -3.37
CA PRO A 242 35.71 -9.63 -4.75
C PRO A 242 37.05 -10.25 -5.13
N ILE A 243 37.13 -10.76 -6.35
CA ILE A 243 38.37 -11.33 -6.88
C ILE A 243 39.26 -10.20 -7.37
N GLU A 244 40.58 -10.38 -7.25
CA GLU A 244 41.53 -9.35 -7.64
C GLU A 244 42.58 -9.85 -8.64
N THR A 245 42.42 -11.05 -9.18
CA THR A 245 43.41 -11.63 -10.09
C THR A 245 42.73 -12.16 -11.34
N GLU A 246 43.33 -11.89 -12.50
CA GLU A 246 44.46 -10.97 -12.65
C GLU A 246 44.52 -10.07 -13.89
N GLY A 247 43.41 -9.58 -14.47
CA GLY A 247 42.05 -9.72 -13.98
C GLY A 247 41.26 -10.80 -14.69
N THR A 248 39.98 -11.05 -14.36
CA THR A 248 39.13 -10.29 -13.41
C THR A 248 38.99 -8.83 -13.83
N VAL A 249 38.27 -8.63 -14.93
CA VAL A 249 38.03 -7.33 -15.54
C VAL A 249 37.76 -6.26 -14.49
N GLY A 250 38.42 -5.11 -14.64
CA GLY A 250 38.29 -4.02 -13.71
C GLY A 250 39.34 -3.95 -12.63
N VAL A 251 40.22 -4.94 -12.54
CA VAL A 251 41.27 -4.96 -11.52
C VAL A 251 42.62 -5.06 -12.20
N GLY A 252 43.65 -4.64 -11.48
CA GLY A 252 45.01 -4.72 -11.98
C GLY A 252 45.36 -3.59 -12.92
N LYS A 253 46.67 -3.38 -13.09
CA LYS A 253 47.14 -2.33 -14.04
C LYS A 253 47.06 -2.86 -15.48
N GLU A 254 47.05 -4.19 -15.65
CA GLU A 254 47.00 -4.81 -17.00
C GLU A 254 45.61 -5.41 -17.22
N ASN A 255 44.88 -4.91 -18.22
CA ASN A 255 43.49 -5.40 -18.50
C ASN A 255 43.07 -5.02 -19.92
N VAL A 256 42.24 -5.84 -20.55
CA VAL A 256 41.69 -5.51 -21.89
C VAL A 256 40.37 -4.77 -21.69
N THR A 257 40.10 -3.76 -22.53
CA THR A 257 38.83 -3.00 -22.42
C THR A 257 38.11 -3.05 -23.77
N THR A 258 37.01 -3.79 -23.85
CA THR A 258 36.30 -3.95 -25.15
C THR A 258 34.99 -3.15 -25.18
N GLU A 259 34.57 -2.73 -26.36
CA GLU A 259 33.32 -1.94 -26.52
C GLU A 259 32.59 -2.39 -27.79
N LEU A 260 31.32 -2.75 -27.67
CA LEU A 260 30.55 -3.26 -28.85
C LEU A 260 30.16 -2.10 -29.75
N ASN A 261 30.40 -2.24 -31.07
CA ASN A 261 29.97 -1.20 -32.03
C ASN A 261 29.01 -1.84 -33.05
N GLY A 262 27.88 -2.36 -32.58
CA GLY A 262 26.87 -2.95 -33.48
C GLY A 262 27.01 -4.46 -33.61
N GLY A 263 25.90 -5.16 -33.79
CA GLY A 263 25.91 -6.62 -33.97
C GLY A 263 24.75 -7.07 -34.84
N VAL A 264 24.82 -8.29 -35.37
CA VAL A 264 23.73 -8.83 -36.24
C VAL A 264 23.48 -10.30 -35.85
N TYR A 265 22.26 -10.62 -35.40
CA TYR A 265 21.94 -12.05 -35.11
C TYR A 265 20.85 -12.52 -36.08
N LYS A 266 21.12 -13.63 -36.78
CA LYS A 266 20.15 -14.15 -37.77
C LYS A 266 18.93 -14.72 -37.03
N VAL A 267 17.73 -14.23 -37.33
CA VAL A 267 16.48 -14.77 -36.72
C VAL A 267 15.56 -15.25 -37.85
N PRO A 268 15.23 -16.56 -37.94
CA PRO A 268 15.86 -17.59 -37.11
C PRO A 268 17.23 -18.08 -37.62
N GLY A 269 18.13 -18.40 -36.69
CA GLY A 269 19.48 -18.89 -37.07
C GLY A 269 20.35 -19.12 -35.86
N ARG A 270 21.67 -18.91 -36.00
CA ARG A 270 22.60 -19.17 -34.88
C ARG A 270 23.81 -18.22 -34.94
N GLU A 271 23.82 -17.28 -35.88
CA GLU A 271 25.01 -16.39 -36.05
C GLU A 271 24.90 -15.15 -35.16
N LEU A 272 26.04 -14.50 -34.88
CA LEU A 272 26.08 -13.25 -34.08
C LEU A 272 27.36 -12.51 -34.52
N THR A 273 27.29 -11.81 -35.65
CA THR A 273 28.47 -11.06 -36.17
C THR A 273 28.59 -9.75 -35.38
N ILE A 274 29.40 -9.73 -34.33
CA ILE A 274 29.51 -8.53 -33.46
C ILE A 274 30.83 -7.81 -33.72
N ASN A 275 30.78 -6.48 -33.86
CA ASN A 275 32.00 -5.67 -34.11
C ASN A 275 32.54 -5.20 -32.76
N VAL A 276 33.70 -5.69 -32.35
CA VAL A 276 34.23 -5.37 -30.99
C VAL A 276 35.47 -4.46 -31.09
N LYS A 277 35.44 -3.31 -30.43
CA LYS A 277 36.63 -2.40 -30.41
C LYS A 277 37.52 -2.82 -29.23
N VAL A 278 38.63 -3.51 -29.52
CA VAL A 278 39.50 -4.06 -28.43
C VAL A 278 40.68 -3.12 -28.16
N LYS A 279 40.82 -2.63 -26.92
CA LYS A 279 42.01 -1.83 -26.55
C LYS A 279 42.89 -2.76 -25.71
N ASN A 280 44.16 -2.96 -26.11
CA ASN A 280 45.00 -3.96 -25.40
C ASN A 280 46.37 -3.39 -25.00
N ASN A 281 46.40 -2.22 -24.34
CA ASN A 281 46.27 -2.01 -22.88
C ASN A 281 47.19 -2.92 -22.03
N THR A 282 47.28 -4.24 -22.33
CA THR A 282 48.19 -5.16 -21.59
C THR A 282 49.62 -5.10 -22.14
N SER A 283 50.41 -6.17 -21.94
CA SER A 283 51.84 -6.17 -22.35
C SER A 283 52.14 -7.32 -23.31
N GLN A 284 51.42 -8.43 -23.21
CA GLN A 284 51.71 -9.62 -24.06
C GLN A 284 50.73 -9.68 -25.22
N PRO A 285 51.15 -9.99 -26.48
CA PRO A 285 50.23 -10.15 -27.61
C PRO A 285 48.98 -10.97 -27.25
N LEU A 286 47.80 -10.36 -27.24
CA LEU A 286 46.58 -11.08 -26.78
C LEU A 286 45.69 -11.48 -27.96
N ARG A 287 45.13 -12.70 -27.91
CA ARG A 287 44.21 -13.19 -28.97
C ARG A 287 42.92 -13.68 -28.32
N LEU A 288 41.77 -13.26 -28.85
CA LEU A 288 40.45 -13.66 -28.27
C LEU A 288 40.33 -15.19 -28.32
N GLY A 289 39.93 -15.80 -27.21
CA GLY A 289 39.85 -17.27 -27.16
C GLY A 289 38.53 -17.81 -26.62
N GLU A 290 37.68 -16.96 -26.04
CA GLU A 290 36.43 -17.49 -25.41
C GLU A 290 35.39 -16.39 -25.20
N TYR A 291 34.10 -16.72 -25.36
CA TYR A 291 33.01 -15.75 -25.08
C TYR A 291 31.94 -16.47 -24.25
N THR A 292 31.91 -16.23 -22.94
CA THR A 292 30.85 -16.84 -22.09
C THR A 292 29.66 -15.87 -22.03
N ALA A 293 28.56 -16.22 -22.71
CA ALA A 293 27.36 -15.37 -22.70
C ALA A 293 26.58 -15.64 -21.41
N ALA A 294 25.74 -16.68 -21.41
CA ALA A 294 24.99 -17.06 -20.20
C ALA A 294 25.59 -18.35 -19.64
N GLY A 295 26.93 -18.48 -19.67
CA GLY A 295 27.59 -19.73 -19.27
C GLY A 295 28.05 -20.47 -20.51
N LEU A 296 27.33 -20.33 -21.62
CA LEU A 296 27.72 -20.97 -22.91
C LEU A 296 29.15 -20.58 -23.27
N ARG A 297 30.08 -21.53 -23.18
CA ARG A 297 31.51 -21.21 -23.45
C ARG A 297 31.76 -21.35 -24.96
N PHE A 298 31.61 -20.26 -25.71
CA PHE A 298 31.93 -20.27 -27.16
C PHE A 298 33.44 -20.11 -27.32
N LEU A 299 34.19 -21.21 -27.44
CA LEU A 299 35.68 -21.12 -27.49
C LEU A 299 36.17 -20.95 -28.93
N ASN A 300 37.14 -20.04 -29.13
CA ASN A 300 37.75 -19.82 -30.48
C ASN A 300 38.57 -21.07 -30.83
N PRO A 301 38.27 -21.79 -31.93
CA PRO A 301 38.97 -23.03 -32.28
C PRO A 301 40.51 -22.94 -32.25
N ASP A 302 41.09 -21.84 -32.74
CA ASP A 302 42.57 -21.70 -32.81
C ASP A 302 43.15 -21.68 -31.40
N VAL A 303 42.84 -20.65 -30.60
CA VAL A 303 43.44 -20.52 -29.23
C VAL A 303 43.15 -21.79 -28.43
N PHE A 304 41.88 -22.19 -28.33
CA PHE A 304 41.51 -23.39 -27.54
C PHE A 304 41.78 -24.65 -28.38
N THR A 305 43.06 -25.04 -28.50
CA THR A 305 43.45 -26.24 -29.28
C THR A 305 42.79 -27.48 -28.67
N THR A 306 42.90 -27.63 -27.34
CA THR A 306 42.27 -28.79 -26.64
C THR A 306 40.90 -28.39 -26.13
N LYS A 307 39.85 -29.13 -26.52
CA LYS A 307 38.48 -28.87 -26.00
C LYS A 307 38.48 -29.15 -24.49
N PRO A 308 38.10 -28.18 -23.63
CA PRO A 308 38.18 -28.37 -22.16
C PRO A 308 37.11 -29.29 -21.58
N ASP A 309 37.13 -29.49 -20.25
CA ASP A 309 36.12 -30.36 -19.58
C ASP A 309 34.96 -29.48 -19.11
N PHE A 310 33.89 -29.41 -19.90
CA PHE A 310 32.73 -28.56 -19.55
C PHE A 310 31.46 -29.19 -20.12
N PRO A 311 30.30 -29.14 -19.41
CA PRO A 311 29.04 -29.68 -19.91
C PRO A 311 28.85 -29.43 -21.40
N ASP A 312 28.68 -30.50 -22.20
CA ASP A 312 28.57 -30.39 -23.67
C ASP A 312 27.47 -29.39 -24.07
N TYR A 313 26.32 -29.39 -23.38
CA TYR A 313 25.17 -28.51 -23.77
C TYR A 313 25.57 -27.03 -23.78
N LEU A 314 26.65 -26.65 -23.11
CA LEU A 314 27.13 -25.24 -23.09
C LEU A 314 28.44 -25.11 -23.86
N LEU A 315 29.28 -26.14 -23.85
CA LEU A 315 30.63 -26.05 -24.48
C LEU A 315 30.51 -26.03 -26.01
N ALA A 316 30.68 -24.85 -26.62
CA ALA A 316 30.65 -24.73 -28.09
C ALA A 316 32.07 -24.46 -28.58
N ASP A 317 32.69 -25.43 -29.27
CA ASP A 317 34.10 -25.26 -29.72
C ASP A 317 34.11 -24.61 -31.10
N ARG A 318 33.20 -23.64 -31.33
CA ARG A 318 33.11 -22.96 -32.66
C ARG A 318 32.84 -21.45 -32.49
N GLY A 319 33.48 -20.78 -31.53
CA GLY A 319 33.36 -19.31 -31.44
C GLY A 319 34.29 -18.72 -32.49
N LEU A 320 33.97 -18.87 -33.77
CA LEU A 320 34.90 -18.51 -34.88
C LEU A 320 35.14 -17.01 -35.08
N SER A 321 36.09 -16.68 -35.97
CA SER A 321 36.39 -15.28 -36.37
C SER A 321 36.87 -14.39 -35.23
N VAL A 322 38.18 -14.27 -35.06
CA VAL A 322 38.72 -13.28 -34.08
C VAL A 322 39.48 -12.29 -34.96
N ASP A 323 40.48 -12.77 -35.72
CA ASP A 323 41.33 -11.97 -36.64
C ASP A 323 42.56 -12.80 -36.97
N ALA A 324 42.77 -13.92 -36.25
CA ALA A 324 43.99 -14.76 -36.43
C ALA A 324 45.22 -13.86 -36.34
N THR A 325 45.15 -12.80 -35.53
CA THR A 325 46.26 -11.81 -35.43
C THR A 325 46.37 -11.33 -33.98
N PRO A 326 47.47 -11.61 -33.26
CA PRO A 326 47.67 -11.08 -31.91
C PRO A 326 47.55 -9.55 -31.96
N ILE A 327 46.69 -8.96 -31.11
CA ILE A 327 46.44 -7.50 -31.20
C ILE A 327 47.38 -6.71 -30.26
N ALA A 328 47.67 -7.23 -29.07
CA ALA A 328 48.48 -6.46 -28.09
C ALA A 328 49.96 -6.38 -28.52
N PRO A 329 50.80 -5.49 -27.95
CA PRO A 329 50.39 -4.50 -26.95
C PRO A 329 50.17 -3.03 -27.35
N GLY A 330 49.41 -2.30 -26.55
CA GLY A 330 49.22 -0.88 -26.78
C GLY A 330 48.28 -0.50 -27.89
N GLU A 331 47.84 -1.43 -28.71
CA GLU A 331 47.06 -1.10 -29.90
C GLU A 331 45.57 -1.19 -29.61
N ALA A 332 44.84 -0.17 -30.04
CA ALA A 332 43.38 -0.16 -30.01
C ALA A 332 42.88 -0.35 -31.43
N LYS A 333 42.22 -1.47 -31.68
CA LYS A 333 41.70 -1.77 -33.01
C LYS A 333 40.35 -2.43 -32.91
N GLU A 334 39.63 -2.40 -34.02
CA GLU A 334 38.29 -2.97 -34.11
C GLU A 334 38.38 -4.34 -34.78
N ILE A 335 37.88 -5.37 -34.10
CA ILE A 335 37.89 -6.72 -34.62
C ILE A 335 36.45 -7.18 -34.83
N VAL A 336 36.28 -8.11 -35.76
CA VAL A 336 34.96 -8.66 -36.09
C VAL A 336 34.91 -10.08 -35.57
N VAL A 337 33.94 -10.34 -34.69
CA VAL A 337 33.77 -11.65 -34.07
C VAL A 337 32.47 -12.25 -34.57
N LYS A 338 32.53 -13.48 -35.04
CA LYS A 338 31.38 -14.16 -35.65
C LYS A 338 31.02 -15.37 -34.79
N ILE A 339 30.22 -15.16 -33.76
CA ILE A 339 29.74 -16.26 -32.93
C ILE A 339 28.72 -17.05 -33.72
N GLN A 340 28.96 -18.35 -33.86
CA GLN A 340 28.04 -19.21 -34.61
C GLN A 340 28.13 -20.62 -34.05
N ASP A 341 27.04 -21.10 -33.46
CA ASP A 341 26.94 -22.48 -33.03
C ASP A 341 25.47 -22.81 -32.79
N ALA A 342 25.14 -24.10 -32.96
CA ALA A 342 23.77 -24.53 -32.76
C ALA A 342 23.33 -24.31 -31.32
N ARG A 343 24.27 -24.30 -30.37
CA ARG A 343 23.90 -24.08 -28.98
C ARG A 343 23.32 -22.69 -28.76
N TRP A 344 23.73 -21.72 -29.57
CA TRP A 344 23.18 -20.38 -29.46
C TRP A 344 21.66 -20.38 -29.67
N ASP A 345 21.18 -21.28 -30.53
CA ASP A 345 19.76 -21.41 -30.76
C ASP A 345 19.10 -22.43 -29.83
N ILE A 346 19.83 -23.48 -29.45
CA ILE A 346 19.29 -24.46 -28.52
C ILE A 346 18.99 -23.82 -27.17
N GLU A 347 19.91 -23.01 -26.67
CA GLU A 347 19.71 -22.32 -25.40
C GLU A 347 18.79 -21.11 -25.52
N ARG A 348 18.12 -20.97 -26.65
CA ARG A 348 17.13 -19.92 -26.88
C ARG A 348 17.71 -18.52 -26.73
N LEU A 349 19.04 -18.39 -26.86
CA LEU A 349 19.62 -17.05 -26.93
C LEU A 349 19.24 -16.36 -28.23
N SER A 350 18.88 -17.12 -29.26
CA SER A 350 18.38 -16.53 -30.50
C SER A 350 17.02 -15.88 -30.30
N ASP A 351 16.35 -16.17 -29.19
CA ASP A 351 15.06 -15.55 -28.88
C ASP A 351 15.22 -14.14 -28.35
N LEU A 352 16.40 -13.54 -28.52
CA LEU A 352 16.62 -12.15 -28.14
C LEU A 352 15.68 -11.20 -28.88
N ALA A 353 15.21 -11.59 -30.06
CA ALA A 353 14.25 -10.76 -30.79
C ALA A 353 12.93 -10.64 -30.03
N TYR A 354 12.55 -11.68 -29.30
CA TYR A 354 11.31 -11.65 -28.54
C TYR A 354 11.41 -10.74 -27.31
N ASP A 355 12.63 -10.43 -26.86
CA ASP A 355 12.80 -9.64 -25.66
C ASP A 355 12.51 -8.16 -25.93
N THR A 356 12.26 -7.42 -24.86
CA THR A 356 11.99 -6.00 -24.92
C THR A 356 13.26 -5.16 -24.92
N ASP A 357 14.43 -5.79 -24.96
CA ASP A 357 15.70 -5.07 -25.00
C ASP A 357 16.69 -5.92 -25.77
N SER A 358 16.88 -5.60 -27.05
CA SER A 358 17.80 -6.35 -27.91
C SER A 358 19.22 -5.92 -27.57
N GLN A 359 19.74 -6.49 -26.49
CA GLN A 359 21.07 -6.14 -26.01
C GLN A 359 21.76 -7.41 -25.53
N ILE A 360 23.02 -7.57 -25.91
CA ILE A 360 23.79 -8.73 -25.52
C ILE A 360 24.72 -8.35 -24.36
N GLY A 361 25.29 -9.36 -23.73
CA GLY A 361 26.28 -9.16 -22.68
C GLY A 361 27.09 -10.42 -22.51
N GLY A 362 28.11 -10.33 -21.70
CA GLY A 362 28.96 -11.47 -21.42
C GLY A 362 30.38 -11.04 -21.20
N LEU A 363 31.28 -12.01 -21.25
CA LEU A 363 32.69 -11.79 -20.99
C LEU A 363 33.51 -12.20 -22.20
N LEU A 364 34.52 -11.41 -22.52
CA LEU A 364 35.48 -11.73 -23.57
C LEU A 364 36.81 -12.09 -22.92
N PHE A 365 37.36 -13.23 -23.32
CA PHE A 365 38.58 -13.76 -22.73
C PHE A 365 39.69 -13.70 -23.77
N PHE A 366 40.80 -13.05 -23.42
CA PHE A 366 41.96 -12.95 -24.29
C PHE A 366 43.13 -13.67 -23.63
N PHE A 367 43.97 -14.31 -24.44
CA PHE A 367 45.04 -15.15 -23.94
C PHE A 367 46.38 -14.70 -24.50
N SER A 368 47.41 -14.80 -23.66
CA SER A 368 48.77 -14.46 -24.05
C SER A 368 49.36 -15.59 -24.89
N PRO A 369 50.59 -15.41 -25.39
CA PRO A 369 51.31 -16.59 -25.92
C PRO A 369 51.42 -17.71 -24.90
N ASP A 370 51.62 -17.37 -23.64
CA ASP A 370 51.53 -18.35 -22.56
C ASP A 370 50.07 -18.44 -22.10
N GLY A 371 49.86 -19.09 -20.96
CA GLY A 371 48.50 -19.39 -20.52
C GLY A 371 47.76 -18.26 -19.84
N LYS A 372 48.38 -17.09 -19.71
CA LYS A 372 47.74 -15.99 -18.99
C LYS A 372 46.47 -15.55 -19.72
N ARG A 373 45.39 -15.36 -18.97
CA ARG A 373 44.09 -15.03 -19.51
C ARG A 373 43.63 -13.69 -18.97
N TYR A 374 43.15 -12.83 -19.86
CA TYR A 374 42.64 -11.51 -19.50
C TYR A 374 41.17 -11.43 -19.86
N ALA A 375 40.35 -11.02 -18.91
CA ALA A 375 38.91 -10.97 -19.09
C ALA A 375 38.45 -9.55 -19.39
N SER A 376 37.45 -9.44 -20.25
CA SER A 376 36.85 -8.16 -20.59
C SER A 376 35.35 -8.33 -20.72
N GLU A 377 34.61 -7.35 -20.23
CA GLU A 377 33.15 -7.39 -20.28
C GLU A 377 32.66 -6.71 -21.55
N ILE A 378 31.85 -7.43 -22.31
CA ILE A 378 31.29 -6.92 -23.55
C ILE A 378 29.78 -6.87 -23.41
N GLY A 379 29.17 -5.84 -24.01
CA GLY A 379 27.73 -5.71 -23.97
C GLY A 379 27.24 -4.47 -24.68
N GLY A 380 26.03 -4.54 -25.22
CA GLY A 380 25.44 -3.43 -25.93
C GLY A 380 24.34 -3.86 -26.86
N PRO A 381 23.74 -2.89 -27.55
CA PRO A 381 22.65 -3.23 -28.48
C PRO A 381 23.14 -4.03 -29.66
N VAL A 382 22.27 -4.91 -30.15
CA VAL A 382 22.50 -5.66 -31.39
C VAL A 382 21.23 -5.58 -32.21
N ILE A 383 21.38 -5.75 -33.52
CA ILE A 383 20.29 -5.57 -34.48
C ILE A 383 19.94 -6.93 -35.05
N PRO A 384 18.68 -7.37 -34.96
CA PRO A 384 18.32 -8.67 -35.54
C PRO A 384 18.30 -8.61 -37.06
N LYS A 385 18.73 -9.71 -37.67
CA LYS A 385 18.67 -9.87 -39.12
C LYS A 385 17.57 -10.88 -39.42
N PHE A 386 16.44 -10.40 -39.94
CA PHE A 386 15.31 -11.26 -40.22
C PHE A 386 15.54 -11.97 -41.55
N VAL A 387 15.75 -13.27 -41.49
CA VAL A 387 16.00 -14.08 -42.67
C VAL A 387 14.80 -14.99 -42.91
N ALA A 388 14.72 -15.51 -44.13
CA ALA A 388 13.63 -16.41 -44.49
C ALA A 388 13.79 -17.76 -43.82
N ALA B 1 -59.61 7.51 -28.12
CA ALA B 1 -58.57 8.23 -27.39
C ALA B 1 -57.90 7.34 -26.36
N VAL B 2 -56.58 7.28 -26.39
CA VAL B 2 -55.78 6.48 -25.47
C VAL B 2 -55.09 7.45 -24.52
N GLY B 3 -55.62 7.56 -23.30
CA GLY B 3 -55.10 8.48 -22.32
C GLY B 3 -53.65 8.19 -21.99
N PRO B 4 -52.85 9.26 -21.79
CA PRO B 4 -53.29 10.65 -21.88
C PRO B 4 -53.09 11.28 -23.24
N PHE B 5 -53.16 10.47 -24.30
CA PHE B 5 -52.94 10.95 -25.66
C PHE B 5 -54.27 11.05 -26.40
N ASN B 6 -54.33 12.01 -27.33
CA ASN B 6 -55.57 12.26 -28.06
C ASN B 6 -55.94 11.07 -28.95
N SER B 7 -54.97 10.49 -29.65
CA SER B 7 -55.25 9.44 -30.60
C SER B 7 -54.11 8.44 -30.60
N VAL B 8 -54.27 7.38 -31.40
CA VAL B 8 -53.24 6.36 -31.51
C VAL B 8 -52.00 6.92 -32.19
N ALA B 9 -52.19 7.71 -33.24
CA ALA B 9 -51.05 8.28 -33.97
C ALA B 9 -50.25 9.21 -33.07
N GLU B 10 -50.93 10.05 -32.28
CA GLU B 10 -50.23 10.94 -31.36
C GLU B 10 -49.44 10.14 -30.34
N ALA B 11 -50.04 9.08 -29.81
CA ALA B 11 -49.33 8.25 -28.83
C ALA B 11 -48.09 7.60 -29.44
N ALA B 12 -48.22 7.09 -30.67
CA ALA B 12 -47.07 6.45 -31.32
C ALA B 12 -45.96 7.47 -31.59
N GLY B 13 -46.32 8.66 -32.07
CA GLY B 13 -45.32 9.68 -32.30
C GLY B 13 -44.63 10.12 -31.02
N CYS B 14 -45.40 10.30 -29.95
CA CYS B 14 -44.81 10.66 -28.67
C CYS B 14 -43.88 9.57 -28.18
N VAL B 15 -44.29 8.30 -28.31
CA VAL B 15 -43.45 7.21 -27.84
C VAL B 15 -42.15 7.16 -28.63
N GLN B 16 -42.22 7.34 -29.95
CA GLN B 16 -41.01 7.33 -30.76
C GLN B 16 -40.08 8.48 -30.39
N THR B 17 -40.64 9.68 -30.23
CA THR B 17 -39.80 10.83 -29.89
C THR B 17 -39.15 10.65 -28.52
N VAL B 18 -39.92 10.19 -27.54
CA VAL B 18 -39.35 9.99 -26.21
C VAL B 18 -38.34 8.85 -26.22
N ASP B 19 -38.54 7.83 -27.06
CA ASP B 19 -37.55 6.77 -27.18
C ASP B 19 -36.24 7.32 -27.71
N TRP B 20 -36.30 8.13 -28.76
CA TRP B 20 -35.07 8.74 -29.27
C TRP B 20 -34.42 9.63 -28.22
N MET B 21 -35.22 10.42 -27.51
CA MET B 21 -34.68 11.30 -26.48
C MET B 21 -34.01 10.51 -25.37
N LEU B 22 -34.64 9.43 -24.91
CA LEU B 22 -34.05 8.61 -23.87
C LEU B 22 -32.77 7.94 -24.34
N LEU B 23 -32.76 7.47 -25.58
CA LEU B 23 -31.56 6.83 -26.11
C LEU B 23 -30.38 7.80 -26.11
N VAL B 24 -30.60 9.01 -26.64
CA VAL B 24 -29.54 10.01 -26.63
C VAL B 24 -29.16 10.37 -25.20
N LEU B 25 -30.17 10.53 -24.34
CA LEU B 25 -29.97 10.96 -22.96
C LEU B 25 -29.09 9.98 -22.19
N LEU B 26 -29.27 8.69 -22.43
CA LEU B 26 -28.45 7.71 -21.74
C LEU B 26 -27.09 7.55 -22.40
N PHE B 27 -27.06 7.47 -23.74
CA PHE B 27 -25.80 7.32 -24.45
C PHE B 27 -24.83 8.40 -24.05
N PHE B 28 -25.25 9.66 -24.13
CA PHE B 28 -24.50 10.70 -23.47
C PHE B 28 -24.69 10.58 -21.97
N ALA B 29 -23.64 10.94 -21.24
CA ALA B 29 -23.49 10.81 -19.79
C ALA B 29 -23.26 9.37 -19.36
N VAL B 30 -23.61 8.37 -20.18
CA VAL B 30 -22.91 7.11 -20.00
C VAL B 30 -21.54 7.23 -20.63
N LEU B 31 -21.48 7.87 -21.80
CA LEU B 31 -20.22 8.31 -22.36
C LEU B 31 -19.44 9.15 -21.34
N GLY B 32 -20.13 10.05 -20.65
CA GLY B 32 -19.44 10.90 -19.68
C GLY B 32 -18.81 10.11 -18.56
N GLY B 33 -19.61 9.33 -17.84
CA GLY B 33 -19.07 8.55 -16.74
C GLY B 33 -17.99 7.57 -17.20
N TYR B 34 -18.26 6.84 -18.27
CA TYR B 34 -17.30 5.87 -18.77
C TYR B 34 -16.00 6.53 -19.21
N HIS B 35 -16.09 7.68 -19.88
CA HIS B 35 -14.88 8.34 -20.34
C HIS B 35 -14.08 8.87 -19.16
N VAL B 36 -14.73 9.46 -18.17
CA VAL B 36 -14.00 9.89 -16.98
C VAL B 36 -13.28 8.70 -16.35
N HIS B 37 -14.00 7.60 -16.15
CA HIS B 37 -13.43 6.46 -15.44
C HIS B 37 -12.27 5.86 -16.22
N PHE B 38 -12.47 5.60 -17.52
CA PHE B 38 -11.43 5.02 -18.33
C PHE B 38 -10.22 5.93 -18.45
N MET B 39 -10.48 7.23 -18.63
CA MET B 39 -9.40 8.20 -18.80
C MET B 39 -8.54 8.27 -17.57
N LEU B 40 -9.14 8.29 -16.38
CA LEU B 40 -8.37 8.51 -15.17
C LEU B 40 -7.95 7.22 -14.47
N THR B 41 -8.41 6.07 -14.94
CA THR B 41 -7.93 4.78 -14.41
C THR B 41 -7.17 3.99 -15.46
N ALA B 42 -7.80 3.74 -16.61
CA ALA B 42 -7.19 2.92 -17.65
C ALA B 42 -6.17 3.67 -18.45
N GLY B 43 -5.71 4.82 -17.96
CA GLY B 43 -4.69 5.56 -18.65
C GLY B 43 -5.24 6.38 -19.80
N ASP B 44 -4.37 7.04 -20.57
CA ASP B 44 -2.91 7.20 -20.44
C ASP B 44 -2.21 5.87 -20.84
N TRP B 45 -3.00 4.81 -21.00
CA TRP B 45 -2.61 3.67 -21.82
C TRP B 45 -3.30 3.69 -23.17
N ASP B 46 -4.53 4.20 -23.21
CA ASP B 46 -5.18 4.44 -24.49
C ASP B 46 -4.61 5.66 -25.19
N PHE B 47 -3.89 6.51 -24.45
CA PHE B 47 -3.42 7.77 -25.02
C PHE B 47 -2.30 7.55 -26.03
N TRP B 48 -1.34 6.70 -25.69
CA TRP B 48 -0.07 6.65 -26.41
C TRP B 48 0.18 5.27 -26.97
N VAL B 49 0.63 5.23 -28.23
CA VAL B 49 0.92 3.96 -28.88
C VAL B 49 2.13 3.30 -28.26
N ASP B 50 3.10 4.07 -27.76
CA ASP B 50 4.25 3.49 -27.11
C ASP B 50 3.94 3.00 -25.71
N TRP B 51 2.71 3.19 -25.23
CA TRP B 51 2.28 2.62 -23.96
C TRP B 51 1.57 1.28 -24.13
N LYS B 52 1.16 0.93 -25.35
CA LYS B 52 0.38 -0.28 -25.61
C LYS B 52 1.34 -1.45 -25.72
N ASP B 53 1.78 -1.93 -24.57
CA ASP B 53 2.76 -3.01 -24.50
C ASP B 53 2.06 -4.35 -24.54
N ARG B 54 2.80 -5.42 -24.26
CA ARG B 54 2.26 -6.78 -24.31
C ARG B 54 1.71 -7.25 -22.98
N ARG B 55 2.05 -6.59 -21.87
CA ARG B 55 1.65 -7.08 -20.56
C ARG B 55 0.72 -6.11 -19.84
N MET B 56 1.12 -4.87 -19.62
CA MET B 56 0.33 -3.98 -18.78
C MET B 56 -0.92 -3.50 -19.51
N TRP B 57 -0.77 -3.09 -20.77
CA TRP B 57 -1.91 -2.55 -21.51
C TRP B 57 -3.03 -3.55 -21.69
N PRO B 58 -2.80 -4.76 -22.21
CA PRO B 58 -3.91 -5.72 -22.34
C PRO B 58 -4.40 -6.27 -21.03
N THR B 59 -3.73 -5.98 -19.92
CA THR B 59 -4.25 -6.31 -18.61
C THR B 59 -5.07 -5.15 -18.05
N VAL B 60 -4.50 -3.96 -18.04
CA VAL B 60 -5.15 -2.81 -17.41
C VAL B 60 -6.41 -2.42 -18.17
N VAL B 61 -6.32 -2.29 -19.48
CA VAL B 61 -7.41 -1.68 -20.23
C VAL B 61 -8.69 -2.51 -20.17
N PRO B 62 -8.67 -3.82 -20.46
CA PRO B 62 -9.93 -4.58 -20.37
C PRO B 62 -10.53 -4.61 -18.99
N ILE B 63 -9.69 -4.73 -17.95
CA ILE B 63 -10.20 -4.83 -16.59
C ILE B 63 -10.95 -3.57 -16.20
N LEU B 64 -10.39 -2.40 -16.49
CA LEU B 64 -11.05 -1.15 -16.15
C LEU B 64 -12.06 -0.72 -17.19
N GLY B 65 -12.14 -1.41 -18.33
CA GLY B 65 -13.10 -1.07 -19.35
C GLY B 65 -14.37 -1.89 -19.25
N VAL B 66 -14.29 -3.06 -18.64
CA VAL B 66 -15.47 -3.90 -18.49
C VAL B 66 -16.46 -3.31 -17.49
N THR B 67 -16.04 -2.32 -16.71
CA THR B 67 -16.86 -1.82 -15.61
C THR B 67 -18.18 -1.25 -16.12
N PHE B 68 -18.11 -0.16 -16.88
CA PHE B 68 -19.34 0.46 -17.35
C PHE B 68 -20.06 -0.41 -18.36
N CYS B 69 -19.36 -1.28 -19.08
CA CYS B 69 -20.05 -2.23 -19.94
C CYS B 69 -20.96 -3.14 -19.12
N ALA B 70 -20.45 -3.67 -18.01
CA ALA B 70 -21.28 -4.49 -17.14
C ALA B 70 -22.42 -3.69 -16.54
N ALA B 71 -22.14 -2.46 -16.10
CA ALA B 71 -23.20 -1.64 -15.51
C ALA B 71 -24.30 -1.34 -16.52
N SER B 72 -23.93 -0.99 -17.74
CA SER B 72 -24.92 -0.67 -18.76
C SER B 72 -25.68 -1.92 -19.19
N GLN B 73 -25.01 -3.07 -19.21
CA GLN B 73 -25.72 -4.32 -19.45
C GLN B 73 -26.75 -4.58 -18.38
N ALA B 74 -26.38 -4.34 -17.11
CA ALA B 74 -27.33 -4.53 -16.02
C ALA B 74 -28.52 -3.60 -16.17
N PHE B 75 -28.27 -2.36 -16.57
CA PHE B 75 -29.38 -1.42 -16.76
C PHE B 75 -30.28 -1.88 -17.90
N TRP B 76 -29.71 -2.14 -19.07
CA TRP B 76 -30.52 -2.40 -20.26
C TRP B 76 -31.20 -3.76 -20.19
N TRP B 77 -30.47 -4.80 -19.83
CA TRP B 77 -31.02 -6.15 -19.91
C TRP B 77 -32.12 -6.37 -18.88
N VAL B 78 -31.90 -5.91 -17.65
CA VAL B 78 -32.86 -6.17 -16.59
C VAL B 78 -34.16 -5.42 -16.83
N ASN B 79 -34.06 -4.17 -17.29
CA ASN B 79 -35.23 -3.32 -17.41
C ASN B 79 -35.84 -3.31 -18.80
N PHE B 80 -35.10 -3.71 -19.83
CA PHE B 80 -35.61 -3.66 -21.20
C PHE B 80 -35.37 -4.92 -21.99
N ARG B 81 -34.50 -5.82 -21.54
CA ARG B 81 -34.10 -6.99 -22.32
C ARG B 81 -33.44 -6.58 -23.64
N LEU B 82 -32.91 -5.38 -23.70
CA LEU B 82 -32.22 -4.90 -24.90
C LEU B 82 -30.77 -5.33 -24.84
N PRO B 83 -30.30 -6.17 -25.77
CA PRO B 83 -28.95 -6.73 -25.69
C PRO B 83 -27.88 -5.89 -26.37
N PHE B 84 -27.78 -4.62 -25.99
CA PHE B 84 -26.71 -3.78 -26.53
C PHE B 84 -26.00 -2.98 -25.43
N GLY B 85 -26.12 -3.39 -24.17
CA GLY B 85 -25.62 -2.57 -23.08
C GLY B 85 -24.11 -2.41 -23.10
N ALA B 86 -23.38 -3.51 -23.18
CA ALA B 86 -21.93 -3.41 -23.22
C ALA B 86 -21.47 -2.75 -24.51
N VAL B 87 -22.13 -3.07 -25.63
CA VAL B 87 -21.85 -2.37 -26.88
C VAL B 87 -22.19 -0.90 -26.75
N PHE B 88 -23.30 -0.59 -26.05
CA PHE B 88 -23.64 0.80 -25.75
C PHE B 88 -22.47 1.53 -25.11
N ALA B 89 -21.99 1.00 -23.98
CA ALA B 89 -20.93 1.68 -23.24
C ALA B 89 -19.65 1.76 -24.06
N ALA B 90 -19.27 0.66 -24.72
CA ALA B 90 -18.02 0.64 -25.46
C ALA B 90 -18.07 1.59 -26.65
N LEU B 91 -19.18 1.60 -27.39
CA LEU B 91 -19.31 2.51 -28.51
C LEU B 91 -19.28 3.96 -28.04
N GLY B 92 -19.94 4.25 -26.93
CA GLY B 92 -19.87 5.61 -26.40
C GLY B 92 -18.44 6.01 -26.07
N LEU B 93 -17.73 5.14 -25.36
CA LEU B 93 -16.35 5.44 -25.00
C LEU B 93 -15.49 5.64 -26.23
N LEU B 94 -15.63 4.76 -27.22
CA LEU B 94 -14.78 4.86 -28.40
C LEU B 94 -15.12 6.10 -29.23
N ILE B 95 -16.40 6.44 -29.34
CA ILE B 95 -16.78 7.62 -30.09
C ILE B 95 -16.22 8.87 -29.42
N GLY B 96 -16.39 8.98 -28.10
CA GLY B 96 -15.84 10.12 -27.39
C GLY B 96 -14.33 10.20 -27.51
N GLU B 97 -13.65 9.07 -27.33
CA GLU B 97 -12.20 9.06 -27.42
C GLU B 97 -11.72 9.44 -28.81
N TRP B 98 -12.35 8.90 -29.85
CA TRP B 98 -11.92 9.22 -31.21
C TRP B 98 -12.17 10.68 -31.54
N ILE B 99 -13.33 11.20 -31.13
CA ILE B 99 -13.61 12.61 -31.34
C ILE B 99 -12.54 13.46 -30.68
N ASN B 100 -12.18 13.13 -29.44
CA ASN B 100 -11.23 13.99 -28.74
C ASN B 100 -9.82 13.82 -29.28
N ARG B 101 -9.46 12.62 -29.73
CA ARG B 101 -8.16 12.44 -30.37
C ARG B 101 -8.05 13.25 -31.64
N TYR B 102 -9.09 13.23 -32.46
CA TYR B 102 -9.00 13.93 -33.75
C TYR B 102 -9.13 15.44 -33.58
N VAL B 103 -9.91 15.90 -32.61
CA VAL B 103 -10.18 17.32 -32.50
C VAL B 103 -9.14 18.02 -31.63
N ASN B 104 -8.72 17.39 -30.54
CA ASN B 104 -7.81 18.03 -29.60
C ASN B 104 -6.39 17.47 -29.67
N PHE B 105 -6.22 16.16 -29.59
CA PHE B 105 -4.87 15.61 -29.65
C PHE B 105 -4.22 15.91 -30.99
N TRP B 106 -4.97 15.79 -32.07
CA TRP B 106 -4.46 16.09 -33.40
C TRP B 106 -4.90 17.46 -33.91
N GLY B 107 -6.17 17.80 -33.75
CA GLY B 107 -6.64 19.08 -34.24
C GLY B 107 -6.04 20.26 -33.49
N TRP B 108 -5.90 20.14 -32.18
CA TRP B 108 -5.36 21.23 -31.38
C TRP B 108 -3.85 21.12 -31.22
N THR B 109 -3.37 20.04 -30.61
CA THR B 109 -1.96 19.91 -30.27
C THR B 109 -1.13 19.30 -31.38
N TYR B 110 -1.75 18.87 -32.48
CA TYR B 110 -1.04 18.41 -33.67
C TYR B 110 -0.19 17.17 -33.38
N PHE B 111 -0.64 16.33 -32.47
CA PHE B 111 -0.04 15.01 -32.31
C PHE B 111 -0.59 14.10 -33.40
N PRO B 112 0.25 13.40 -34.15
CA PRO B 112 -0.27 12.54 -35.22
C PRO B 112 -1.16 11.44 -34.67
N ILE B 113 -2.17 11.08 -35.46
CA ILE B 113 -3.14 10.07 -35.04
C ILE B 113 -2.45 8.75 -34.78
N SER B 114 -1.36 8.46 -35.49
CA SER B 114 -0.62 7.23 -35.27
C SER B 114 -0.09 7.12 -33.85
N LEU B 115 0.02 8.24 -33.14
CA LEU B 115 0.51 8.24 -31.77
C LEU B 115 -0.61 8.18 -30.73
N VAL B 116 -1.78 8.75 -31.04
CA VAL B 116 -2.82 8.97 -30.05
C VAL B 116 -4.09 8.18 -30.32
N PHE B 117 -4.06 7.21 -31.24
CA PHE B 117 -5.27 6.44 -31.50
C PHE B 117 -5.61 5.56 -30.30
N PRO B 118 -6.90 5.39 -30.01
CA PRO B 118 -7.29 4.58 -28.85
C PRO B 118 -7.31 3.10 -29.20
N SER B 119 -7.61 2.30 -28.18
CA SER B 119 -7.69 0.85 -28.33
C SER B 119 -9.11 0.42 -28.65
N ALA B 120 -9.24 -0.53 -29.57
CA ALA B 120 -10.54 -1.02 -29.99
C ALA B 120 -11.15 -1.90 -28.92
N LEU B 121 -12.43 -1.69 -28.62
CA LEU B 121 -13.15 -2.49 -27.64
C LEU B 121 -14.48 -3.00 -28.18
N ILE B 122 -14.79 -2.74 -29.45
CA ILE B 122 -16.11 -3.09 -29.98
C ILE B 122 -16.29 -4.60 -30.01
N VAL B 123 -15.26 -5.33 -30.45
CA VAL B 123 -15.38 -6.79 -30.55
C VAL B 123 -15.61 -7.44 -29.19
N PRO B 124 -14.83 -7.14 -28.14
CA PRO B 124 -15.16 -7.72 -26.83
C PRO B 124 -16.52 -7.32 -26.33
N ALA B 125 -16.96 -6.09 -26.61
CA ALA B 125 -18.29 -5.67 -26.19
C ALA B 125 -19.37 -6.49 -26.89
N ILE B 126 -19.20 -6.74 -28.19
CA ILE B 126 -20.15 -7.56 -28.92
C ILE B 126 -20.17 -8.97 -28.35
N TRP B 127 -18.99 -9.52 -28.05
CA TRP B 127 -18.92 -10.84 -27.44
C TRP B 127 -19.69 -10.87 -26.14
N LEU B 128 -19.47 -9.88 -25.27
CA LEU B 128 -20.15 -9.82 -23.98
C LEU B 128 -21.65 -9.72 -24.17
N ASP B 129 -22.10 -8.87 -25.09
CA ASP B 129 -23.53 -8.68 -25.29
C ASP B 129 -24.18 -9.95 -25.81
N VAL B 130 -23.55 -10.63 -26.76
CA VAL B 130 -24.14 -11.84 -27.30
C VAL B 130 -24.17 -12.94 -26.25
N ILE B 131 -23.12 -13.05 -25.43
CA ILE B 131 -23.12 -14.04 -24.37
C ILE B 131 -24.25 -13.76 -23.38
N LEU B 132 -24.48 -12.49 -23.07
CA LEU B 132 -25.64 -12.16 -22.25
C LEU B 132 -26.95 -12.43 -23.00
N LEU B 133 -26.93 -12.41 -24.32
CA LEU B 133 -28.15 -12.60 -25.11
C LEU B 133 -28.46 -14.07 -25.30
N LEU B 134 -27.47 -14.87 -25.70
CA LEU B 134 -27.69 -16.30 -25.85
C LEU B 134 -28.06 -16.93 -24.51
N SER B 135 -27.33 -16.57 -23.46
CA SER B 135 -27.77 -16.92 -22.13
C SER B 135 -28.85 -15.95 -21.68
N GLY B 136 -29.34 -16.15 -20.46
CA GLY B 136 -30.29 -15.23 -19.90
C GLY B 136 -29.84 -14.74 -18.55
N SER B 137 -28.67 -15.20 -18.14
CA SER B 137 -28.16 -14.96 -16.80
C SER B 137 -26.89 -14.12 -16.87
N TYR B 138 -26.79 -13.14 -15.96
CA TYR B 138 -25.54 -12.41 -15.82
C TYR B 138 -24.45 -13.27 -15.23
N VAL B 139 -24.81 -14.31 -14.48
CA VAL B 139 -23.80 -15.18 -13.89
C VAL B 139 -22.99 -15.89 -14.97
N ILE B 140 -23.67 -16.42 -15.99
CA ILE B 140 -22.94 -17.09 -17.06
C ILE B 140 -22.07 -16.10 -17.81
N THR B 141 -22.64 -14.96 -18.23
CA THR B 141 -21.85 -13.99 -18.98
C THR B 141 -20.79 -13.33 -18.11
N ALA B 142 -20.92 -13.39 -16.78
CA ALA B 142 -19.84 -12.91 -15.92
C ALA B 142 -18.62 -13.81 -16.04
N VAL B 143 -18.83 -15.11 -16.19
CA VAL B 143 -17.73 -16.06 -16.22
C VAL B 143 -17.21 -16.23 -17.64
N VAL B 144 -18.05 -16.73 -18.53
CA VAL B 144 -17.58 -17.01 -19.89
C VAL B 144 -17.58 -15.75 -20.75
N GLY B 145 -18.58 -14.88 -20.62
CA GLY B 145 -18.62 -13.69 -21.42
C GLY B 145 -17.47 -12.74 -21.13
N SER B 146 -17.20 -12.50 -19.86
CA SER B 146 -16.11 -11.62 -19.49
C SER B 146 -14.74 -12.28 -19.64
N LEU B 147 -14.68 -13.62 -19.65
CA LEU B 147 -13.44 -14.28 -20.00
C LEU B 147 -13.06 -14.00 -21.44
N GLY B 148 -14.02 -14.07 -22.35
CA GLY B 148 -13.77 -13.69 -23.73
C GLY B 148 -13.55 -12.21 -23.91
N TRP B 149 -14.07 -11.39 -22.99
CA TRP B 149 -13.81 -9.96 -23.06
C TRP B 149 -12.33 -9.65 -22.91
N GLY B 150 -11.61 -10.46 -22.14
CA GLY B 150 -10.19 -10.27 -21.96
C GLY B 150 -9.36 -10.92 -23.04
N LEU B 151 -9.73 -12.14 -23.43
CA LEU B 151 -8.97 -12.86 -24.45
C LEU B 151 -9.11 -12.23 -25.83
N LEU B 152 -10.17 -11.46 -26.07
CA LEU B 152 -10.43 -10.86 -27.36
C LEU B 152 -9.85 -9.46 -27.50
N PHE B 153 -9.23 -8.92 -26.45
CA PHE B 153 -8.76 -7.56 -26.50
C PHE B 153 -7.56 -7.41 -27.43
N TYR B 154 -6.48 -8.13 -27.15
CA TYR B 154 -5.29 -8.06 -28.00
C TYR B 154 -5.56 -8.49 -29.43
N PRO B 155 -6.22 -9.64 -29.70
CA PRO B 155 -6.42 -10.03 -31.10
C PRO B 155 -7.17 -9.00 -31.93
N ASN B 156 -8.16 -8.34 -31.34
CA ASN B 156 -8.93 -7.34 -32.06
C ASN B 156 -8.24 -6.00 -32.12
N ASN B 157 -7.17 -5.80 -31.35
CA ASN B 157 -6.36 -4.59 -31.42
C ASN B 157 -5.09 -4.76 -32.23
N TRP B 158 -4.69 -6.00 -32.51
CA TRP B 158 -3.49 -6.30 -33.30
C TRP B 158 -3.52 -5.66 -34.69
N PRO B 159 -4.64 -5.70 -35.42
CA PRO B 159 -4.65 -5.10 -36.76
C PRO B 159 -4.31 -3.62 -36.76
N ALA B 160 -4.53 -2.90 -35.67
CA ALA B 160 -4.27 -1.47 -35.64
C ALA B 160 -2.90 -1.10 -35.08
N ILE B 161 -2.25 -1.99 -34.35
CA ILE B 161 -0.97 -1.68 -33.71
C ILE B 161 0.18 -2.48 -34.28
N ALA B 162 -0.07 -3.48 -35.12
CA ALA B 162 1.03 -4.29 -35.65
C ALA B 162 1.95 -3.47 -36.53
N ALA B 163 1.38 -2.56 -37.34
CA ALA B 163 2.20 -1.76 -38.24
C ALA B 163 3.21 -0.92 -37.47
N PHE B 164 2.92 -0.58 -36.22
CA PHE B 164 3.81 0.21 -35.40
C PHE B 164 4.80 -0.62 -34.61
N HIS B 165 4.73 -1.94 -34.71
CA HIS B 165 5.70 -2.82 -34.07
C HIS B 165 6.78 -3.30 -35.02
N GLN B 166 6.85 -2.72 -36.22
CA GLN B 166 7.93 -3.04 -37.14
C GLN B 166 9.26 -2.50 -36.60
N ALA B 167 10.31 -3.30 -36.76
CA ALA B 167 11.60 -2.95 -36.20
C ALA B 167 12.33 -1.95 -37.09
N THR B 168 12.97 -0.97 -36.46
CA THR B 168 13.83 -0.03 -37.15
C THR B 168 15.14 0.10 -36.40
N GLU B 169 16.18 0.52 -37.12
CA GLU B 169 17.51 0.70 -36.56
C GLU B 169 17.80 2.18 -36.43
N GLN B 170 18.06 2.63 -35.21
CA GLN B 170 18.31 4.04 -34.91
C GLN B 170 19.61 4.16 -34.15
N HIS B 171 20.65 4.67 -34.83
CA HIS B 171 21.95 4.91 -34.20
C HIS B 171 22.49 3.66 -33.52
N GLY B 172 22.50 2.56 -34.27
CA GLY B 172 23.00 1.30 -33.75
C GLY B 172 22.18 0.75 -32.60
N GLN B 173 20.87 0.93 -32.64
CA GLN B 173 19.99 0.47 -31.58
C GLN B 173 18.65 0.07 -32.18
N LEU B 174 18.08 -1.00 -31.67
CA LEU B 174 16.78 -1.47 -32.16
C LEU B 174 15.65 -0.72 -31.48
N MET B 175 14.74 -0.19 -32.29
CA MET B 175 13.59 0.53 -31.79
C MET B 175 12.39 0.21 -32.65
N THR B 176 11.22 0.11 -32.02
CA THR B 176 9.99 -0.13 -32.77
C THR B 176 9.51 1.17 -33.43
N LEU B 177 8.60 1.01 -34.37
CA LEU B 177 7.98 2.19 -34.98
C LEU B 177 7.18 2.98 -33.97
N ALA B 178 6.49 2.31 -33.05
CA ALA B 178 5.78 3.01 -31.99
C ALA B 178 6.72 3.77 -31.08
N ASP B 179 7.84 3.14 -30.71
CA ASP B 179 8.83 3.83 -29.90
C ASP B 179 9.39 5.04 -30.63
N LEU B 180 9.66 4.89 -31.93
CA LEU B 180 10.16 6.01 -32.70
C LEU B 180 9.14 7.14 -32.79
N ILE B 181 7.87 6.79 -32.97
CA ILE B 181 6.83 7.81 -33.05
C ILE B 181 6.72 8.55 -31.73
N GLY B 182 6.73 7.83 -30.61
CA GLY B 182 6.71 8.49 -29.33
C GLY B 182 7.94 9.34 -29.07
N PHE B 183 9.10 8.90 -29.57
CA PHE B 183 10.33 9.65 -29.37
C PHE B 183 10.38 10.88 -30.27
N HIS B 184 9.88 10.76 -31.50
CA HIS B 184 9.96 11.87 -32.44
C HIS B 184 9.08 13.04 -32.00
N PHE B 185 7.77 12.82 -31.92
CA PHE B 185 6.83 13.87 -31.57
C PHE B 185 6.88 14.08 -30.07
N VAL B 186 7.60 15.13 -29.66
CA VAL B 186 7.96 15.31 -28.26
C VAL B 186 6.73 15.63 -27.44
N ARG B 187 6.56 14.93 -26.33
CA ARG B 187 5.61 15.28 -25.30
C ARG B 187 6.37 15.83 -24.10
N THR B 188 5.93 16.99 -23.60
CA THR B 188 6.65 17.64 -22.51
C THR B 188 6.68 16.76 -21.27
N SER B 189 5.53 16.57 -20.65
CA SER B 189 5.43 15.83 -19.38
C SER B 189 5.16 14.35 -19.61
N MET B 190 5.99 13.71 -20.43
CA MET B 190 5.89 12.27 -20.65
C MET B 190 7.29 11.72 -20.91
N PRO B 191 8.03 11.45 -19.85
CA PRO B 191 9.34 10.80 -20.02
C PRO B 191 9.18 9.33 -20.35
N GLU B 192 10.32 8.70 -20.66
CA GLU B 192 10.28 7.29 -21.00
C GLU B 192 10.13 6.40 -19.77
N TYR B 193 10.70 6.81 -18.64
CA TYR B 193 10.74 5.93 -17.47
C TYR B 193 9.36 5.68 -16.87
N ILE B 194 8.36 6.50 -17.20
CA ILE B 194 7.05 6.38 -16.58
C ILE B 194 6.13 5.45 -17.38
N ARG B 195 6.62 4.91 -18.51
CA ARG B 195 5.75 4.22 -19.46
C ARG B 195 5.02 3.04 -18.83
N MET B 196 5.57 2.45 -17.76
CA MET B 196 4.94 1.35 -17.06
C MET B 196 4.51 0.25 -18.05
N VAL B 197 5.48 -0.19 -18.82
CA VAL B 197 5.28 -1.23 -19.82
C VAL B 197 6.09 -2.45 -19.42
N GLU B 198 5.94 -3.52 -20.19
CA GLU B 198 6.72 -4.73 -19.94
C GLU B 198 8.19 -4.46 -20.20
N ARG B 199 8.99 -4.40 -19.15
CA ARG B 199 10.41 -4.11 -19.26
C ARG B 199 11.27 -5.36 -19.09
N GLY B 200 10.66 -6.53 -19.12
CA GLY B 200 11.38 -7.76 -18.85
C GLY B 200 11.27 -8.18 -17.39
N THR B 201 11.54 -9.45 -17.16
CA THR B 201 11.45 -10.06 -15.83
C THR B 201 12.05 -11.44 -15.89
N LEU B 202 12.58 -11.90 -14.74
CA LEU B 202 13.36 -13.12 -14.74
C LEU B 202 12.52 -14.39 -14.75
N ARG B 203 11.22 -14.32 -14.44
CA ARG B 203 10.40 -15.52 -14.55
C ARG B 203 9.26 -15.36 -15.55
N THR B 204 9.47 -14.62 -16.63
CA THR B 204 8.63 -14.75 -17.80
C THR B 204 9.27 -15.78 -18.72
N PHE B 205 8.47 -16.72 -19.19
CA PHE B 205 8.94 -17.83 -20.00
C PHE B 205 8.48 -17.56 -21.43
N GLY B 206 9.45 -17.26 -22.29
CA GLY B 206 9.20 -16.55 -23.53
C GLY B 206 8.10 -17.15 -24.38
N LYS B 207 7.58 -16.27 -25.25
CA LYS B 207 6.56 -16.55 -26.26
C LYS B 207 5.17 -16.78 -25.67
N ASP B 208 4.92 -16.37 -24.42
CA ASP B 208 3.58 -16.49 -23.87
C ASP B 208 3.19 -15.28 -23.04
N VAL B 209 3.84 -14.14 -23.23
CA VAL B 209 3.53 -12.96 -22.43
C VAL B 209 2.10 -12.49 -22.69
N VAL B 210 1.75 -12.33 -23.96
CA VAL B 210 0.41 -11.88 -24.35
C VAL B 210 -0.64 -12.90 -23.95
N PRO B 211 -0.47 -14.21 -24.21
CA PRO B 211 -1.48 -15.16 -23.71
C PRO B 211 -1.65 -15.13 -22.20
N VAL B 212 -0.56 -14.95 -21.45
CA VAL B 212 -0.68 -14.89 -20.00
C VAL B 212 -1.44 -13.65 -19.57
N ALA B 213 -1.10 -12.49 -20.15
CA ALA B 213 -1.78 -11.26 -19.78
C ALA B 213 -3.25 -11.29 -20.17
N ALA B 214 -3.56 -11.79 -21.36
CA ALA B 214 -4.94 -11.81 -21.83
C ALA B 214 -5.81 -12.68 -20.94
N PHE B 215 -5.32 -13.85 -20.56
CA PHE B 215 -6.06 -14.68 -19.62
C PHE B 215 -6.23 -14.00 -18.28
N PHE B 216 -5.17 -13.37 -17.77
CA PHE B 216 -5.26 -12.70 -16.47
C PHE B 216 -6.36 -11.65 -16.47
N SER B 217 -6.42 -10.81 -17.51
CA SER B 217 -7.51 -9.85 -17.62
C SER B 217 -8.84 -10.55 -17.84
N GLY B 218 -8.81 -11.80 -18.31
CA GLY B 218 -10.05 -12.49 -18.60
C GLY B 218 -10.89 -12.75 -17.37
N PHE B 219 -10.27 -13.24 -16.29
CA PHE B 219 -11.05 -13.63 -15.12
C PHE B 219 -11.07 -12.59 -14.04
N VAL B 220 -10.06 -11.72 -13.96
CA VAL B 220 -10.19 -10.56 -13.09
C VAL B 220 -11.36 -9.71 -13.55
N SER B 221 -11.69 -9.77 -14.84
CA SER B 221 -12.90 -9.13 -15.32
C SER B 221 -14.15 -9.74 -14.69
N MET B 222 -14.17 -11.07 -14.50
CA MET B 222 -15.35 -11.69 -13.92
C MET B 222 -15.67 -11.11 -12.55
N MET B 223 -14.65 -10.91 -11.71
CA MET B 223 -14.88 -10.24 -10.44
C MET B 223 -15.38 -8.82 -10.68
N VAL B 224 -14.72 -8.08 -11.58
CA VAL B 224 -15.12 -6.72 -11.87
C VAL B 224 -16.48 -6.70 -12.55
N TYR B 225 -16.74 -7.65 -13.45
CA TYR B 225 -18.05 -7.71 -14.08
C TYR B 225 -19.15 -7.92 -13.06
N PHE B 226 -18.92 -8.83 -12.11
CA PHE B 226 -19.92 -9.09 -11.08
C PHE B 226 -20.17 -7.83 -10.25
N LEU B 227 -19.09 -7.24 -9.74
CA LEU B 227 -19.23 -6.06 -8.89
C LEU B 227 -19.92 -4.93 -9.63
N TRP B 228 -19.55 -4.70 -10.88
CA TRP B 228 -20.11 -3.57 -11.61
C TRP B 228 -21.50 -3.85 -12.17
N TRP B 229 -21.85 -5.12 -12.42
CA TRP B 229 -23.24 -5.44 -12.72
C TRP B 229 -24.11 -5.08 -11.52
N PHE B 230 -23.68 -5.45 -10.32
CA PHE B 230 -24.50 -5.12 -9.17
C PHE B 230 -24.46 -3.63 -8.86
N MET B 231 -23.37 -2.95 -9.18
CA MET B 231 -23.33 -1.49 -9.02
C MET B 231 -24.28 -0.82 -9.99
N GLY B 232 -24.36 -1.31 -11.23
CA GLY B 232 -25.35 -0.81 -12.16
C GLY B 232 -26.76 -1.11 -11.72
N ARG B 233 -26.97 -2.24 -11.07
CA ARG B 233 -28.27 -2.50 -10.46
C ARG B 233 -28.59 -1.46 -9.40
N TRP B 234 -27.61 -1.14 -8.55
CA TRP B 234 -27.85 -0.14 -7.50
C TRP B 234 -28.12 1.24 -8.08
N TYR B 235 -27.35 1.64 -9.09
CA TYR B 235 -27.59 2.94 -9.72
C TYR B 235 -28.93 3.02 -10.41
N SER B 236 -29.56 1.89 -10.69
CA SER B 236 -30.89 1.86 -11.28
C SER B 236 -31.99 1.92 -10.25
N THR B 237 -31.65 2.24 -8.99
CA THR B 237 -32.65 2.23 -7.94
C THR B 237 -33.70 3.30 -8.17
N THR B 238 -34.94 2.99 -7.78
CA THR B 238 -36.03 3.94 -7.80
C THR B 238 -36.39 4.42 -6.40
N LYS B 239 -35.53 4.16 -5.42
CA LYS B 239 -35.81 4.53 -4.05
C LYS B 239 -35.91 6.05 -3.91
N VAL B 240 -36.93 6.48 -3.15
CA VAL B 240 -37.12 7.89 -2.81
C VAL B 240 -37.00 8.02 -1.30
N ILE B 241 -36.06 8.86 -0.87
CA ILE B 241 -35.84 9.08 0.56
C ILE B 241 -36.68 10.27 1.01
N ASP B 242 -37.11 10.22 2.26
CA ASP B 242 -38.01 11.24 2.78
C ASP B 242 -37.32 12.58 2.97
N THR B 243 -36.08 12.53 3.45
CA THR B 243 -35.35 13.78 3.80
C THR B 243 -33.90 13.66 3.36
N ILE B 244 -33.31 14.77 2.90
CA ILE B 244 -31.86 14.77 2.54
C ILE B 244 -31.24 15.99 3.21
N ALA C 1 -45.79 -46.75 11.13
CA ALA C 1 -44.98 -46.13 10.09
C ALA C 1 -44.73 -44.65 10.38
N VAL C 2 -43.49 -44.23 10.26
CA VAL C 2 -43.08 -42.86 10.51
C VAL C 2 -42.69 -42.27 9.17
N GLY C 3 -43.62 -41.58 8.52
CA GLY C 3 -43.39 -41.01 7.22
C GLY C 3 -42.22 -40.05 7.21
N PRO C 4 -41.43 -40.08 6.14
CA PRO C 4 -41.63 -40.93 4.96
C PRO C 4 -40.91 -42.28 5.06
N PHE C 5 -40.68 -42.76 6.26
CA PHE C 5 -39.98 -44.02 6.47
C PHE C 5 -40.98 -45.13 6.82
N ASN C 6 -40.65 -46.35 6.40
CA ASN C 6 -41.55 -47.47 6.60
C ASN C 6 -41.72 -47.80 8.08
N SER C 7 -40.62 -47.79 8.84
CA SER C 7 -40.66 -48.22 10.23
C SER C 7 -39.70 -47.36 11.04
N VAL C 8 -39.70 -47.60 12.36
CA VAL C 8 -38.82 -46.86 13.26
C VAL C 8 -37.36 -47.21 12.98
N ALA C 9 -37.08 -48.50 12.81
CA ALA C 9 -35.69 -48.92 12.59
C ALA C 9 -35.16 -48.37 11.28
N GLU C 10 -35.98 -48.37 10.23
CA GLU C 10 -35.55 -47.79 8.97
C GLU C 10 -35.22 -46.31 9.11
N ALA C 11 -36.07 -45.58 9.84
CA ALA C 11 -35.80 -44.17 10.07
C ALA C 11 -34.50 -43.96 10.83
N ALA C 12 -34.27 -44.78 11.86
CA ALA C 12 -33.03 -44.64 12.63
C ALA C 12 -31.80 -44.93 11.78
N GLY C 13 -31.87 -46.00 10.98
CA GLY C 13 -30.73 -46.31 10.12
C GLY C 13 -30.48 -45.24 9.08
N CYS C 14 -31.55 -44.72 8.47
CA CYS C 14 -31.40 -43.65 7.50
C CYS C 14 -30.80 -42.41 8.14
N VAL C 15 -31.26 -42.05 9.34
CA VAL C 15 -30.75 -40.87 10.00
C VAL C 15 -29.28 -41.05 10.35
N GLN C 16 -28.90 -42.23 10.84
CA GLN C 16 -27.49 -42.46 11.18
C GLN C 16 -26.61 -42.39 9.94
N THR C 17 -27.04 -43.03 8.84
CA THR C 17 -26.24 -43.02 7.62
C THR C 17 -26.10 -41.61 7.08
N VAL C 18 -27.19 -40.84 7.07
CA VAL C 18 -27.13 -39.48 6.58
C VAL C 18 -26.29 -38.61 7.51
N ASP C 19 -26.31 -38.88 8.81
CA ASP C 19 -25.45 -38.15 9.74
C ASP C 19 -23.98 -38.38 9.40
N TRP C 20 -23.59 -39.64 9.17
CA TRP C 20 -22.22 -39.92 8.79
C TRP C 20 -21.86 -39.24 7.47
N MET C 21 -22.77 -39.31 6.50
CA MET C 21 -22.50 -38.71 5.20
C MET C 21 -22.33 -37.20 5.32
N LEU C 22 -23.19 -36.55 6.10
CA LEU C 22 -23.09 -35.11 6.28
C LEU C 22 -21.80 -34.74 7.00
N LEU C 23 -21.42 -35.51 8.01
CA LEU C 23 -20.18 -35.23 8.73
C LEU C 23 -18.99 -35.29 7.79
N VAL C 24 -18.90 -36.35 6.99
CA VAL C 24 -17.80 -36.46 6.04
C VAL C 24 -17.86 -35.33 5.01
N LEU C 25 -19.07 -35.04 4.53
CA LEU C 25 -19.26 -34.02 3.51
C LEU C 25 -18.81 -32.65 3.98
N LEU C 26 -19.05 -32.33 5.25
CA LEU C 26 -18.62 -31.03 5.74
C LEU C 26 -17.13 -31.02 6.07
N PHE C 27 -16.66 -32.09 6.73
CA PHE C 27 -15.25 -32.17 7.09
C PHE C 27 -14.38 -31.99 5.86
N PHE C 28 -14.64 -32.76 4.82
CA PHE C 28 -14.06 -32.42 3.54
C PHE C 28 -14.79 -31.21 2.96
N ALA C 29 -14.06 -30.44 2.17
CA ALA C 29 -14.47 -29.15 1.62
C ALA C 29 -14.46 -28.06 2.67
N VAL C 30 -14.55 -28.39 3.97
CA VAL C 30 -14.07 -27.43 4.93
C VAL C 30 -12.56 -27.53 5.02
N LEU C 31 -12.06 -28.77 5.00
CA LEU C 31 -10.65 -29.00 4.77
C LEU C 31 -10.19 -28.29 3.50
N GLY C 32 -10.97 -28.40 2.43
CA GLY C 32 -10.61 -27.77 1.18
C GLY C 32 -10.48 -26.26 1.26
N GLY C 33 -11.54 -25.57 1.68
CA GLY C 33 -11.46 -24.12 1.79
C GLY C 33 -10.40 -23.67 2.78
N TYR C 34 -10.37 -24.30 3.96
CA TYR C 34 -9.41 -23.93 4.98
C TYR C 34 -7.98 -24.11 4.48
N HIS C 35 -7.72 -25.22 3.79
CA HIS C 35 -6.36 -25.50 3.35
C HIS C 35 -5.95 -24.55 2.24
N VAL C 36 -6.83 -24.26 1.29
CA VAL C 36 -6.50 -23.28 0.26
C VAL C 36 -6.15 -21.95 0.90
N HIS C 37 -7.03 -21.47 1.79
CA HIS C 37 -6.83 -20.15 2.39
C HIS C 37 -5.56 -20.12 3.22
N PHE C 38 -5.34 -21.13 4.05
CA PHE C 38 -4.18 -21.14 4.94
C PHE C 38 -2.89 -21.31 4.17
N MET C 39 -2.90 -22.18 3.15
CA MET C 39 -1.73 -22.40 2.32
C MET C 39 -1.32 -21.13 1.61
N LEU C 40 -2.28 -20.40 1.05
CA LEU C 40 -1.94 -19.26 0.21
C LEU C 40 -1.88 -17.93 0.95
N THR C 41 -2.29 -17.89 2.21
CA THR C 41 -2.11 -16.69 3.03
C THR C 41 -1.12 -16.93 4.17
N ALA C 42 -1.37 -17.92 5.00
CA ALA C 42 -0.53 -18.19 6.17
C ALA C 42 0.76 -18.88 5.80
N GLY C 43 1.12 -18.91 4.53
CA GLY C 43 2.37 -19.49 4.11
C GLY C 43 2.32 -21.00 4.02
N ASP C 44 3.48 -21.64 3.76
CA ASP C 44 4.83 -21.11 3.48
C ASP C 44 5.45 -20.58 4.79
N TRP C 45 4.63 -20.51 5.85
CA TRP C 45 5.15 -20.50 7.21
C TRP C 45 5.01 -21.86 7.88
N ASP C 46 3.94 -22.59 7.56
CA ASP C 46 3.87 -23.98 7.98
C ASP C 46 4.82 -24.86 7.19
N PHE C 47 5.24 -24.40 6.01
CA PHE C 47 6.00 -25.28 5.12
C PHE C 47 7.39 -25.56 5.67
N TRP C 48 8.05 -24.57 6.25
CA TRP C 48 9.47 -24.66 6.55
C TRP C 48 9.72 -24.43 8.02
N VAL C 49 10.56 -25.29 8.62
CA VAL C 49 10.89 -25.14 10.04
C VAL C 49 11.73 -23.91 10.28
N ASP C 50 12.53 -23.49 9.30
CA ASP C 50 13.34 -22.29 9.46
C ASP C 50 12.54 -21.02 9.26
N TRP C 51 11.26 -21.13 8.94
CA TRP C 51 10.37 -19.97 8.90
C TRP C 51 9.66 -19.74 10.22
N LYS C 52 9.66 -20.72 11.12
CA LYS C 52 8.91 -20.64 12.38
C LYS C 52 9.72 -19.85 13.40
N ASP C 53 9.75 -18.54 13.20
CA ASP C 53 10.52 -17.64 14.05
C ASP C 53 9.71 -17.27 15.29
N ARG C 54 10.19 -16.29 16.04
CA ARG C 54 9.53 -15.89 17.27
C ARG C 54 8.55 -14.74 17.09
N ARG C 55 8.58 -14.05 15.96
CA ARG C 55 7.72 -12.89 15.77
C ARG C 55 6.71 -13.07 14.65
N MET C 56 7.16 -13.36 13.43
CA MET C 56 6.23 -13.38 12.31
C MET C 56 5.37 -14.63 12.30
N TRP C 57 5.96 -15.79 12.56
CA TRP C 57 5.20 -17.04 12.52
C TRP C 57 4.09 -17.08 13.57
N PRO C 58 4.34 -16.86 14.86
CA PRO C 58 3.24 -16.89 15.83
C PRO C 58 2.30 -15.71 15.68
N THR C 59 2.58 -14.78 14.78
CA THR C 59 1.66 -13.69 14.46
C THR C 59 0.83 -14.03 13.24
N VAL C 60 1.47 -14.42 12.15
CA VAL C 60 0.75 -14.68 10.91
C VAL C 60 -0.15 -15.91 11.06
N VAL C 61 0.40 -17.00 11.58
CA VAL C 61 -0.32 -18.27 11.52
C VAL C 61 -1.61 -18.26 12.33
N PRO C 62 -1.61 -17.88 13.62
CA PRO C 62 -2.87 -17.91 14.37
C PRO C 62 -3.94 -17.00 13.80
N ILE C 63 -3.55 -15.82 13.32
CA ILE C 63 -4.51 -14.86 12.82
C ILE C 63 -5.22 -15.40 11.59
N LEU C 64 -4.46 -15.95 10.65
CA LEU C 64 -5.06 -16.50 9.44
C LEU C 64 -5.65 -17.88 9.66
N GLY C 65 -5.38 -18.52 10.78
CA GLY C 65 -5.94 -19.82 11.06
C GLY C 65 -7.26 -19.73 11.82
N VAL C 66 -7.46 -18.63 12.55
CA VAL C 66 -8.70 -18.48 13.30
C VAL C 66 -9.90 -18.29 12.39
N THR C 67 -9.67 -17.98 11.12
CA THR C 67 -10.74 -17.65 10.18
C THR C 67 -11.76 -18.76 10.03
N PHE C 68 -11.32 -19.89 9.48
CA PHE C 68 -12.24 -20.99 9.23
C PHE C 68 -12.70 -21.63 10.52
N CYS C 69 -11.89 -21.55 11.58
CA CYS C 69 -12.35 -22.03 12.88
C CYS C 69 -13.56 -21.24 13.34
N ALA C 70 -13.51 -19.91 13.23
CA ALA C 70 -14.65 -19.09 13.61
C ALA C 70 -15.84 -19.35 12.70
N ALA C 71 -15.61 -19.46 11.40
CA ALA C 71 -16.71 -19.70 10.47
C ALA C 71 -17.40 -21.03 10.76
N SER C 72 -16.62 -22.08 11.00
CA SER C 72 -17.19 -23.39 11.27
C SER C 72 -17.86 -23.42 12.63
N GLN C 73 -17.34 -22.67 13.59
CA GLN C 73 -18.02 -22.52 14.87
C GLN C 73 -19.38 -21.87 14.69
N ALA C 74 -19.44 -20.83 13.85
CA ALA C 74 -20.71 -20.18 13.58
C ALA C 74 -21.69 -21.14 12.92
N PHE C 75 -21.21 -21.96 11.99
CA PHE C 75 -22.09 -22.93 11.35
C PHE C 75 -22.60 -23.96 12.35
N TRP C 76 -21.68 -24.60 13.07
CA TRP C 76 -22.07 -25.73 13.92
C TRP C 76 -22.88 -25.29 15.13
N TRP C 77 -22.39 -24.29 15.86
CA TRP C 77 -23.03 -23.93 17.12
C TRP C 77 -24.42 -23.36 16.90
N VAL C 78 -24.57 -22.46 15.92
CA VAL C 78 -25.87 -21.81 15.72
C VAL C 78 -26.93 -22.82 15.29
N ASN C 79 -26.57 -23.73 14.40
CA ASN C 79 -27.55 -24.62 13.79
C ASN C 79 -27.64 -25.98 14.46
N PHE C 80 -26.64 -26.38 15.24
CA PHE C 80 -26.63 -27.70 15.86
C PHE C 80 -26.27 -27.70 17.34
N ARG C 81 -25.73 -26.61 17.87
CA ARG C 81 -25.22 -26.54 19.24
C ARG C 81 -24.07 -27.51 19.49
N LEU C 82 -23.50 -28.08 18.43
CA LEU C 82 -22.38 -29.00 18.58
C LEU C 82 -21.10 -28.20 18.81
N PRO C 83 -20.41 -28.40 19.92
CA PRO C 83 -19.24 -27.57 20.25
C PRO C 83 -17.92 -28.13 19.74
N PHE C 84 -17.81 -28.34 18.43
CA PHE C 84 -16.54 -28.80 17.87
C PHE C 84 -16.19 -28.10 16.57
N GLY C 85 -16.80 -26.94 16.29
CA GLY C 85 -16.57 -26.29 15.01
C GLY C 85 -15.12 -25.87 14.81
N ALA C 86 -14.53 -25.22 15.81
CA ALA C 86 -13.14 -24.83 15.70
C ALA C 86 -12.24 -26.05 15.65
N VAL C 87 -12.52 -27.06 16.48
CA VAL C 87 -11.77 -28.30 16.41
C VAL C 87 -12.00 -28.98 15.06
N PHE C 88 -13.22 -28.88 14.53
CA PHE C 88 -13.50 -29.41 13.21
C PHE C 88 -12.55 -28.83 12.17
N ALA C 89 -12.51 -27.50 12.10
CA ALA C 89 -11.67 -26.83 11.09
C ALA C 89 -10.19 -27.13 11.32
N ALA C 90 -9.75 -27.06 12.57
CA ALA C 90 -8.33 -27.25 12.85
C ALA C 90 -7.91 -28.68 12.57
N LEU C 91 -8.73 -29.66 12.95
CA LEU C 91 -8.40 -31.05 12.67
C LEU C 91 -8.36 -31.30 11.18
N GLY C 92 -9.31 -30.74 10.43
CA GLY C 92 -9.26 -30.88 8.99
C GLY C 92 -7.98 -30.32 8.40
N LEU C 93 -7.61 -29.11 8.83
CA LEU C 93 -6.40 -28.49 8.30
C LEU C 93 -5.17 -29.32 8.67
N LEU C 94 -5.09 -29.78 9.92
CA LEU C 94 -3.93 -30.56 10.34
C LEU C 94 -3.84 -31.87 9.58
N ILE C 95 -4.97 -32.56 9.40
CA ILE C 95 -4.95 -33.84 8.71
C ILE C 95 -4.51 -33.65 7.27
N GLY C 96 -5.10 -32.67 6.58
CA GLY C 96 -4.71 -32.42 5.20
C GLY C 96 -3.24 -32.04 5.08
N GLU C 97 -2.77 -31.17 5.97
CA GLU C 97 -1.38 -30.74 5.91
C GLU C 97 -0.43 -31.90 6.18
N TRP C 98 -0.73 -32.72 7.18
CA TRP C 98 0.15 -33.85 7.48
C TRP C 98 0.16 -34.85 6.34
N ILE C 99 -1.02 -35.13 5.75
CA ILE C 99 -1.07 -36.03 4.62
C ILE C 99 -0.21 -35.51 3.48
N ASN C 100 -0.31 -34.22 3.19
CA ASN C 100 0.47 -33.68 2.08
C ASN C 100 1.96 -33.68 2.40
N ARG C 101 2.32 -33.34 3.64
CA ARG C 101 3.73 -33.32 4.01
C ARG C 101 4.35 -34.71 3.88
N TYR C 102 3.64 -35.73 4.36
CA TYR C 102 4.22 -37.06 4.32
C TYR C 102 4.19 -37.65 2.91
N VAL C 103 3.11 -37.43 2.17
CA VAL C 103 2.97 -38.10 0.88
C VAL C 103 3.72 -37.35 -0.21
N ASN C 104 3.72 -36.03 -0.18
CA ASN C 104 4.33 -35.24 -1.24
C ASN C 104 5.65 -34.60 -0.83
N PHE C 105 5.68 -33.84 0.26
CA PHE C 105 6.93 -33.20 0.65
C PHE C 105 8.01 -34.22 0.96
N TRP C 106 7.64 -35.30 1.65
CA TRP C 106 8.57 -36.38 1.97
C TRP C 106 8.47 -37.55 1.00
N GLY C 107 7.25 -38.00 0.72
CA GLY C 107 7.09 -39.13 -0.17
C GLY C 107 7.52 -38.84 -1.60
N TRP C 108 7.19 -37.66 -2.10
CA TRP C 108 7.54 -37.30 -3.48
C TRP C 108 8.91 -36.64 -3.56
N THR C 109 9.07 -35.49 -2.91
CA THR C 109 10.27 -34.68 -3.07
C THR C 109 11.36 -35.03 -2.08
N TYR C 110 11.13 -35.98 -1.17
CA TYR C 110 12.14 -36.47 -0.25
C TYR C 110 12.68 -35.36 0.66
N PHE C 111 11.86 -34.37 0.94
CA PHE C 111 12.20 -33.43 1.99
C PHE C 111 11.97 -34.10 3.35
N PRO C 112 12.93 -34.07 4.26
CA PRO C 112 12.73 -34.74 5.55
C PRO C 112 11.58 -34.10 6.32
N ILE C 113 10.91 -34.93 7.12
CA ILE C 113 9.75 -34.47 7.88
C ILE C 113 10.13 -33.37 8.84
N SER C 114 11.36 -33.43 9.38
CA SER C 114 11.79 -32.41 10.33
C SER C 114 11.86 -31.03 9.69
N LEU C 115 11.83 -30.95 8.38
CA LEU C 115 11.86 -29.66 7.69
C LEU C 115 10.46 -29.14 7.36
N VAL C 116 9.52 -30.03 7.09
CA VAL C 116 8.25 -29.63 6.47
C VAL C 116 7.05 -29.89 7.36
N PHE C 117 7.26 -30.23 8.63
CA PHE C 117 6.13 -30.48 9.50
C PHE C 117 5.36 -29.20 9.77
N PRO C 118 4.04 -29.26 9.89
CA PRO C 118 3.24 -28.05 10.11
C PRO C 118 3.23 -27.65 11.58
N SER C 119 2.51 -26.56 11.85
CA SER C 119 2.38 -26.07 13.21
C SER C 119 1.13 -26.63 13.86
N ALA C 120 1.24 -26.95 15.14
CA ALA C 120 0.12 -27.51 15.88
C ALA C 120 -0.94 -26.46 16.14
N LEU C 121 -2.21 -26.85 16.01
CA LEU C 121 -3.32 -25.94 16.27
C LEU C 121 -4.44 -26.60 17.06
N ILE C 122 -4.28 -27.86 17.48
CA ILE C 122 -5.37 -28.55 18.16
C ILE C 122 -5.67 -27.92 19.50
N VAL C 123 -4.63 -27.56 20.26
CA VAL C 123 -4.85 -26.97 21.58
C VAL C 123 -5.61 -25.64 21.50
N PRO C 124 -5.20 -24.67 20.68
CA PRO C 124 -6.00 -23.44 20.58
C PRO C 124 -7.41 -23.69 20.10
N ALA C 125 -7.60 -24.65 19.19
CA ALA C 125 -8.95 -24.96 18.72
C ALA C 125 -9.81 -25.52 19.84
N ILE C 126 -9.23 -26.41 20.65
CA ILE C 126 -9.96 -26.96 21.79
C ILE C 126 -10.32 -25.84 22.76
N TRP C 127 -9.37 -24.93 23.01
CA TRP C 127 -9.65 -23.81 23.88
C TRP C 127 -10.82 -22.99 23.35
N LEU C 128 -10.78 -22.67 22.06
CA LEU C 128 -11.85 -21.88 21.45
C LEU C 128 -13.20 -22.59 21.55
N ASP C 129 -13.22 -23.89 21.24
CA ASP C 129 -14.47 -24.62 21.27
C ASP C 129 -15.04 -24.71 22.68
N VAL C 130 -14.19 -24.96 23.67
CA VAL C 130 -14.68 -25.05 25.03
C VAL C 130 -15.19 -23.70 25.51
N ILE C 131 -14.47 -22.63 25.18
CA ILE C 131 -14.93 -21.31 25.58
C ILE C 131 -16.29 -20.99 24.97
N LEU C 132 -16.48 -21.36 23.69
CA LEU C 132 -17.81 -21.25 23.10
C LEU C 132 -18.81 -22.19 23.76
N LEU C 133 -18.34 -23.27 24.39
CA LEU C 133 -19.25 -24.23 25.01
C LEU C 133 -19.66 -23.79 26.41
N LEU C 134 -18.68 -23.39 27.22
CA LEU C 134 -19.01 -22.91 28.57
C LEU C 134 -19.87 -21.66 28.50
N SER C 135 -19.47 -20.70 27.67
CA SER C 135 -20.37 -19.61 27.33
C SER C 135 -21.41 -20.10 26.32
N GLY C 136 -22.32 -19.22 25.95
CA GLY C 136 -23.28 -19.57 24.93
C GLY C 136 -23.29 -18.53 23.83
N SER C 137 -22.37 -17.59 23.93
CA SER C 137 -22.38 -16.39 23.09
C SER C 137 -21.08 -16.30 22.30
N TYR C 138 -21.19 -15.96 21.02
CA TYR C 138 -20.00 -15.76 20.21
C TYR C 138 -19.22 -14.52 20.63
N VAL C 139 -19.87 -13.56 21.28
CA VAL C 139 -19.17 -12.35 21.69
C VAL C 139 -18.11 -12.66 22.74
N ILE C 140 -18.46 -13.46 23.75
CA ILE C 140 -17.50 -13.79 24.78
C ILE C 140 -16.36 -14.62 24.22
N THR C 141 -16.67 -15.69 23.48
CA THR C 141 -15.62 -16.51 22.92
C THR C 141 -14.83 -15.77 21.85
N ALA C 142 -15.39 -14.68 21.31
CA ALA C 142 -14.61 -13.84 20.42
C ALA C 142 -13.46 -13.19 21.18
N VAL C 143 -13.69 -12.81 22.43
CA VAL C 143 -12.70 -12.05 23.19
C VAL C 143 -11.84 -13.01 24.01
N VAL C 144 -12.44 -13.67 24.99
CA VAL C 144 -11.62 -14.55 25.83
C VAL C 144 -11.16 -15.78 25.06
N GLY C 145 -12.02 -16.36 24.23
CA GLY C 145 -11.64 -17.55 23.51
C GLY C 145 -10.52 -17.30 22.50
N SER C 146 -10.69 -16.31 21.64
CA SER C 146 -9.69 -16.06 20.62
C SER C 146 -8.43 -15.41 21.17
N LEU C 147 -8.51 -14.77 22.33
CA LEU C 147 -7.30 -14.33 23.01
C LEU C 147 -6.44 -15.52 23.41
N GLY C 148 -7.06 -16.54 23.98
CA GLY C 148 -6.33 -17.76 24.29
C GLY C 148 -5.93 -18.53 23.06
N TRP C 149 -6.60 -18.28 21.93
CA TRP C 149 -6.24 -18.95 20.68
C TRP C 149 -4.82 -18.59 20.26
N GLY C 150 -4.44 -17.33 20.40
CA GLY C 150 -3.11 -16.90 20.01
C GLY C 150 -2.06 -17.08 21.08
N LEU C 151 -2.43 -16.83 22.34
CA LEU C 151 -1.49 -17.02 23.43
C LEU C 151 -1.09 -18.47 23.60
N LEU C 152 -1.92 -19.41 23.15
CA LEU C 152 -1.64 -20.83 23.26
C LEU C 152 -0.90 -21.38 22.05
N PHE C 153 -0.73 -20.59 21.00
CA PHE C 153 -0.11 -21.10 19.78
C PHE C 153 1.34 -21.49 20.02
N TYR C 154 2.14 -20.58 20.56
CA TYR C 154 3.55 -20.89 20.80
C TYR C 154 3.74 -21.97 21.85
N PRO C 155 3.11 -21.91 23.03
CA PRO C 155 3.36 -22.97 24.03
C PRO C 155 3.01 -24.36 23.53
N ASN C 156 1.94 -24.49 22.76
CA ASN C 156 1.55 -25.80 22.25
C ASN C 156 2.36 -26.20 21.01
N ASN C 157 3.14 -25.28 20.45
CA ASN C 157 4.04 -25.60 19.37
C ASN C 157 5.49 -25.74 19.82
N TRP C 158 5.82 -25.24 21.01
CA TRP C 158 7.18 -25.35 21.51
C TRP C 158 7.68 -26.79 21.62
N PRO C 159 6.90 -27.77 22.11
CA PRO C 159 7.44 -29.13 22.19
C PRO C 159 7.89 -29.69 20.85
N ALA C 160 7.32 -29.21 19.75
CA ALA C 160 7.67 -29.74 18.43
C ALA C 160 8.90 -29.06 17.83
N ILE C 161 9.10 -27.77 18.05
CA ILE C 161 10.19 -27.04 17.42
C ILE C 161 11.33 -26.71 18.38
N ALA C 162 11.24 -27.11 19.64
CA ALA C 162 12.33 -26.84 20.57
C ALA C 162 13.60 -27.58 20.18
N ALA C 163 13.46 -28.84 19.74
CA ALA C 163 14.64 -29.64 19.42
C ALA C 163 15.43 -29.05 18.27
N PHE C 164 14.79 -28.26 17.42
CA PHE C 164 15.44 -27.66 16.27
C PHE C 164 16.02 -26.29 16.56
N HIS C 165 15.86 -25.78 17.78
CA HIS C 165 16.48 -24.54 18.19
C HIS C 165 17.76 -24.76 18.98
N GLN C 166 18.24 -26.00 19.05
CA GLN C 166 19.53 -26.26 19.66
C GLN C 166 20.64 -25.63 18.84
N ALA C 167 21.59 -25.00 19.52
CA ALA C 167 22.66 -24.29 18.85
C ALA C 167 23.69 -25.26 18.29
N THR C 168 24.17 -24.94 17.09
CA THR C 168 25.27 -25.68 16.48
C THR C 168 26.25 -24.68 15.90
N GLU C 169 27.49 -25.12 15.71
CA GLU C 169 28.57 -24.29 15.21
C GLU C 169 28.95 -24.78 13.82
N GLN C 170 28.89 -23.89 12.83
CA GLN C 170 29.19 -24.22 11.45
C GLN C 170 30.20 -23.21 10.91
N HIS C 171 31.42 -23.66 10.69
CA HIS C 171 32.48 -22.85 10.09
C HIS C 171 32.65 -21.53 10.83
N GLY C 172 32.79 -21.63 12.15
CA GLY C 172 32.95 -20.44 12.96
C GLY C 172 31.75 -19.52 12.97
N GLN C 173 30.54 -20.08 12.88
CA GLN C 173 29.33 -19.29 12.87
C GLN C 173 28.22 -20.07 13.57
N LEU C 174 27.45 -19.37 14.40
CA LEU C 174 26.38 -20.00 15.13
C LEU C 174 25.16 -20.20 14.24
N MET C 175 24.59 -21.40 14.29
CA MET C 175 23.40 -21.71 13.52
C MET C 175 22.47 -22.56 14.36
N THR C 176 21.18 -22.42 14.11
CA THR C 176 20.22 -23.32 14.73
C THR C 176 20.11 -24.61 13.94
N LEU C 177 19.53 -25.63 14.57
CA LEU C 177 19.27 -26.86 13.84
C LEU C 177 18.24 -26.64 12.73
N ALA C 178 17.25 -25.79 12.99
CA ALA C 178 16.28 -25.47 11.94
C ALA C 178 16.95 -24.79 10.76
N ASP C 179 17.83 -23.82 11.02
CA ASP C 179 18.57 -23.18 9.96
C ASP C 179 19.43 -24.18 9.19
N LEU C 180 20.07 -25.10 9.92
CA LEU C 180 20.91 -26.09 9.27
C LEU C 180 20.09 -27.01 8.37
N ILE C 181 18.93 -27.46 8.85
CA ILE C 181 18.08 -28.32 8.04
C ILE C 181 17.60 -27.58 6.80
N GLY C 182 17.20 -26.32 6.96
CA GLY C 182 16.82 -25.53 5.81
C GLY C 182 17.96 -25.29 4.85
N PHE C 183 19.19 -25.30 5.37
CA PHE C 183 20.37 -25.06 4.54
C PHE C 183 20.90 -26.35 3.92
N HIS C 184 20.86 -27.45 4.67
CA HIS C 184 21.41 -28.70 4.16
C HIS C 184 20.57 -29.25 3.02
N PHE C 185 19.26 -29.33 3.22
CA PHE C 185 18.36 -29.89 2.22
C PHE C 185 17.93 -28.75 1.28
N VAL C 186 18.56 -28.70 0.11
CA VAL C 186 18.45 -27.53 -0.75
C VAL C 186 17.03 -27.41 -1.29
N ARG C 187 16.45 -26.23 -1.13
CA ARG C 187 15.24 -25.84 -1.82
C ARG C 187 15.60 -24.83 -2.89
N THR C 188 15.15 -25.07 -4.12
CA THR C 188 15.53 -24.20 -5.23
C THR C 188 15.07 -22.77 -5.00
N SER C 189 13.76 -22.56 -4.97
CA SER C 189 13.20 -21.22 -4.87
C SER C 189 12.90 -20.83 -3.43
N MET C 190 13.89 -20.96 -2.54
CA MET C 190 13.76 -20.48 -1.16
C MET C 190 15.10 -19.90 -0.72
N PRO C 191 15.44 -18.72 -1.20
CA PRO C 191 16.62 -18.03 -0.66
C PRO C 191 16.38 -17.58 0.77
N GLU C 192 17.48 -17.32 1.47
CA GLU C 192 17.38 -16.95 2.87
C GLU C 192 16.70 -15.60 3.04
N TYR C 193 16.90 -14.67 2.09
CA TYR C 193 16.33 -13.34 2.24
C TYR C 193 14.80 -13.35 2.22
N ILE C 194 14.18 -14.41 1.68
CA ILE C 194 12.72 -14.49 1.61
C ILE C 194 12.10 -14.82 2.95
N ARG C 195 12.88 -15.34 3.90
CA ARG C 195 12.34 -16.05 5.05
C ARG C 195 11.35 -15.22 5.86
N MET C 196 11.44 -13.88 5.81
CA MET C 196 10.50 -13.00 6.49
C MET C 196 10.33 -13.42 7.95
N VAL C 197 11.43 -13.34 8.69
CA VAL C 197 11.47 -13.77 10.08
C VAL C 197 11.93 -12.59 10.93
N GLU C 198 11.92 -12.80 12.24
CA GLU C 198 12.38 -11.77 13.15
C GLU C 198 13.87 -11.58 13.01
N ARG C 199 14.28 -10.49 12.36
CA ARG C 199 15.68 -10.19 12.12
C ARG C 199 16.21 -9.15 13.09
N GLY C 200 15.45 -8.79 14.10
CA GLY C 200 15.88 -7.81 15.08
C GLY C 200 15.41 -6.41 14.74
N THR C 201 15.39 -5.55 15.75
CA THR C 201 15.05 -4.15 15.57
C THR C 201 15.57 -3.37 16.77
N LEU C 202 15.71 -2.06 16.60
CA LEU C 202 16.30 -1.24 17.65
C LEU C 202 15.35 -0.99 18.81
N ARG C 203 14.09 -1.41 18.72
CA ARG C 203 13.14 -1.27 19.81
C ARG C 203 12.62 -2.60 20.32
N THR C 204 13.36 -3.69 20.06
CA THR C 204 13.07 -4.96 20.71
C THR C 204 13.72 -4.95 22.09
N PHE C 205 12.90 -5.07 23.12
CA PHE C 205 13.36 -5.08 24.51
C PHE C 205 13.51 -6.53 24.92
N GLY C 206 14.57 -6.81 25.66
CA GLY C 206 15.03 -8.18 25.83
C GLY C 206 13.98 -9.10 26.45
N LYS C 207 14.00 -10.34 25.95
CA LYS C 207 13.28 -11.47 26.53
C LYS C 207 11.76 -11.33 26.47
N ASP C 208 11.22 -10.59 25.50
CA ASP C 208 9.76 -10.49 25.45
C ASP C 208 9.22 -10.51 24.02
N VAL C 209 9.99 -11.03 23.07
CA VAL C 209 9.54 -11.04 21.67
C VAL C 209 8.31 -11.94 21.53
N VAL C 210 8.41 -13.17 22.04
CA VAL C 210 7.31 -14.14 21.93
C VAL C 210 6.09 -13.68 22.70
N PRO C 211 6.21 -13.21 23.96
CA PRO C 211 5.00 -12.70 24.63
C PRO C 211 4.33 -11.56 23.90
N VAL C 212 5.12 -10.67 23.28
CA VAL C 212 4.53 -9.56 22.54
C VAL C 212 3.82 -10.08 21.29
N ALA C 213 4.47 -10.98 20.55
CA ALA C 213 3.88 -11.49 19.32
C ALA C 213 2.60 -12.27 19.60
N ALA C 214 2.63 -13.12 20.63
CA ALA C 214 1.45 -13.91 20.97
C ALA C 214 0.29 -13.03 21.38
N PHE C 215 0.56 -12.00 22.19
CA PHE C 215 -0.51 -11.09 22.58
C PHE C 215 -1.03 -10.32 21.38
N PHE C 216 -0.14 -9.84 20.51
CA PHE C 216 -0.59 -9.16 19.31
C PHE C 216 -1.45 -10.10 18.47
N SER C 217 -0.91 -11.26 18.12
CA SER C 217 -1.63 -12.16 17.22
C SER C 217 -2.91 -12.67 17.86
N GLY C 218 -2.83 -13.08 19.12
CA GLY C 218 -3.99 -13.65 19.76
C GLY C 218 -5.08 -12.66 20.06
N PHE C 219 -4.74 -11.39 20.27
CA PHE C 219 -5.76 -10.47 20.75
C PHE C 219 -6.37 -9.72 19.59
N VAL C 220 -5.63 -9.59 18.48
CA VAL C 220 -6.20 -9.16 17.20
C VAL C 220 -7.22 -10.15 16.68
N SER C 221 -7.08 -11.44 17.01
CA SER C 221 -7.93 -12.45 16.38
C SER C 221 -9.41 -12.18 16.60
N MET C 222 -9.76 -11.42 17.63
CA MET C 222 -11.17 -11.13 17.86
C MET C 222 -11.77 -10.33 16.72
N MET C 223 -10.99 -9.42 16.11
CA MET C 223 -11.49 -8.78 14.89
C MET C 223 -11.72 -9.82 13.81
N VAL C 224 -10.73 -10.68 13.57
CA VAL C 224 -10.87 -11.72 12.58
C VAL C 224 -11.94 -12.72 12.99
N TYR C 225 -12.03 -13.04 14.29
CA TYR C 225 -13.05 -13.98 14.74
C TYR C 225 -14.44 -13.43 14.50
N PHE C 226 -14.66 -12.15 14.82
CA PHE C 226 -15.96 -11.54 14.56
C PHE C 226 -16.28 -11.56 13.07
N LEU C 227 -15.35 -11.08 12.26
CA LEU C 227 -15.60 -10.99 10.82
C LEU C 227 -15.92 -12.36 10.25
N TRP C 228 -15.15 -13.38 10.63
CA TRP C 228 -15.35 -14.70 10.07
C TRP C 228 -16.50 -15.47 10.69
N TRP C 229 -16.87 -15.19 11.93
CA TRP C 229 -18.12 -15.72 12.45
C TRP C 229 -19.29 -15.22 11.63
N PHE C 230 -19.32 -13.91 11.37
CA PHE C 230 -20.44 -13.39 10.59
C PHE C 230 -20.36 -13.82 9.14
N MET C 231 -19.15 -14.03 8.61
CA MET C 231 -19.05 -14.53 7.24
C MET C 231 -19.52 -15.98 7.15
N GLY C 232 -19.23 -16.79 8.17
CA GLY C 232 -19.79 -18.13 8.22
C GLY C 232 -21.29 -18.12 8.37
N ARG C 233 -21.83 -17.15 9.12
CA ARG C 233 -23.28 -17.00 9.17
C ARG C 233 -23.84 -16.68 7.79
N TRP C 234 -23.17 -15.80 7.06
CA TRP C 234 -23.63 -15.48 5.71
C TRP C 234 -23.54 -16.68 4.78
N TYR C 235 -22.46 -17.46 4.88
CA TYR C 235 -22.34 -18.67 4.08
C TYR C 235 -23.37 -19.72 4.47
N SER C 236 -23.96 -19.59 5.65
CA SER C 236 -25.01 -20.48 6.09
C SER C 236 -26.38 -20.03 5.64
N THR C 237 -26.46 -19.12 4.68
CA THR C 237 -27.73 -18.59 4.24
C THR C 237 -28.54 -19.66 3.53
N THR C 238 -29.85 -19.63 3.74
CA THR C 238 -30.79 -20.48 3.03
C THR C 238 -31.55 -19.71 1.95
N LYS C 239 -31.08 -18.51 1.63
CA LYS C 239 -31.79 -17.67 0.67
C LYS C 239 -31.79 -18.30 -0.72
N VAL C 240 -32.93 -18.22 -1.39
CA VAL C 240 -33.07 -18.64 -2.78
C VAL C 240 -33.43 -17.42 -3.61
N ILE C 241 -32.60 -17.14 -4.61
CA ILE C 241 -32.82 -15.99 -5.47
C ILE C 241 -33.62 -16.46 -6.68
N ASP C 242 -34.51 -15.58 -7.16
CA ASP C 242 -35.42 -15.95 -8.23
C ASP C 242 -34.74 -16.07 -9.58
N THR C 243 -33.74 -15.23 -9.86
CA THR C 243 -33.09 -15.23 -11.16
C THR C 243 -31.59 -15.09 -10.99
N ILE C 244 -30.86 -15.51 -12.01
CA ILE C 244 -29.41 -15.37 -12.02
C ILE C 244 -28.97 -14.67 -13.30
N ALA D 1 -51.27 15.29 39.48
CA ALA D 1 -50.11 14.42 39.32
C ALA D 1 -49.85 14.11 37.85
N VAL D 2 -48.59 14.21 37.45
CA VAL D 2 -48.17 13.95 36.07
C VAL D 2 -47.28 12.71 36.12
N GLY D 3 -47.86 11.55 35.86
CA GLY D 3 -47.13 10.30 35.93
C GLY D 3 -45.96 10.28 34.97
N PRO D 4 -44.84 9.70 35.42
CA PRO D 4 -44.68 9.08 36.75
C PRO D 4 -44.13 10.02 37.80
N PHE D 5 -44.49 11.30 37.75
CA PHE D 5 -44.01 12.29 38.70
C PHE D 5 -45.16 12.75 39.60
N ASN D 6 -44.81 13.06 40.84
CA ASN D 6 -45.83 13.46 41.81
C ASN D 6 -46.50 14.77 41.42
N SER D 7 -45.73 15.75 40.98
CA SER D 7 -46.27 17.06 40.68
C SER D 7 -45.54 17.64 39.48
N VAL D 8 -46.00 18.82 39.04
CA VAL D 8 -45.40 19.47 37.89
C VAL D 8 -43.99 19.97 38.23
N ALA D 9 -43.79 20.44 39.46
CA ALA D 9 -42.48 20.92 39.86
C ALA D 9 -41.47 19.78 39.92
N GLU D 10 -41.88 18.64 40.45
CA GLU D 10 -40.99 17.48 40.47
C GLU D 10 -40.63 17.04 39.06
N ALA D 11 -41.61 17.06 38.15
CA ALA D 11 -41.32 16.70 36.76
C ALA D 11 -40.33 17.66 36.14
N ALA D 12 -40.51 18.97 36.35
CA ALA D 12 -39.60 19.94 35.78
C ALA D 12 -38.18 19.78 36.35
N GLY D 13 -38.08 19.58 37.66
CA GLY D 13 -36.76 19.39 38.25
C GLY D 13 -36.07 18.13 37.77
N CYS D 14 -36.83 17.03 37.68
CA CYS D 14 -36.27 15.79 37.15
C CYS D 14 -35.80 15.97 35.71
N VAL D 15 -36.60 16.64 34.89
CA VAL D 15 -36.23 16.85 33.50
C VAL D 15 -34.96 17.67 33.40
N GLN D 16 -34.86 18.74 34.21
CA GLN D 16 -33.65 19.56 34.17
C GLN D 16 -32.43 18.78 34.61
N THR D 17 -32.54 18.02 35.70
CA THR D 17 -31.39 17.26 36.18
C THR D 17 -30.97 16.20 35.19
N VAL D 18 -31.92 15.49 34.60
CA VAL D 18 -31.58 14.47 33.61
C VAL D 18 -31.00 15.12 32.36
N ASP D 19 -31.47 16.32 31.99
CA ASP D 19 -30.88 17.04 30.88
C ASP D 19 -29.42 17.33 31.13
N TRP D 20 -29.10 17.83 32.33
CA TRP D 20 -27.71 18.12 32.66
C TRP D 20 -26.87 16.84 32.65
N MET D 21 -27.40 15.76 33.22
CA MET D 21 -26.65 14.51 33.23
C MET D 21 -26.41 13.99 31.82
N LEU D 22 -27.43 14.07 30.96
CA LEU D 22 -27.26 13.61 29.58
C LEU D 22 -26.24 14.47 28.84
N LEU D 23 -26.28 15.78 29.05
CA LEU D 23 -25.33 16.66 28.38
C LEU D 23 -23.90 16.32 28.79
N VAL D 24 -23.66 16.16 30.09
CA VAL D 24 -22.32 15.80 30.55
C VAL D 24 -21.92 14.44 30.03
N LEU D 25 -22.85 13.47 30.10
CA LEU D 25 -22.55 12.10 29.70
C LEU D 25 -22.19 12.00 28.23
N LEU D 26 -22.83 12.81 27.39
CA LEU D 26 -22.47 12.77 25.98
C LEU D 26 -21.19 13.55 25.71
N PHE D 27 -21.08 14.76 26.26
CA PHE D 27 -19.90 15.59 26.04
C PHE D 27 -18.65 14.83 26.41
N PHE D 28 -18.61 14.26 27.60
CA PHE D 28 -17.59 13.28 27.90
C PHE D 28 -17.91 12.00 27.16
N ALA D 29 -16.87 11.28 26.78
CA ALA D 29 -16.91 10.07 25.96
C ALA D 29 -17.20 10.36 24.50
N VAL D 30 -17.82 11.51 24.17
CA VAL D 30 -17.62 12.00 22.82
C VAL D 30 -16.25 12.65 22.73
N LEU D 31 -15.90 13.41 23.77
CA LEU D 31 -14.53 13.84 23.94
C LEU D 31 -13.59 12.65 23.94
N GLY D 32 -13.97 11.57 24.61
CA GLY D 32 -13.10 10.40 24.67
C GLY D 32 -12.82 9.80 23.31
N GLY D 33 -13.89 9.42 22.59
CA GLY D 33 -13.69 8.84 21.27
C GLY D 33 -12.99 9.78 20.31
N TYR D 34 -13.43 11.05 20.28
CA TYR D 34 -12.84 12.02 19.37
C TYR D 34 -11.37 12.27 19.69
N HIS D 35 -11.02 12.35 20.98
CA HIS D 35 -9.64 12.58 21.35
C HIS D 35 -8.77 11.39 20.99
N VAL D 36 -9.26 10.18 21.21
CA VAL D 36 -8.49 8.99 20.80
C VAL D 36 -8.25 9.03 19.30
N HIS D 37 -9.31 9.27 18.53
CA HIS D 37 -9.20 9.23 17.08
C HIS D 37 -8.26 10.31 16.57
N PHE D 38 -8.42 11.54 17.07
CA PHE D 38 -7.58 12.64 16.63
C PHE D 38 -6.14 12.43 17.05
N MET D 39 -5.92 11.91 18.26
CA MET D 39 -4.58 11.66 18.76
C MET D 39 -3.85 10.67 17.88
N LEU D 40 -4.51 9.57 17.54
CA LEU D 40 -3.82 8.47 16.88
C LEU D 40 -3.89 8.54 15.37
N THR D 41 -4.68 9.45 14.80
CA THR D 41 -4.68 9.67 13.35
C THR D 41 -4.17 11.06 12.99
N ALA D 42 -4.78 12.11 13.55
CA ALA D 42 -4.42 13.46 13.19
C ALA D 42 -3.12 13.91 13.84
N GLY D 43 -2.38 12.99 14.43
CA GLY D 43 -1.10 13.33 15.01
C GLY D 43 -1.25 13.99 16.36
N ASP D 44 -0.14 14.43 16.96
CA ASP D 44 1.29 14.37 16.54
C ASP D 44 1.52 15.37 15.39
N TRP D 45 0.44 15.92 14.85
CA TRP D 45 0.47 17.20 14.17
C TRP D 45 -0.07 18.32 15.04
N ASP D 46 -1.02 18.00 15.91
CA ASP D 46 -1.46 18.95 16.92
C ASP D 46 -0.46 19.05 18.07
N PHE D 47 0.45 18.08 18.17
CA PHE D 47 1.34 18.04 19.32
C PHE D 47 2.43 19.10 19.23
N TRP D 48 2.99 19.31 18.04
CA TRP D 48 4.22 20.07 17.89
C TRP D 48 4.02 21.23 16.94
N VAL D 49 4.55 22.40 17.31
CA VAL D 49 4.39 23.59 16.48
C VAL D 49 5.23 23.47 15.21
N ASP D 50 6.37 22.78 15.27
CA ASP D 50 7.19 22.59 14.09
C ASP D 50 6.59 21.57 13.13
N TRP D 51 5.49 20.93 13.50
CA TRP D 51 4.75 20.09 12.57
C TRP D 51 3.64 20.84 11.84
N LYS D 52 3.28 22.05 12.30
CA LYS D 52 2.19 22.80 11.70
C LYS D 52 2.69 23.55 10.47
N ASP D 53 2.89 22.78 9.40
CA ASP D 53 3.44 23.31 8.16
C ASP D 53 2.32 23.91 7.31
N ARG D 54 2.63 24.24 6.06
CA ARG D 54 1.67 24.86 5.17
C ARG D 54 0.89 23.86 4.33
N ARG D 55 1.37 22.63 4.20
CA ARG D 55 0.71 21.65 3.34
C ARG D 55 0.10 20.50 4.10
N MET D 56 0.89 19.76 4.88
CA MET D 56 0.39 18.53 5.48
C MET D 56 -0.58 18.81 6.62
N TRP D 57 -0.21 19.72 7.52
CA TRP D 57 -1.04 19.97 8.69
C TRP D 57 -2.43 20.50 8.34
N PRO D 58 -2.58 21.57 7.55
CA PRO D 58 -3.93 22.01 7.19
C PRO D 58 -4.65 21.05 6.27
N THR D 59 -3.97 20.01 5.81
CA THR D 59 -4.61 18.95 5.05
C THR D 59 -5.05 17.80 5.95
N VAL D 60 -4.13 17.29 6.78
CA VAL D 60 -4.44 16.14 7.61
C VAL D 60 -5.46 16.50 8.68
N VAL D 61 -5.23 17.60 9.40
CA VAL D 61 -6.01 17.87 10.60
C VAL D 61 -7.49 18.11 10.29
N PRO D 62 -7.87 18.95 9.32
CA PRO D 62 -9.32 19.13 9.08
C PRO D 62 -10.02 17.87 8.62
N ILE D 63 -9.38 17.12 7.72
CA ILE D 63 -10.00 15.89 7.20
C ILE D 63 -10.26 14.91 8.32
N LEU D 64 -9.29 14.72 9.20
CA LEU D 64 -9.42 13.77 10.30
C LEU D 64 -10.22 14.32 11.46
N GLY D 65 -10.45 15.63 11.50
CA GLY D 65 -11.19 16.23 12.59
C GLY D 65 -12.66 16.37 12.30
N VAL D 66 -13.02 16.43 11.02
CA VAL D 66 -14.43 16.57 10.66
C VAL D 66 -15.24 15.33 11.00
N THR D 67 -14.59 14.22 11.34
CA THR D 67 -15.25 12.94 11.55
C THR D 67 -16.27 12.97 12.68
N PHE D 68 -15.79 13.17 13.90
CA PHE D 68 -16.70 13.17 15.03
C PHE D 68 -17.60 14.40 15.04
N CYS D 69 -17.17 15.49 14.41
CA CYS D 69 -18.08 16.61 14.24
C CYS D 69 -19.29 16.22 13.42
N ALA D 70 -19.07 15.52 12.31
CA ALA D 70 -20.18 15.04 11.50
C ALA D 70 -21.03 14.03 12.26
N ALA D 71 -20.38 13.13 12.99
CA ALA D 71 -21.14 12.13 13.75
C ALA D 71 -22.01 12.79 14.81
N SER D 72 -21.46 13.74 15.55
CA SER D 72 -22.24 14.43 16.58
C SER D 72 -23.33 15.28 15.96
N GLN D 73 -23.08 15.88 14.80
CA GLN D 73 -24.15 16.61 14.12
C GLN D 73 -25.28 15.67 13.73
N ALA D 74 -24.94 14.48 13.23
CA ALA D 74 -25.97 13.51 12.91
C ALA D 74 -26.75 13.09 14.14
N PHE D 75 -26.08 12.91 15.26
CA PHE D 75 -26.78 12.53 16.47
C PHE D 75 -27.71 13.64 16.96
N TRP D 76 -27.19 14.85 17.09
CA TRP D 76 -27.96 15.93 17.70
C TRP D 76 -29.06 16.44 16.77
N TRP D 77 -28.73 16.69 15.51
CA TRP D 77 -29.70 17.31 14.62
C TRP D 77 -30.88 16.39 14.32
N VAL D 78 -30.61 15.12 14.07
CA VAL D 78 -31.67 14.20 13.68
C VAL D 78 -32.62 13.94 14.86
N ASN D 79 -32.06 13.80 16.05
CA ASN D 79 -32.85 13.38 17.21
C ASN D 79 -33.30 14.53 18.09
N PHE D 80 -32.66 15.69 18.02
CA PHE D 80 -33.02 16.82 18.86
C PHE D 80 -33.15 18.14 18.13
N ARG D 81 -32.70 18.23 16.87
CA ARG D 81 -32.65 19.48 16.12
C ARG D 81 -31.75 20.52 16.79
N LEU D 82 -30.93 20.11 17.74
CA LEU D 82 -30.03 21.04 18.40
C LEU D 82 -28.81 21.29 17.52
N PRO D 83 -28.56 22.53 17.12
CA PRO D 83 -27.51 22.83 16.16
C PRO D 83 -26.14 23.13 16.79
N PHE D 84 -25.64 22.19 17.60
CA PHE D 84 -24.32 22.39 18.18
C PHE D 84 -23.46 21.13 18.14
N GLY D 85 -23.82 20.15 17.32
CA GLY D 85 -23.11 18.87 17.34
C GLY D 85 -21.66 19.00 16.95
N ALA D 86 -21.38 19.70 15.84
CA ALA D 86 -20.00 19.91 15.43
C ALA D 86 -19.25 20.75 16.46
N VAL D 87 -19.89 21.80 16.95
CA VAL D 87 -19.29 22.60 18.02
C VAL D 87 -19.11 21.75 19.26
N PHE D 88 -20.06 20.85 19.52
CA PHE D 88 -19.95 19.93 20.64
C PHE D 88 -18.66 19.13 20.57
N ALA D 89 -18.44 18.46 19.43
CA ALA D 89 -17.27 17.62 19.28
C ALA D 89 -15.98 18.44 19.30
N ALA D 90 -15.97 19.57 18.60
CA ALA D 90 -14.76 20.38 18.55
C ALA D 90 -14.41 20.95 19.91
N LEU D 91 -15.42 21.42 20.66
CA LEU D 91 -15.16 21.96 21.98
C LEU D 91 -14.66 20.86 22.91
N GLY D 92 -15.23 19.66 22.82
CA GLY D 92 -14.71 18.57 23.62
C GLY D 92 -13.25 18.27 23.30
N LEU D 93 -12.93 18.19 22.02
CA LEU D 93 -11.55 17.90 21.63
C LEU D 93 -10.61 18.98 22.12
N LEU D 94 -10.99 20.25 21.95
CA LEU D 94 -10.11 21.32 22.35
C LEU D 94 -9.96 21.39 23.86
N ILE D 95 -11.03 21.15 24.61
CA ILE D 95 -10.95 21.15 26.06
C ILE D 95 -10.00 20.07 26.53
N GLY D 96 -10.20 18.84 26.05
CA GLY D 96 -9.32 17.76 26.46
C GLY D 96 -7.87 18.01 26.08
N GLU D 97 -7.65 18.47 24.83
CA GLU D 97 -6.29 18.72 24.38
C GLU D 97 -5.63 19.81 25.19
N TRP D 98 -6.32 20.93 25.42
CA TRP D 98 -5.71 22.02 26.18
C TRP D 98 -5.44 21.61 27.61
N ILE D 99 -6.38 20.90 28.23
CA ILE D 99 -6.17 20.44 29.60
C ILE D 99 -4.92 19.58 29.67
N ASN D 100 -4.76 18.65 28.74
CA ASN D 100 -3.65 17.72 28.87
C ASN D 100 -2.34 18.39 28.46
N ARG D 101 -2.38 19.30 27.48
CA ARG D 101 -1.19 20.08 27.15
C ARG D 101 -0.69 20.84 28.36
N TYR D 102 -1.59 21.55 29.05
CA TYR D 102 -1.17 22.34 30.19
C TYR D 102 -0.76 21.47 31.37
N VAL D 103 -1.45 20.35 31.58
CA VAL D 103 -1.21 19.53 32.77
C VAL D 103 -0.10 18.52 32.54
N ASN D 104 -0.01 17.93 31.36
CA ASN D 104 0.92 16.84 31.12
C ASN D 104 2.13 17.27 30.29
N PHE D 105 1.90 17.89 29.13
CA PHE D 105 3.04 18.31 28.31
C PHE D 105 3.84 19.38 29.03
N TRP D 106 3.16 20.34 29.66
CA TRP D 106 3.82 21.43 30.36
C TRP D 106 3.91 21.17 31.86
N GLY D 107 2.82 20.75 32.49
CA GLY D 107 2.85 20.50 33.92
C GLY D 107 3.75 19.36 34.30
N TRP D 108 3.72 18.26 33.53
CA TRP D 108 4.54 17.10 33.84
C TRP D 108 5.92 17.20 33.21
N THR D 109 5.98 17.27 31.88
CA THR D 109 7.24 17.17 31.17
C THR D 109 7.90 18.52 30.92
N TYR D 110 7.29 19.61 31.37
CA TYR D 110 7.87 20.96 31.25
C TYR D 110 8.18 21.31 29.80
N PHE D 111 7.35 20.86 28.90
CA PHE D 111 7.43 21.38 27.54
C PHE D 111 6.71 22.71 27.44
N PRO D 112 7.35 23.75 26.90
CA PRO D 112 6.69 25.05 26.84
C PRO D 112 5.40 24.99 26.04
N ILE D 113 4.42 25.78 26.47
CA ILE D 113 3.12 25.79 25.80
C ILE D 113 3.25 26.21 24.34
N SER D 114 4.20 27.11 24.06
CA SER D 114 4.42 27.55 22.69
C SER D 114 4.82 26.40 21.78
N LEU D 115 5.27 25.29 22.34
CA LEU D 115 5.67 24.12 21.56
C LEU D 115 4.55 23.11 21.37
N VAL D 116 3.63 23.01 22.33
CA VAL D 116 2.68 21.91 22.36
C VAL D 116 1.23 22.38 22.28
N PHE D 117 1.00 23.64 21.95
CA PHE D 117 -0.38 24.12 21.87
C PHE D 117 -1.10 23.46 20.70
N PRO D 118 -2.39 23.18 20.85
CA PRO D 118 -3.15 22.51 19.78
C PRO D 118 -3.57 23.51 18.71
N SER D 119 -4.27 22.97 17.70
CA SER D 119 -4.76 23.78 16.60
C SER D 119 -6.23 24.14 16.84
N ALA D 120 -6.56 25.40 16.55
CA ALA D 120 -7.92 25.87 16.76
C ALA D 120 -8.88 25.22 15.77
N LEU D 121 -10.08 24.87 16.27
CA LEU D 121 -11.11 24.29 15.42
C LEU D 121 -12.49 24.86 15.72
N ILE D 122 -12.60 25.87 16.58
CA ILE D 122 -13.91 26.39 16.95
C ILE D 122 -14.57 27.08 15.77
N VAL D 123 -13.81 27.87 15.01
CA VAL D 123 -14.40 28.59 13.88
C VAL D 123 -14.94 27.64 12.81
N PRO D 124 -14.19 26.64 12.34
CA PRO D 124 -14.77 25.70 11.37
C PRO D 124 -15.97 24.96 11.93
N ALA D 125 -15.95 24.62 13.22
CA ALA D 125 -17.09 23.92 13.81
C ALA D 125 -18.32 24.81 13.84
N ILE D 126 -18.14 26.09 14.18
CA ILE D 126 -19.26 27.02 14.17
C ILE D 126 -19.81 27.17 12.77
N TRP D 127 -18.92 27.26 11.78
CA TRP D 127 -19.36 27.34 10.39
C TRP D 127 -20.19 26.12 10.02
N LEU D 128 -19.70 24.92 10.38
CA LEU D 128 -20.42 23.69 10.06
C LEU D 128 -21.78 23.66 10.74
N ASP D 129 -21.83 24.02 12.02
CA ASP D 129 -23.09 23.95 12.76
C ASP D 129 -24.09 24.95 12.21
N VAL D 130 -23.65 26.15 11.86
CA VAL D 130 -24.58 27.14 11.34
C VAL D 130 -25.07 26.73 9.97
N ILE D 131 -24.18 26.19 9.13
CA ILE D 131 -24.60 25.75 7.80
C ILE D 131 -25.65 24.65 7.93
N LEU D 132 -25.45 23.72 8.87
CA LEU D 132 -26.50 22.75 9.13
C LEU D 132 -27.76 23.40 9.71
N LEU D 133 -27.61 24.52 10.42
CA LEU D 133 -28.75 25.19 11.03
C LEU D 133 -29.54 25.99 10.02
N LEU D 134 -28.86 26.80 9.21
CA LEU D 134 -29.55 27.58 8.19
C LEU D 134 -30.22 26.68 7.17
N SER D 135 -29.49 25.68 6.69
CA SER D 135 -30.12 24.62 5.93
C SER D 135 -30.86 23.68 6.88
N GLY D 136 -31.40 22.61 6.32
CA GLY D 136 -32.02 21.60 7.14
C GLY D 136 -31.56 20.22 6.73
N SER D 137 -30.61 20.18 5.80
CA SER D 137 -30.21 18.95 5.15
C SER D 137 -28.73 18.70 5.38
N TYR D 138 -28.38 17.45 5.70
CA TYR D 138 -26.97 17.10 5.80
C TYR D 138 -26.29 17.09 4.45
N VAL D 139 -27.04 16.90 3.36
CA VAL D 139 -26.42 16.93 2.03
C VAL D 139 -25.86 18.30 1.74
N ILE D 140 -26.61 19.36 2.02
CA ILE D 140 -26.11 20.70 1.78
C ILE D 140 -24.94 21.00 2.72
N THR D 141 -25.11 20.74 4.02
CA THR D 141 -24.04 21.04 4.96
C THR D 141 -22.85 20.10 4.78
N ALA D 142 -23.02 18.98 4.07
CA ALA D 142 -21.88 18.17 3.71
C ALA D 142 -20.98 18.90 2.73
N VAL D 143 -21.57 19.63 1.77
CA VAL D 143 -20.80 20.24 0.70
C VAL D 143 -20.36 21.64 1.09
N VAL D 144 -21.32 22.56 1.25
CA VAL D 144 -20.92 23.93 1.54
C VAL D 144 -20.37 24.04 2.96
N GLY D 145 -20.95 23.30 3.91
CA GLY D 145 -20.46 23.38 5.27
C GLY D 145 -19.05 22.84 5.42
N SER D 146 -18.80 21.63 4.92
CA SER D 146 -17.49 21.04 5.12
C SER D 146 -16.44 21.64 4.19
N LEU D 147 -16.85 22.25 3.08
CA LEU D 147 -15.89 22.99 2.27
C LEU D 147 -15.35 24.18 3.04
N GLY D 148 -16.22 24.89 3.75
CA GLY D 148 -15.76 25.96 4.61
C GLY D 148 -15.04 25.44 5.84
N TRP D 149 -15.30 24.20 6.23
CA TRP D 149 -14.60 23.62 7.36
C TRP D 149 -13.10 23.52 7.10
N GLY D 150 -12.72 23.26 5.85
CA GLY D 150 -11.31 23.17 5.51
C GLY D 150 -10.71 24.51 5.17
N LEU D 151 -11.44 25.35 4.45
CA LEU D 151 -10.93 26.66 4.08
C LEU D 151 -10.77 27.58 5.29
N LEU D 152 -11.45 27.29 6.40
CA LEU D 152 -11.37 28.12 7.58
C LEU D 152 -10.34 27.63 8.58
N PHE D 153 -9.68 26.51 8.31
CA PHE D 153 -8.75 25.95 9.29
C PHE D 153 -7.50 26.83 9.43
N TYR D 154 -6.75 26.99 8.35
CA TYR D 154 -5.56 27.84 8.40
C TYR D 154 -5.87 29.28 8.79
N PRO D 155 -6.86 29.96 8.20
CA PRO D 155 -7.11 31.36 8.61
C PRO D 155 -7.41 31.52 10.09
N ASN D 156 -8.15 30.59 10.67
CA ASN D 156 -8.47 30.70 12.10
C ASN D 156 -7.33 30.19 12.98
N ASN D 157 -6.33 29.55 12.40
CA ASN D 157 -5.17 29.08 13.15
C ASN D 157 -3.96 29.99 13.00
N TRP D 158 -3.94 30.83 11.96
CA TRP D 158 -2.85 31.75 11.68
C TRP D 158 -2.57 32.72 12.83
N PRO D 159 -3.59 33.29 13.50
CA PRO D 159 -3.28 34.19 14.62
C PRO D 159 -2.46 33.54 15.72
N ALA D 160 -2.59 32.24 15.91
CA ALA D 160 -1.86 31.56 16.98
C ALA D 160 -0.47 31.12 16.57
N ILE D 161 -0.22 30.90 15.28
CA ILE D 161 1.08 30.40 14.82
C ILE D 161 1.87 31.43 14.04
N ALA D 162 1.33 32.62 13.81
CA ALA D 162 2.07 33.63 13.06
C ALA D 162 3.33 34.04 13.81
N ALA D 163 3.24 34.21 15.13
CA ALA D 163 4.39 34.65 15.91
C ALA D 163 5.54 33.66 15.84
N PHE D 164 5.27 32.39 15.55
CA PHE D 164 6.32 31.39 15.49
C PHE D 164 6.88 31.19 14.10
N HIS D 165 6.35 31.89 13.10
CA HIS D 165 6.93 31.89 11.76
C HIS D 165 7.84 33.07 11.54
N GLN D 166 8.13 33.83 12.59
CA GLN D 166 9.13 34.90 12.49
C GLN D 166 10.51 34.30 12.25
N ALA D 167 11.27 34.91 11.35
CA ALA D 167 12.55 34.37 10.95
C ALA D 167 13.64 34.76 11.93
N THR D 168 14.54 33.82 12.20
CA THR D 168 15.72 34.08 13.01
C THR D 168 16.93 33.47 12.33
N GLU D 169 18.10 34.00 12.64
CA GLU D 169 19.35 33.54 12.05
C GLU D 169 20.13 32.77 13.10
N GLN D 170 20.42 31.51 12.81
CA GLN D 170 21.15 30.63 13.71
C GLN D 170 22.34 30.05 12.97
N HIS D 171 23.55 30.49 13.37
CA HIS D 171 24.80 29.96 12.83
C HIS D 171 24.83 30.02 11.31
N GLY D 172 24.46 31.18 10.77
CA GLY D 172 24.47 31.37 9.33
C GLY D 172 23.49 30.52 8.57
N GLN D 173 22.34 30.23 9.16
CA GLN D 173 21.32 29.43 8.49
C GLN D 173 19.95 29.88 9.00
N LEU D 174 19.06 30.16 8.07
CA LEU D 174 17.73 30.65 8.41
C LEU D 174 16.89 29.56 9.05
N MET D 175 16.25 29.89 10.16
CA MET D 175 15.31 28.98 10.79
C MET D 175 14.12 29.78 11.28
N THR D 176 12.96 29.13 11.33
CA THR D 176 11.79 29.78 11.89
C THR D 176 11.84 29.73 13.41
N LEU D 177 10.98 30.53 14.03
CA LEU D 177 10.87 30.47 15.49
C LEU D 177 10.33 29.12 15.94
N ALA D 178 9.38 28.55 15.21
CA ALA D 178 8.85 27.24 15.55
C ALA D 178 9.92 26.17 15.45
N ASP D 179 10.73 26.22 14.39
CA ASP D 179 11.85 25.29 14.26
C ASP D 179 12.82 25.44 15.42
N LEU D 180 13.08 26.68 15.83
CA LEU D 180 13.99 26.91 16.94
C LEU D 180 13.44 26.35 18.25
N ILE D 181 12.13 26.54 18.48
CA ILE D 181 11.52 26.00 19.70
C ILE D 181 11.58 24.48 19.69
N GLY D 182 11.28 23.87 18.55
CA GLY D 182 11.37 22.42 18.46
C GLY D 182 12.78 21.91 18.64
N PHE D 183 13.76 22.67 18.15
CA PHE D 183 15.17 22.28 18.26
C PHE D 183 15.72 22.54 19.66
N HIS D 184 15.31 23.63 20.30
CA HIS D 184 15.84 23.97 21.61
C HIS D 184 15.37 22.98 22.66
N PHE D 185 14.06 22.87 22.83
CA PHE D 185 13.48 22.00 23.86
C PHE D 185 13.50 20.58 23.32
N VAL D 186 14.47 19.79 23.79
CA VAL D 186 14.77 18.52 23.16
C VAL D 186 13.67 17.51 23.45
N ARG D 187 13.19 16.86 22.39
CA ARG D 187 12.33 15.70 22.50
C ARG D 187 13.14 14.48 22.09
N THR D 188 13.14 13.44 22.92
CA THR D 188 13.98 12.28 22.67
C THR D 188 13.62 11.62 21.36
N SER D 189 12.43 11.04 21.28
CA SER D 189 12.01 10.27 20.10
C SER D 189 11.28 11.14 19.09
N MET D 190 11.87 12.26 18.71
CA MET D 190 11.33 13.12 17.65
C MET D 190 12.47 13.73 16.87
N PRO D 191 13.01 13.00 15.90
CA PRO D 191 14.01 13.59 15.01
C PRO D 191 13.36 14.55 14.03
N GLU D 192 14.21 15.21 13.24
CA GLU D 192 13.70 16.16 12.26
C GLU D 192 13.15 15.46 11.04
N TYR D 193 13.74 14.32 10.65
CA TYR D 193 13.36 13.69 9.40
C TYR D 193 11.93 13.14 9.43
N ILE D 194 11.36 12.95 10.62
CA ILE D 194 10.06 12.33 10.77
C ILE D 194 8.95 13.38 10.69
N ARG D 195 9.30 14.67 10.60
CA ARG D 195 8.35 15.75 10.80
C ARG D 195 7.18 15.71 9.82
N MET D 196 7.34 15.09 8.66
CA MET D 196 6.26 14.95 7.67
C MET D 196 5.62 16.31 7.37
N VAL D 197 6.46 17.24 6.93
CA VAL D 197 6.05 18.60 6.64
C VAL D 197 6.34 18.88 5.17
N GLU D 198 5.88 20.04 4.71
CA GLU D 198 6.11 20.46 3.33
C GLU D 198 7.60 20.71 3.14
N ARG D 199 8.26 19.82 2.40
CA ARG D 199 9.69 19.91 2.16
C ARG D 199 10.01 20.39 0.75
N GLY D 200 9.02 20.75 -0.04
CA GLY D 200 9.23 21.19 -1.40
C GLY D 200 8.93 20.09 -2.41
N THR D 201 8.73 20.52 -3.65
CA THR D 201 8.48 19.62 -4.77
C THR D 201 8.56 20.44 -6.05
N LEU D 202 9.02 19.80 -7.13
CA LEU D 202 9.32 20.52 -8.36
C LEU D 202 8.09 21.11 -9.04
N ARG D 203 6.87 20.76 -8.61
CA ARG D 203 5.68 21.32 -9.23
C ARG D 203 4.82 22.13 -8.27
N THR D 204 5.38 22.59 -7.15
CA THR D 204 4.66 23.49 -6.28
C THR D 204 4.83 24.91 -6.82
N PHE D 205 3.90 25.33 -7.67
CA PHE D 205 3.93 26.64 -8.28
C PHE D 205 3.65 27.67 -7.19
N GLY D 206 4.66 28.44 -6.83
CA GLY D 206 4.67 29.20 -5.60
C GLY D 206 3.52 30.13 -5.32
N LYS D 207 3.43 30.59 -4.07
CA LYS D 207 2.43 31.52 -3.56
C LYS D 207 1.05 30.89 -3.41
N ASP D 208 0.91 29.58 -3.55
CA ASP D 208 -0.42 28.98 -3.43
C ASP D 208 -0.43 27.64 -2.69
N VAL D 209 0.58 27.35 -1.88
CA VAL D 209 0.61 26.05 -1.20
C VAL D 209 -0.54 25.93 -0.22
N VAL D 210 -0.73 26.95 0.62
CA VAL D 210 -1.80 26.95 1.61
C VAL D 210 -3.17 26.93 0.95
N PRO D 211 -3.46 27.78 -0.04
CA PRO D 211 -4.77 27.68 -0.71
C PRO D 211 -5.02 26.32 -1.34
N VAL D 212 -3.99 25.70 -1.94
CA VAL D 212 -4.18 24.39 -2.53
C VAL D 212 -4.49 23.36 -1.46
N ALA D 213 -3.75 23.39 -0.34
CA ALA D 213 -4.01 22.45 0.73
C ALA D 213 -5.39 22.65 1.33
N ALA D 214 -5.82 23.91 1.50
CA ALA D 214 -7.11 24.18 2.10
C ALA D 214 -8.24 23.63 1.24
N PHE D 215 -8.17 23.85 -0.07
CA PHE D 215 -9.21 23.34 -0.94
C PHE D 215 -9.20 21.82 -0.99
N PHE D 216 -8.02 21.21 -1.01
CA PHE D 216 -7.95 19.75 -0.93
C PHE D 216 -8.58 19.25 0.35
N SER D 217 -8.13 19.78 1.49
CA SER D 217 -8.63 19.30 2.78
C SER D 217 -10.13 19.56 2.92
N GLY D 218 -10.58 20.74 2.51
CA GLY D 218 -11.97 21.07 2.71
C GLY D 218 -12.92 20.36 1.78
N PHE D 219 -12.44 19.94 0.61
CA PHE D 219 -13.37 19.53 -0.41
C PHE D 219 -13.36 18.00 -0.52
N VAL D 220 -12.24 17.37 -0.13
CA VAL D 220 -12.24 15.96 0.25
C VAL D 220 -13.13 15.72 1.47
N SER D 221 -13.29 16.72 2.32
CA SER D 221 -14.01 16.53 3.58
C SER D 221 -15.44 16.04 3.39
N MET D 222 -16.09 16.36 2.27
CA MET D 222 -17.48 15.95 2.12
C MET D 222 -17.62 14.43 2.03
N MET D 223 -16.64 13.74 1.45
CA MET D 223 -16.66 12.29 1.52
C MET D 223 -16.60 11.82 2.97
N VAL D 224 -15.67 12.39 3.73
CA VAL D 224 -15.55 12.04 5.14
C VAL D 224 -16.79 12.48 5.91
N TYR D 225 -17.32 13.66 5.58
CA TYR D 225 -18.51 14.13 6.28
C TYR D 225 -19.69 13.19 6.04
N PHE D 226 -19.88 12.76 4.80
CA PHE D 226 -20.96 11.82 4.50
C PHE D 226 -20.76 10.51 5.24
N LEU D 227 -19.57 9.93 5.14
CA LEU D 227 -19.32 8.64 5.78
C LEU D 227 -19.55 8.72 7.27
N TRP D 228 -19.07 9.79 7.91
CA TRP D 228 -19.18 9.88 9.36
C TRP D 228 -20.54 10.34 9.82
N TRP D 229 -21.28 11.10 9.01
CA TRP D 229 -22.67 11.36 9.32
C TRP D 229 -23.46 10.06 9.37
N PHE D 230 -23.24 9.20 8.38
CA PHE D 230 -23.98 7.94 8.38
C PHE D 230 -23.45 6.99 9.45
N MET D 231 -22.17 7.07 9.80
CA MET D 231 -21.68 6.27 10.91
C MET D 231 -22.27 6.73 12.23
N GLY D 232 -22.44 8.04 12.41
CA GLY D 232 -23.13 8.53 13.58
C GLY D 232 -24.59 8.12 13.60
N ARG D 233 -25.23 8.06 12.43
CA ARG D 233 -26.58 7.55 12.35
C ARG D 233 -26.64 6.09 12.78
N TRP D 234 -25.68 5.28 12.32
CA TRP D 234 -25.65 3.88 12.73
C TRP D 234 -25.38 3.73 14.22
N TYR D 235 -24.47 4.55 14.76
CA TYR D 235 -24.20 4.50 16.19
C TYR D 235 -25.39 4.95 17.01
N SER D 236 -26.33 5.66 16.41
CA SER D 236 -27.56 6.07 17.07
C SER D 236 -28.64 4.99 17.03
N THR D 237 -28.28 3.77 16.63
CA THR D 237 -29.28 2.72 16.48
C THR D 237 -29.88 2.36 17.83
N THR D 238 -31.17 2.05 17.81
CA THR D 238 -31.88 1.54 18.97
C THR D 238 -32.16 0.05 18.84
N LYS D 239 -31.53 -0.60 17.88
CA LYS D 239 -31.78 -2.01 17.62
C LYS D 239 -31.35 -2.86 18.81
N VAL D 240 -32.21 -3.81 19.17
CA VAL D 240 -31.92 -4.77 20.23
C VAL D 240 -31.86 -6.15 19.60
N ILE D 241 -30.73 -6.81 19.74
CA ILE D 241 -30.54 -8.14 19.17
C ILE D 241 -30.97 -9.17 20.19
N ASP D 242 -31.55 -10.28 19.70
CA ASP D 242 -32.10 -11.29 20.58
C ASP D 242 -31.02 -12.07 21.32
N THR D 243 -29.87 -12.29 20.69
CA THR D 243 -28.83 -13.11 21.30
C THR D 243 -27.47 -12.54 20.93
N ILE D 244 -26.47 -12.92 21.73
CA ILE D 244 -25.10 -12.51 21.47
C ILE D 244 -24.21 -13.74 21.37
N GLU E 1 -52.87 19.78 -25.28
CA GLU E 1 -52.57 20.69 -26.38
C GLU E 1 -51.47 20.13 -27.28
N SER E 2 -50.29 19.95 -26.70
CA SER E 2 -49.16 19.35 -27.42
C SER E 2 -48.21 18.76 -26.39
N VAL E 3 -48.20 17.43 -26.29
CA VAL E 3 -47.32 16.78 -25.32
C VAL E 3 -45.86 16.96 -25.69
N VAL E 4 -45.54 16.71 -26.95
CA VAL E 4 -44.17 16.84 -27.45
C VAL E 4 -44.02 18.25 -28.02
N ASP E 5 -43.31 19.11 -27.29
CA ASP E 5 -43.07 20.48 -27.74
C ASP E 5 -41.66 20.59 -28.32
N LEU E 6 -40.65 20.24 -27.52
CA LEU E 6 -39.25 20.12 -27.91
C LEU E 6 -38.59 21.44 -28.27
N ARG E 7 -39.32 22.55 -28.31
CA ARG E 7 -38.68 23.82 -28.65
C ARG E 7 -37.64 24.19 -27.61
N GLY E 8 -37.95 24.00 -26.32
CA GLY E 8 -36.98 24.29 -25.29
C GLY E 8 -35.74 23.42 -25.41
N MET E 9 -35.91 22.13 -25.67
CA MET E 9 -34.77 21.24 -25.84
C MET E 9 -33.91 21.66 -27.02
N TRP E 10 -34.54 22.00 -28.15
CA TRP E 10 -33.77 22.42 -29.31
C TRP E 10 -33.02 23.71 -29.02
N ILE E 11 -33.67 24.67 -28.37
CA ILE E 11 -33.01 25.93 -28.04
C ILE E 11 -31.82 25.68 -27.13
N GLY E 12 -32.02 24.86 -26.10
CA GLY E 12 -30.93 24.58 -25.18
C GLY E 12 -29.77 23.87 -25.85
N LEU E 13 -30.07 22.86 -26.67
CA LEU E 13 -29.00 22.14 -27.36
C LEU E 13 -28.24 23.05 -28.31
N VAL E 14 -28.96 23.87 -29.08
CA VAL E 14 -28.29 24.77 -30.01
C VAL E 14 -27.42 25.77 -29.26
N LEU E 15 -27.96 26.36 -28.19
CA LEU E 15 -27.20 27.35 -27.45
C LEU E 15 -25.94 26.73 -26.83
N LEU E 16 -26.09 25.57 -26.19
CA LEU E 16 -24.95 24.93 -25.55
C LEU E 16 -23.90 24.51 -26.56
N ASN E 17 -24.32 23.89 -27.67
CA ASN E 17 -23.36 23.43 -28.66
C ASN E 17 -22.67 24.61 -29.33
N VAL E 18 -23.39 25.67 -29.65
CA VAL E 18 -22.77 26.84 -30.26
C VAL E 18 -21.79 27.48 -29.29
N PHE E 19 -22.17 27.58 -28.01
CA PHE E 19 -21.26 28.16 -27.02
C PHE E 19 -19.99 27.33 -26.88
N TYR E 20 -20.12 26.01 -26.83
CA TYR E 20 -18.95 25.17 -26.68
C TYR E 20 -18.09 25.17 -27.94
N LEU E 21 -18.71 25.26 -29.11
CA LEU E 21 -17.94 25.37 -30.34
C LEU E 21 -17.18 26.70 -30.38
N ILE E 22 -17.82 27.77 -29.91
CA ILE E 22 -17.14 29.05 -29.82
C ILE E 22 -15.96 28.97 -28.86
N VAL E 23 -16.16 28.33 -27.72
CA VAL E 23 -15.08 28.18 -26.75
C VAL E 23 -13.94 27.36 -27.35
N ARG E 24 -14.28 26.31 -28.09
CA ARG E 24 -13.25 25.48 -28.72
C ARG E 24 -12.46 26.27 -29.75
N ILE E 25 -13.14 27.08 -30.57
CA ILE E 25 -12.42 27.94 -31.51
C ILE E 25 -11.55 28.94 -30.78
N TYR E 26 -12.08 29.52 -29.70
CA TYR E 26 -11.32 30.51 -28.94
C TYR E 26 -10.05 29.90 -28.38
N GLU E 27 -10.14 28.68 -27.83
CA GLU E 27 -8.94 28.06 -27.28
C GLU E 27 -8.03 27.50 -28.36
N GLN E 28 -8.56 27.19 -29.54
CA GLN E 28 -7.69 26.90 -30.67
C GLN E 28 -6.85 28.12 -31.04
N VAL E 29 -7.48 29.29 -31.07
CA VAL E 29 -6.78 30.50 -31.46
C VAL E 29 -5.81 30.94 -30.37
N PHE E 30 -6.24 30.91 -29.10
CA PHE E 30 -5.48 31.51 -28.01
C PHE E 30 -4.83 30.49 -27.09
N GLY E 31 -4.78 29.22 -27.47
CA GLY E 31 -3.98 28.26 -26.71
C GLY E 31 -2.50 28.59 -26.80
N TRP E 32 -2.04 28.88 -28.01
CA TRP E 32 -0.81 29.61 -28.23
C TRP E 32 -1.17 31.07 -28.42
N ARG E 33 -0.15 31.92 -28.53
CA ARG E 33 -0.39 33.36 -28.61
C ARG E 33 -1.14 33.83 -27.36
N ALA E 34 -0.39 33.81 -26.24
CA ALA E 34 -0.82 34.26 -24.92
C ALA E 34 -1.59 33.21 -24.14
N GLY E 35 -1.58 31.97 -24.59
CA GLY E 35 -2.17 30.91 -23.80
C GLY E 35 -1.16 29.98 -23.15
N LEU E 36 0.13 30.14 -23.50
CA LEU E 36 1.16 29.21 -22.97
C LEU E 36 1.69 29.73 -21.64
N ASP E 37 2.25 30.95 -21.62
CA ASP E 37 2.86 31.50 -20.37
C ASP E 37 1.78 32.13 -19.51
N SER E 38 1.65 31.68 -18.26
CA SER E 38 0.65 32.19 -17.34
C SER E 38 1.09 33.44 -16.60
N PHE E 39 2.36 33.82 -16.70
CA PHE E 39 2.83 35.03 -16.03
C PHE E 39 2.80 36.26 -16.92
N ALA E 40 2.71 36.07 -18.24
CA ALA E 40 2.59 37.21 -19.13
C ALA E 40 1.24 37.90 -18.94
N PRO E 41 1.21 39.24 -19.02
CA PRO E 41 -0.06 39.94 -18.84
C PRO E 41 -1.09 39.59 -19.90
N GLU E 42 -0.66 39.19 -21.10
CA GLU E 42 -1.62 38.79 -22.13
C GLU E 42 -2.41 37.56 -21.70
N PHE E 43 -1.81 36.70 -20.88
CA PHE E 43 -2.57 35.59 -20.31
C PHE E 43 -3.71 36.09 -19.44
N GLN E 44 -3.44 37.10 -18.60
CA GLN E 44 -4.50 37.71 -17.82
C GLN E 44 -5.55 38.33 -18.71
N THR E 45 -5.12 38.97 -19.80
CA THR E 45 -6.06 39.59 -20.72
C THR E 45 -7.00 38.57 -21.35
N TYR E 46 -6.46 37.43 -21.79
CA TYR E 46 -7.24 36.51 -22.60
C TYR E 46 -7.75 35.30 -21.85
N TRP E 47 -7.15 34.94 -20.72
CA TRP E 47 -7.57 33.73 -20.01
C TRP E 47 -8.03 33.98 -18.59
N MET E 48 -7.32 34.82 -17.82
CA MET E 48 -7.74 35.09 -16.46
C MET E 48 -9.06 35.85 -16.41
N SER E 49 -9.33 36.66 -17.43
CA SER E 49 -10.61 37.34 -17.51
C SER E 49 -11.75 36.32 -17.59
N ILE E 50 -11.56 35.26 -18.37
CA ILE E 50 -12.55 34.20 -18.43
C ILE E 50 -12.74 33.57 -17.06
N LEU E 51 -11.65 33.31 -16.35
CA LEU E 51 -11.76 32.69 -15.04
C LEU E 51 -12.51 33.58 -14.06
N TRP E 52 -12.25 34.89 -14.10
CA TRP E 52 -12.93 35.80 -13.19
C TRP E 52 -14.39 35.97 -13.54
N THR E 53 -14.73 35.88 -14.82
CA THR E 53 -16.12 35.96 -15.25
C THR E 53 -16.90 34.67 -14.98
N GLU E 54 -16.25 33.52 -15.06
CA GLU E 54 -16.94 32.24 -14.99
C GLU E 54 -17.67 32.05 -13.67
N ILE E 55 -16.91 31.97 -12.58
CA ILE E 55 -17.46 31.48 -11.31
C ILE E 55 -18.66 32.29 -10.83
N PRO E 56 -18.59 33.63 -10.73
CA PRO E 56 -19.79 34.36 -10.32
C PRO E 56 -20.94 34.20 -11.30
N LEU E 57 -20.65 34.15 -12.60
CA LEU E 57 -21.74 34.04 -13.57
C LEU E 57 -22.49 32.73 -13.43
N GLU E 58 -21.77 31.61 -13.31
CA GLU E 58 -22.44 30.32 -13.18
C GLU E 58 -23.06 30.14 -11.80
N LEU E 59 -22.45 30.70 -10.76
CA LEU E 59 -23.10 30.66 -9.45
C LEU E 59 -24.44 31.40 -9.51
N VAL E 60 -24.45 32.60 -10.09
CA VAL E 60 -25.68 33.37 -10.22
C VAL E 60 -26.68 32.62 -11.08
N SER E 61 -26.21 32.02 -12.18
CA SER E 61 -27.12 31.31 -13.07
C SER E 61 -27.77 30.13 -12.37
N GLY E 62 -26.98 29.33 -11.65
CA GLY E 62 -27.55 28.20 -10.94
C GLY E 62 -28.50 28.60 -9.85
N LEU E 63 -28.12 29.58 -9.03
CA LEU E 63 -29.00 30.03 -7.97
C LEU E 63 -30.29 30.63 -8.52
N GLY E 64 -30.19 31.41 -9.59
CA GLY E 64 -31.37 32.00 -10.19
C GLY E 64 -32.27 30.97 -10.84
N LEU E 65 -31.69 29.97 -11.48
CA LEU E 65 -32.48 28.90 -12.07
C LEU E 65 -33.23 28.14 -10.98
N ALA E 66 -32.55 27.80 -9.89
CA ALA E 66 -33.21 27.11 -8.79
C ALA E 66 -34.32 27.97 -8.20
N GLY E 67 -34.05 29.26 -7.99
CA GLY E 67 -35.05 30.14 -7.42
C GLY E 67 -36.25 30.33 -8.32
N TYR E 68 -36.02 30.49 -9.61
CA TYR E 68 -37.12 30.64 -10.56
C TYR E 68 -37.96 29.38 -10.62
N LEU E 69 -37.32 28.21 -10.66
CA LEU E 69 -38.08 26.97 -10.69
C LEU E 69 -38.84 26.76 -9.39
N TRP E 70 -38.30 27.22 -8.26
CA TRP E 70 -39.00 27.05 -6.99
C TRP E 70 -40.18 28.01 -6.87
N LYS E 71 -40.01 29.25 -7.31
CA LYS E 71 -41.09 30.23 -7.23
C LYS E 71 -42.15 30.00 -8.30
N THR E 72 -41.81 29.32 -9.39
CA THR E 72 -42.76 29.04 -10.45
C THR E 72 -43.46 27.70 -10.24
N ARG E 73 -43.17 27.00 -9.16
CA ARG E 73 -43.77 25.70 -8.91
C ARG E 73 -45.28 25.84 -8.70
N ASP E 74 -46.00 24.78 -9.04
CA ASP E 74 -47.42 24.72 -8.72
C ASP E 74 -47.60 24.16 -7.32
N ARG E 75 -48.56 24.72 -6.58
CA ARG E 75 -48.81 24.32 -5.21
C ARG E 75 -49.82 23.20 -5.09
N ASN E 76 -50.35 22.72 -6.22
CA ASN E 76 -51.29 21.61 -6.22
C ASN E 76 -50.80 20.53 -7.17
N VAL E 77 -49.49 20.25 -7.09
CA VAL E 77 -48.82 19.30 -8.02
C VAL E 77 -49.56 17.96 -8.12
N ASP E 78 -50.30 17.58 -7.08
CA ASP E 78 -51.02 16.28 -7.09
C ASP E 78 -52.18 16.35 -8.09
N ALA E 79 -52.88 17.49 -8.12
CA ALA E 79 -54.03 17.64 -9.03
C ALA E 79 -53.55 17.86 -10.46
N VAL E 80 -52.38 17.33 -10.84
CA VAL E 80 -52.02 17.47 -12.24
C VAL E 80 -52.78 16.44 -13.08
N THR E 81 -53.20 16.86 -14.27
CA THR E 81 -53.90 15.98 -15.18
C THR E 81 -52.91 15.05 -15.87
N PRO E 82 -53.38 13.88 -16.32
CA PRO E 82 -52.47 12.94 -17.00
C PRO E 82 -51.78 13.53 -18.21
N ARG E 83 -52.50 14.32 -19.02
CA ARG E 83 -51.87 14.92 -20.19
C ARG E 83 -50.83 15.95 -19.80
N GLU E 84 -51.15 16.80 -18.81
CA GLU E 84 -50.17 17.77 -18.35
C GLU E 84 -48.98 17.09 -17.69
N GLU E 85 -49.22 15.99 -17.00
CA GLU E 85 -48.11 15.26 -16.40
C GLU E 85 -47.23 14.62 -17.48
N MET E 86 -47.83 14.14 -18.57
CA MET E 86 -47.02 13.69 -19.71
C MET E 86 -46.20 14.83 -20.29
N ARG E 87 -46.79 16.01 -20.42
CA ARG E 87 -46.04 17.16 -20.94
C ARG E 87 -44.88 17.49 -20.01
N ARG E 88 -45.11 17.48 -18.71
CA ARG E 88 -44.05 17.77 -17.75
C ARG E 88 -42.96 16.71 -17.79
N LEU E 89 -43.34 15.45 -17.93
CA LEU E 89 -42.35 14.39 -18.05
C LEU E 89 -41.50 14.57 -19.30
N VAL E 90 -42.13 14.95 -20.41
CA VAL E 90 -41.37 15.18 -21.64
C VAL E 90 -40.43 16.35 -21.48
N VAL E 91 -40.87 17.41 -20.79
CA VAL E 91 -39.97 18.54 -20.54
C VAL E 91 -38.81 18.11 -19.65
N LEU E 92 -39.07 17.27 -18.67
CA LEU E 92 -38.00 16.75 -17.83
C LEU E 92 -37.01 15.93 -18.65
N VAL E 93 -37.51 15.14 -19.59
CA VAL E 93 -36.62 14.36 -20.45
C VAL E 93 -35.80 15.28 -21.33
N GLN E 94 -36.39 16.37 -21.78
CA GLN E 94 -35.63 17.38 -22.53
C GLN E 94 -34.51 17.96 -21.67
N TRP E 95 -34.84 18.28 -20.42
CA TRP E 95 -33.85 18.77 -19.47
C TRP E 95 -32.72 17.78 -19.32
N LEU E 96 -33.04 16.50 -19.18
CA LEU E 96 -32.02 15.48 -18.98
C LEU E 96 -31.21 15.24 -20.26
N VAL E 97 -31.81 15.42 -21.43
CA VAL E 97 -31.06 15.32 -22.67
C VAL E 97 -30.01 16.42 -22.74
N VAL E 98 -30.43 17.65 -22.45
CA VAL E 98 -29.46 18.75 -22.39
C VAL E 98 -28.40 18.47 -21.35
N TYR E 99 -28.81 17.88 -20.23
CA TYR E 99 -27.87 17.53 -19.17
C TYR E 99 -26.84 16.51 -19.66
N GLY E 100 -27.29 15.50 -20.39
CA GLY E 100 -26.36 14.50 -20.90
C GLY E 100 -25.40 15.08 -21.91
N ILE E 101 -25.90 15.98 -22.77
CA ILE E 101 -25.01 16.65 -23.72
C ILE E 101 -23.97 17.48 -22.97
N ALA E 102 -24.39 18.21 -21.94
CA ALA E 102 -23.45 19.00 -21.17
C ALA E 102 -22.43 18.12 -20.46
N ILE E 103 -22.87 16.96 -19.95
CA ILE E 103 -21.95 16.03 -19.31
C ILE E 103 -20.93 15.52 -20.31
N TYR E 104 -21.37 15.21 -21.53
CA TYR E 104 -20.42 14.78 -22.55
C TYR E 104 -19.41 15.89 -22.83
N TRP E 105 -19.88 17.13 -22.94
CA TRP E 105 -18.98 18.22 -23.25
C TRP E 105 -17.95 18.43 -22.13
N GLY E 106 -18.38 18.32 -20.88
CA GLY E 106 -17.49 18.60 -19.78
C GLY E 106 -16.65 17.44 -19.31
N ALA E 107 -17.31 16.35 -18.93
CA ALA E 107 -16.63 15.20 -18.35
C ALA E 107 -15.86 14.40 -19.39
N SER E 108 -16.22 14.51 -20.67
CA SER E 108 -15.56 13.72 -21.70
C SER E 108 -14.68 14.56 -22.61
N PHE E 109 -15.22 15.64 -23.18
CA PHE E 109 -14.45 16.39 -24.18
C PHE E 109 -13.31 17.17 -23.54
N PHE E 110 -13.64 18.12 -22.68
CA PHE E 110 -12.62 18.98 -22.10
C PHE E 110 -11.78 18.26 -21.05
N THR E 111 -12.36 17.28 -20.36
CA THR E 111 -11.59 16.57 -19.35
C THR E 111 -10.41 15.83 -19.96
N GLU E 112 -10.63 15.17 -21.11
CA GLU E 112 -9.52 14.53 -21.79
C GLU E 112 -8.76 15.49 -22.70
N GLN E 113 -9.33 16.65 -23.01
CA GLN E 113 -8.54 17.69 -23.66
C GLN E 113 -7.45 18.20 -22.72
N ASP E 114 -7.76 18.28 -21.42
CA ASP E 114 -6.72 18.56 -20.43
C ASP E 114 -5.59 17.55 -20.52
N GLY E 115 -5.90 16.32 -20.94
CA GLY E 115 -4.84 15.32 -21.11
C GLY E 115 -3.85 15.71 -22.18
N THR E 116 -4.34 16.17 -23.33
CA THR E 116 -3.41 16.56 -24.40
C THR E 116 -2.75 17.90 -24.10
N TRP E 117 -3.40 18.76 -23.32
CA TRP E 117 -2.74 20.01 -22.95
C TRP E 117 -1.61 19.77 -21.98
N HIS E 118 -1.71 18.74 -21.14
CA HIS E 118 -0.65 18.44 -20.19
C HIS E 118 0.64 18.01 -20.88
N MET E 119 0.57 17.53 -22.12
CA MET E 119 1.74 17.14 -22.87
C MET E 119 2.29 18.29 -23.72
N THR E 120 1.62 19.43 -23.73
CA THR E 120 2.07 20.60 -24.46
C THR E 120 2.79 21.62 -23.60
N VAL E 121 2.39 21.75 -22.34
CA VAL E 121 3.01 22.69 -21.42
C VAL E 121 3.62 21.92 -20.26
N ILE E 122 4.41 22.62 -19.46
CA ILE E 122 5.00 22.05 -18.26
C ILE E 122 4.24 22.50 -17.01
N ARG E 123 2.96 22.83 -17.16
CA ARG E 123 2.08 23.22 -16.06
C ARG E 123 2.62 24.43 -15.32
N ASP E 124 2.62 25.56 -16.03
CA ASP E 124 3.03 26.82 -15.44
C ASP E 124 2.24 27.16 -14.18
N THR E 125 0.96 26.77 -14.14
CA THR E 125 0.13 27.04 -12.97
C THR E 125 -1.04 26.06 -12.96
N ASP E 126 -1.88 26.19 -11.93
CA ASP E 126 -3.11 25.41 -11.87
C ASP E 126 -4.19 25.98 -12.79
N PHE E 127 -4.10 27.24 -13.16
CA PHE E 127 -5.08 27.88 -14.02
C PHE E 127 -4.61 27.89 -15.47
N THR E 128 -4.45 26.70 -16.03
CA THR E 128 -4.16 26.58 -17.44
C THR E 128 -5.40 26.82 -18.27
N PRO E 129 -5.25 27.16 -19.55
CA PRO E 129 -6.44 27.30 -20.41
C PRO E 129 -7.34 26.08 -20.39
N SER E 130 -6.77 24.88 -20.43
CA SER E 130 -7.57 23.68 -20.35
C SER E 130 -8.29 23.58 -19.01
N HIS E 131 -7.59 23.91 -17.92
CA HIS E 131 -8.22 23.89 -16.61
C HIS E 131 -9.34 24.92 -16.53
N ILE E 132 -9.12 26.10 -17.11
CA ILE E 132 -10.15 27.13 -17.09
C ILE E 132 -11.39 26.67 -17.84
N ILE E 133 -11.20 26.12 -19.04
CA ILE E 133 -12.34 25.65 -19.82
C ILE E 133 -13.03 24.47 -19.14
N GLU E 134 -12.24 23.51 -18.66
CA GLU E 134 -12.80 22.28 -18.14
C GLU E 134 -13.32 22.45 -16.71
N PHE E 135 -12.42 22.79 -15.78
CA PHE E 135 -12.78 22.80 -14.37
C PHE E 135 -13.81 23.88 -14.04
N TYR E 136 -13.66 25.06 -14.63
CA TYR E 136 -14.41 26.23 -14.19
C TYR E 136 -15.49 26.68 -15.16
N MET E 137 -15.62 26.05 -16.31
CA MET E 137 -16.76 26.32 -17.19
C MET E 137 -17.67 25.11 -17.35
N SER E 138 -17.14 23.99 -17.85
CA SER E 138 -18.02 22.91 -18.27
C SER E 138 -18.61 22.16 -17.08
N TYR E 139 -17.80 21.85 -16.07
CA TYR E 139 -18.32 21.21 -14.88
C TYR E 139 -19.39 22.04 -14.19
N PRO E 140 -19.15 23.33 -13.89
CA PRO E 140 -20.25 24.13 -13.32
C PRO E 140 -21.44 24.24 -14.24
N ILE E 141 -21.23 24.30 -15.56
CA ILE E 141 -22.35 24.41 -16.48
C ILE E 141 -23.25 23.19 -16.37
N TYR E 142 -22.67 21.99 -16.42
CA TYR E 142 -23.54 20.83 -16.39
C TYR E 142 -24.10 20.58 -14.99
N SER E 143 -23.40 21.00 -13.94
CA SER E 143 -24.01 20.90 -12.61
C SER E 143 -25.18 21.86 -12.49
N VAL E 144 -25.08 23.05 -13.08
CA VAL E 144 -26.21 23.98 -13.09
C VAL E 144 -27.38 23.38 -13.86
N ILE E 145 -27.09 22.74 -15.00
CA ILE E 145 -28.15 22.10 -15.77
C ILE E 145 -28.81 20.98 -14.97
N ALA E 146 -28.00 20.20 -14.26
CA ALA E 146 -28.55 19.16 -13.39
C ALA E 146 -29.43 19.76 -12.31
N VAL E 147 -29.00 20.87 -11.73
CA VAL E 147 -29.81 21.55 -10.72
C VAL E 147 -31.15 21.97 -11.32
N GLY E 148 -31.13 22.54 -12.52
CA GLY E 148 -32.37 22.86 -13.19
C GLY E 148 -33.21 21.62 -13.46
N ALA E 149 -32.57 20.55 -13.93
CA ALA E 149 -33.29 19.31 -14.18
C ALA E 149 -33.84 18.72 -12.89
N PHE E 150 -33.05 18.73 -11.82
CA PHE E 150 -33.52 18.19 -10.56
C PHE E 150 -34.67 19.01 -9.99
N PHE E 151 -34.57 20.34 -10.08
CA PHE E 151 -35.60 21.19 -9.50
C PHE E 151 -36.87 21.23 -10.33
N TYR E 152 -36.76 21.05 -11.65
CA TYR E 152 -37.97 20.97 -12.47
C TYR E 152 -38.82 19.79 -12.06
N ALA E 153 -38.21 18.62 -11.89
CA ALA E 153 -38.96 17.45 -11.46
C ALA E 153 -39.53 17.63 -10.06
N LYS E 154 -38.75 18.26 -9.17
CA LYS E 154 -39.21 18.48 -7.81
C LYS E 154 -40.39 19.44 -7.77
N THR E 155 -40.52 20.31 -8.77
CA THR E 155 -41.50 21.38 -8.72
C THR E 155 -42.59 21.27 -9.79
N ARG E 156 -42.58 20.23 -10.62
CA ARG E 156 -43.61 20.12 -11.65
C ARG E 156 -44.28 18.76 -11.64
N ILE E 157 -43.56 17.73 -11.20
CA ILE E 157 -44.05 16.35 -11.26
C ILE E 157 -44.29 15.88 -9.84
N PRO E 158 -45.50 15.42 -9.51
CA PRO E 158 -45.80 15.02 -8.13
C PRO E 158 -44.93 13.89 -7.61
N TYR E 159 -44.49 12.98 -8.48
CA TYR E 159 -43.70 11.84 -8.02
C TYR E 159 -42.38 12.32 -7.41
N PHE E 160 -41.72 13.28 -8.05
CA PHE E 160 -40.48 13.82 -7.52
C PHE E 160 -40.71 14.95 -6.53
N ALA E 161 -41.95 15.32 -6.26
CA ALA E 161 -42.21 16.39 -5.32
C ALA E 161 -42.46 15.88 -3.91
N HIS E 162 -42.93 14.64 -3.77
CA HIS E 162 -43.27 14.10 -2.46
C HIS E 162 -42.04 13.68 -1.66
N GLY E 163 -40.87 13.71 -2.28
CA GLY E 163 -39.65 13.33 -1.60
C GLY E 163 -38.47 13.59 -2.49
N TYR E 164 -37.32 13.12 -2.05
CA TYR E 164 -36.10 13.25 -2.83
C TYR E 164 -35.75 11.89 -3.44
N SER E 165 -35.69 11.85 -4.77
CA SER E 165 -35.31 10.63 -5.47
C SER E 165 -33.81 10.40 -5.28
N LEU E 166 -33.45 9.24 -4.72
CA LEU E 166 -32.05 8.97 -4.43
C LEU E 166 -31.21 8.98 -5.70
N ALA E 167 -31.71 8.35 -6.76
CA ALA E 167 -30.98 8.33 -8.02
C ALA E 167 -30.82 9.74 -8.58
N PHE E 168 -31.87 10.56 -8.47
CA PHE E 168 -31.77 11.94 -8.92
C PHE E 168 -30.76 12.73 -8.10
N LEU E 169 -30.75 12.52 -6.78
CA LEU E 169 -29.75 13.18 -5.96
C LEU E 169 -28.34 12.79 -6.36
N ILE E 170 -28.12 11.49 -6.62
CA ILE E 170 -26.81 11.04 -7.06
C ILE E 170 -26.43 11.70 -8.38
N VAL E 171 -27.33 11.64 -9.36
CA VAL E 171 -27.02 12.18 -10.68
C VAL E 171 -26.89 13.70 -10.66
N ALA E 172 -27.37 14.36 -9.60
CA ALA E 172 -27.22 15.80 -9.48
C ALA E 172 -25.98 16.20 -8.69
N ILE E 173 -25.52 15.39 -7.75
CA ILE E 173 -24.43 15.77 -6.86
C ILE E 173 -23.12 15.11 -7.26
N GLY E 174 -23.13 13.82 -7.55
CA GLY E 174 -21.92 13.11 -7.90
C GLY E 174 -21.19 13.64 -9.11
N PRO E 175 -21.90 13.89 -10.22
CA PRO E 175 -21.26 14.62 -11.32
C PRO E 175 -20.89 16.04 -10.94
N PHE E 176 -21.63 16.65 -10.01
CA PHE E 176 -21.18 17.91 -9.44
C PHE E 176 -19.99 17.70 -8.52
N MET E 177 -19.72 16.46 -8.17
CA MET E 177 -18.47 16.05 -7.52
C MET E 177 -17.42 15.57 -8.52
N ILE E 178 -17.37 16.13 -9.73
CA ILE E 178 -16.34 15.79 -10.70
C ILE E 178 -15.34 16.94 -10.72
N ILE E 179 -15.76 18.07 -10.15
CA ILE E 179 -14.87 19.21 -9.93
C ILE E 179 -13.94 19.05 -8.73
N PRO E 180 -14.23 18.23 -7.70
CA PRO E 180 -13.52 18.41 -6.43
C PRO E 180 -12.02 18.24 -6.50
N ASN E 181 -11.55 17.27 -7.26
CA ASN E 181 -10.12 17.01 -7.29
C ASN E 181 -9.33 18.08 -8.00
N VAL E 182 -9.95 19.18 -8.43
CA VAL E 182 -9.16 20.37 -8.74
C VAL E 182 -8.30 20.73 -7.54
N GLY E 183 -8.88 20.67 -6.34
CA GLY E 183 -8.06 20.70 -5.15
C GLY E 183 -7.21 19.46 -5.00
N LEU E 184 -7.77 18.30 -5.33
CA LEU E 184 -7.12 17.03 -4.96
C LEU E 184 -6.11 16.60 -6.01
N ASN E 185 -6.42 16.75 -7.30
CA ASN E 185 -5.40 16.48 -8.31
C ASN E 185 -4.23 17.45 -8.16
N GLU E 186 -4.53 18.74 -8.03
CA GLU E 186 -3.46 19.73 -7.89
C GLU E 186 -2.62 19.47 -6.65
N TRP E 187 -3.26 19.24 -5.50
CA TRP E 187 -2.51 18.85 -4.32
C TRP E 187 -1.79 17.53 -4.55
N GLY E 188 -2.44 16.60 -5.24
CA GLY E 188 -1.77 15.37 -5.64
C GLY E 188 -0.65 15.62 -6.64
N HIS E 189 -0.93 16.46 -7.66
CA HIS E 189 0.09 16.78 -8.64
C HIS E 189 1.20 17.64 -8.08
N THR E 190 1.02 18.20 -6.88
CA THR E 190 2.07 18.98 -6.24
C THR E 190 2.69 18.31 -5.03
N PHE E 191 2.07 17.27 -4.47
CA PHE E 191 2.68 16.57 -3.35
C PHE E 191 2.92 15.09 -3.62
N TRP E 192 1.89 14.33 -4.00
CA TRP E 192 2.00 12.87 -3.93
C TRP E 192 2.77 12.30 -5.12
N PHE E 193 2.25 12.45 -6.33
CA PHE E 193 2.89 11.89 -7.50
C PHE E 193 3.64 12.96 -8.27
N MET E 194 4.64 12.52 -9.02
CA MET E 194 5.65 13.41 -9.56
C MET E 194 5.41 13.82 -11.00
N GLU E 195 4.84 12.95 -11.82
CA GLU E 195 4.72 13.18 -13.25
C GLU E 195 3.26 13.28 -13.65
N GLU E 196 3.03 13.57 -14.93
CA GLU E 196 1.69 13.72 -15.47
C GLU E 196 1.13 12.35 -15.86
N LEU E 197 0.94 11.52 -14.85
CA LEU E 197 0.40 10.17 -15.02
C LEU E 197 -1.08 10.20 -14.69
N PHE E 198 -1.93 10.07 -15.70
CA PHE E 198 -3.37 10.09 -15.51
C PHE E 198 -3.89 8.90 -14.72
N VAL E 199 -3.08 7.84 -14.57
CA VAL E 199 -3.45 6.68 -13.78
C VAL E 199 -3.29 6.91 -12.28
N ALA E 200 -2.89 8.11 -11.88
CA ALA E 200 -2.57 8.36 -10.48
C ALA E 200 -3.83 8.21 -9.62
N PRO E 201 -3.70 7.63 -8.42
CA PRO E 201 -4.80 7.71 -7.45
C PRO E 201 -5.28 9.11 -7.20
N LEU E 202 -4.46 10.12 -7.47
CA LEU E 202 -4.90 11.50 -7.42
C LEU E 202 -5.98 11.79 -8.44
N HIS E 203 -6.14 10.92 -9.44
CA HIS E 203 -7.25 11.00 -10.37
C HIS E 203 -8.34 9.98 -10.06
N TRP E 204 -8.18 9.18 -9.01
CA TRP E 204 -9.17 8.16 -8.68
C TRP E 204 -10.39 8.72 -7.97
N GLY E 205 -10.25 9.80 -7.19
CA GLY E 205 -11.42 10.48 -6.68
C GLY E 205 -12.26 11.09 -7.77
N PHE E 206 -11.62 11.51 -8.87
CA PHE E 206 -12.36 11.86 -10.08
C PHE E 206 -13.26 10.71 -10.53
N VAL E 207 -12.79 9.48 -10.37
CA VAL E 207 -13.49 8.30 -10.88
C VAL E 207 -14.66 7.91 -10.00
N PHE E 208 -14.46 7.84 -8.69
CA PHE E 208 -15.51 7.35 -7.80
C PHE E 208 -16.77 8.19 -7.92
N PHE E 209 -16.62 9.49 -8.17
CA PHE E 209 -17.75 10.35 -8.42
C PHE E 209 -18.13 10.39 -9.89
N GLY E 210 -17.25 9.98 -10.79
CA GLY E 210 -17.64 9.79 -12.17
C GLY E 210 -18.58 8.63 -12.38
N TRP E 211 -18.54 7.66 -11.47
CA TRP E 211 -19.50 6.58 -11.48
C TRP E 211 -20.91 7.07 -11.21
N MET E 212 -21.04 8.20 -10.50
CA MET E 212 -22.35 8.74 -10.17
C MET E 212 -23.11 9.23 -11.39
N ALA E 213 -22.44 9.39 -12.53
CA ALA E 213 -23.16 9.63 -13.78
C ALA E 213 -24.11 8.49 -14.11
N LEU E 214 -23.86 7.29 -13.60
CA LEU E 214 -24.77 6.18 -13.77
C LEU E 214 -26.06 6.34 -12.99
N GLY E 215 -26.14 7.35 -12.13
CA GLY E 215 -27.39 7.62 -11.42
C GLY E 215 -28.53 7.99 -12.34
N VAL E 216 -28.23 8.34 -13.58
CA VAL E 216 -29.28 8.61 -14.55
C VAL E 216 -30.10 7.36 -14.85
N PHE E 217 -29.56 6.17 -14.55
CA PHE E 217 -30.31 4.94 -14.74
C PHE E 217 -31.59 4.96 -13.92
N GLY E 218 -31.46 5.25 -12.62
CA GLY E 218 -32.63 5.28 -11.76
C GLY E 218 -33.58 6.39 -12.13
N VAL E 219 -33.06 7.54 -12.54
CA VAL E 219 -33.92 8.64 -12.94
C VAL E 219 -34.75 8.25 -14.15
N VAL E 220 -34.11 7.65 -15.15
CA VAL E 220 -34.83 7.23 -16.35
C VAL E 220 -35.83 6.14 -16.01
N LEU E 221 -35.47 5.24 -15.10
CA LEU E 221 -36.39 4.19 -14.70
C LEU E 221 -37.62 4.77 -14.00
N GLN E 222 -37.42 5.77 -13.14
CA GLN E 222 -38.56 6.41 -12.49
C GLN E 222 -39.44 7.15 -13.49
N ILE E 223 -38.81 7.82 -14.45
CA ILE E 223 -39.58 8.49 -15.50
C ILE E 223 -40.39 7.48 -16.28
N LEU E 224 -39.80 6.32 -16.60
CA LEU E 224 -40.51 5.29 -17.32
C LEU E 224 -41.63 4.70 -16.48
N MET E 225 -41.42 4.58 -15.17
CA MET E 225 -42.50 4.15 -14.29
C MET E 225 -43.68 5.10 -14.36
N ARG E 226 -43.39 6.40 -14.31
CA ARG E 226 -44.45 7.39 -14.40
C ARG E 226 -45.16 7.32 -15.75
N ILE E 227 -44.40 7.15 -16.83
CA ILE E 227 -45.00 7.09 -18.17
C ILE E 227 -45.89 5.86 -18.29
N HIS E 228 -45.37 4.70 -17.89
CA HIS E 228 -46.11 3.46 -18.00
C HIS E 228 -47.33 3.45 -17.11
N ALA E 229 -47.27 4.11 -15.96
CA ALA E 229 -48.44 4.22 -15.11
C ALA E 229 -49.49 5.15 -15.69
N LEU E 230 -49.07 6.18 -16.41
CA LEU E 230 -50.05 7.14 -16.93
C LEU E 230 -50.83 6.59 -18.11
N VAL E 231 -50.15 5.91 -19.04
CA VAL E 231 -50.86 5.31 -20.15
C VAL E 231 -51.81 4.25 -19.61
N GLY E 232 -53.07 4.33 -20.00
CA GLY E 232 -54.09 3.49 -19.41
C GLY E 232 -53.92 2.02 -19.73
N LYS E 233 -54.88 1.20 -19.29
CA LYS E 233 -54.83 -0.22 -19.58
C LYS E 233 -54.83 -0.48 -21.08
N GLU E 234 -55.48 0.38 -21.86
CA GLU E 234 -55.45 0.26 -23.30
C GLU E 234 -54.09 0.63 -23.85
N GLY E 235 -53.44 1.63 -23.26
CA GLY E 235 -52.14 2.06 -23.75
C GLY E 235 -51.06 1.01 -23.58
N VAL E 236 -51.01 0.37 -22.40
CA VAL E 236 -49.93 -0.57 -22.11
C VAL E 236 -50.03 -1.80 -23.02
N LYS E 237 -51.23 -2.39 -23.10
CA LYS E 237 -51.40 -3.63 -23.85
C LYS E 237 -51.90 -3.39 -25.26
N LEU E 238 -53.07 -2.78 -25.42
CA LEU E 238 -53.71 -2.73 -26.74
C LEU E 238 -52.88 -1.95 -27.74
N LEU E 239 -52.26 -0.84 -27.31
CA LEU E 239 -51.50 -0.01 -28.24
C LEU E 239 -50.02 -0.41 -28.24
N THR E 240 -49.36 -0.31 -27.07
CA THR E 240 -47.92 -0.52 -27.02
C THR E 240 -47.56 -1.98 -27.29
N GLU E 241 -48.42 -2.92 -26.88
CA GLU E 241 -48.13 -4.36 -27.01
C GLU E 241 -46.90 -4.73 -26.21
N GLU F 1 -39.29 -49.56 -0.96
CA GLU F 1 -37.92 -49.73 -1.42
C GLU F 1 -36.91 -49.18 -0.43
N SER F 2 -35.66 -49.02 -0.86
CA SER F 2 -34.57 -48.61 0.01
C SER F 2 -34.28 -47.14 -0.21
N VAL F 3 -34.60 -46.32 0.79
CA VAL F 3 -34.30 -44.89 0.70
C VAL F 3 -32.79 -44.66 0.62
N VAL F 4 -32.03 -45.35 1.46
CA VAL F 4 -30.58 -45.27 1.45
C VAL F 4 -30.06 -46.35 0.51
N ASP F 5 -29.59 -45.93 -0.67
CA ASP F 5 -29.07 -46.87 -1.65
C ASP F 5 -27.55 -46.93 -1.59
N LEU F 6 -26.89 -45.78 -1.74
CA LEU F 6 -25.46 -45.56 -1.56
C LEU F 6 -24.59 -46.24 -2.61
N ARG F 7 -25.17 -47.02 -3.54
CA ARG F 7 -24.34 -47.65 -4.56
C ARG F 7 -23.70 -46.61 -5.45
N GLY F 8 -24.44 -45.57 -5.81
CA GLY F 8 -23.86 -44.49 -6.61
C GLY F 8 -22.73 -43.78 -5.89
N MET F 9 -22.93 -43.48 -4.61
CA MET F 9 -21.89 -42.80 -3.84
C MET F 9 -20.64 -43.66 -3.72
N TRP F 10 -20.82 -44.95 -3.44
CA TRP F 10 -19.66 -45.84 -3.35
C TRP F 10 -18.95 -45.95 -4.69
N ILE F 11 -19.70 -46.08 -5.77
CA ILE F 11 -19.07 -46.18 -7.09
C ILE F 11 -18.29 -44.92 -7.41
N GLY F 12 -18.89 -43.76 -7.15
CA GLY F 12 -18.20 -42.51 -7.42
C GLY F 12 -16.95 -42.34 -6.58
N LEU F 13 -17.04 -42.65 -5.28
CA LEU F 13 -15.90 -42.52 -4.40
C LEU F 13 -14.77 -43.45 -4.83
N VAL F 14 -15.12 -44.71 -5.15
CA VAL F 14 -14.09 -45.66 -5.56
C VAL F 14 -13.42 -45.20 -6.84
N LEU F 15 -14.23 -44.78 -7.82
CA LEU F 15 -13.67 -44.34 -9.09
C LEU F 15 -12.75 -43.15 -8.90
N LEU F 16 -13.21 -42.14 -8.16
CA LEU F 16 -12.42 -40.93 -7.98
C LEU F 16 -11.15 -41.20 -7.21
N ASN F 17 -11.23 -41.95 -6.11
CA ASN F 17 -10.04 -42.23 -5.32
C ASN F 17 -9.05 -43.08 -6.09
N VAL F 18 -9.53 -44.09 -6.83
CA VAL F 18 -8.63 -44.90 -7.62
C VAL F 18 -7.96 -44.08 -8.71
N PHE F 19 -8.72 -43.21 -9.37
CA PHE F 19 -8.14 -42.39 -10.43
C PHE F 19 -7.09 -41.44 -9.86
N TYR F 20 -7.37 -40.82 -8.73
CA TYR F 20 -6.41 -39.90 -8.15
C TYR F 20 -5.18 -40.64 -7.61
N LEU F 21 -5.36 -41.85 -7.09
CA LEU F 21 -4.21 -42.66 -6.69
C LEU F 21 -3.36 -43.02 -7.90
N ILE F 22 -4.01 -43.36 -9.02
CA ILE F 22 -3.29 -43.66 -10.25
C ILE F 22 -2.51 -42.43 -10.71
N VAL F 23 -3.14 -41.26 -10.67
CA VAL F 23 -2.45 -40.04 -11.06
C VAL F 23 -1.27 -39.76 -10.16
N ARG F 24 -1.45 -39.95 -8.85
CA ARG F 24 -0.37 -39.72 -7.91
C ARG F 24 0.80 -40.66 -8.14
N ILE F 25 0.53 -41.94 -8.40
CA ILE F 25 1.60 -42.89 -8.67
C ILE F 25 2.27 -42.55 -9.99
N TYR F 26 1.49 -42.16 -11.00
CA TYR F 26 2.04 -41.78 -12.29
C TYR F 26 2.98 -40.61 -12.16
N GLU F 27 2.59 -39.60 -11.39
CA GLU F 27 3.47 -38.45 -11.18
C GLU F 27 4.63 -38.75 -10.25
N GLN F 28 4.49 -39.75 -9.37
CA GLN F 28 5.64 -40.22 -8.61
C GLN F 28 6.68 -40.81 -9.55
N VAL F 29 6.23 -41.61 -10.52
CA VAL F 29 7.15 -42.23 -11.46
C VAL F 29 7.74 -41.21 -12.43
N PHE F 30 6.90 -40.33 -12.98
CA PHE F 30 7.30 -39.47 -14.08
C PHE F 30 7.52 -38.02 -13.69
N GLY F 31 7.56 -37.70 -12.39
CA GLY F 31 7.96 -36.35 -12.00
C GLY F 31 9.41 -36.09 -12.34
N TRP F 32 10.28 -37.04 -12.05
CA TRP F 32 11.57 -37.15 -12.71
C TRP F 32 11.42 -38.13 -13.85
N ARG F 33 12.49 -38.29 -14.63
CA ARG F 33 12.42 -39.10 -15.83
C ARG F 33 11.33 -38.55 -16.77
N ALA F 34 11.65 -37.39 -17.34
CA ALA F 34 10.84 -36.65 -18.30
C ALA F 34 9.78 -35.75 -17.68
N GLY F 35 9.87 -35.53 -16.37
CA GLY F 35 8.96 -34.58 -15.74
C GLY F 35 9.60 -33.28 -15.33
N LEU F 36 10.93 -33.19 -15.42
CA LEU F 36 11.66 -32.03 -14.92
C LEU F 36 11.84 -30.96 -15.97
N ASP F 37 12.23 -31.34 -17.19
CA ASP F 37 12.50 -30.40 -18.26
C ASP F 37 11.28 -30.37 -19.17
N SER F 38 10.72 -29.17 -19.37
CA SER F 38 9.53 -29.02 -20.19
C SER F 38 9.83 -28.83 -21.67
N PHE F 39 11.09 -28.67 -22.03
CA PHE F 39 11.45 -28.52 -23.44
C PHE F 39 11.84 -29.83 -24.10
N ALA F 40 12.16 -30.85 -23.32
CA ALA F 40 12.47 -32.15 -23.88
C ALA F 40 11.21 -32.78 -24.49
N PRO F 41 11.36 -33.50 -25.60
CA PRO F 41 10.18 -34.14 -26.23
C PRO F 41 9.50 -35.14 -25.32
N GLU F 42 10.25 -35.78 -24.43
CA GLU F 42 9.64 -36.73 -23.49
C GLU F 42 8.62 -36.06 -22.59
N PHE F 43 8.83 -34.77 -22.29
CA PHE F 43 7.82 -34.02 -21.54
C PHE F 43 6.52 -33.92 -22.33
N GLN F 44 6.62 -33.67 -23.64
CA GLN F 44 5.43 -33.69 -24.49
C GLN F 44 4.79 -35.07 -24.49
N THR F 45 5.62 -36.11 -24.52
CA THR F 45 5.10 -37.47 -24.56
C THR F 45 4.32 -37.82 -23.30
N TYR F 46 4.86 -37.48 -22.14
CA TYR F 46 4.31 -37.98 -20.88
C TYR F 46 3.45 -36.97 -20.14
N TRP F 47 3.63 -35.67 -20.37
CA TRP F 47 2.90 -34.68 -19.59
C TRP F 47 2.02 -33.77 -20.43
N MET F 48 2.49 -33.32 -21.59
CA MET F 48 1.67 -32.47 -22.43
C MET F 48 0.46 -33.23 -22.99
N SER F 49 0.61 -34.53 -23.22
CA SER F 49 -0.51 -35.32 -23.71
C SER F 49 -1.68 -35.31 -22.73
N ILE F 50 -1.37 -35.43 -21.44
CA ILE F 50 -2.41 -35.42 -20.42
C ILE F 50 -3.16 -34.09 -20.45
N LEU F 51 -2.42 -32.99 -20.52
CA LEU F 51 -3.04 -31.66 -20.54
C LEU F 51 -3.89 -31.48 -21.78
N TRP F 52 -3.39 -31.90 -22.94
CA TRP F 52 -4.16 -31.77 -24.18
C TRP F 52 -5.41 -32.65 -24.18
N THR F 53 -5.37 -33.79 -23.50
CA THR F 53 -6.52 -34.69 -23.53
C THR F 53 -7.57 -34.35 -22.47
N GLU F 54 -7.16 -33.86 -21.30
CA GLU F 54 -8.12 -33.71 -20.21
C GLU F 54 -9.08 -32.56 -20.44
N ILE F 55 -8.59 -31.40 -20.87
CA ILE F 55 -9.44 -30.21 -20.94
C ILE F 55 -10.65 -30.42 -21.86
N PRO F 56 -10.50 -30.87 -23.10
CA PRO F 56 -11.69 -31.22 -23.87
C PRO F 56 -12.50 -32.31 -23.22
N LEU F 57 -11.84 -33.31 -22.61
CA LEU F 57 -12.58 -34.38 -21.96
C LEU F 57 -13.38 -33.87 -20.78
N GLU F 58 -12.79 -33.00 -19.97
CA GLU F 58 -13.53 -32.47 -18.82
C GLU F 58 -14.67 -31.57 -19.26
N LEU F 59 -14.44 -30.74 -20.28
CA LEU F 59 -15.52 -29.90 -20.79
C LEU F 59 -16.67 -30.76 -21.32
N VAL F 60 -16.33 -31.79 -22.08
CA VAL F 60 -17.36 -32.68 -22.64
C VAL F 60 -18.11 -33.38 -21.52
N SER F 61 -17.39 -33.89 -20.52
CA SER F 61 -18.06 -34.60 -19.43
C SER F 61 -18.96 -33.68 -18.64
N GLY F 62 -18.52 -32.46 -18.35
CA GLY F 62 -19.37 -31.54 -17.63
C GLY F 62 -20.62 -31.15 -18.41
N LEU F 63 -20.44 -30.82 -19.69
CA LEU F 63 -21.59 -30.45 -20.51
C LEU F 63 -22.55 -31.64 -20.66
N GLY F 64 -22.01 -32.84 -20.85
CA GLY F 64 -22.88 -34.00 -20.98
C GLY F 64 -23.60 -34.32 -19.70
N LEU F 65 -22.94 -34.16 -18.55
CA LEU F 65 -23.60 -34.38 -17.27
C LEU F 65 -24.74 -33.39 -17.08
N ALA F 66 -24.50 -32.12 -17.38
CA ALA F 66 -25.56 -31.11 -17.26
C ALA F 66 -26.71 -31.43 -18.21
N GLY F 67 -26.40 -31.79 -19.46
CA GLY F 67 -27.45 -32.09 -20.41
C GLY F 67 -28.25 -33.33 -20.03
N TYR F 68 -27.57 -34.37 -19.55
CA TYR F 68 -28.27 -35.58 -19.12
C TYR F 68 -29.17 -35.29 -17.94
N LEU F 69 -28.67 -34.55 -16.95
CA LEU F 69 -29.50 -34.22 -15.81
C LEU F 69 -30.64 -33.27 -16.15
N TRP F 70 -30.49 -32.49 -17.23
CA TRP F 70 -31.57 -31.59 -17.62
C TRP F 70 -32.63 -32.32 -18.44
N LYS F 71 -32.22 -33.25 -19.29
CA LYS F 71 -33.18 -34.00 -20.09
C LYS F 71 -33.78 -35.17 -19.33
N THR F 72 -33.18 -35.56 -18.22
CA THR F 72 -33.72 -36.60 -17.37
C THR F 72 -34.60 -36.05 -16.25
N ARG F 73 -34.74 -34.73 -16.19
CA ARG F 73 -35.54 -34.11 -15.14
C ARG F 73 -37.00 -34.50 -15.28
N ASP F 74 -37.71 -34.51 -14.16
CA ASP F 74 -39.15 -34.71 -14.17
C ASP F 74 -39.87 -33.37 -14.32
N ARG F 75 -41.01 -33.40 -15.01
CA ARG F 75 -41.79 -32.19 -15.24
C ARG F 75 -42.90 -32.01 -14.23
N ASN F 76 -43.03 -32.92 -13.27
CA ASN F 76 -44.01 -32.80 -12.21
C ASN F 76 -43.30 -32.88 -10.87
N VAL F 77 -42.23 -32.10 -10.72
CA VAL F 77 -41.37 -32.21 -9.54
C VAL F 77 -42.15 -31.87 -8.28
N ASP F 78 -43.11 -30.96 -8.38
CA ASP F 78 -43.93 -30.60 -7.23
C ASP F 78 -44.76 -31.75 -6.71
N ALA F 79 -44.98 -32.79 -7.51
CA ALA F 79 -45.81 -33.92 -7.12
C ALA F 79 -45.00 -35.09 -6.57
N VAL F 80 -43.76 -34.84 -6.18
CA VAL F 80 -42.91 -35.92 -5.65
C VAL F 80 -43.46 -36.38 -4.30
N THR F 81 -43.50 -37.68 -4.11
CA THR F 81 -43.92 -38.26 -2.85
C THR F 81 -42.87 -38.02 -1.78
N PRO F 82 -43.28 -37.95 -0.50
CA PRO F 82 -42.29 -37.73 0.57
C PRO F 82 -41.19 -38.76 0.60
N ARG F 83 -41.50 -40.03 0.35
CA ARG F 83 -40.46 -41.05 0.34
C ARG F 83 -39.51 -40.85 -0.82
N GLU F 84 -40.04 -40.55 -2.00
CA GLU F 84 -39.17 -40.31 -3.15
C GLU F 84 -38.35 -39.05 -2.96
N GLU F 85 -38.92 -38.03 -2.30
CA GLU F 85 -38.16 -36.81 -2.07
C GLU F 85 -37.05 -37.06 -1.05
N MET F 86 -37.30 -37.90 -0.04
CA MET F 86 -36.22 -38.36 0.83
C MET F 86 -35.14 -39.08 0.05
N ARG F 87 -35.53 -39.96 -0.87
CA ARG F 87 -34.54 -40.67 -1.67
C ARG F 87 -33.70 -39.69 -2.48
N ARG F 88 -34.34 -38.69 -3.07
CA ARG F 88 -33.63 -37.71 -3.88
C ARG F 88 -32.72 -36.84 -3.02
N LEU F 89 -33.16 -36.50 -1.81
CA LEU F 89 -32.31 -35.76 -0.89
C LEU F 89 -31.08 -36.57 -0.53
N VAL F 90 -31.25 -37.87 -0.29
CA VAL F 90 -30.12 -38.73 0.04
C VAL F 90 -29.17 -38.83 -1.15
N VAL F 91 -29.70 -38.92 -2.36
CA VAL F 91 -28.84 -38.95 -3.54
C VAL F 91 -28.09 -37.63 -3.68
N LEU F 92 -28.74 -36.51 -3.36
CA LEU F 92 -28.06 -35.22 -3.38
C LEU F 92 -26.93 -35.19 -2.36
N VAL F 93 -27.17 -35.75 -1.17
CA VAL F 93 -26.12 -35.81 -0.16
C VAL F 93 -24.97 -36.68 -0.65
N GLN F 94 -25.26 -37.76 -1.36
CA GLN F 94 -24.20 -38.58 -1.94
C GLN F 94 -23.39 -37.79 -2.96
N TRP F 95 -24.09 -37.06 -3.84
CA TRP F 95 -23.43 -36.18 -4.78
C TRP F 95 -22.51 -35.21 -4.07
N LEU F 96 -23.00 -34.62 -2.97
CA LEU F 96 -22.21 -33.67 -2.22
C LEU F 96 -21.02 -34.33 -1.54
N VAL F 97 -21.17 -35.56 -1.08
CA VAL F 97 -20.03 -36.26 -0.47
C VAL F 97 -18.94 -36.49 -1.51
N VAL F 98 -19.33 -36.94 -2.69
CA VAL F 98 -18.35 -37.10 -3.77
C VAL F 98 -17.70 -35.76 -4.10
N TYR F 99 -18.50 -34.70 -4.12
CA TYR F 99 -17.97 -33.37 -4.38
C TYR F 99 -16.97 -32.96 -3.33
N GLY F 100 -17.27 -33.24 -2.06
CA GLY F 100 -16.35 -32.89 -0.99
C GLY F 100 -15.04 -33.64 -1.07
N ILE F 101 -15.12 -34.93 -1.40
CA ILE F 101 -13.89 -35.69 -1.62
C ILE F 101 -13.09 -35.10 -2.77
N ALA F 102 -13.78 -34.73 -3.85
CA ALA F 102 -13.09 -34.16 -5.01
C ALA F 102 -12.42 -32.85 -4.66
N ILE F 103 -13.09 -31.99 -3.89
CA ILE F 103 -12.50 -30.69 -3.61
C ILE F 103 -11.38 -30.84 -2.57
N TYR F 104 -11.45 -31.85 -1.71
CA TYR F 104 -10.30 -32.14 -0.88
C TYR F 104 -9.11 -32.55 -1.74
N TRP F 105 -9.36 -33.42 -2.72
CA TRP F 105 -8.26 -33.89 -3.56
C TRP F 105 -7.64 -32.75 -4.35
N GLY F 106 -8.46 -31.86 -4.89
CA GLY F 106 -7.95 -30.79 -5.72
C GLY F 106 -7.44 -29.59 -4.96
N ALA F 107 -8.30 -29.03 -4.11
CA ALA F 107 -7.99 -27.81 -3.39
C ALA F 107 -6.97 -28.03 -2.27
N SER F 108 -6.90 -29.22 -1.70
CA SER F 108 -6.01 -29.47 -0.58
C SER F 108 -4.79 -30.30 -0.97
N PHE F 109 -5.00 -31.47 -1.56
CA PHE F 109 -3.88 -32.36 -1.84
C PHE F 109 -3.02 -31.81 -2.97
N PHE F 110 -3.59 -31.71 -4.16
CA PHE F 110 -2.81 -31.31 -5.33
C PHE F 110 -2.46 -29.83 -5.34
N THR F 111 -3.23 -28.99 -4.64
CA THR F 111 -2.89 -27.58 -4.60
C THR F 111 -1.66 -27.33 -3.74
N GLU F 112 -1.59 -27.97 -2.57
CA GLU F 112 -0.39 -27.85 -1.76
C GLU F 112 0.74 -28.74 -2.25
N GLN F 113 0.45 -29.68 -3.15
CA GLN F 113 1.51 -30.39 -3.84
C GLN F 113 2.34 -29.43 -4.69
N ASP F 114 1.69 -28.44 -5.30
CA ASP F 114 2.42 -27.41 -6.03
C ASP F 114 3.42 -26.71 -5.13
N GLY F 115 3.15 -26.63 -3.84
CA GLY F 115 4.10 -26.02 -2.93
C GLY F 115 5.42 -26.78 -2.88
N THR F 116 5.35 -28.11 -2.77
CA THR F 116 6.59 -28.89 -2.74
C THR F 116 7.21 -29.02 -4.13
N TRP F 117 6.40 -28.95 -5.19
CA TRP F 117 7.00 -29.00 -6.53
C TRP F 117 7.74 -27.72 -6.88
N HIS F 118 7.25 -26.56 -6.43
CA HIS F 118 7.95 -25.32 -6.70
C HIS F 118 9.33 -25.28 -6.05
N MET F 119 9.59 -26.14 -5.08
CA MET F 119 10.88 -26.19 -4.40
C MET F 119 11.82 -27.18 -5.05
N THR F 120 11.37 -27.89 -6.07
CA THR F 120 12.19 -28.84 -6.81
C THR F 120 12.67 -28.31 -8.14
N VAL F 121 11.82 -27.63 -8.88
CA VAL F 121 12.18 -27.04 -10.15
C VAL F 121 12.27 -25.52 -9.96
N ILE F 122 12.76 -24.85 -10.99
CA ILE F 122 12.85 -23.40 -10.99
C ILE F 122 11.72 -22.78 -11.82
N ARG F 123 10.59 -23.49 -11.93
CA ARG F 123 9.44 -23.05 -12.71
C ARG F 123 9.84 -22.85 -14.17
N ASP F 124 10.19 -23.93 -14.85
CA ASP F 124 10.59 -23.84 -16.25
C ASP F 124 9.47 -23.29 -17.12
N THR F 125 8.21 -23.59 -16.75
CA THR F 125 7.07 -23.17 -17.56
C THR F 125 5.87 -22.98 -16.66
N ASP F 126 4.74 -22.65 -17.30
CA ASP F 126 3.44 -22.58 -16.65
C ASP F 126 2.68 -23.89 -16.71
N PHE F 127 3.28 -24.93 -17.27
CA PHE F 127 2.64 -26.23 -17.48
C PHE F 127 3.47 -27.33 -16.82
N THR F 128 3.89 -27.08 -15.59
CA THR F 128 4.62 -28.07 -14.82
C THR F 128 3.70 -29.25 -14.50
N PRO F 129 4.28 -30.42 -14.21
CA PRO F 129 3.42 -31.57 -13.88
C PRO F 129 2.46 -31.30 -12.75
N SER F 130 2.88 -30.57 -11.72
CA SER F 130 1.97 -30.21 -10.65
C SER F 130 0.85 -29.32 -11.17
N HIS F 131 1.18 -28.34 -12.01
CA HIS F 131 0.15 -27.48 -12.58
C HIS F 131 -0.81 -28.27 -13.46
N ILE F 132 -0.27 -29.22 -14.24
CA ILE F 132 -1.13 -30.03 -15.09
C ILE F 132 -2.09 -30.86 -14.26
N ILE F 133 -1.58 -31.48 -13.19
CA ILE F 133 -2.44 -32.29 -12.35
C ILE F 133 -3.42 -31.43 -11.57
N GLU F 134 -2.95 -30.31 -11.01
CA GLU F 134 -3.77 -29.53 -10.10
C GLU F 134 -4.73 -28.61 -10.85
N PHE F 135 -4.19 -27.70 -11.66
CA PHE F 135 -5.02 -26.67 -12.29
C PHE F 135 -5.98 -27.25 -13.31
N TYR F 136 -5.49 -28.12 -14.18
CA TYR F 136 -6.25 -28.53 -15.35
C TYR F 136 -6.87 -29.91 -15.23
N MET F 137 -6.61 -30.63 -14.13
CA MET F 137 -7.29 -31.90 -13.89
C MET F 137 -8.19 -31.86 -12.66
N SER F 138 -7.64 -31.56 -11.48
CA SER F 138 -8.42 -31.72 -10.26
C SER F 138 -9.46 -30.61 -10.11
N TYR F 139 -9.08 -29.38 -10.39
CA TYR F 139 -10.05 -28.28 -10.33
C TYR F 139 -11.19 -28.48 -11.31
N PRO F 140 -10.96 -28.77 -12.60
CA PRO F 140 -12.09 -29.08 -13.47
C PRO F 140 -12.90 -30.27 -13.00
N ILE F 141 -12.26 -31.28 -12.42
CA ILE F 141 -13.00 -32.46 -11.98
C ILE F 141 -13.97 -32.09 -10.87
N TYR F 142 -13.50 -31.37 -9.85
CA TYR F 142 -14.41 -31.05 -8.77
C TYR F 142 -15.44 -30.01 -9.17
N SER F 143 -15.12 -29.10 -10.09
CA SER F 143 -16.14 -28.19 -10.58
C SER F 143 -17.20 -28.94 -11.38
N VAL F 144 -16.80 -29.95 -12.14
CA VAL F 144 -17.77 -30.77 -12.86
C VAL F 144 -18.66 -31.51 -11.89
N ILE F 145 -18.07 -32.09 -10.84
CA ILE F 145 -18.90 -32.79 -9.85
C ILE F 145 -19.85 -31.82 -9.17
N ALA F 146 -19.39 -30.59 -8.91
CA ALA F 146 -20.25 -29.58 -8.31
C ALA F 146 -21.43 -29.25 -9.23
N VAL F 147 -21.15 -29.05 -10.52
CA VAL F 147 -22.23 -28.70 -11.44
C VAL F 147 -23.19 -29.89 -11.59
N GLY F 148 -22.68 -31.11 -11.44
CA GLY F 148 -23.57 -32.25 -11.40
C GLY F 148 -24.44 -32.25 -10.16
N ALA F 149 -23.85 -31.94 -9.00
CA ALA F 149 -24.64 -31.84 -7.78
C ALA F 149 -25.64 -30.70 -7.86
N PHE F 150 -25.23 -29.55 -8.40
CA PHE F 150 -26.14 -28.42 -8.50
C PHE F 150 -27.32 -28.74 -9.40
N PHE F 151 -27.07 -29.37 -10.54
CA PHE F 151 -28.15 -29.66 -11.47
C PHE F 151 -29.04 -30.79 -11.00
N TYR F 152 -28.52 -31.74 -10.22
CA TYR F 152 -29.38 -32.79 -9.67
C TYR F 152 -30.44 -32.18 -8.76
N ALA F 153 -30.03 -31.29 -7.86
CA ALA F 153 -30.99 -30.65 -6.98
C ALA F 153 -31.98 -29.80 -7.77
N LYS F 154 -31.50 -29.11 -8.80
CA LYS F 154 -32.38 -28.26 -9.61
C LYS F 154 -33.40 -29.10 -10.37
N THR F 155 -33.10 -30.36 -10.64
CA THR F 155 -33.93 -31.18 -11.52
C THR F 155 -34.61 -32.34 -10.81
N ARG F 156 -34.42 -32.51 -9.51
CA ARG F 156 -35.07 -33.59 -8.80
C ARG F 156 -35.85 -33.15 -7.57
N ILE F 157 -35.35 -32.15 -6.85
CA ILE F 157 -35.94 -31.72 -5.59
C ILE F 157 -36.74 -30.44 -5.83
N PRO F 158 -38.01 -30.37 -5.43
CA PRO F 158 -38.79 -29.17 -5.72
C PRO F 158 -38.24 -27.90 -5.09
N TYR F 159 -37.60 -28.00 -3.92
CA TYR F 159 -37.11 -26.80 -3.26
C TYR F 159 -36.05 -26.10 -4.11
N PHE F 160 -35.15 -26.87 -4.71
CA PHE F 160 -34.10 -26.32 -5.53
C PHE F 160 -34.52 -26.12 -6.99
N ALA F 161 -35.73 -26.53 -7.35
CA ALA F 161 -36.18 -26.40 -8.72
C ALA F 161 -36.92 -25.09 -8.97
N HIS F 162 -37.51 -24.49 -7.94
CA HIS F 162 -38.31 -23.28 -8.12
C HIS F 162 -37.48 -22.01 -8.12
N GLY F 163 -36.18 -22.12 -7.95
CA GLY F 163 -35.31 -20.97 -7.95
C GLY F 163 -33.87 -21.43 -7.89
N TYR F 164 -32.99 -20.47 -7.67
CA TYR F 164 -31.56 -20.75 -7.52
C TYR F 164 -31.17 -20.52 -6.07
N SER F 165 -30.70 -21.58 -5.42
CA SER F 165 -30.21 -21.45 -4.05
C SER F 165 -28.91 -20.66 -4.06
N LEU F 166 -28.86 -19.58 -3.28
CA LEU F 166 -27.68 -18.73 -3.26
C LEU F 166 -26.47 -19.49 -2.76
N ALA F 167 -26.64 -20.29 -1.71
CA ALA F 167 -25.52 -21.07 -1.18
C ALA F 167 -25.06 -22.11 -2.20
N PHE F 168 -26.00 -22.79 -2.86
CA PHE F 168 -25.62 -23.75 -3.88
C PHE F 168 -24.91 -23.08 -5.04
N LEU F 169 -25.40 -21.90 -5.44
CA LEU F 169 -24.75 -21.14 -6.49
C LEU F 169 -23.31 -20.82 -6.11
N ILE F 170 -23.12 -20.35 -4.87
CA ILE F 170 -21.78 -19.99 -4.42
C ILE F 170 -20.88 -21.21 -4.42
N VAL F 171 -21.35 -22.30 -3.83
CA VAL F 171 -20.52 -23.49 -3.72
C VAL F 171 -20.26 -24.13 -5.07
N ALA F 172 -21.07 -23.83 -6.08
CA ALA F 172 -20.84 -24.36 -7.41
C ALA F 172 -19.97 -23.48 -8.27
N ILE F 173 -19.96 -22.17 -8.04
CA ILE F 173 -19.21 -21.24 -8.88
C ILE F 173 -17.87 -20.85 -8.26
N GLY F 174 -17.88 -20.44 -6.98
CA GLY F 174 -16.67 -19.96 -6.34
C GLY F 174 -15.53 -20.97 -6.35
N PRO F 175 -15.79 -22.19 -5.90
CA PRO F 175 -14.77 -23.24 -6.07
C PRO F 175 -14.39 -23.47 -7.52
N PHE F 176 -15.36 -23.36 -8.44
CA PHE F 176 -15.01 -23.36 -9.85
C PHE F 176 -14.27 -22.10 -10.24
N MET F 177 -14.41 -21.03 -9.47
CA MET F 177 -13.81 -19.75 -9.83
C MET F 177 -12.33 -19.69 -9.48
N ILE F 178 -11.69 -20.85 -9.30
CA ILE F 178 -10.26 -20.90 -9.02
C ILE F 178 -9.51 -21.40 -10.24
N ILE F 179 -10.11 -22.33 -10.99
CA ILE F 179 -9.45 -22.87 -12.19
C ILE F 179 -9.27 -21.77 -13.23
N PRO F 180 -10.26 -20.92 -13.55
CA PRO F 180 -9.92 -19.72 -14.32
C PRO F 180 -8.85 -18.88 -13.66
N ASN F 181 -8.93 -18.74 -12.35
CA ASN F 181 -8.09 -17.88 -11.52
C ASN F 181 -6.62 -18.31 -11.51
N VAL F 182 -6.26 -19.38 -12.23
CA VAL F 182 -4.88 -19.84 -12.28
C VAL F 182 -3.93 -18.72 -12.68
N GLY F 183 -4.41 -17.80 -13.51
CA GLY F 183 -3.55 -16.79 -14.10
C GLY F 183 -2.89 -15.86 -13.10
N LEU F 184 -3.55 -15.51 -11.99
CA LEU F 184 -2.83 -14.72 -10.99
C LEU F 184 -1.67 -15.50 -10.38
N ASN F 185 -1.79 -16.82 -10.27
CA ASN F 185 -0.61 -17.62 -9.96
C ASN F 185 0.43 -17.48 -11.06
N GLU F 186 -0.01 -17.45 -12.31
CA GLU F 186 0.88 -17.33 -13.45
C GLU F 186 1.31 -15.89 -13.71
N TRP F 187 0.35 -14.99 -13.95
CA TRP F 187 0.69 -13.60 -14.24
C TRP F 187 1.39 -12.95 -13.05
N GLY F 188 1.00 -13.34 -11.84
CA GLY F 188 1.60 -12.76 -10.65
C GLY F 188 3.07 -13.06 -10.46
N HIS F 189 3.46 -14.34 -10.55
CA HIS F 189 4.89 -14.64 -10.43
C HIS F 189 5.67 -14.33 -11.69
N THR F 190 5.01 -14.11 -12.81
CA THR F 190 5.76 -13.68 -13.99
C THR F 190 6.11 -12.21 -13.91
N PHE F 191 5.22 -11.37 -13.38
CA PHE F 191 5.50 -9.93 -13.35
C PHE F 191 5.47 -9.34 -11.94
N TRP F 192 4.40 -9.53 -11.18
CA TRP F 192 4.22 -8.78 -9.94
C TRP F 192 5.22 -9.17 -8.85
N PHE F 193 5.16 -10.40 -8.37
CA PHE F 193 6.08 -10.88 -7.35
C PHE F 193 7.10 -11.80 -7.98
N MET F 194 8.38 -11.52 -7.69
CA MET F 194 9.50 -12.07 -8.41
C MET F 194 10.03 -13.36 -7.77
N GLU F 195 9.25 -13.97 -6.89
CA GLU F 195 9.73 -15.07 -6.07
C GLU F 195 8.60 -16.06 -5.81
N GLU F 196 8.99 -17.31 -5.53
CA GLU F 196 8.03 -18.34 -5.14
C GLU F 196 7.69 -18.20 -3.65
N LEU F 197 6.97 -17.12 -3.35
CA LEU F 197 6.47 -16.87 -2.01
C LEU F 197 4.95 -17.03 -2.03
N PHE F 198 4.46 -18.07 -1.36
CA PHE F 198 3.03 -18.38 -1.37
C PHE F 198 2.19 -17.31 -0.70
N VAL F 199 2.79 -16.45 0.13
CA VAL F 199 2.05 -15.42 0.85
C VAL F 199 1.72 -14.23 -0.05
N ALA F 200 2.25 -14.21 -1.26
CA ALA F 200 2.10 -13.03 -2.12
C ALA F 200 0.62 -12.75 -2.39
N PRO F 201 0.20 -11.48 -2.38
CA PRO F 201 -1.21 -11.14 -2.63
C PRO F 201 -1.76 -11.67 -3.94
N LEU F 202 -0.90 -12.23 -4.79
CA LEU F 202 -1.37 -12.88 -6.02
C LEU F 202 -2.28 -14.06 -5.69
N HIS F 203 -1.92 -14.83 -4.66
CA HIS F 203 -2.71 -15.96 -4.23
C HIS F 203 -3.88 -15.55 -3.34
N TRP F 204 -4.12 -14.26 -3.15
CA TRP F 204 -5.29 -13.83 -2.41
C TRP F 204 -6.57 -13.91 -3.23
N GLY F 205 -6.49 -13.67 -4.54
CA GLY F 205 -7.59 -14.04 -5.41
C GLY F 205 -7.82 -15.54 -5.43
N PHE F 206 -6.73 -16.32 -5.35
CA PHE F 206 -6.86 -17.75 -5.13
C PHE F 206 -7.64 -18.04 -3.85
N VAL F 207 -7.46 -17.20 -2.85
CA VAL F 207 -8.01 -17.47 -1.52
C VAL F 207 -9.46 -17.03 -1.42
N PHE F 208 -9.79 -15.85 -1.95
CA PHE F 208 -11.14 -15.32 -1.82
C PHE F 208 -12.17 -16.28 -2.39
N PHE F 209 -11.79 -17.04 -3.42
CA PHE F 209 -12.68 -18.05 -3.99
C PHE F 209 -12.54 -19.40 -3.29
N GLY F 210 -11.49 -19.60 -2.50
CA GLY F 210 -11.46 -20.73 -1.61
C GLY F 210 -12.41 -20.59 -0.43
N TRP F 211 -12.72 -19.34 -0.05
CA TRP F 211 -13.74 -19.11 0.97
C TRP F 211 -15.11 -19.58 0.52
N MET F 212 -15.37 -19.56 -0.78
CA MET F 212 -16.67 -19.98 -1.30
C MET F 212 -16.94 -21.46 -1.06
N ALA F 213 -15.92 -22.24 -0.72
CA ALA F 213 -16.16 -23.62 -0.33
C ALA F 213 -17.03 -23.71 0.91
N LEU F 214 -17.13 -22.63 1.69
CA LEU F 214 -18.03 -22.59 2.83
C LEU F 214 -19.49 -22.54 2.44
N GLY F 215 -19.80 -22.40 1.14
CA GLY F 215 -21.17 -22.46 0.71
C GLY F 215 -21.84 -23.79 0.96
N VAL F 216 -21.06 -24.83 1.26
CA VAL F 216 -21.65 -26.11 1.66
C VAL F 216 -22.56 -25.94 2.86
N PHE F 217 -22.26 -24.96 3.71
CA PHE F 217 -23.05 -24.74 4.92
C PHE F 217 -24.51 -24.50 4.58
N GLY F 218 -24.77 -23.53 3.69
CA GLY F 218 -26.14 -23.26 3.32
C GLY F 218 -26.80 -24.40 2.58
N VAL F 219 -26.04 -25.13 1.76
CA VAL F 219 -26.62 -26.26 1.04
C VAL F 219 -27.09 -27.33 2.01
N VAL F 220 -26.23 -27.72 2.95
CA VAL F 220 -26.64 -28.74 3.90
C VAL F 220 -27.71 -28.22 4.83
N LEU F 221 -27.73 -26.90 5.09
CA LEU F 221 -28.80 -26.35 5.91
C LEU F 221 -30.14 -26.46 5.21
N GLN F 222 -30.17 -26.19 3.91
CA GLN F 222 -31.42 -26.34 3.16
C GLN F 222 -31.83 -27.80 3.07
N ILE F 223 -30.85 -28.70 2.89
CA ILE F 223 -31.15 -30.12 2.87
C ILE F 223 -31.76 -30.55 4.20
N LEU F 224 -31.20 -30.06 5.30
CA LEU F 224 -31.71 -30.42 6.62
C LEU F 224 -33.07 -29.79 6.86
N MET F 225 -33.31 -28.59 6.32
CA MET F 225 -34.65 -28.01 6.40
C MET F 225 -35.67 -28.89 5.71
N ARG F 226 -35.33 -29.37 4.51
CA ARG F 226 -36.24 -30.28 3.80
C ARG F 226 -36.45 -31.57 4.57
N ILE F 227 -35.37 -32.12 5.14
CA ILE F 227 -35.49 -33.37 5.89
C ILE F 227 -36.38 -33.17 7.11
N HIS F 228 -36.14 -32.09 7.86
CA HIS F 228 -36.94 -31.81 9.05
C HIS F 228 -38.39 -31.55 8.71
N ALA F 229 -38.66 -30.95 7.55
CA ALA F 229 -40.04 -30.76 7.12
C ALA F 229 -40.69 -32.04 6.65
N LEU F 230 -39.91 -32.96 6.08
CA LEU F 230 -40.49 -34.19 5.54
C LEU F 230 -40.91 -35.15 6.65
N VAL F 231 -40.06 -35.31 7.67
CA VAL F 231 -40.42 -36.18 8.77
C VAL F 231 -41.60 -35.55 9.50
N GLY F 232 -42.66 -36.32 9.68
CA GLY F 232 -43.90 -35.78 10.22
C GLY F 232 -43.78 -35.36 11.67
N LYS F 233 -44.92 -35.04 12.28
CA LYS F 233 -44.92 -34.68 13.70
C LYS F 233 -44.38 -35.83 14.54
N GLU F 234 -44.72 -37.06 14.19
CA GLU F 234 -44.17 -38.20 14.91
C GLU F 234 -42.66 -38.30 14.73
N GLY F 235 -42.16 -37.96 13.54
CA GLY F 235 -40.74 -38.07 13.31
C GLY F 235 -39.91 -37.12 14.15
N VAL F 236 -40.35 -35.86 14.25
CA VAL F 236 -39.54 -34.86 14.93
C VAL F 236 -39.51 -35.10 16.43
N LYS F 237 -40.68 -35.29 17.04
CA LYS F 237 -40.74 -35.44 18.49
C LYS F 237 -40.67 -36.90 18.93
N LEU F 238 -41.58 -37.74 18.42
CA LEU F 238 -41.67 -39.11 18.94
C LEU F 238 -40.42 -39.92 18.63
N LEU F 239 -39.84 -39.75 17.44
CA LEU F 239 -38.70 -40.58 17.06
C LEU F 239 -37.37 -39.90 17.38
N THR F 240 -37.09 -38.78 16.70
CA THR F 240 -35.77 -38.18 16.84
C THR F 240 -35.62 -37.42 18.16
N GLU F 241 -36.74 -37.09 18.81
CA GLU F 241 -36.73 -36.33 20.06
C GLU F 241 -35.98 -35.02 19.92
N UNK G 1 2.95 -44.27 -20.41
CA UNK G 1 2.86 -43.58 -21.69
C UNK G 1 1.66 -42.65 -21.71
N UNK G 2 0.49 -43.19 -22.07
CA UNK G 2 -0.75 -42.42 -22.06
C UNK G 2 -1.71 -43.03 -21.05
N UNK G 3 -1.16 -43.45 -19.91
CA UNK G 3 -1.93 -44.14 -18.89
C UNK G 3 -2.99 -43.24 -18.27
N UNK G 4 -2.63 -42.01 -17.92
CA UNK G 4 -3.54 -41.10 -17.25
C UNK G 4 -4.67 -40.65 -18.18
N UNK G 5 -4.32 -40.32 -19.41
CA UNK G 5 -5.29 -39.86 -20.39
C UNK G 5 -6.32 -40.94 -20.67
N UNK G 6 -5.88 -42.19 -20.67
CA UNK G 6 -6.77 -43.32 -20.92
C UNK G 6 -7.60 -43.63 -19.68
N UNK G 7 -6.97 -43.50 -18.51
CA UNK G 7 -7.64 -43.80 -17.25
C UNK G 7 -8.77 -42.82 -16.99
N UNK G 8 -8.57 -41.57 -17.37
CA UNK G 8 -9.61 -40.56 -17.21
C UNK G 8 -10.84 -40.94 -18.02
N UNK G 9 -10.62 -41.32 -19.27
CA UNK G 9 -11.71 -41.72 -20.15
C UNK G 9 -12.39 -42.97 -19.63
N UNK G 10 -11.59 -43.91 -19.11
CA UNK G 10 -12.12 -45.14 -18.56
C UNK G 10 -13.03 -44.86 -17.37
N UNK G 11 -12.58 -43.95 -16.51
CA UNK G 11 -13.36 -43.56 -15.34
C UNK G 11 -14.66 -42.90 -15.76
N UNK G 12 -14.57 -41.98 -16.73
CA UNK G 12 -15.75 -41.30 -17.23
C UNK G 12 -16.76 -42.29 -17.80
N UNK G 13 -16.27 -43.25 -18.56
CA UNK G 13 -17.13 -44.26 -19.16
C UNK G 13 -17.78 -45.16 -18.12
N UNK G 14 -16.98 -45.64 -17.17
CA UNK G 14 -17.48 -46.53 -16.13
C UNK G 14 -18.47 -45.80 -15.22
N UNK G 15 -18.33 -44.48 -15.13
CA UNK G 15 -19.27 -43.69 -14.36
C UNK G 15 -20.55 -43.47 -15.14
N UNK G 16 -20.41 -43.31 -16.46
CA UNK G 16 -21.56 -43.12 -17.33
C UNK G 16 -22.41 -44.39 -17.37
N UNK G 17 -21.74 -45.54 -17.26
CA UNK G 17 -22.44 -46.82 -17.24
C UNK G 17 -22.97 -47.14 -15.86
N UNK G 18 -23.39 -46.11 -15.14
CA UNK G 18 -23.99 -46.27 -13.82
C UNK G 18 -25.21 -45.36 -13.72
N UNK G 19 -26.07 -45.43 -14.73
CA UNK G 19 -27.28 -44.64 -14.78
C UNK G 19 -28.51 -45.55 -14.72
N GLU H 1 -40.95 8.09 45.59
CA GLU H 1 -40.34 8.60 46.82
C GLU H 1 -39.33 9.70 46.52
N SER H 2 -38.37 9.40 45.64
CA SER H 2 -37.40 10.40 45.18
C SER H 2 -36.76 9.86 43.92
N VAL H 3 -37.22 10.33 42.76
CA VAL H 3 -36.68 9.83 41.50
C VAL H 3 -35.23 10.25 41.34
N VAL H 4 -34.93 11.52 41.58
CA VAL H 4 -33.59 12.06 41.45
C VAL H 4 -32.90 11.87 42.80
N ASP H 5 -32.11 10.80 42.93
CA ASP H 5 -31.37 10.57 44.15
C ASP H 5 -29.99 11.19 44.07
N LEU H 6 -29.19 10.77 43.08
CA LEU H 6 -27.91 11.34 42.68
C LEU H 6 -26.81 11.13 43.72
N ARG H 7 -27.10 10.55 44.88
CA ARG H 7 -26.04 10.33 45.85
C ARG H 7 -25.01 9.34 45.32
N GLY H 8 -25.47 8.27 44.66
CA GLY H 8 -24.54 7.30 44.12
C GLY H 8 -23.64 7.89 43.05
N MET H 9 -24.21 8.72 42.16
CA MET H 9 -23.40 9.36 41.14
C MET H 9 -22.36 10.28 41.75
N TRP H 10 -22.76 11.07 42.75
CA TRP H 10 -21.81 11.95 43.40
C TRP H 10 -20.69 11.17 44.08
N ILE H 11 -21.04 10.08 44.76
CA ILE H 11 -20.03 9.26 45.42
C ILE H 11 -19.07 8.69 44.39
N GLY H 12 -19.60 8.14 43.30
CA GLY H 12 -18.74 7.57 42.27
C GLY H 12 -17.84 8.61 41.63
N LEU H 13 -18.39 9.78 41.32
CA LEU H 13 -17.60 10.83 40.70
C LEU H 13 -16.50 11.30 41.63
N VAL H 14 -16.83 11.52 42.90
CA VAL H 14 -15.82 11.98 43.85
C VAL H 14 -14.72 10.94 44.00
N LEU H 15 -15.11 9.68 44.16
CA LEU H 15 -14.12 8.62 44.33
C LEU H 15 -13.21 8.52 43.11
N LEU H 16 -13.79 8.49 41.91
CA LEU H 16 -13.00 8.33 40.71
C LEU H 16 -12.08 9.52 40.48
N ASN H 17 -12.61 10.74 40.62
CA ASN H 17 -11.79 11.92 40.38
C ASN H 17 -10.69 12.05 41.42
N VAL H 18 -10.98 11.77 42.69
CA VAL H 18 -9.96 11.83 43.71
C VAL H 18 -8.89 10.77 43.47
N PHE H 19 -9.30 9.56 43.08
CA PHE H 19 -8.33 8.51 42.82
C PHE H 19 -7.43 8.88 41.65
N TYR H 20 -8.00 9.41 40.57
CA TYR H 20 -7.19 9.77 39.42
C TYR H 20 -6.30 10.98 39.72
N LEU H 21 -6.77 11.92 40.54
CA LEU H 21 -5.93 13.04 40.93
C LEU H 21 -4.76 12.56 41.79
N ILE H 22 -5.02 11.59 42.67
CA ILE H 22 -3.97 10.99 43.47
C ILE H 22 -2.96 10.28 42.57
N VAL H 23 -3.44 9.56 41.57
CA VAL H 23 -2.54 8.87 40.64
C VAL H 23 -1.71 9.89 39.87
N ARG H 24 -2.32 10.99 39.45
CA ARG H 24 -1.59 12.03 38.73
C ARG H 24 -0.51 12.65 39.60
N ILE H 25 -0.81 12.93 40.87
CA ILE H 25 0.22 13.44 41.77
C ILE H 25 1.31 12.42 41.99
N TYR H 26 0.94 11.15 42.16
CA TYR H 26 1.93 10.10 42.37
C TYR H 26 2.88 10.01 41.19
N GLU H 27 2.36 10.04 39.97
CA GLU H 27 3.21 9.98 38.80
C GLU H 27 3.92 11.30 38.51
N GLN H 28 3.41 12.42 39.01
CA GLN H 28 4.21 13.64 39.00
C GLN H 28 5.44 13.49 39.87
N VAL H 29 5.27 12.92 41.07
CA VAL H 29 6.38 12.77 41.99
C VAL H 29 7.36 11.71 41.51
N PHE H 30 6.86 10.57 41.05
CA PHE H 30 7.68 9.42 40.73
C PHE H 30 7.85 9.16 39.25
N GLY H 31 7.50 10.12 38.39
CA GLY H 31 7.84 9.97 36.97
C GLY H 31 9.34 9.99 36.76
N TRP H 32 10.01 10.94 37.40
CA TRP H 32 11.42 10.87 37.66
C TRP H 32 11.60 10.38 39.08
N ARG H 33 12.85 10.25 39.53
CA ARG H 33 13.12 9.70 40.85
C ARG H 33 12.51 8.30 40.96
N ALA H 34 13.13 7.37 40.22
CA ALA H 34 12.78 5.95 40.15
C ALA H 34 11.66 5.67 39.16
N GLY H 35 11.32 6.60 38.29
CA GLY H 35 10.29 6.24 37.30
C GLY H 35 10.88 6.01 35.92
N LEU H 36 11.96 6.71 35.61
CA LEU H 36 12.53 6.62 34.24
C LEU H 36 13.16 5.25 33.99
N ASP H 37 14.15 4.85 34.79
CA ASP H 37 14.89 3.65 34.43
C ASP H 37 14.03 2.46 34.84
N SER H 38 13.74 1.59 33.88
CA SER H 38 12.87 0.44 34.11
C SER H 38 13.62 -0.78 34.66
N PHE H 39 14.94 -0.76 34.68
CA PHE H 39 15.71 -1.88 35.20
C PHE H 39 16.15 -1.69 36.63
N ALA H 40 16.08 -0.47 37.16
CA ALA H 40 16.46 -0.24 38.54
C ALA H 40 15.46 -0.90 39.48
N PRO H 41 15.92 -1.42 40.62
CA PRO H 41 14.99 -2.03 41.58
C PRO H 41 13.94 -1.06 42.10
N GLU H 42 14.29 0.23 42.19
CA GLU H 42 13.33 1.22 42.64
C GLU H 42 12.14 1.31 41.69
N PHE H 43 12.35 1.01 40.41
CA PHE H 43 11.22 0.93 39.48
C PHE H 43 10.25 -0.18 39.87
N GLN H 44 10.79 -1.34 40.24
CA GLN H 44 9.95 -2.41 40.76
C GLN H 44 9.23 -1.99 42.03
N THR H 45 9.94 -1.26 42.90
CA THR H 45 9.36 -0.83 44.17
C THR H 45 8.18 0.11 43.94
N TYR H 46 8.33 1.07 43.02
CA TYR H 46 7.37 2.15 42.90
C TYR H 46 6.39 1.99 41.75
N TRP H 47 6.75 1.26 40.70
CA TRP H 47 5.88 1.16 39.53
C TRP H 47 5.41 -0.25 39.23
N MET H 48 6.30 -1.25 39.28
CA MET H 48 5.88 -2.61 39.01
C MET H 48 4.91 -3.13 40.06
N SER H 49 4.98 -2.62 41.29
CA SER H 49 4.00 -3.00 42.31
C SER H 49 2.60 -2.60 41.89
N ILE H 50 2.45 -1.39 41.33
CA ILE H 50 1.15 -0.95 40.84
C ILE H 50 0.67 -1.87 39.73
N LEU H 51 1.57 -2.22 38.81
CA LEU H 51 1.17 -3.09 37.70
C LEU H 51 0.72 -4.45 38.21
N TRP H 52 1.42 -5.00 39.19
CA TRP H 52 1.06 -6.30 39.72
C TRP H 52 -0.24 -6.26 40.50
N THR H 53 -0.52 -5.15 41.18
CA THR H 53 -1.76 -5.03 41.94
C THR H 53 -2.94 -4.58 41.09
N GLU H 54 -2.70 -4.09 39.87
CA GLU H 54 -3.79 -3.57 39.05
C GLU H 54 -4.66 -4.68 38.50
N ILE H 55 -4.07 -5.57 37.69
CA ILE H 55 -4.86 -6.51 36.91
C ILE H 55 -5.72 -7.41 37.79
N PRO H 56 -5.20 -8.08 38.83
CA PRO H 56 -6.09 -8.87 39.69
C PRO H 56 -7.16 -8.03 40.35
N LEU H 57 -6.84 -6.83 40.79
CA LEU H 57 -7.83 -6.02 41.51
C LEU H 57 -8.97 -5.61 40.59
N GLU H 58 -8.65 -5.08 39.41
CA GLU H 58 -9.71 -4.65 38.50
C GLU H 58 -10.47 -5.84 37.93
N LEU H 59 -9.79 -6.95 37.66
CA LEU H 59 -10.49 -8.14 37.19
C LEU H 59 -11.49 -8.62 38.22
N VAL H 60 -11.06 -8.71 39.49
CA VAL H 60 -11.95 -9.12 40.56
C VAL H 60 -13.08 -8.12 40.72
N SER H 61 -12.77 -6.83 40.64
CA SER H 61 -13.80 -5.80 40.80
C SER H 61 -14.87 -5.91 39.72
N GLY H 62 -14.45 -6.08 38.46
CA GLY H 62 -15.43 -6.21 37.39
C GLY H 62 -16.26 -7.47 37.51
N LEU H 63 -15.61 -8.59 37.80
CA LEU H 63 -16.36 -9.84 37.96
C LEU H 63 -17.33 -9.76 39.12
N GLY H 64 -16.89 -9.18 40.24
CA GLY H 64 -17.76 -9.05 41.40
C GLY H 64 -18.91 -8.09 41.16
N LEU H 65 -18.65 -7.00 40.43
CA LEU H 65 -19.73 -6.07 40.10
C LEU H 65 -20.77 -6.76 39.22
N ALA H 66 -20.32 -7.50 38.21
CA ALA H 66 -21.26 -8.24 37.37
C ALA H 66 -22.05 -9.26 38.18
N GLY H 67 -21.36 -9.99 39.05
CA GLY H 67 -22.04 -11.00 39.85
C GLY H 67 -23.04 -10.39 40.82
N TYR H 68 -22.67 -9.29 41.47
CA TYR H 68 -23.57 -8.63 42.39
C TYR H 68 -24.80 -8.10 41.67
N LEU H 69 -24.61 -7.46 40.52
CA LEU H 69 -25.75 -6.96 39.77
C LEU H 69 -26.61 -8.08 39.23
N TRP H 70 -26.03 -9.26 38.94
CA TRP H 70 -26.82 -10.38 38.47
C TRP H 70 -27.59 -11.05 39.60
N LYS H 71 -26.98 -11.16 40.78
CA LYS H 71 -27.67 -11.77 41.92
C LYS H 71 -28.66 -10.82 42.57
N THR H 72 -28.52 -9.52 42.36
CA THR H 72 -29.43 -8.53 42.91
C THR H 72 -30.57 -8.20 41.94
N ARG H 73 -30.59 -8.83 40.78
CA ARG H 73 -31.62 -8.54 39.78
C ARG H 73 -32.99 -8.94 40.29
N ASP H 74 -34.01 -8.23 39.80
CA ASP H 74 -35.38 -8.61 40.09
C ASP H 74 -35.89 -9.56 39.02
N ARG H 75 -36.62 -10.58 39.45
CA ARG H 75 -37.13 -11.60 38.54
C ARG H 75 -38.50 -11.26 37.98
N ASN H 76 -39.06 -10.12 38.36
CA ASN H 76 -40.34 -9.63 37.84
C ASN H 76 -40.17 -8.23 37.28
N VAL H 77 -39.13 -8.06 36.47
CA VAL H 77 -38.77 -6.73 35.95
C VAL H 77 -39.90 -6.17 35.09
N ASP H 78 -40.67 -7.05 34.44
CA ASP H 78 -41.79 -6.60 33.63
C ASP H 78 -42.86 -5.90 34.45
N ALA H 79 -42.91 -6.15 35.76
CA ALA H 79 -43.94 -5.58 36.62
C ALA H 79 -43.48 -4.31 37.31
N VAL H 80 -42.40 -3.70 36.86
CA VAL H 80 -41.91 -2.47 37.48
C VAL H 80 -42.92 -1.35 37.28
N THR H 81 -43.08 -0.52 38.30
CA THR H 81 -43.99 0.62 38.22
C THR H 81 -43.34 1.75 37.44
N PRO H 82 -44.14 2.63 36.84
CA PRO H 82 -43.56 3.75 36.09
C PRO H 82 -42.63 4.62 36.91
N ARG H 83 -42.97 4.87 38.18
CA ARG H 83 -42.07 5.67 39.02
C ARG H 83 -40.77 4.92 39.30
N GLU H 84 -40.87 3.63 39.62
CA GLU H 84 -39.65 2.86 39.85
C GLU H 84 -38.85 2.70 38.57
N GLU H 85 -39.52 2.56 37.43
CA GLU H 85 -38.80 2.47 36.17
C GLU H 85 -38.07 3.77 35.87
N MET H 86 -38.70 4.91 36.13
CA MET H 86 -38.02 6.18 35.95
C MET H 86 -36.83 6.32 36.90
N ARG H 87 -36.99 5.88 38.14
CA ARG H 87 -35.87 5.92 39.07
C ARG H 87 -34.71 5.05 38.58
N ARG H 88 -35.01 3.86 38.07
CA ARG H 88 -33.97 2.99 37.54
C ARG H 88 -33.31 3.60 36.32
N LEU H 89 -34.10 4.26 35.46
CA LEU H 89 -33.52 4.95 34.33
C LEU H 89 -32.56 6.06 34.77
N VAL H 90 -32.94 6.79 35.80
CA VAL H 90 -32.07 7.85 36.32
C VAL H 90 -30.79 7.24 36.88
N VAL H 91 -30.90 6.10 37.56
CA VAL H 91 -29.70 5.45 38.08
C VAL H 91 -28.82 4.97 36.93
N LEU H 92 -29.43 4.48 35.86
CA LEU H 92 -28.65 4.10 34.68
C LEU H 92 -27.92 5.30 34.09
N VAL H 93 -28.61 6.45 34.04
CA VAL H 93 -27.97 7.66 33.53
C VAL H 93 -26.82 8.07 34.43
N GLN H 94 -26.97 7.89 35.74
CA GLN H 94 -25.87 8.16 36.66
C GLN H 94 -24.69 7.24 36.37
N TRP H 95 -24.96 5.96 36.17
CA TRP H 95 -23.92 5.01 35.79
C TRP H 95 -23.21 5.48 34.53
N LEU H 96 -23.98 5.93 33.54
CA LEU H 96 -23.40 6.36 32.28
C LEU H 96 -22.59 7.64 32.44
N VAL H 97 -23.01 8.53 33.34
CA VAL H 97 -22.23 9.74 33.60
C VAL H 97 -20.87 9.37 34.19
N VAL H 98 -20.87 8.48 35.18
CA VAL H 98 -19.61 8.03 35.74
C VAL H 98 -18.78 7.34 34.65
N TYR H 99 -19.44 6.61 33.77
CA TYR H 99 -18.75 5.93 32.67
C TYR H 99 -18.10 6.94 31.74
N GLY H 100 -18.80 8.02 31.42
CA GLY H 100 -18.23 9.03 30.55
C GLY H 100 -17.05 9.73 31.18
N ILE H 101 -17.14 10.01 32.48
CA ILE H 101 -16.00 10.62 33.16
C ILE H 101 -14.80 9.67 33.14
N ALA H 102 -15.04 8.38 33.39
CA ALA H 102 -13.95 7.41 33.33
C ALA H 102 -13.36 7.33 31.92
N ILE H 103 -14.22 7.39 30.90
CA ILE H 103 -13.76 7.34 29.53
C ILE H 103 -12.88 8.55 29.23
N TYR H 104 -13.29 9.73 29.68
CA TYR H 104 -12.46 10.91 29.49
C TYR H 104 -11.12 10.73 30.18
N TRP H 105 -11.13 10.23 31.41
CA TRP H 105 -9.89 10.09 32.16
C TRP H 105 -8.94 9.12 31.46
N GLY H 106 -9.45 8.00 30.97
CA GLY H 106 -8.60 7.00 30.37
C GLY H 106 -8.25 7.27 28.92
N ALA H 107 -9.27 7.34 28.07
CA ALA H 107 -9.06 7.45 26.63
C ALA H 107 -8.52 8.80 26.21
N SER H 108 -8.74 9.84 27.00
CA SER H 108 -8.33 11.19 26.61
C SER H 108 -7.14 11.70 27.41
N PHE H 109 -7.22 11.67 28.74
CA PHE H 109 -6.17 12.27 29.56
C PHE H 109 -4.89 11.44 29.49
N PHE H 110 -4.94 10.21 29.98
CA PHE H 110 -3.74 9.39 30.07
C PHE H 110 -3.26 8.90 28.71
N THR H 111 -4.17 8.70 27.75
CA THR H 111 -3.74 8.26 26.43
C THR H 111 -2.85 9.28 25.77
N GLU H 112 -3.21 10.56 25.86
CA GLU H 112 -2.34 11.60 25.32
C GLU H 112 -1.22 11.98 26.28
N GLN H 113 -1.32 11.62 27.55
CA GLN H 113 -0.16 11.73 28.42
C GLN H 113 0.93 10.75 28.00
N ASP H 114 0.54 9.58 27.50
CA ASP H 114 1.50 8.68 26.87
C ASP H 114 2.25 9.38 25.76
N GLY H 115 1.60 10.32 25.08
CA GLY H 115 2.28 11.05 24.02
C GLY H 115 3.44 11.88 24.53
N THR H 116 3.23 12.60 25.63
CA THR H 116 4.31 13.42 26.17
C THR H 116 5.34 12.58 26.90
N TRP H 117 4.95 11.41 27.43
CA TRP H 117 5.95 10.55 28.06
C TRP H 117 6.86 9.91 27.03
N HIS H 118 6.32 9.57 25.86
CA HIS H 118 7.15 8.98 24.82
C HIS H 118 8.22 9.93 24.33
N MET H 119 8.09 11.23 24.61
CA MET H 119 9.06 12.23 24.22
C MET H 119 10.08 12.49 25.31
N THR H 120 9.92 11.86 26.47
CA THR H 120 10.81 12.03 27.61
C THR H 120 11.78 10.88 27.79
N VAL H 121 11.35 9.65 27.51
CA VAL H 121 12.19 8.47 27.62
C VAL H 121 12.39 7.89 26.23
N ILE H 122 13.29 6.93 26.15
CA ILE H 122 13.56 6.21 24.91
C ILE H 122 12.89 4.83 24.92
N ARG H 123 11.81 4.67 25.69
CA ARG H 123 11.03 3.45 25.77
C ARG H 123 11.89 2.27 26.26
N ASP H 124 12.30 2.41 27.52
CA ASP H 124 13.07 1.35 28.17
C ASP H 124 12.36 0.01 28.11
N THR H 125 11.02 0.01 28.16
CA THR H 125 10.26 -1.22 28.13
C THR H 125 8.82 -0.90 27.72
N ASP H 126 7.99 -1.94 27.66
CA ASP H 126 6.56 -1.76 27.44
C ASP H 126 5.84 -1.28 28.68
N PHE H 127 6.37 -1.56 29.86
CA PHE H 127 5.71 -1.19 31.11
C PHE H 127 6.30 0.12 31.65
N THR H 128 6.10 1.17 30.87
CA THR H 128 6.45 2.50 31.33
C THR H 128 5.43 2.98 32.35
N PRO H 129 5.78 3.98 33.17
CA PRO H 129 4.79 4.53 34.11
C PRO H 129 3.51 4.97 33.40
N SER H 130 3.63 5.63 32.25
CA SER H 130 2.44 6.02 31.50
C SER H 130 1.65 4.81 31.03
N HIS H 131 2.35 3.78 30.54
CA HIS H 131 1.66 2.57 30.11
C HIS H 131 0.97 1.90 31.28
N ILE H 132 1.63 1.86 32.44
CA ILE H 132 1.02 1.27 33.63
C ILE H 132 -0.25 2.03 34.01
N ILE H 133 -0.19 3.36 34.01
CA ILE H 133 -1.36 4.14 34.39
C ILE H 133 -2.44 4.02 33.33
N GLU H 134 -2.07 4.12 32.05
CA GLU H 134 -3.07 4.23 31.00
C GLU H 134 -3.63 2.87 30.60
N PHE H 135 -2.76 1.98 30.11
CA PHE H 135 -3.24 0.71 29.56
C PHE H 135 -3.81 -0.19 30.63
N TYR H 136 -3.17 -0.25 31.79
CA TYR H 136 -3.49 -1.28 32.78
C TYR H 136 -4.30 -0.77 33.96
N MET H 137 -4.55 0.54 34.06
CA MET H 137 -5.45 1.03 35.10
C MET H 137 -6.68 1.72 34.54
N SER H 138 -6.53 2.76 33.73
CA SER H 138 -7.68 3.58 33.36
C SER H 138 -8.60 2.86 32.39
N TYR H 139 -8.02 2.22 31.37
CA TYR H 139 -8.83 1.45 30.43
C TYR H 139 -9.58 0.32 31.12
N PRO H 140 -8.96 -0.52 31.94
CA PRO H 140 -9.75 -1.51 32.69
C PRO H 140 -10.78 -0.89 33.60
N ILE H 141 -10.47 0.26 34.21
CA ILE H 141 -11.43 0.89 35.11
C ILE H 141 -12.68 1.30 34.36
N TYR H 142 -12.53 1.97 33.21
CA TYR H 142 -13.74 2.39 32.52
C TYR H 142 -14.45 1.22 31.86
N SER H 143 -13.73 0.16 31.46
CA SER H 143 -14.44 -1.01 30.96
C SER H 143 -15.23 -1.68 32.08
N VAL H 144 -14.69 -1.69 33.29
CA VAL H 144 -15.44 -2.21 34.44
C VAL H 144 -16.68 -1.38 34.69
N ILE H 145 -16.55 -0.06 34.62
CA ILE H 145 -17.71 0.79 34.81
C ILE H 145 -18.74 0.56 33.71
N ALA H 146 -18.30 0.37 32.47
CA ALA H 146 -19.23 0.04 31.40
C ALA H 146 -19.94 -1.27 31.66
N VAL H 147 -19.21 -2.25 32.20
CA VAL H 147 -19.83 -3.51 32.58
C VAL H 147 -20.91 -3.27 33.63
N GLY H 148 -20.60 -2.44 34.64
CA GLY H 148 -21.59 -2.12 35.64
C GLY H 148 -22.79 -1.40 35.05
N ALA H 149 -22.54 -0.44 34.17
CA ALA H 149 -23.65 0.25 33.50
C ALA H 149 -24.44 -0.71 32.63
N PHE H 150 -23.76 -1.59 31.89
CA PHE H 150 -24.46 -2.54 31.04
C PHE H 150 -25.30 -3.50 31.86
N PHE H 151 -24.74 -4.03 32.94
CA PHE H 151 -25.45 -5.03 33.73
C PHE H 151 -26.55 -4.43 34.58
N TYR H 152 -26.41 -3.18 35.01
CA TYR H 152 -27.53 -2.54 35.71
C TYR H 152 -28.75 -2.46 34.82
N ALA H 153 -28.58 -1.96 33.59
CA ALA H 153 -29.72 -1.88 32.67
C ALA H 153 -30.27 -3.25 32.34
N LYS H 154 -29.38 -4.24 32.17
CA LYS H 154 -29.82 -5.59 31.88
C LYS H 154 -30.66 -6.17 33.02
N THR H 155 -30.39 -5.76 34.25
CA THR H 155 -31.02 -6.36 35.41
C THR H 155 -32.04 -5.47 36.11
N ARG H 156 -32.27 -4.27 35.62
CA ARG H 156 -33.24 -3.42 36.31
C ARG H 156 -34.33 -2.89 35.39
N ILE H 157 -34.00 -2.57 34.14
CA ILE H 157 -34.93 -1.94 33.22
C ILE H 157 -35.46 -3.00 32.25
N PRO H 158 -36.77 -3.18 32.14
CA PRO H 158 -37.30 -4.25 31.29
C PRO H 158 -36.91 -4.12 29.83
N TYR H 159 -36.73 -2.90 29.32
CA TYR H 159 -36.36 -2.75 27.91
C TYR H 159 -35.01 -3.37 27.63
N PHE H 160 -34.04 -3.16 28.52
CA PHE H 160 -32.71 -3.74 28.34
C PHE H 160 -32.62 -5.17 28.85
N ALA H 161 -33.69 -5.69 29.48
CA ALA H 161 -33.62 -7.03 30.04
C ALA H 161 -34.11 -8.08 29.05
N HIS H 162 -34.94 -7.70 28.08
CA HIS H 162 -35.51 -8.68 27.16
C HIS H 162 -34.59 -9.00 26.00
N GLY H 163 -33.42 -8.40 25.96
CA GLY H 163 -32.46 -8.68 24.90
C GLY H 163 -31.19 -7.92 25.15
N TYR H 164 -30.37 -7.85 24.11
CA TYR H 164 -29.13 -7.10 24.18
C TYR H 164 -29.23 -5.90 23.25
N SER H 165 -29.16 -4.70 23.82
CA SER H 165 -29.15 -3.50 23.02
C SER H 165 -27.83 -3.41 22.26
N LEU H 166 -27.92 -3.29 20.93
CA LEU H 166 -26.70 -3.29 20.12
C LEU H 166 -25.81 -2.11 20.46
N ALA H 167 -26.40 -0.93 20.62
CA ALA H 167 -25.61 0.25 20.97
C ALA H 167 -24.96 0.08 22.34
N PHE H 168 -25.70 -0.46 23.30
CA PHE H 168 -25.12 -0.71 24.62
C PHE H 168 -23.98 -1.71 24.53
N LEU H 169 -24.16 -2.76 23.72
CA LEU H 169 -23.08 -3.74 23.53
C LEU H 169 -21.85 -3.07 22.96
N ILE H 170 -22.03 -2.22 21.96
CA ILE H 170 -20.89 -1.52 21.35
C ILE H 170 -20.21 -0.64 22.37
N VAL H 171 -20.98 0.20 23.07
CA VAL H 171 -20.40 1.11 24.04
C VAL H 171 -19.79 0.39 25.23
N ALA H 172 -20.12 -0.88 25.44
CA ALA H 172 -19.51 -1.65 26.51
C ALA H 172 -18.29 -2.44 26.07
N ILE H 173 -18.21 -2.83 24.81
CA ILE H 173 -17.13 -3.69 24.35
C ILE H 173 -16.06 -2.91 23.57
N GLY H 174 -16.46 -2.06 22.63
CA GLY H 174 -15.52 -1.36 21.80
C GLY H 174 -14.59 -0.44 22.56
N PRO H 175 -15.13 0.36 23.47
CA PRO H 175 -14.24 1.06 24.42
C PRO H 175 -13.39 0.10 25.24
N PHE H 176 -13.93 -1.06 25.61
CA PHE H 176 -13.08 -2.10 26.19
C PHE H 176 -12.14 -2.68 25.15
N MET H 177 -12.36 -2.38 23.87
CA MET H 177 -11.43 -2.89 22.82
C MET H 177 -10.37 -1.82 22.51
N ILE H 178 -10.12 -0.88 23.43
CA ILE H 178 -9.04 0.11 23.22
C ILE H 178 -7.79 -0.42 23.94
N ILE H 179 -7.95 -0.97 25.15
CA ILE H 179 -6.80 -1.59 25.88
C ILE H 179 -6.15 -2.67 24.97
N PRO H 180 -6.87 -3.64 24.36
CA PRO H 180 -6.32 -4.59 23.39
C PRO H 180 -5.16 -4.16 22.50
N ASN H 181 -5.18 -2.89 22.08
CA ASN H 181 -4.12 -2.38 21.19
C ASN H 181 -2.78 -2.30 21.93
N VAL H 182 -2.66 -2.86 23.13
CA VAL H 182 -1.33 -2.93 23.82
C VAL H 182 -0.44 -3.73 22.87
N GLY H 183 -0.91 -4.88 22.40
CA GLY H 183 -0.14 -5.69 21.43
C GLY H 183 0.00 -4.95 20.12
N LEU H 184 -1.12 -4.52 19.52
CA LEU H 184 -1.09 -3.80 18.22
C LEU H 184 -0.12 -2.61 18.31
N ASN H 185 0.09 -2.06 19.49
CA ASN H 185 1.06 -0.97 19.65
C ASN H 185 2.46 -1.53 19.82
N GLU H 186 2.66 -2.36 20.87
CA GLU H 186 4.00 -2.82 21.18
C GLU H 186 4.61 -3.62 20.04
N TRP H 187 3.87 -4.58 19.49
CA TRP H 187 4.34 -5.29 18.31
C TRP H 187 4.48 -4.34 17.12
N GLY H 188 3.52 -3.43 16.97
CA GLY H 188 3.64 -2.41 15.95
C GLY H 188 4.82 -1.48 16.20
N HIS H 189 5.02 -1.09 17.46
CA HIS H 189 6.14 -0.22 17.82
C HIS H 189 7.46 -0.92 17.81
N THR H 190 7.55 -2.17 17.34
CA THR H 190 8.82 -2.84 17.19
C THR H 190 9.12 -3.29 15.77
N PHE H 191 8.13 -3.86 15.09
CA PHE H 191 8.40 -4.44 13.74
C PHE H 191 8.13 -3.46 12.60
N TRP H 192 6.86 -3.05 12.41
CA TRP H 192 6.53 -2.24 11.20
C TRP H 192 6.97 -0.78 11.28
N PHE H 193 6.08 0.12 11.70
CA PHE H 193 6.40 1.57 11.68
C PHE H 193 7.52 1.81 12.69
N MET H 194 8.43 2.74 12.39
CA MET H 194 9.69 2.79 13.19
C MET H 194 9.94 3.99 14.11
N GLU H 195 8.94 4.82 14.44
CA GLU H 195 9.25 5.89 15.42
C GLU H 195 7.99 6.25 16.20
N GLU H 196 8.07 7.32 17.00
CA GLU H 196 6.90 7.71 17.83
C GLU H 196 5.93 8.50 16.94
N LEU H 197 5.81 8.11 15.68
CA LEU H 197 4.80 8.73 14.78
C LEU H 197 3.44 8.21 15.23
N PHE H 198 2.76 8.93 16.12
CA PHE H 198 1.42 8.54 16.53
C PHE H 198 0.49 8.29 15.35
N VAL H 199 0.76 8.90 14.19
CA VAL H 199 -0.10 8.76 13.02
C VAL H 199 -0.03 7.36 12.41
N ALA H 200 0.92 6.54 12.83
CA ALA H 200 1.20 5.30 12.13
C ALA H 200 0.01 4.35 12.23
N PRO H 201 -0.27 3.58 11.18
CA PRO H 201 -1.41 2.65 11.23
C PRO H 201 -1.25 1.52 12.24
N LEU H 202 -0.09 1.41 12.89
CA LEU H 202 -0.02 0.58 14.08
C LEU H 202 -0.95 1.10 15.18
N HIS H 203 -1.30 2.38 15.14
CA HIS H 203 -2.28 2.95 16.07
C HIS H 203 -3.68 3.05 15.47
N TRP H 204 -3.88 2.69 14.21
CA TRP H 204 -5.22 2.84 13.65
C TRP H 204 -6.19 1.79 14.16
N GLY H 205 -5.69 0.67 14.69
CA GLY H 205 -6.55 -0.22 15.44
C GLY H 205 -7.11 0.41 16.69
N PHE H 206 -6.30 1.22 17.38
CA PHE H 206 -6.80 2.06 18.46
C PHE H 206 -8.01 2.88 18.00
N VAL H 207 -7.88 3.50 16.82
CA VAL H 207 -8.88 4.45 16.34
C VAL H 207 -10.19 3.76 16.02
N PHE H 208 -10.13 2.63 15.30
CA PHE H 208 -11.37 1.98 14.88
C PHE H 208 -12.23 1.61 16.08
N PHE H 209 -11.61 1.10 17.14
CA PHE H 209 -12.35 0.79 18.35
C PHE H 209 -12.60 2.02 19.21
N GLY H 210 -11.87 3.10 18.97
CA GLY H 210 -12.22 4.36 19.60
C GLY H 210 -13.50 4.95 19.09
N TRP H 211 -13.88 4.62 17.86
CA TRP H 211 -15.14 5.06 17.30
C TRP H 211 -16.34 4.44 18.02
N MET H 212 -16.15 3.26 18.60
CA MET H 212 -17.22 2.61 19.35
C MET H 212 -17.69 3.41 20.55
N ALA H 213 -16.88 4.37 21.02
CA ALA H 213 -17.33 5.25 22.08
C ALA H 213 -18.57 6.04 21.68
N LEU H 214 -18.79 6.22 20.37
CA LEU H 214 -20.00 6.84 19.87
C LEU H 214 -21.24 5.99 20.08
N GLY H 215 -21.09 4.73 20.48
CA GLY H 215 -22.24 3.88 20.73
C GLY H 215 -23.12 4.37 21.86
N VAL H 216 -22.63 5.30 22.68
CA VAL H 216 -23.46 5.89 23.71
C VAL H 216 -24.63 6.66 23.12
N PHE H 217 -24.53 7.05 21.84
CA PHE H 217 -25.63 7.74 21.18
C PHE H 217 -26.90 6.88 21.22
N GLY H 218 -26.78 5.63 20.77
CA GLY H 218 -27.93 4.74 20.80
C GLY H 218 -28.39 4.43 22.21
N VAL H 219 -27.47 4.35 23.16
CA VAL H 219 -27.85 4.07 24.53
C VAL H 219 -28.71 5.19 25.09
N VAL H 220 -28.26 6.43 24.93
CA VAL H 220 -29.05 7.54 25.43
C VAL H 220 -30.32 7.70 24.64
N LEU H 221 -30.33 7.33 23.36
CA LEU H 221 -31.56 7.39 22.59
C LEU H 221 -32.58 6.38 23.09
N GLN H 222 -32.13 5.17 23.44
CA GLN H 222 -33.04 4.19 24.04
C GLN H 222 -33.55 4.67 25.39
N ILE H 223 -32.66 5.27 26.20
CA ILE H 223 -33.08 5.81 27.48
C ILE H 223 -34.14 6.89 27.28
N LEU H 224 -33.95 7.76 26.29
CA LEU H 224 -34.92 8.80 26.01
C LEU H 224 -36.22 8.23 25.47
N MET H 225 -36.15 7.17 24.67
CA MET H 225 -37.38 6.50 24.25
C MET H 225 -38.16 6.00 25.45
N ARG H 226 -37.47 5.37 26.40
CA ARG H 226 -38.14 4.89 27.60
C ARG H 226 -38.73 6.06 28.40
N ILE H 227 -37.97 7.14 28.53
CA ILE H 227 -38.45 8.29 29.30
C ILE H 227 -39.69 8.88 28.65
N HIS H 228 -39.63 9.10 27.33
CA HIS H 228 -40.75 9.68 26.61
C HIS H 228 -41.96 8.77 26.65
N ALA H 229 -41.75 7.46 26.71
CA ALA H 229 -42.87 6.55 26.87
C ALA H 229 -43.38 6.53 28.30
N LEU H 230 -42.50 6.66 29.29
CA LEU H 230 -42.94 6.62 30.68
C LEU H 230 -43.84 7.81 31.02
N VAL H 231 -43.48 9.00 30.57
CA VAL H 231 -44.35 10.15 30.78
C VAL H 231 -45.59 9.97 29.91
N GLY H 232 -46.75 10.12 30.52
CA GLY H 232 -47.99 9.89 29.81
C GLY H 232 -48.31 10.97 28.81
N LYS H 233 -49.51 10.94 28.24
CA LYS H 233 -49.92 11.97 27.30
C LYS H 233 -49.91 13.36 27.95
N GLU H 234 -50.14 13.41 29.26
CA GLU H 234 -50.11 14.69 29.95
C GLU H 234 -48.68 15.20 30.08
N GLY H 235 -47.72 14.29 30.31
CA GLY H 235 -46.34 14.72 30.47
C GLY H 235 -45.75 15.28 29.20
N VAL H 236 -46.01 14.62 28.06
CA VAL H 236 -45.35 15.00 26.82
C VAL H 236 -45.81 16.37 26.35
N LYS H 237 -47.13 16.59 26.32
CA LYS H 237 -47.64 17.74 25.58
C LYS H 237 -48.16 18.85 26.49
N LEU H 238 -48.74 18.50 27.65
CA LEU H 238 -49.15 19.55 28.58
C LEU H 238 -47.94 20.24 29.21
N LEU H 239 -46.98 19.46 29.70
CA LEU H 239 -45.85 20.04 30.42
C LEU H 239 -44.67 20.30 29.49
N THR H 240 -44.17 19.24 28.85
CA THR H 240 -42.94 19.33 28.08
C THR H 240 -43.13 20.11 26.78
N GLU H 241 -44.36 20.21 26.28
CA GLU H 241 -44.65 20.89 25.01
C GLU H 241 -43.94 20.18 23.86
N UNK I 1 7.94 -2.28 48.60
CA UNK I 1 7.10 -1.68 47.57
C UNK I 1 6.23 -0.57 48.16
N UNK I 2 5.95 0.45 47.34
CA UNK I 2 5.11 1.56 47.77
C UNK I 2 3.67 1.33 47.33
N UNK I 3 2.82 0.97 48.29
CA UNK I 3 1.42 0.69 48.00
C UNK I 3 0.58 1.95 48.07
N UNK I 4 1.25 3.11 48.02
CA UNK I 4 0.58 4.40 48.13
C UNK I 4 -0.50 4.59 47.08
N UNK I 5 -0.32 3.95 45.92
CA UNK I 5 -1.31 4.01 44.87
C UNK I 5 -2.08 2.70 44.77
N UNK I 6 -1.46 1.63 45.25
CA UNK I 6 -2.10 0.32 45.22
C UNK I 6 -3.16 0.21 46.31
N UNK I 7 -2.91 0.84 47.44
CA UNK I 7 -3.86 0.82 48.55
C UNK I 7 -5.04 1.74 48.25
N UNK I 8 -4.74 2.86 47.60
CA UNK I 8 -5.78 3.84 47.26
C UNK I 8 -6.79 3.23 46.30
N UNK I 9 -6.33 2.30 45.48
CA UNK I 9 -7.21 1.61 44.54
C UNK I 9 -8.12 0.67 45.31
N UNK I 10 -7.58 0.04 46.35
CA UNK I 10 -8.37 -0.86 47.18
C UNK I 10 -9.33 -0.08 48.06
N UNK I 11 -8.88 1.06 48.54
CA UNK I 11 -9.71 1.92 49.37
C UNK I 11 -10.87 2.47 48.56
N UNK I 12 -10.60 2.83 47.31
CA UNK I 12 -11.62 3.36 46.43
C UNK I 12 -12.65 2.30 46.11
N UNK I 13 -12.19 1.07 45.89
CA UNK I 13 -13.08 -0.03 45.56
C UNK I 13 -13.94 -0.42 46.76
N UNK I 14 -13.32 -0.42 47.94
CA UNK I 14 -14.02 -0.80 49.16
C UNK I 14 -15.06 0.25 49.55
N UNK I 15 -14.65 1.52 49.50
CA UNK I 15 -15.53 2.61 49.87
C UNK I 15 -16.69 2.75 48.88
N UNK I 16 -16.49 2.24 47.67
CA UNK I 16 -17.52 2.29 46.65
C UNK I 16 -18.50 1.15 46.83
N UNK I 17 -18.06 0.09 47.51
CA UNK I 17 -18.91 -1.06 47.77
C UNK I 17 -20.00 -0.71 48.78
N UNK I 18 -19.81 0.39 49.49
CA UNK I 18 -20.81 0.88 50.42
C UNK I 18 -21.97 1.51 49.65
N UNK I 19 -22.79 0.67 49.03
CA UNK I 19 -23.94 1.13 48.28
C UNK I 19 -25.05 0.08 48.29
N UNK J 1 -10.90 38.90 -27.44
CA UNK J 1 -10.58 39.67 -26.24
C UNK J 1 -11.40 39.18 -25.06
N UNK J 2 -12.68 39.53 -25.03
CA UNK J 2 -13.58 39.09 -23.98
C UNK J 2 -14.77 38.37 -24.60
N UNK J 3 -14.55 37.78 -25.76
CA UNK J 3 -15.60 37.10 -26.51
C UNK J 3 -16.19 35.93 -25.73
N UNK J 4 -15.33 35.12 -25.14
CA UNK J 4 -15.79 33.96 -24.39
C UNK J 4 -16.56 34.37 -23.15
N UNK J 5 -16.09 35.42 -22.48
CA UNK J 5 -16.76 35.93 -21.29
C UNK J 5 -18.09 36.58 -21.67
N UNK J 6 -18.17 37.08 -22.89
CA UNK J 6 -19.37 37.76 -23.36
C UNK J 6 -20.40 36.76 -23.89
N UNK J 7 -19.92 35.75 -24.61
CA UNK J 7 -20.79 34.73 -25.19
C UNK J 7 -21.52 33.96 -24.11
N UNK J 8 -20.88 33.81 -22.95
CA UNK J 8 -21.49 33.10 -21.84
C UNK J 8 -22.69 33.87 -21.31
N UNK J 9 -22.54 35.19 -21.19
CA UNK J 9 -23.61 36.04 -20.71
C UNK J 9 -24.74 36.08 -21.73
N UNK J 10 -24.39 36.11 -23.01
CA UNK J 10 -25.37 36.13 -24.07
C UNK J 10 -26.17 34.82 -24.08
N UNK J 11 -25.46 33.72 -23.90
CA UNK J 11 -26.09 32.40 -23.88
C UNK J 11 -27.03 32.27 -22.69
N UNK J 12 -26.64 32.84 -21.56
CA UNK J 12 -27.45 32.79 -20.35
C UNK J 12 -28.68 33.67 -20.49
N UNK J 13 -28.50 34.83 -21.12
CA UNK J 13 -29.60 35.77 -21.30
C UNK J 13 -30.59 35.28 -22.36
N UNK J 14 -30.07 34.78 -23.47
CA UNK J 14 -30.91 34.30 -24.56
C UNK J 14 -31.69 33.07 -24.15
N UNK J 15 -31.19 32.35 -23.14
CA UNK J 15 -31.86 31.15 -22.65
C UNK J 15 -32.96 31.52 -21.66
N UNK J 16 -32.71 32.57 -20.88
CA UNK J 16 -33.68 33.00 -19.89
C UNK J 16 -34.86 33.70 -20.56
N UNK J 17 -34.59 34.35 -21.68
CA UNK J 17 -35.63 35.06 -22.42
C UNK J 17 -36.60 34.07 -23.05
N UNK J 18 -36.15 32.83 -23.22
CA UNK J 18 -37.01 31.78 -23.76
C UNK J 18 -37.72 31.05 -22.63
N UNK J 19 -38.57 31.77 -21.92
CA UNK J 19 -39.35 31.20 -20.82
C UNK J 19 -40.83 31.52 -21.00
N HIS K 1 8.66 26.49 -20.31
CA HIS K 1 8.22 27.88 -20.30
C HIS K 1 7.60 28.25 -18.97
N GLY K 2 7.33 27.23 -18.15
CA GLY K 2 6.73 27.44 -16.85
C GLY K 2 7.70 27.33 -15.70
N GLU K 3 9.00 27.43 -16.01
CA GLU K 3 10.01 27.28 -14.97
C GLU K 3 9.96 28.39 -13.93
N LYS K 4 9.31 29.51 -14.25
CA LYS K 4 9.23 30.61 -13.29
C LYS K 4 8.47 30.20 -12.04
N SER K 5 7.43 29.40 -12.19
CA SER K 5 6.61 29.00 -11.06
C SER K 5 7.26 27.96 -10.18
N GLN K 6 8.28 27.26 -10.66
CA GLN K 6 8.95 26.25 -9.85
C GLN K 6 9.73 26.92 -8.71
N GLN K 7 9.91 26.17 -7.63
CA GLN K 7 10.58 26.72 -6.46
C GLN K 7 12.04 27.05 -6.77
N ALA K 8 12.50 28.17 -6.21
CA ALA K 8 13.82 28.69 -6.57
C ALA K 8 14.92 27.77 -6.11
N PHE K 9 14.90 27.35 -4.85
CA PHE K 9 16.01 26.56 -4.32
C PHE K 9 16.09 25.19 -4.98
N LEU K 10 14.96 24.65 -5.42
CA LEU K 10 15.00 23.40 -6.18
C LEU K 10 15.57 23.64 -7.57
N ARG K 11 15.24 24.78 -8.18
CA ARG K 11 15.76 25.07 -9.50
C ARG K 11 17.27 25.25 -9.47
N MET K 12 17.79 25.90 -8.44
CA MET K 12 19.21 26.23 -8.42
C MET K 12 20.06 25.16 -7.75
N ARG K 13 19.45 24.12 -7.19
CA ARG K 13 20.22 23.08 -6.50
C ARG K 13 19.96 21.68 -7.04
N THR K 14 19.45 21.57 -8.27
CA THR K 14 19.30 20.26 -8.90
C THR K 14 20.19 20.11 -10.12
N LEU K 15 20.03 20.98 -11.12
CA LEU K 15 20.79 20.89 -12.36
C LEU K 15 21.30 22.27 -12.71
N ASN K 16 22.58 22.37 -13.04
CA ASN K 16 23.21 23.64 -13.39
C ASN K 16 23.59 23.58 -14.86
N TRP K 17 22.79 24.22 -15.69
CA TRP K 17 23.02 24.21 -17.13
C TRP K 17 24.07 25.23 -17.51
N TYR K 18 24.93 24.85 -18.46
CA TYR K 18 25.92 25.78 -18.98
C TYR K 18 26.33 25.30 -20.37
N ASP K 19 26.92 26.21 -21.13
CA ASP K 19 27.34 25.95 -22.51
C ASP K 19 26.16 25.53 -23.38
N VAL K 20 24.96 26.01 -23.05
CA VAL K 20 23.79 25.66 -23.84
C VAL K 20 23.76 26.50 -25.11
N GLN K 21 23.64 25.84 -26.25
CA GLN K 21 23.65 26.52 -27.54
C GLN K 21 22.53 25.98 -28.42
N TRP K 22 22.00 26.86 -29.27
CA TRP K 22 21.04 26.49 -30.30
C TRP K 22 21.71 26.70 -31.65
N SER K 23 21.72 25.65 -32.47
CA SER K 23 22.44 25.72 -33.74
C SER K 23 21.87 26.82 -34.64
N LYS K 24 20.54 26.90 -34.74
CA LYS K 24 19.88 27.89 -35.56
C LYS K 24 18.73 28.52 -34.80
N THR K 25 18.56 29.83 -34.95
CA THR K 25 17.42 30.51 -34.36
C THR K 25 16.22 30.49 -35.29
N THR K 26 16.43 30.67 -36.59
CA THR K 26 15.39 30.56 -37.60
C THR K 26 15.60 29.28 -38.40
N VAL K 27 14.56 28.45 -38.48
CA VAL K 27 14.65 27.17 -39.16
C VAL K 27 13.44 27.03 -40.09
N ASN K 28 13.61 26.20 -41.11
CA ASN K 28 12.52 25.91 -42.03
C ASN K 28 11.92 24.55 -41.71
N VAL K 29 10.74 24.29 -42.28
CA VAL K 29 10.14 22.97 -42.17
C VAL K 29 11.05 21.95 -42.84
N ASN K 30 11.23 20.81 -42.19
CA ASN K 30 12.11 19.72 -42.61
C ASN K 30 13.58 20.10 -42.54
N GLU K 31 13.93 21.17 -41.84
CA GLU K 31 15.31 21.57 -41.65
C GLU K 31 15.74 21.24 -40.23
N GLU K 32 16.98 20.77 -40.08
CA GLU K 32 17.47 20.25 -38.82
C GLU K 32 18.21 21.34 -38.03
N MET K 33 17.91 21.42 -36.74
CA MET K 33 18.62 22.28 -35.81
C MET K 33 19.00 21.47 -34.59
N VAL K 34 20.14 21.81 -34.00
CA VAL K 34 20.72 21.04 -32.90
C VAL K 34 20.77 21.91 -31.66
N LEU K 35 20.17 21.43 -30.58
CA LEU K 35 20.23 22.08 -29.28
C LEU K 35 21.14 21.25 -28.39
N SER K 36 22.27 21.83 -27.99
CA SER K 36 23.27 21.12 -27.21
C SER K 36 23.67 21.94 -26.00
N GLY K 37 24.32 21.28 -25.05
CA GLY K 37 24.77 21.96 -23.86
C GLY K 37 25.36 20.97 -22.88
N LYS K 38 25.75 21.49 -21.72
CA LYS K 38 26.28 20.67 -20.64
C LYS K 38 25.48 20.96 -19.38
N VAL K 39 25.33 19.93 -18.54
CA VAL K 39 24.56 20.06 -17.32
C VAL K 39 25.37 19.47 -16.17
N HIS K 40 25.36 20.16 -15.04
CA HIS K 40 26.03 19.71 -13.84
C HIS K 40 25.02 19.31 -12.79
N VAL K 41 25.19 18.12 -12.22
CA VAL K 41 24.30 17.62 -11.19
C VAL K 41 24.81 18.11 -9.84
N PHE K 42 23.96 18.84 -9.12
CA PHE K 42 24.39 19.43 -7.86
C PHE K 42 24.76 18.36 -6.85
N SER K 43 25.86 18.59 -6.13
CA SER K 43 26.32 17.62 -5.16
C SER K 43 25.33 17.48 -4.01
N ALA K 44 24.76 18.59 -3.54
CA ALA K 44 23.77 18.56 -2.46
C ALA K 44 22.37 18.44 -3.06
N TRP K 45 22.10 17.27 -3.60
CA TRP K 45 20.79 17.02 -4.21
C TRP K 45 19.72 17.10 -3.13
N PRO K 46 18.65 17.87 -3.36
CA PRO K 46 17.64 18.05 -2.31
C PRO K 46 16.92 16.74 -2.00
N GLN K 47 16.51 16.62 -0.74
CA GLN K 47 15.71 15.47 -0.34
C GLN K 47 14.35 15.46 -1.01
N ALA K 48 13.80 16.63 -1.33
CA ALA K 48 12.48 16.71 -1.95
C ALA K 48 12.46 16.02 -3.30
N VAL K 49 13.49 16.23 -4.10
CA VAL K 49 13.60 15.61 -5.41
C VAL K 49 14.28 14.26 -5.26
N ALA K 50 13.72 13.24 -5.88
CA ALA K 50 14.32 11.92 -5.81
C ALA K 50 15.67 11.91 -6.52
N ASN K 51 16.37 10.80 -6.38
CA ASN K 51 17.70 10.69 -6.97
C ASN K 51 17.60 10.77 -8.49
N PRO K 52 18.57 11.38 -9.15
CA PRO K 52 18.55 11.43 -10.61
C PRO K 52 18.98 10.10 -11.23
N ARG K 53 18.98 9.05 -10.41
CA ARG K 53 19.35 7.72 -10.87
C ARG K 53 18.51 7.27 -12.06
N VAL K 54 17.26 7.73 -12.14
CA VAL K 54 16.39 7.48 -13.29
C VAL K 54 15.93 8.82 -13.80
N SER K 55 16.33 9.16 -15.02
CA SER K 55 16.01 10.47 -15.59
C SER K 55 15.94 10.36 -17.11
N PHE K 56 15.30 11.34 -17.72
CA PHE K 56 15.06 11.36 -19.16
C PHE K 56 15.40 12.73 -19.71
N LEU K 57 16.17 12.74 -20.81
CA LEU K 57 16.48 13.98 -21.50
C LEU K 57 15.37 14.32 -22.48
N ASN K 58 14.95 15.59 -22.47
CA ASN K 58 13.80 16.01 -23.26
C ASN K 58 14.01 17.42 -23.78
N ALA K 59 13.25 17.77 -24.80
CA ALA K 59 13.26 19.12 -25.37
C ALA K 59 11.97 19.81 -24.94
N GLY K 60 12.10 20.88 -24.17
CA GLY K 60 10.93 21.58 -23.69
C GLY K 60 10.36 22.54 -24.71
N GLU K 61 9.24 22.16 -25.31
CA GLU K 61 8.63 22.95 -26.38
C GLU K 61 7.12 22.79 -26.29
N PRO K 62 6.36 23.76 -26.79
CA PRO K 62 4.90 23.64 -26.75
C PRO K 62 4.37 22.64 -27.76
N GLY K 63 4.45 21.36 -27.42
CA GLY K 63 4.01 20.32 -28.32
C GLY K 63 5.07 19.99 -29.35
N PRO K 64 4.74 19.12 -30.29
CA PRO K 64 5.69 18.70 -31.33
C PRO K 64 5.82 19.70 -32.47
N VAL K 65 6.09 20.96 -32.13
CA VAL K 65 6.39 21.94 -33.16
C VAL K 65 7.74 21.63 -33.80
N LEU K 66 8.62 20.95 -33.07
CA LEU K 66 9.89 20.47 -33.59
C LEU K 66 10.01 18.99 -33.29
N VAL K 67 10.20 18.18 -34.33
CA VAL K 67 10.30 16.74 -34.17
C VAL K 67 11.71 16.38 -33.78
N ARG K 68 11.86 15.59 -32.72
CA ARG K 68 13.16 15.16 -32.23
C ARG K 68 13.60 13.93 -33.01
N THR K 69 14.62 14.09 -33.85
CA THR K 69 15.13 12.97 -34.63
C THR K 69 16.13 12.13 -33.85
N ALA K 70 16.91 12.73 -32.96
CA ALA K 70 17.85 12.00 -32.13
C ALA K 70 18.31 12.89 -30.99
N GLN K 71 18.67 12.27 -29.89
CA GLN K 71 19.19 12.99 -28.75
C GLN K 71 20.24 12.13 -28.06
N PHE K 72 21.28 12.79 -27.56
CA PHE K 72 22.38 12.10 -26.91
C PHE K 72 22.67 12.77 -25.57
N ILE K 73 23.08 11.97 -24.60
CA ILE K 73 23.57 12.49 -23.33
C ILE K 73 24.59 11.49 -22.78
N GLY K 74 25.65 12.01 -22.19
CA GLY K 74 26.72 11.15 -21.71
C GLY K 74 27.37 10.33 -22.80
N GLU K 75 27.50 10.89 -24.00
CA GLU K 75 28.10 10.20 -25.15
C GLU K 75 27.34 8.93 -25.49
N GLN K 76 26.03 8.96 -25.32
CA GLN K 76 25.18 7.81 -25.59
C GLN K 76 23.90 8.27 -26.26
N PHE K 77 23.44 7.51 -27.25
CA PHE K 77 22.12 7.72 -27.80
C PHE K 77 21.09 7.37 -26.74
N ALA K 78 20.22 8.32 -26.40
CA ALA K 78 19.34 8.20 -25.24
C ALA K 78 17.89 8.45 -25.63
N PRO K 79 17.26 7.49 -26.29
CA PRO K 79 15.80 7.55 -26.47
C PRO K 79 15.03 7.08 -25.26
N ARG K 80 15.69 6.44 -24.30
CA ARG K 80 15.06 5.91 -23.10
C ARG K 80 15.66 6.60 -21.88
N SER K 81 15.20 6.17 -20.70
CA SER K 81 15.66 6.77 -19.46
C SER K 81 17.13 6.49 -19.23
N VAL K 82 17.81 7.46 -18.60
CA VAL K 82 19.24 7.37 -18.33
C VAL K 82 19.46 7.69 -16.86
N SER K 83 20.68 7.39 -16.40
CA SER K 83 21.08 7.62 -15.01
C SER K 83 22.04 8.79 -14.93
N LEU K 84 21.76 9.71 -14.03
CA LEU K 84 22.64 10.84 -13.75
C LEU K 84 23.23 10.68 -12.35
N GLU K 85 24.55 10.65 -12.26
CA GLU K 85 25.21 10.52 -10.98
C GLU K 85 25.39 11.89 -10.34
N ILE K 86 25.14 11.97 -9.04
CA ILE K 86 25.20 13.25 -8.34
C ILE K 86 26.63 13.74 -8.33
N GLY K 87 26.81 15.01 -8.71
CA GLY K 87 28.13 15.63 -8.71
C GLY K 87 28.86 15.57 -10.03
N LYS K 88 28.31 14.91 -11.04
CA LYS K 88 28.97 14.78 -12.33
C LYS K 88 28.41 15.79 -13.33
N ASP K 89 29.16 15.99 -14.40
CA ASP K 89 28.77 16.86 -15.49
C ASP K 89 28.57 16.03 -16.75
N TYR K 90 27.52 16.34 -17.49
CA TYR K 90 27.15 15.57 -18.68
C TYR K 90 26.91 16.51 -19.85
N ALA K 91 27.26 16.05 -21.04
CA ALA K 91 27.04 16.80 -22.27
C ALA K 91 25.88 16.19 -23.03
N PHE K 92 24.96 17.02 -23.48
CA PHE K 92 23.78 16.57 -24.19
C PHE K 92 23.63 17.33 -25.50
N SER K 93 22.93 16.71 -26.44
CA SER K 93 22.65 17.32 -27.73
C SER K 93 21.39 16.69 -28.29
N ILE K 94 20.48 17.55 -28.76
CA ILE K 94 19.20 17.10 -29.31
C ILE K 94 19.10 17.59 -30.74
N ASN K 95 18.86 16.66 -31.67
CA ASN K 95 18.68 17.00 -33.08
C ASN K 95 17.20 17.20 -33.34
N LEU K 96 16.78 18.45 -33.48
CA LEU K 96 15.40 18.80 -33.73
C LEU K 96 15.16 18.99 -35.22
N ARG K 97 13.90 19.02 -35.61
CA ARG K 97 13.51 19.19 -37.00
C ARG K 97 12.23 19.99 -37.06
N GLY K 98 12.23 21.07 -37.83
CA GLY K 98 11.09 21.96 -37.91
C GLY K 98 9.83 21.30 -38.43
N ARG K 99 8.71 21.48 -37.73
CA ARG K 99 7.46 20.89 -38.15
C ARG K 99 6.32 21.89 -38.29
N ARG K 100 6.21 22.84 -37.37
CA ARG K 100 5.08 23.76 -37.33
C ARG K 100 5.58 25.19 -37.45
N ALA K 101 5.01 25.94 -38.38
CA ALA K 101 5.41 27.34 -38.57
C ALA K 101 4.98 28.18 -37.39
N GLY K 102 5.87 29.05 -36.94
CA GLY K 102 5.57 29.95 -35.86
C GLY K 102 6.84 30.33 -35.12
N ARG K 103 6.64 30.99 -33.98
CA ARG K 103 7.73 31.39 -33.09
C ARG K 103 7.54 30.66 -31.77
N TRP K 104 8.46 29.75 -31.46
CA TRP K 104 8.33 28.86 -30.33
C TRP K 104 9.50 29.02 -29.38
N HIS K 105 9.23 28.88 -28.09
CA HIS K 105 10.26 28.94 -27.06
C HIS K 105 10.66 27.51 -26.69
N VAL K 106 11.84 27.10 -27.12
CA VAL K 106 12.30 25.73 -26.97
C VAL K 106 13.33 25.67 -25.86
N HIS K 107 13.06 24.87 -24.84
CA HIS K 107 13.92 24.72 -23.68
C HIS K 107 14.68 23.40 -23.75
N ALA K 108 15.74 23.31 -22.95
CA ALA K 108 16.37 22.03 -22.67
C ALA K 108 15.85 21.53 -21.33
N GLN K 109 15.39 20.29 -21.29
CA GLN K 109 14.68 19.80 -20.12
C GLN K 109 15.11 18.38 -19.78
N ILE K 110 15.29 18.12 -18.50
CA ILE K 110 15.57 16.79 -17.98
C ILE K 110 14.55 16.49 -16.89
N ASN K 111 13.93 15.32 -16.97
CA ASN K 111 12.91 14.91 -16.00
C ASN K 111 13.49 13.84 -15.09
N VAL K 112 13.32 14.01 -13.79
CA VAL K 112 13.74 13.04 -12.79
C VAL K 112 12.53 12.21 -12.39
N GLU K 113 12.76 10.92 -12.15
CA GLU K 113 11.65 9.99 -11.94
C GLU K 113 10.76 10.42 -10.79
N GLY K 114 11.34 10.62 -9.62
CA GLY K 114 10.58 11.01 -8.46
C GLY K 114 10.55 12.49 -8.17
N GLY K 115 11.19 13.29 -9.02
CA GLY K 115 11.19 14.72 -8.83
C GLY K 115 10.27 15.48 -9.76
N GLY K 116 10.33 15.17 -11.05
CA GLY K 116 9.55 15.88 -12.04
C GLY K 116 10.41 16.58 -13.06
N PRO K 117 9.90 17.65 -13.65
CA PRO K 117 10.62 18.32 -14.73
C PRO K 117 11.59 19.36 -14.19
N ILE K 118 12.78 19.39 -14.80
CA ILE K 118 13.77 20.43 -14.55
C ILE K 118 14.00 21.13 -15.88
N ILE K 119 13.70 22.43 -15.94
CA ILE K 119 13.71 23.18 -17.18
C ILE K 119 14.98 24.00 -17.27
N GLY K 120 15.70 23.85 -18.37
CA GLY K 120 16.92 24.61 -18.58
C GLY K 120 16.66 25.86 -19.40
N PRO K 121 17.73 26.41 -19.98
CA PRO K 121 17.58 27.62 -20.80
C PRO K 121 16.71 27.36 -22.01
N GLY K 122 15.99 28.40 -22.43
CA GLY K 122 15.12 28.31 -23.59
C GLY K 122 15.38 29.47 -24.54
N GLN K 123 15.24 29.19 -25.83
CA GLN K 123 15.47 30.17 -26.87
C GLN K 123 14.30 30.20 -27.83
N TRP K 124 13.99 31.37 -28.36
CA TRP K 124 12.93 31.53 -29.34
C TRP K 124 13.40 30.98 -30.68
N ILE K 125 12.61 30.08 -31.26
CA ILE K 125 12.92 29.48 -32.55
C ILE K 125 11.83 29.91 -33.52
N GLU K 126 12.24 30.53 -34.62
CA GLU K 126 11.31 30.90 -35.68
C GLU K 126 11.28 29.81 -36.74
N ILE K 127 10.10 29.31 -37.05
CA ILE K 127 9.93 28.24 -38.02
C ILE K 127 9.11 28.77 -39.18
N LYS K 128 9.65 28.64 -40.38
CA LYS K 128 9.00 29.09 -41.60
C LYS K 128 8.65 27.91 -42.47
N GLY K 129 7.53 28.01 -43.18
CA GLY K 129 7.08 26.94 -44.05
C GLY K 129 5.64 26.54 -43.80
N ASP K 130 5.27 25.35 -44.25
CA ASP K 130 3.91 24.85 -44.09
C ASP K 130 3.94 23.47 -43.44
N MET K 131 2.91 23.19 -42.65
CA MET K 131 2.82 21.92 -41.95
C MET K 131 2.72 20.76 -42.93
N LYS K 132 1.94 20.93 -43.99
CA LYS K 132 1.71 19.84 -44.93
C LYS K 132 2.97 19.42 -45.69
N ASP K 133 4.01 20.25 -45.67
CA ASP K 133 5.27 19.91 -46.33
C ASP K 133 6.17 19.06 -45.45
N PHE K 134 5.75 18.71 -44.24
CA PHE K 134 6.61 18.03 -43.30
C PHE K 134 6.63 16.53 -43.56
N THR K 135 7.82 15.97 -43.71
CA THR K 135 8.04 14.53 -43.75
C THR K 135 9.23 14.21 -42.85
N ASP K 136 9.18 13.04 -42.20
CA ASP K 136 10.29 12.76 -41.28
C ASP K 136 11.57 12.51 -42.07
N PRO K 137 11.71 11.41 -42.84
CA PRO K 137 11.13 10.06 -42.93
C PRO K 137 12.05 9.10 -42.21
N VAL K 138 11.62 7.85 -41.98
CA VAL K 138 12.46 6.88 -41.30
C VAL K 138 12.54 5.63 -42.16
N THR K 139 13.58 4.82 -41.92
CA THR K 139 13.83 3.61 -42.68
C THR K 139 13.65 2.39 -41.78
N LEU K 140 13.06 1.35 -42.34
CA LEU K 140 12.80 0.12 -41.60
C LEU K 140 14.00 -0.81 -41.68
N LEU K 141 13.93 -1.91 -40.92
CA LEU K 141 15.01 -2.89 -40.96
C LEU K 141 15.10 -3.54 -42.33
N ASP K 142 13.98 -3.79 -42.98
CA ASP K 142 13.98 -4.40 -44.31
C ASP K 142 14.51 -3.46 -45.39
N GLY K 143 14.71 -2.19 -45.07
CA GLY K 143 15.23 -1.22 -46.01
C GLY K 143 14.19 -0.26 -46.56
N SER K 144 12.91 -0.56 -46.39
CA SER K 144 11.88 0.34 -46.87
C SER K 144 11.85 1.62 -46.02
N THR K 145 11.45 2.71 -46.65
CA THR K 145 11.38 4.02 -46.01
C THR K 145 9.92 4.43 -45.87
N VAL K 146 9.55 4.89 -44.69
CA VAL K 146 8.19 5.33 -44.42
C VAL K 146 8.24 6.75 -43.85
N ASP K 147 7.10 7.42 -43.91
CA ASP K 147 6.95 8.78 -43.40
C ASP K 147 6.12 8.71 -42.13
N LEU K 148 6.78 8.94 -40.98
CA LEU K 148 6.11 8.78 -39.70
C LEU K 148 4.98 9.78 -39.49
N GLU K 149 4.93 10.86 -40.29
CA GLU K 149 3.84 11.81 -40.15
C GLU K 149 2.51 11.19 -40.52
N HIS K 150 2.51 10.29 -41.51
CA HIS K 150 1.28 9.71 -42.03
C HIS K 150 1.23 8.19 -41.99
N TYR K 151 2.33 7.52 -41.68
CA TYR K 151 2.36 6.06 -41.76
C TYR K 151 1.47 5.43 -40.69
N GLY K 152 0.72 4.41 -41.10
CA GLY K 152 -0.08 3.62 -40.19
C GLY K 152 -1.43 4.20 -39.83
N ILE K 153 -1.67 5.48 -40.14
CA ILE K 153 -2.94 6.09 -39.77
C ILE K 153 -4.08 5.50 -40.60
N SER K 154 -3.84 5.25 -41.88
CA SER K 154 -4.88 4.69 -42.74
C SER K 154 -5.33 3.33 -42.25
N ARG K 155 -4.37 2.48 -41.86
CA ARG K 155 -4.73 1.16 -41.35
C ARG K 155 -5.51 1.25 -40.05
N VAL K 156 -5.11 2.17 -39.16
CA VAL K 156 -5.82 2.34 -37.89
C VAL K 156 -7.25 2.77 -38.14
N TYR K 157 -7.45 3.73 -39.06
CA TYR K 157 -8.80 4.14 -39.40
C TYR K 157 -9.60 2.97 -39.98
N ALA K 158 -9.00 2.25 -40.95
CA ALA K 158 -9.70 1.18 -41.62
C ALA K 158 -10.03 0.03 -40.69
N TRP K 159 -9.34 -0.09 -39.56
CA TRP K 159 -9.73 -1.11 -38.60
C TRP K 159 -10.68 -0.59 -37.53
N HIS K 160 -10.57 0.68 -37.15
CA HIS K 160 -11.36 1.18 -36.04
C HIS K 160 -12.74 1.65 -36.48
N LEU K 161 -12.80 2.49 -37.51
CA LEU K 161 -14.08 3.04 -37.92
C LEU K 161 -15.11 1.99 -38.32
N PRO K 162 -14.78 0.95 -39.11
CA PRO K 162 -15.80 -0.06 -39.41
C PRO K 162 -16.37 -0.73 -38.18
N TRP K 163 -15.56 -0.97 -37.15
CA TRP K 163 -16.08 -1.62 -35.96
C TRP K 163 -17.01 -0.69 -35.18
N MET K 164 -16.68 0.60 -35.12
CA MET K 164 -17.60 1.55 -34.51
C MET K 164 -18.91 1.61 -35.27
N ALA K 165 -18.83 1.58 -36.61
CA ALA K 165 -20.06 1.54 -37.42
C ALA K 165 -20.85 0.27 -37.13
N VAL K 166 -20.18 -0.86 -36.98
CA VAL K 166 -20.86 -2.11 -36.68
C VAL K 166 -21.57 -2.03 -35.33
N GLY K 167 -20.90 -1.46 -34.33
CA GLY K 167 -21.54 -1.31 -33.02
C GLY K 167 -22.75 -0.39 -33.08
N ALA K 168 -22.62 0.73 -33.80
CA ALA K 168 -23.76 1.62 -33.96
C ALA K 168 -24.91 0.92 -34.67
N ALA K 169 -24.60 0.13 -35.69
CA ALA K 169 -25.63 -0.59 -36.42
C ALA K 169 -26.33 -1.61 -35.51
N TRP K 170 -25.56 -2.30 -34.67
CA TRP K 170 -26.14 -3.25 -33.73
C TRP K 170 -27.09 -2.54 -32.76
N ILE K 171 -26.65 -1.40 -32.22
CA ILE K 171 -27.48 -0.66 -31.29
C ILE K 171 -28.76 -0.19 -31.96
N PHE K 172 -28.64 0.36 -33.17
CA PHE K 172 -29.83 0.88 -33.85
C PHE K 172 -30.76 -0.25 -34.28
N PHE K 173 -30.21 -1.40 -34.67
CA PHE K 173 -31.04 -2.54 -35.01
C PHE K 173 -31.88 -2.97 -33.82
N TRP K 174 -31.25 -3.14 -32.67
CA TRP K 174 -32.02 -3.55 -31.49
C TRP K 174 -32.93 -2.45 -30.99
N PHE K 175 -32.61 -1.17 -31.27
CA PHE K 175 -33.47 -0.08 -30.85
C PHE K 175 -34.71 0.04 -31.72
N VAL K 176 -34.60 -0.21 -33.02
CA VAL K 176 -35.76 -0.11 -33.89
C VAL K 176 -36.59 -1.39 -33.85
N ARG K 177 -35.96 -2.56 -33.72
CA ARG K 177 -36.73 -3.79 -33.63
C ARG K 177 -37.59 -3.82 -32.37
N LYS K 178 -37.02 -3.41 -31.25
CA LYS K 178 -37.75 -3.27 -30.00
C LYS K 178 -37.53 -1.87 -29.46
N GLY K 179 -38.62 -1.15 -29.22
CA GLY K 179 -38.53 0.20 -28.71
C GLY K 179 -38.07 0.20 -27.26
N ILE K 180 -37.68 1.39 -26.79
CA ILE K 180 -37.20 1.53 -25.43
C ILE K 180 -38.40 1.51 -24.49
N ILE K 181 -39.35 2.42 -24.70
CA ILE K 181 -40.56 2.45 -23.89
C ILE K 181 -41.35 1.16 -24.07
N THR K 182 -41.48 0.70 -25.31
CA THR K 182 -42.27 -0.50 -25.58
C THR K 182 -41.70 -1.71 -24.85
N SER K 183 -40.39 -1.93 -24.99
CA SER K 183 -39.78 -3.09 -24.35
C SER K 183 -39.76 -2.94 -22.83
N TYR K 184 -39.59 -1.71 -22.32
CA TYR K 184 -39.65 -1.52 -20.88
C TYR K 184 -41.03 -1.89 -20.34
N ILE K 185 -42.09 -1.42 -21.00
CA ILE K 185 -43.43 -1.75 -20.57
C ILE K 185 -43.66 -3.25 -20.66
N ARG K 186 -43.20 -3.86 -21.75
CA ARG K 186 -43.35 -5.29 -21.93
C ARG K 186 -42.67 -6.06 -20.79
N VAL K 187 -41.46 -5.67 -20.44
CA VAL K 187 -40.73 -6.35 -19.37
C VAL K 187 -41.44 -6.13 -18.03
N ALA K 188 -41.88 -4.90 -17.76
CA ALA K 188 -42.55 -4.61 -16.51
C ALA K 188 -43.87 -5.34 -16.38
N GLU K 189 -44.51 -5.66 -17.50
CA GLU K 189 -45.82 -6.35 -17.47
C GLU K 189 -45.60 -7.86 -17.32
N GLY K 190 -44.44 -8.26 -16.77
CA GLY K 190 -44.15 -9.68 -16.54
C GLY K 190 -43.61 -10.37 -17.77
N LYS K 191 -44.11 -10.03 -18.95
CA LYS K 191 -43.71 -10.72 -20.21
C LYS K 191 -42.37 -10.17 -20.72
N ALA K 192 -41.28 -10.41 -19.99
CA ALA K 192 -39.94 -10.00 -20.49
C ALA K 192 -39.36 -11.16 -21.30
N ASP K 193 -40.20 -11.88 -22.04
CA ASP K 193 -39.76 -13.06 -22.83
C ASP K 193 -40.11 -12.83 -24.30
N ASP K 194 -41.20 -12.12 -24.58
CA ASP K 194 -41.54 -11.78 -26.00
C ASP K 194 -40.80 -10.50 -26.41
N VAL K 195 -40.03 -9.89 -25.50
CA VAL K 195 -39.19 -8.71 -25.87
C VAL K 195 -37.90 -9.26 -26.49
N ILE K 196 -37.32 -10.31 -25.90
CA ILE K 196 -36.12 -10.98 -26.51
C ILE K 196 -36.30 -12.50 -26.44
N GLY K 197 -36.37 -13.15 -27.61
CA GLY K 197 -36.55 -14.62 -27.67
C GLY K 197 -36.35 -15.10 -29.10
N ASP K 198 -35.59 -16.19 -29.29
CA ASP K 198 -35.26 -16.71 -30.66
C ASP K 198 -36.48 -16.62 -31.58
N ASP K 199 -36.42 -15.73 -32.58
CA ASP K 199 -35.30 -15.68 -33.57
C ASP K 199 -34.29 -14.60 -33.17
N ASP K 200 -34.57 -13.84 -32.11
CA ASP K 200 -33.67 -12.74 -31.67
C ASP K 200 -32.31 -13.34 -31.30
N ARG K 201 -32.31 -14.46 -30.56
CA ARG K 201 -31.04 -15.10 -30.12
C ARG K 201 -30.28 -15.62 -31.35
N ARG K 202 -31.00 -16.07 -32.38
CA ARG K 202 -30.35 -16.54 -33.63
C ARG K 202 -29.59 -15.38 -34.27
N ILE K 203 -30.22 -14.20 -34.39
CA ILE K 203 -29.55 -13.00 -34.95
C ILE K 203 -28.30 -12.70 -34.13
N GLY K 204 -28.41 -12.75 -32.79
CA GLY K 204 -27.26 -12.50 -31.91
C GLY K 204 -26.11 -13.46 -32.16
N ALA K 205 -26.40 -14.77 -32.28
CA ALA K 205 -25.36 -15.79 -32.50
C ALA K 205 -24.72 -15.62 -33.88
N ILE K 206 -25.51 -15.26 -34.90
CA ILE K 206 -24.97 -15.00 -36.26
C ILE K 206 -23.99 -13.83 -36.16
N VAL K 207 -24.38 -12.75 -35.47
CA VAL K 207 -23.50 -11.56 -35.30
C VAL K 207 -22.21 -12.01 -34.61
N LEU K 208 -22.30 -12.83 -33.56
CA LEU K 208 -21.10 -13.23 -32.82
C LEU K 208 -20.17 -14.07 -33.69
N ALA K 209 -20.73 -15.00 -34.46
CA ALA K 209 -19.90 -15.82 -35.33
C ALA K 209 -19.20 -14.96 -36.38
N LEU K 210 -19.93 -14.01 -36.97
CA LEU K 210 -19.31 -13.13 -37.94
C LEU K 210 -18.21 -12.28 -37.31
N THR K 211 -18.45 -11.79 -36.09
CA THR K 211 -17.45 -10.98 -35.40
C THR K 211 -16.19 -11.80 -35.11
N ILE K 212 -16.36 -13.02 -34.62
CA ILE K 212 -15.21 -13.87 -34.35
C ILE K 212 -14.46 -14.18 -35.65
N LEU K 213 -15.20 -14.46 -36.72
CA LEU K 213 -14.55 -14.73 -38.00
C LEU K 213 -13.76 -13.53 -38.49
N ALA K 214 -14.33 -12.33 -38.36
CA ALA K 214 -13.61 -11.12 -38.78
C ALA K 214 -12.37 -10.90 -37.92
N THR K 215 -12.49 -11.13 -36.61
CA THR K 215 -11.32 -10.97 -35.74
C THR K 215 -10.21 -11.96 -36.12
N ILE K 216 -10.58 -13.22 -36.35
CA ILE K 216 -9.57 -14.21 -36.74
C ILE K 216 -9.01 -13.89 -38.12
N VAL K 217 -9.89 -13.56 -39.07
CA VAL K 217 -9.43 -13.19 -40.39
C VAL K 217 -8.57 -11.92 -40.33
N GLY K 218 -9.03 -10.93 -39.57
CA GLY K 218 -8.24 -9.71 -39.44
C GLY K 218 -6.89 -9.96 -38.80
N TYR K 219 -6.86 -10.80 -37.76
CA TYR K 219 -5.59 -11.13 -37.12
C TYR K 219 -4.66 -11.87 -38.07
N ALA K 220 -5.19 -12.85 -38.81
CA ALA K 220 -4.36 -13.58 -39.75
C ALA K 220 -3.90 -12.71 -40.90
N VAL K 221 -4.78 -11.85 -41.43
CA VAL K 221 -4.38 -10.98 -42.53
C VAL K 221 -3.29 -10.02 -42.09
N THR K 222 -3.43 -9.41 -40.91
CA THR K 222 -2.41 -8.51 -40.43
C THR K 222 -1.19 -9.24 -39.91
N ASN K 223 -1.18 -10.58 -39.94
CA ASN K 223 0.03 -11.33 -39.69
C ASN K 223 0.78 -11.65 -40.96
N SER K 224 0.07 -11.80 -42.09
CA SER K 224 0.74 -11.92 -43.38
C SER K 224 1.51 -10.65 -43.68
N THR K 225 0.86 -9.50 -43.58
CA THR K 225 1.57 -8.24 -43.53
C THR K 225 2.28 -8.13 -42.19
N PHE K 226 3.43 -7.46 -42.18
CA PHE K 226 4.25 -7.35 -40.97
C PHE K 226 4.46 -8.71 -40.31
N PRO K 227 5.04 -9.68 -41.02
CA PRO K 227 5.23 -11.01 -40.42
C PRO K 227 6.30 -11.04 -39.35
N ARG K 228 7.16 -10.03 -39.29
CA ARG K 228 8.26 -9.98 -38.32
C ARG K 228 8.15 -8.66 -37.56
N THR K 229 7.62 -8.74 -36.33
CA THR K 229 7.49 -7.58 -35.46
C THR K 229 8.21 -7.85 -34.16
N ILE K 230 8.51 -6.78 -33.44
CA ILE K 230 9.24 -6.88 -32.18
C ILE K 230 8.48 -6.17 -31.08
N PRO K 231 8.63 -6.57 -29.82
CA PRO K 231 7.96 -5.85 -28.74
C PRO K 231 8.58 -4.48 -28.51
N LEU K 232 7.83 -3.65 -27.79
CA LEU K 232 8.32 -2.32 -27.46
C LEU K 232 9.63 -2.40 -26.71
N GLN K 233 10.60 -1.59 -27.13
CA GLN K 233 11.92 -1.58 -26.52
C GLN K 233 11.92 -0.58 -25.37
N ALA K 234 12.13 -1.07 -24.15
CA ALA K 234 12.07 -0.24 -22.96
C ALA K 234 13.15 -0.68 -21.98
N GLY K 235 13.43 0.20 -21.04
CA GLY K 235 14.40 -0.12 -19.99
C GLY K 235 15.44 0.97 -19.78
N LEU K 236 15.94 1.08 -18.56
CA LEU K 236 17.00 2.03 -18.27
C LEU K 236 18.26 1.67 -19.04
N GLN K 237 18.96 2.70 -19.50
CA GLN K 237 20.16 2.51 -20.30
C GLN K 237 21.39 2.29 -19.41
N LYS K 238 22.50 1.96 -20.06
CA LYS K 238 23.74 1.74 -19.34
C LYS K 238 24.25 3.06 -18.78
N PRO K 239 25.09 3.00 -17.74
CA PRO K 239 25.55 4.25 -17.10
C PRO K 239 26.28 5.15 -18.09
N LEU K 240 26.07 6.45 -17.93
CA LEU K 240 26.63 7.45 -18.84
C LEU K 240 28.07 7.76 -18.46
N THR K 241 28.78 8.36 -19.42
CA THR K 241 30.16 8.78 -19.20
C THR K 241 30.20 10.28 -18.98
N PRO K 242 30.60 10.76 -17.81
CA PRO K 242 30.58 12.20 -17.55
C PRO K 242 31.65 12.96 -18.32
N ILE K 243 31.64 14.28 -18.19
CA ILE K 243 32.65 15.12 -18.82
C ILE K 243 33.90 15.12 -17.96
N GLU K 244 35.06 15.22 -18.61
CA GLU K 244 36.34 15.18 -17.91
C GLU K 244 37.23 16.39 -18.19
N THR K 245 36.71 17.42 -18.87
CA THR K 245 37.51 18.58 -19.23
C THR K 245 36.79 19.87 -18.85
N GLU K 246 37.52 20.82 -18.28
CA GLU K 246 38.91 20.63 -17.85
C GLU K 246 39.37 21.32 -16.54
N GLY K 247 38.53 21.48 -15.51
CA GLY K 247 37.17 20.98 -15.40
C GLY K 247 36.11 22.04 -15.67
N THR K 248 34.81 21.73 -15.62
CA THR K 248 34.21 20.46 -15.16
C THR K 248 34.60 20.13 -13.72
N VAL K 249 34.07 20.93 -12.80
CA VAL K 249 34.34 20.84 -11.37
C VAL K 249 34.37 19.40 -10.89
N GLY K 250 35.39 19.06 -10.11
CA GLY K 250 35.57 17.71 -9.61
C GLY K 250 36.50 16.84 -10.41
N VAL K 251 36.98 17.31 -11.55
CA VAL K 251 37.88 16.51 -12.40
C VAL K 251 39.16 17.30 -12.61
N GLY K 252 40.22 16.58 -12.95
CA GLY K 252 41.50 17.18 -13.25
C GLY K 252 42.29 17.52 -12.00
N LYS K 253 43.60 17.70 -12.18
CA LYS K 253 44.47 18.09 -11.03
C LYS K 253 44.32 19.59 -10.77
N GLU K 254 43.87 20.36 -11.76
CA GLU K 254 43.71 21.83 -11.62
C GLU K 254 42.22 22.17 -11.54
N ASN K 255 41.78 22.75 -10.42
CA ASN K 255 40.34 23.08 -10.22
C ASN K 255 40.18 24.11 -9.10
N VAL K 256 39.15 24.98 -9.20
CA VAL K 256 38.85 25.94 -8.11
C VAL K 256 37.86 25.28 -7.16
N THR K 257 38.01 25.52 -5.86
CA THR K 257 37.07 24.95 -4.85
C THR K 257 36.48 26.09 -4.02
N THR K 258 35.20 26.39 -4.23
CA THR K 258 34.58 27.54 -3.50
C THR K 258 33.63 27.06 -2.40
N GLU K 259 33.46 27.87 -1.35
CA GLU K 259 32.58 27.51 -0.21
C GLU K 259 31.84 28.77 0.25
N LEU K 260 30.51 28.71 0.33
CA LEU K 260 29.71 29.90 0.71
C LEU K 260 29.80 30.12 2.22
N ASN K 261 30.07 31.36 2.64
CA ASN K 261 30.09 31.68 4.10
C ASN K 261 29.07 32.78 4.37
N GLY K 262 27.78 32.50 4.11
CA GLY K 262 26.71 33.47 4.38
C GLY K 262 26.34 34.30 3.17
N GLY K 263 25.07 34.66 3.05
CA GLY K 263 24.60 35.52 1.93
C GLY K 263 23.43 36.37 2.36
N VAL K 264 23.11 37.41 1.59
CA VAL K 264 21.97 38.33 1.92
C VAL K 264 21.21 38.64 0.63
N TYR K 265 19.93 38.28 0.56
CA TYR K 265 19.12 38.65 -0.64
C TYR K 265 18.01 39.62 -0.21
N LYS K 266 17.93 40.77 -0.88
CA LYS K 266 16.92 41.79 -0.50
C LYS K 266 15.53 41.29 -0.92
N VAL K 267 14.59 41.21 0.03
CA VAL K 267 13.19 40.80 -0.28
C VAL K 267 12.25 41.92 0.17
N PRO K 268 11.50 42.58 -0.74
CA PRO K 268 11.68 42.39 -2.20
C PRO K 268 12.83 43.21 -2.82
N GLY K 269 13.50 42.63 -3.81
CA GLY K 269 14.63 43.32 -4.47
C GLY K 269 15.28 42.45 -5.53
N ARG K 270 16.59 42.61 -5.73
CA ARG K 270 17.29 41.84 -6.78
C ARG K 270 18.75 41.57 -6.38
N GLU K 271 19.16 41.95 -5.17
CA GLU K 271 20.58 41.80 -4.77
C GLU K 271 20.84 40.43 -4.13
N LEU K 272 22.10 40.00 -4.12
CA LEU K 272 22.51 38.72 -3.48
C LEU K 272 23.99 38.89 -3.10
N THR K 273 24.25 39.55 -1.98
CA THR K 273 25.64 39.77 -1.51
C THR K 273 26.14 38.48 -0.86
N ILE K 274 26.84 37.63 -1.61
CA ILE K 274 27.28 36.31 -1.08
C ILE K 274 28.79 36.33 -0.80
N ASN K 275 29.20 35.84 0.37
CA ASN K 275 30.64 35.80 0.74
C ASN K 275 31.21 34.44 0.31
N VAL K 276 32.10 34.43 -0.67
CA VAL K 276 32.60 33.13 -1.23
C VAL K 276 34.07 32.92 -0.85
N LYS K 277 34.40 31.80 -0.21
CA LYS K 277 35.81 31.47 0.12
C LYS K 277 36.42 30.73 -1.07
N VAL K 278 37.24 31.40 -1.87
CA VAL K 278 37.79 30.78 -3.12
C VAL K 278 39.20 30.24 -2.87
N LYS K 279 39.40 28.93 -3.10
CA LYS K 279 40.76 28.35 -3.03
C LYS K 279 41.21 28.14 -4.48
N ASN K 280 42.36 28.69 -4.87
CA ASN K 280 42.75 28.63 -6.30
C ASN K 280 44.20 28.14 -6.48
N ASN K 281 44.58 27.04 -5.84
CA ASN K 281 44.42 25.62 -6.33
C ASN K 281 44.91 25.41 -7.77
N THR K 282 44.58 26.29 -8.73
CA THR K 282 45.05 26.16 -10.14
C THR K 282 46.46 26.75 -10.32
N SER K 283 46.81 27.15 -11.55
CA SER K 283 48.18 27.66 -11.82
C SER K 283 48.15 29.07 -12.42
N GLN K 284 47.09 29.43 -13.13
CA GLN K 284 47.02 30.75 -13.80
C GLN K 284 46.16 31.70 -12.97
N PRO K 285 46.55 32.99 -12.77
CA PRO K 285 45.71 33.97 -12.06
C PRO K 285 44.24 33.92 -12.49
N LEU K 286 43.34 33.50 -11.60
CA LEU K 286 41.92 33.32 -11.99
C LEU K 286 41.04 34.46 -11.47
N ARG K 287 40.09 34.92 -12.30
CA ARG K 287 39.15 35.99 -11.89
C ARG K 287 37.72 35.52 -12.17
N LEU K 288 36.82 35.68 -11.20
CA LEU K 288 35.41 35.22 -11.36
C LEU K 288 34.77 35.96 -12.54
N GLY K 289 34.11 35.24 -13.43
CA GLY K 289 33.53 35.87 -14.63
C GLY K 289 32.07 35.53 -14.87
N GLU K 290 31.52 34.52 -14.17
CA GLU K 290 30.13 34.10 -14.48
C GLU K 290 29.50 33.29 -13.34
N TYR K 291 28.21 33.46 -13.09
CA TYR K 291 27.48 32.66 -12.08
C TYR K 291 26.17 32.16 -12.70
N THR K 292 26.13 30.89 -13.10
CA THR K 292 24.86 30.33 -13.65
C THR K 292 24.07 29.71 -12.50
N ALA K 293 22.98 30.35 -12.10
CA ALA K 293 22.13 29.83 -11.00
C ALA K 293 21.22 28.74 -11.57
N ALA K 294 20.08 29.14 -12.13
CA ALA K 294 19.15 28.19 -12.77
C ALA K 294 19.24 28.35 -14.29
N GLY K 295 20.44 28.57 -14.82
CA GLY K 295 20.61 28.86 -16.25
C GLY K 295 20.89 30.35 -16.43
N LEU K 296 20.34 31.20 -15.55
CA LEU K 296 20.57 32.66 -15.60
C LEU K 296 22.08 32.93 -15.59
N ARG K 297 22.63 33.38 -16.72
CA ARG K 297 24.09 33.62 -16.80
C ARG K 297 24.40 35.03 -16.30
N PHE K 298 24.68 35.16 -14.99
CA PHE K 298 25.08 36.48 -14.43
C PHE K 298 26.57 36.70 -14.72
N LEU K 299 26.90 37.39 -15.82
CA LEU K 299 28.33 37.54 -16.22
C LEU K 299 28.96 38.77 -15.56
N ASN K 300 30.20 38.63 -15.06
CA ASN K 300 30.94 39.77 -14.45
C ASN K 300 31.32 40.74 -15.57
N PRO K 301 30.87 42.01 -15.54
CA PRO K 301 31.13 42.97 -16.62
C PRO K 301 32.60 43.05 -17.08
N ASP K 302 33.55 43.03 -16.15
CA ASP K 302 34.99 43.17 -16.49
C ASP K 302 35.44 41.98 -17.33
N VAL K 303 35.44 40.77 -16.77
CA VAL K 303 35.94 39.56 -17.50
C VAL K 303 35.18 39.42 -18.82
N PHE K 304 33.85 39.39 -18.78
CA PHE K 304 33.04 39.22 -20.01
C PHE K 304 32.92 40.57 -20.73
N THR K 305 34.00 40.99 -21.42
CA THR K 305 34.00 42.28 -22.15
C THR K 305 32.92 42.25 -23.24
N THR K 306 32.87 41.17 -24.02
CA THR K 306 31.84 41.03 -25.09
C THR K 306 30.65 40.25 -24.55
N LYS K 307 29.45 40.83 -24.61
CA LYS K 307 28.22 40.12 -24.18
C LYS K 307 28.00 38.93 -25.12
N PRO K 308 27.93 37.67 -24.62
CA PRO K 308 27.82 36.49 -25.49
C PRO K 308 26.45 36.29 -26.15
N ASP K 309 26.32 35.23 -26.95
CA ASP K 309 25.02 34.94 -27.64
C ASP K 309 24.19 34.00 -26.76
N PHE K 310 23.27 34.56 -25.97
CA PHE K 310 22.44 33.74 -25.05
C PHE K 310 21.08 34.41 -24.87
N PRO K 311 19.96 33.64 -24.78
CA PRO K 311 18.63 34.21 -24.56
C PRO K 311 18.65 35.40 -23.59
N ASP K 312 18.19 36.56 -24.04
CA ASP K 312 18.23 37.80 -23.20
C ASP K 312 17.57 37.57 -21.84
N TYR K 313 16.44 36.86 -21.78
CA TYR K 313 15.69 36.69 -20.50
C TYR K 313 16.57 36.03 -19.41
N LEU K 314 17.67 35.37 -19.78
CA LEU K 314 18.59 34.75 -18.79
C LEU K 314 19.92 35.50 -18.77
N LEU K 315 20.36 36.05 -19.90
CA LEU K 315 21.70 36.70 -19.98
C LEU K 315 21.71 38.01 -19.19
N ALA K 316 22.31 38.01 -18.01
CA ALA K 316 22.43 39.26 -17.21
C ALA K 316 23.89 39.71 -17.23
N ASP K 317 24.20 40.82 -17.90
CA ASP K 317 25.61 41.27 -18.02
C ASP K 317 25.96 42.19 -16.84
N ARG K 318 25.45 41.85 -15.65
CA ARG K 318 25.69 42.68 -14.43
C ARG K 318 25.93 41.81 -13.20
N GLY K 319 26.70 40.72 -13.31
CA GLY K 319 27.08 39.95 -12.11
C GLY K 319 28.23 40.68 -11.44
N LEU K 320 27.97 41.85 -10.85
CA LEU K 320 29.05 42.74 -10.34
C LEU K 320 29.80 42.25 -9.11
N SER K 321 30.86 42.97 -8.75
CA SER K 321 31.66 42.70 -7.51
C SER K 321 32.32 41.33 -7.48
N VAL K 322 33.58 41.25 -7.88
CA VAL K 322 34.33 39.98 -7.73
C VAL K 322 35.48 40.30 -6.79
N ASP K 323 36.33 41.28 -7.15
CA ASP K 323 37.51 41.69 -6.36
C ASP K 323 38.36 42.58 -7.27
N ALA K 324 38.12 42.54 -8.59
CA ALA K 324 38.96 43.27 -9.57
C ALA K 324 40.41 42.89 -9.30
N THR K 325 40.65 41.67 -8.81
CA THR K 325 42.01 41.23 -8.41
C THR K 325 42.17 39.74 -8.73
N PRO K 326 43.06 39.35 -9.68
CA PRO K 326 43.33 37.93 -9.94
C PRO K 326 43.74 37.24 -8.63
N ILE K 327 43.06 36.15 -8.27
CA ILE K 327 43.33 35.52 -6.94
C ILE K 327 44.41 34.42 -7.06
N ALA K 328 44.43 33.64 -8.14
CA ALA K 328 45.37 32.51 -8.24
C ALA K 328 46.82 33.00 -8.46
N PRO K 329 47.87 32.16 -8.29
CA PRO K 329 47.74 30.77 -7.82
C PRO K 329 48.07 30.42 -6.36
N GLY K 330 47.54 29.30 -5.87
CA GLY K 330 47.87 28.82 -4.55
C GLY K 330 47.19 29.52 -3.39
N GLU K 331 46.52 30.65 -3.63
CA GLU K 331 46.00 31.45 -2.54
C GLU K 331 44.55 31.10 -2.25
N ALA K 332 44.24 30.93 -0.96
CA ALA K 332 42.87 30.75 -0.49
C ALA K 332 42.44 32.04 0.19
N LYS K 333 41.45 32.71 -0.39
CA LYS K 333 40.98 33.98 0.17
C LYS K 333 39.47 34.06 0.03
N GLU K 334 38.88 34.95 0.82
CA GLU K 334 37.45 35.17 0.84
C GLU K 334 37.12 36.40 0.01
N ILE K 335 36.25 36.23 -0.99
CA ILE K 335 35.84 37.32 -1.85
C ILE K 335 34.35 37.57 -1.64
N VAL K 336 33.94 38.82 -1.90
CA VAL K 336 32.55 39.22 -1.75
C VAL K 336 31.97 39.42 -3.15
N VAL K 337 30.91 38.68 -3.45
CA VAL K 337 30.26 38.72 -4.76
C VAL K 337 28.87 39.31 -4.57
N LYS K 338 28.54 40.32 -5.38
CA LYS K 338 27.29 41.04 -5.26
C LYS K 338 26.47 40.82 -6.53
N ILE K 339 25.72 39.74 -6.57
CA ILE K 339 24.84 39.47 -7.71
C ILE K 339 23.66 40.43 -7.64
N GLN K 340 23.45 41.19 -8.72
CA GLN K 340 22.36 42.16 -8.76
C GLN K 340 21.92 42.33 -10.21
N ASP K 341 20.69 41.93 -10.50
CA ASP K 341 20.10 42.18 -11.80
C ASP K 341 18.59 41.98 -11.70
N ALA K 342 17.86 42.70 -12.56
CA ALA K 342 16.41 42.58 -12.55
C ALA K 342 15.96 41.17 -12.90
N ARG K 343 16.77 40.43 -13.65
CA ARG K 343 16.41 39.07 -14.01
C ARG K 343 16.31 38.17 -12.78
N TRP K 344 17.09 38.48 -11.74
CA TRP K 344 17.02 37.69 -10.52
C TRP K 344 15.62 37.73 -9.91
N ASP K 345 14.92 38.85 -10.08
CA ASP K 345 13.55 38.98 -9.60
C ASP K 345 12.53 38.57 -10.65
N ILE K 346 12.83 38.78 -11.93
CA ILE K 346 11.91 38.38 -12.99
C ILE K 346 11.75 36.87 -13.01
N GLU K 347 12.89 36.18 -13.15
CA GLU K 347 12.85 34.69 -13.20
C GLU K 347 12.34 34.22 -11.86
N ARG K 348 12.06 35.17 -10.97
CA ARG K 348 11.40 34.84 -9.67
C ARG K 348 12.30 33.96 -8.81
N LEU K 349 13.60 34.26 -8.76
CA LEU K 349 14.51 33.54 -7.83
C LEU K 349 14.43 34.28 -6.49
N SER K 350 14.09 35.58 -6.52
CA SER K 350 13.90 36.34 -5.28
C SER K 350 12.84 35.72 -4.39
N ASP K 351 12.02 34.82 -4.92
CA ASP K 351 11.01 34.13 -4.13
C ASP K 351 11.59 33.03 -3.27
N LEU K 352 12.92 33.00 -3.11
CA LEU K 352 13.57 32.05 -2.22
C LEU K 352 13.07 32.16 -0.79
N ALA K 353 12.58 33.34 -0.38
CA ALA K 353 12.02 33.49 0.95
C ALA K 353 10.77 32.65 1.14
N TYR K 354 10.00 32.45 0.07
CA TYR K 354 8.80 31.63 0.15
C TYR K 354 9.11 30.15 0.27
N ASP K 355 10.31 29.72 -0.09
CA ASP K 355 10.66 28.31 -0.06
C ASP K 355 10.91 27.84 1.36
N THR K 356 10.84 26.53 1.54
CA THR K 356 11.08 25.89 2.84
C THR K 356 12.56 25.63 3.09
N ASP K 357 13.45 26.08 2.20
CA ASP K 357 14.88 25.89 2.40
C ASP K 357 15.58 27.07 1.73
N SER K 358 15.96 28.07 2.53
CA SER K 358 16.63 29.25 2.01
C SER K 358 18.09 28.90 1.73
N GLN K 359 18.30 28.26 0.59
CA GLN K 359 19.63 27.81 0.19
C GLN K 359 19.81 28.06 -1.30
N ILE K 360 20.96 28.59 -1.67
CA ILE K 360 21.27 28.85 -3.07
C ILE K 360 22.18 27.75 -3.60
N GLY K 361 22.32 27.72 -4.92
CA GLY K 361 23.23 26.81 -5.58
C GLY K 361 23.54 27.33 -6.95
N GLY K 362 24.48 26.67 -7.61
CA GLY K 362 24.86 27.04 -8.95
C GLY K 362 26.33 26.79 -9.17
N LEU K 363 26.85 27.38 -10.25
CA LEU K 363 28.23 27.18 -10.66
C LEU K 363 28.95 28.52 -10.70
N LEU K 364 30.19 28.53 -10.24
CA LEU K 364 31.06 29.69 -10.33
C LEU K 364 32.12 29.43 -11.37
N PHE K 365 32.29 30.37 -12.31
CA PHE K 365 33.21 30.22 -13.41
C PHE K 365 34.34 31.21 -13.25
N PHE K 366 35.57 30.71 -13.25
CA PHE K 366 36.77 31.54 -13.16
C PHE K 366 37.56 31.41 -14.44
N PHE K 367 38.19 32.51 -14.86
CA PHE K 367 38.88 32.57 -16.14
C PHE K 367 40.34 32.98 -15.95
N SER K 368 41.20 32.39 -16.77
CA SER K 368 42.61 32.71 -16.77
C SER K 368 42.86 34.02 -17.50
N PRO K 369 44.10 34.51 -17.53
CA PRO K 369 44.41 35.60 -18.47
C PRO K 369 44.06 35.24 -19.90
N ASP K 370 44.27 33.99 -20.29
CA ASP K 370 43.77 33.48 -21.57
C ASP K 370 42.34 32.97 -21.38
N GLY K 371 41.83 32.26 -22.37
CA GLY K 371 40.43 31.88 -22.36
C GLY K 371 40.07 30.68 -21.52
N LYS K 372 41.03 30.08 -20.84
CA LYS K 372 40.75 28.88 -20.05
C LYS K 372 39.77 29.19 -18.93
N ARG K 373 38.77 28.33 -18.77
CA ARG K 373 37.70 28.52 -17.81
C ARG K 373 37.68 27.38 -16.81
N TYR K 374 37.59 27.71 -15.53
CA TYR K 374 37.53 26.74 -14.46
C TYR K 374 36.20 26.87 -13.73
N ALA K 375 35.51 25.75 -13.57
CA ALA K 375 34.19 25.73 -12.97
C ALA K 375 34.27 25.30 -11.51
N SER K 376 33.42 25.91 -10.68
CA SER K 376 33.32 25.55 -9.27
C SER K 376 31.87 25.60 -8.85
N GLU K 377 31.48 24.64 -8.02
CA GLU K 377 30.10 24.55 -7.56
C GLU K 377 29.96 25.30 -6.25
N ILE K 378 29.02 26.24 -6.20
CA ILE K 378 28.76 27.04 -5.01
C ILE K 378 27.34 26.73 -4.52
N GLY K 379 27.17 26.71 -3.21
CA GLY K 379 25.86 26.48 -2.63
C GLY K 379 25.87 26.48 -1.13
N GLY K 380 24.76 26.87 -0.52
CA GLY K 380 24.64 26.90 0.92
C GLY K 380 23.53 27.83 1.37
N PRO K 381 23.35 27.92 2.68
CA PRO K 381 22.28 28.78 3.20
C PRO K 381 22.56 30.25 2.94
N VAL K 382 21.48 31.01 2.74
CA VAL K 382 21.53 32.46 2.64
C VAL K 382 20.43 33.03 3.53
N ILE K 383 20.62 34.26 3.95
CA ILE K 383 19.72 34.92 4.91
C ILE K 383 18.97 36.02 4.19
N PRO K 384 17.60 36.06 4.17
CA PRO K 384 16.88 37.19 3.57
C PRO K 384 17.06 38.53 4.25
N LYS K 385 17.05 39.62 3.47
CA LYS K 385 17.12 40.98 4.06
C LYS K 385 15.76 41.63 3.82
N PHE K 386 14.90 41.60 4.83
CA PHE K 386 13.51 42.10 4.66
C PHE K 386 13.48 43.62 4.49
N VAL K 387 13.49 44.09 3.25
CA VAL K 387 13.35 45.55 2.99
C VAL K 387 11.87 45.92 3.20
N ALA K 388 11.59 47.15 3.65
CA ALA K 388 10.19 47.58 3.85
C ALA K 388 9.53 47.86 2.49
N HIS L 1 18.65 6.34 28.31
CA HIS L 1 18.71 5.65 29.58
C HIS L 1 18.14 4.24 29.46
N GLY L 2 17.48 3.97 28.34
CA GLY L 2 16.89 2.67 28.10
C GLY L 2 17.69 1.81 27.14
N GLU L 3 18.96 2.16 26.92
CA GLU L 3 19.78 1.43 25.97
C GLU L 3 20.03 -0.01 26.41
N LYS L 4 19.83 -0.32 27.69
CA LYS L 4 20.06 -1.69 28.16
C LYS L 4 19.11 -2.67 27.49
N SER L 5 17.86 -2.26 27.26
CA SER L 5 16.88 -3.16 26.68
C SER L 5 17.08 -3.38 25.18
N GLN L 6 17.83 -2.52 24.51
CA GLN L 6 18.05 -2.70 23.08
C GLN L 6 18.92 -3.93 22.83
N GLN L 7 18.77 -4.51 21.64
CA GLN L 7 19.48 -5.73 21.32
C GLN L 7 20.98 -5.48 21.25
N ALA L 8 21.75 -6.45 21.75
CA ALA L 8 23.19 -6.24 21.90
C ALA L 8 23.88 -6.10 20.56
N PHE L 9 23.62 -7.02 19.63
CA PHE L 9 24.35 -7.01 18.36
C PHE L 9 24.01 -5.78 17.54
N LEU L 10 22.80 -5.25 17.68
CA LEU L 10 22.48 -4.00 17.01
C LEU L 10 23.19 -2.83 17.66
N ARG L 11 23.32 -2.85 18.99
CA ARG L 11 24.01 -1.78 19.68
C ARG L 11 25.49 -1.74 19.31
N MET L 12 26.12 -2.91 19.17
CA MET L 12 27.55 -2.93 18.96
C MET L 12 27.94 -2.94 17.49
N ARG L 13 26.98 -3.00 16.57
CA ARG L 13 27.29 -3.05 15.14
C ARG L 13 26.61 -1.95 14.36
N THR L 14 26.18 -0.87 15.00
CA THR L 14 25.65 0.28 14.28
C THR L 14 26.52 1.51 14.45
N LEU L 15 26.74 1.98 15.68
CA LEU L 15 27.52 3.18 15.94
C LEU L 15 28.49 2.89 17.06
N ASN L 16 29.75 3.26 16.86
CA ASN L 16 30.79 3.04 17.85
C ASN L 16 31.25 4.40 18.36
N TRP L 17 30.77 4.75 19.56
CA TRP L 17 31.09 6.03 20.15
C TRP L 17 32.47 6.00 20.81
N TYR L 18 33.21 7.09 20.66
CA TYR L 18 34.49 7.23 21.33
C TYR L 18 34.81 8.70 21.46
N ASP L 19 35.73 9.00 22.37
CA ASP L 19 36.15 10.37 22.67
C ASP L 19 34.96 11.23 23.13
N VAL L 20 33.97 10.60 23.76
CA VAL L 20 32.81 11.34 24.24
C VAL L 20 33.16 12.05 25.54
N GLN L 21 32.92 13.35 25.57
CA GLN L 21 33.26 14.17 26.73
C GLN L 21 32.09 15.08 27.08
N TRP L 22 31.96 15.36 28.37
CA TRP L 22 31.01 16.35 28.87
C TRP L 22 31.81 17.50 29.46
N SER L 23 31.53 18.71 28.99
CA SER L 23 32.32 19.87 29.42
C SER L 23 32.22 20.09 30.92
N LYS L 24 31.02 20.00 31.47
CA LYS L 24 30.80 20.19 32.90
C LYS L 24 29.88 19.12 33.42
N THR L 25 30.17 18.62 34.62
CA THR L 25 29.28 17.68 35.29
C THR L 25 28.22 18.40 36.11
N THR L 26 28.58 19.47 36.80
CA THR L 26 27.64 20.30 37.53
C THR L 26 27.47 21.61 36.80
N VAL L 27 26.21 21.98 36.51
CA VAL L 27 25.91 23.18 35.76
C VAL L 27 24.82 23.94 36.48
N ASN L 28 24.75 25.25 36.23
CA ASN L 28 23.70 26.08 36.79
C ASN L 28 22.66 26.38 35.72
N VAL L 29 21.51 26.89 36.18
CA VAL L 29 20.49 27.35 35.24
C VAL L 29 21.05 28.50 34.43
N ASN L 30 20.77 28.48 33.13
CA ASN L 30 21.26 29.44 32.15
C ASN L 30 22.77 29.35 31.93
N GLU L 31 23.40 28.26 32.36
CA GLU L 31 24.82 28.04 32.13
C GLU L 31 25.00 26.99 31.05
N GLU L 32 25.99 27.21 30.18
CA GLU L 32 26.19 26.39 29.00
C GLU L 32 27.18 25.27 29.27
N MET L 33 26.83 24.07 28.83
CA MET L 33 27.73 22.92 28.86
C MET L 33 27.71 22.26 27.49
N VAL L 34 28.86 21.69 27.10
CA VAL L 34 29.05 21.15 25.76
C VAL L 34 29.30 19.66 25.88
N LEU L 35 28.49 18.88 25.18
CA LEU L 35 28.67 17.43 25.07
C LEU L 35 29.18 17.13 23.67
N SER L 36 30.40 16.62 23.58
CA SER L 36 31.04 16.37 22.30
C SER L 36 31.60 14.95 22.27
N GLY L 37 31.92 14.50 21.07
CA GLY L 37 32.48 13.17 20.91
C GLY L 37 32.62 12.84 19.43
N LYS L 38 33.07 11.62 19.18
CA LYS L 38 33.21 11.10 17.84
C LYS L 38 32.47 9.78 17.74
N VAL L 39 31.92 9.50 16.56
CA VAL L 39 31.14 8.30 16.33
C VAL L 39 31.62 7.64 15.05
N HIS L 40 31.75 6.32 15.08
CA HIS L 40 32.15 5.55 13.92
C HIS L 40 30.98 4.72 13.44
N VAL L 41 30.69 4.79 12.15
CA VAL L 41 29.61 4.03 11.54
C VAL L 41 30.14 2.67 11.13
N PHE L 42 29.55 1.61 11.67
CA PHE L 42 30.05 0.26 11.42
C PHE L 42 29.96 -0.08 9.95
N SER L 43 31.02 -0.71 9.44
CA SER L 43 31.05 -1.07 8.02
C SER L 43 29.98 -2.11 7.70
N ALA L 44 29.79 -3.10 8.57
CA ALA L 44 28.78 -4.13 8.37
C ALA L 44 27.47 -3.69 9.03
N TRP L 45 26.85 -2.70 8.42
CA TRP L 45 25.59 -2.17 8.93
C TRP L 45 24.52 -3.26 8.85
N PRO L 46 23.81 -3.53 9.94
CA PRO L 46 22.83 -4.63 9.92
C PRO L 46 21.69 -4.37 8.96
N GLN L 47 21.17 -5.45 8.39
CA GLN L 47 20.00 -5.35 7.53
C GLN L 47 18.78 -4.89 8.30
N ALA L 48 18.69 -5.21 9.59
CA ALA L 48 17.51 -4.84 10.38
C ALA L 48 17.38 -3.32 10.47
N VAL L 49 18.47 -2.61 10.67
CA VAL L 49 18.46 -1.17 10.75
C VAL L 49 18.63 -0.61 9.35
N ALA L 50 17.80 0.36 8.99
CA ALA L 50 17.90 0.98 7.68
C ALA L 50 19.22 1.75 7.56
N ASN L 51 19.50 2.21 6.35
CA ASN L 51 20.74 2.90 6.09
C ASN L 51 20.80 4.19 6.91
N PRO L 52 21.96 4.58 7.41
CA PRO L 52 22.07 5.84 8.13
C PRO L 52 22.07 7.05 7.21
N ARG L 53 21.65 6.81 5.96
CA ARG L 53 21.58 7.88 4.97
C ARG L 53 20.72 9.05 5.45
N VAL L 54 19.72 8.78 6.27
CA VAL L 54 18.91 9.83 6.88
C VAL L 54 18.96 9.61 8.39
N SER L 55 19.55 10.56 9.11
CA SER L 55 19.74 10.42 10.54
C SER L 55 19.75 11.79 11.19
N PHE L 56 19.53 11.80 12.50
CA PHE L 56 19.42 13.03 13.27
C PHE L 56 20.25 12.92 14.54
N LEU L 57 21.05 13.96 14.81
CA LEU L 57 21.82 14.01 16.04
C LEU L 57 20.96 14.59 17.16
N ASN L 58 21.01 13.97 18.33
CA ASN L 58 20.14 14.36 19.42
C ASN L 58 20.85 14.16 20.74
N ALA L 59 20.33 14.82 21.77
CA ALA L 59 20.83 14.69 23.13
C ALA L 59 19.83 13.87 23.94
N GLY L 60 20.25 12.70 24.39
CA GLY L 60 19.37 11.83 25.14
C GLY L 60 19.24 12.23 26.59
N GLU L 61 18.11 12.82 26.94
CA GLU L 61 17.87 13.34 28.28
C GLU L 61 16.40 13.18 28.62
N PRO L 62 16.06 13.09 29.90
CA PRO L 62 14.65 12.96 30.27
C PRO L 62 13.88 14.27 30.10
N GLY L 63 13.49 14.59 28.87
CA GLY L 63 12.80 15.81 28.59
C GLY L 63 13.75 16.97 28.46
N PRO L 64 13.22 18.18 28.31
CA PRO L 64 14.05 19.38 28.14
C PRO L 64 14.60 19.93 29.45
N VAL L 65 15.25 19.07 30.23
CA VAL L 65 15.95 19.54 31.41
C VAL L 65 17.15 20.38 31.01
N LEU L 66 17.69 20.14 29.83
CA LEU L 66 18.76 20.95 29.25
C LEU L 66 18.35 21.39 27.85
N VAL L 67 18.32 22.70 27.62
CA VAL L 67 17.91 23.24 26.34
C VAL L 67 19.09 23.22 25.39
N ARG L 68 18.88 22.66 24.20
CA ARG L 68 19.92 22.56 23.18
C ARG L 68 19.97 23.86 22.39
N THR L 69 21.04 24.62 22.58
CA THR L 69 21.20 25.88 21.86
C THR L 69 21.79 25.70 20.48
N ALA L 70 22.66 24.71 20.30
CA ALA L 70 23.24 24.42 18.99
C ALA L 70 23.87 23.05 19.03
N GLN L 71 23.92 22.40 17.87
CA GLN L 71 24.58 21.11 17.75
C GLN L 71 25.21 21.02 16.38
N PHE L 72 26.38 20.37 16.33
CA PHE L 72 27.12 20.22 15.10
C PHE L 72 27.53 18.77 14.92
N ILE L 73 27.56 18.32 13.67
CA ILE L 73 28.10 17.02 13.32
C ILE L 73 28.67 17.11 11.91
N GLY L 74 29.80 16.45 11.70
CA GLY L 74 30.47 16.54 10.41
C GLY L 74 30.88 17.94 10.05
N GLU L 75 31.28 18.75 11.03
CA GLU L 75 31.71 20.13 10.80
C GLU L 75 30.59 20.95 10.18
N GLN L 76 29.35 20.66 10.57
CA GLN L 76 28.19 21.35 10.04
C GLN L 76 27.19 21.60 11.15
N PHE L 77 26.58 22.78 11.15
CA PHE L 77 25.45 23.03 12.03
C PHE L 77 24.28 22.16 11.58
N ALA L 78 23.77 21.34 12.49
CA ALA L 78 22.82 20.29 12.14
C ALA L 78 21.57 20.37 13.01
N PRO L 79 20.70 21.34 12.75
CA PRO L 79 19.38 21.32 13.37
C PRO L 79 18.39 20.40 12.67
N ARG L 80 18.74 19.92 11.47
CA ARG L 80 17.87 19.05 10.69
C ARG L 80 18.56 17.72 10.47
N SER L 81 17.91 16.84 9.71
CA SER L 81 18.45 15.52 9.48
C SER L 81 19.72 15.58 8.65
N VAL L 82 20.64 14.65 8.91
CA VAL L 82 21.92 14.59 8.24
C VAL L 82 22.13 13.17 7.72
N SER L 83 23.14 13.02 6.87
CA SER L 83 23.47 11.74 6.25
C SER L 83 24.77 11.22 6.85
N LEU L 84 24.76 9.96 7.27
CA LEU L 84 25.94 9.29 7.76
C LEU L 84 26.33 8.19 6.78
N GLU L 85 27.55 8.25 6.27
CA GLU L 85 28.03 7.25 5.34
C GLU L 85 28.63 6.07 6.10
N ILE L 86 28.31 4.86 5.64
CA ILE L 86 28.75 3.66 6.32
C ILE L 86 30.26 3.56 6.25
N GLY L 87 30.89 3.32 7.39
CA GLY L 87 32.32 3.16 7.47
C GLY L 87 33.10 4.42 7.80
N LYS L 88 32.44 5.56 7.92
CA LYS L 88 33.10 6.81 8.20
C LYS L 88 33.00 7.17 9.68
N ASP L 89 33.86 8.09 10.10
CA ASP L 89 33.87 8.60 11.46
C ASP L 89 33.50 10.07 11.45
N TYR L 90 32.66 10.48 12.40
CA TYR L 90 32.16 11.85 12.45
C TYR L 90 32.34 12.40 13.85
N ALA L 91 32.59 13.71 13.92
CA ALA L 91 32.75 14.41 15.18
C ALA L 91 31.51 15.25 15.43
N PHE L 92 30.96 15.17 16.64
CA PHE L 92 29.74 15.89 16.99
C PHE L 92 29.96 16.66 18.28
N SER L 93 29.16 17.71 18.45
CA SER L 93 29.21 18.53 19.65
C SER L 93 27.85 19.19 19.82
N ILE L 94 27.32 19.12 21.04
CA ILE L 94 26.02 19.68 21.37
C ILE L 94 26.20 20.71 22.48
N ASN L 95 25.73 21.93 22.23
CA ASN L 95 25.78 22.99 23.23
C ASN L 95 24.48 22.98 24.02
N LEU L 96 24.53 22.47 25.24
CA LEU L 96 23.37 22.40 26.10
C LEU L 96 23.33 23.60 27.04
N ARG L 97 22.17 23.81 27.67
CA ARG L 97 21.98 24.91 28.59
C ARG L 97 21.04 24.46 29.71
N GLY L 98 21.47 24.62 30.95
CA GLY L 98 20.71 24.17 32.10
C GLY L 98 19.35 24.81 32.22
N ARG L 99 18.31 24.00 32.42
CA ARG L 99 16.96 24.53 32.55
C ARG L 99 16.25 24.06 33.81
N ARG L 100 16.40 22.80 34.19
CA ARG L 100 15.66 22.23 35.31
C ARG L 100 16.62 21.70 36.36
N ALA L 101 16.41 22.12 37.60
CA ALA L 101 17.26 21.68 38.69
C ALA L 101 17.06 20.20 38.96
N GLY L 102 18.16 19.49 39.16
CA GLY L 102 18.10 18.08 39.49
C GLY L 102 19.37 17.39 39.03
N ARG L 103 19.33 16.05 39.10
CA ARG L 103 20.41 15.19 38.64
C ARG L 103 19.88 14.37 37.48
N TRP L 104 20.40 14.60 36.29
CA TRP L 104 19.89 14.01 35.07
C TRP L 104 20.98 13.22 34.36
N HIS L 105 20.58 12.13 33.73
CA HIS L 105 21.50 11.30 32.95
C HIS L 105 21.35 11.67 31.49
N VAL L 106 22.35 12.37 30.95
CA VAL L 106 22.30 12.92 29.61
C VAL L 106 23.17 12.07 28.70
N HIS L 107 22.56 11.53 27.64
CA HIS L 107 23.23 10.66 26.69
C HIS L 107 23.50 11.41 25.39
N ALA L 108 24.41 10.86 24.59
CA ALA L 108 24.54 11.27 23.21
C ALA L 108 23.78 10.27 22.33
N GLN L 109 22.93 10.78 21.45
CA GLN L 109 22.01 9.91 20.74
C GLN L 109 21.91 10.31 19.28
N ILE L 110 21.89 9.32 18.40
CA ILE L 110 21.65 9.51 16.97
C ILE L 110 20.51 8.60 16.57
N ASN L 111 19.54 9.15 15.86
CA ASN L 111 18.37 8.40 15.40
C ASN L 111 18.48 8.15 13.91
N VAL L 112 18.28 6.91 13.49
CA VAL L 112 18.28 6.53 12.08
C VAL L 112 16.83 6.45 11.63
N GLU L 113 16.58 6.87 10.39
CA GLU L 113 15.21 7.01 9.90
C GLU L 113 14.44 5.71 9.99
N GLY L 114 14.97 4.64 9.42
CA GLY L 114 14.30 3.36 9.44
C GLY L 114 14.75 2.42 10.52
N GLY L 115 15.68 2.84 11.36
CA GLY L 115 16.16 2.01 12.45
C GLY L 115 15.61 2.39 13.81
N GLY L 116 15.68 3.67 14.14
CA GLY L 116 15.25 4.13 15.45
C GLY L 116 16.38 4.78 16.21
N PRO L 117 16.30 4.75 17.54
CA PRO L 117 17.29 5.46 18.36
C PRO L 117 18.52 4.60 18.62
N ILE L 118 19.68 5.23 18.53
CA ILE L 118 20.95 4.63 18.94
C ILE L 118 21.50 5.49 20.06
N ILE L 119 21.67 4.91 21.23
CA ILE L 119 22.01 5.65 22.44
C ILE L 119 23.49 5.46 22.72
N GLY L 120 24.21 6.57 22.88
CA GLY L 120 25.62 6.53 23.20
C GLY L 120 25.86 6.63 24.69
N PRO L 121 27.10 6.99 25.06
CA PRO L 121 27.42 7.12 26.48
C PRO L 121 26.62 8.24 27.13
N GLY L 122 26.32 8.04 28.42
CA GLY L 122 25.58 9.01 29.19
C GLY L 122 26.29 9.34 30.49
N GLN L 123 26.15 10.59 30.92
CA GLN L 123 26.79 11.07 32.13
C GLN L 123 25.76 11.78 32.99
N TRP L 124 25.92 11.66 34.31
CA TRP L 124 25.05 12.35 35.25
C TRP L 124 25.40 13.83 35.28
N ILE L 125 24.40 14.68 35.08
CA ILE L 125 24.58 16.12 35.10
C ILE L 125 23.78 16.66 36.27
N GLU L 126 24.45 17.39 37.16
CA GLU L 126 23.79 18.05 38.27
C GLU L 126 23.48 19.49 37.88
N ILE L 127 22.22 19.87 38.02
CA ILE L 127 21.76 21.21 37.66
C ILE L 127 21.27 21.90 38.92
N LYS L 128 21.82 23.08 39.20
CA LYS L 128 21.46 23.87 40.35
C LYS L 128 20.79 25.16 39.91
N GLY L 129 19.83 25.62 40.70
CA GLY L 129 19.12 26.84 40.39
C GLY L 129 17.61 26.67 40.43
N ASP L 130 16.89 27.58 39.80
CA ASP L 130 15.44 27.54 39.77
C ASP L 130 14.94 27.62 38.33
N MET L 131 13.82 26.95 38.07
CA MET L 131 13.26 26.92 36.73
C MET L 131 12.84 28.31 36.27
N LYS L 132 12.25 29.10 37.18
CA LYS L 132 11.72 30.41 36.80
C LYS L 132 12.83 31.39 36.41
N ASP L 133 14.08 31.09 36.72
CA ASP L 133 15.19 31.95 36.33
C ASP L 133 15.69 31.66 34.93
N PHE L 134 15.08 30.72 34.22
CA PHE L 134 15.58 30.30 32.92
C PHE L 134 15.11 31.23 31.81
N THR L 135 16.06 31.74 31.03
CA THR L 135 15.77 32.46 29.80
C THR L 135 16.70 31.95 28.72
N ASP L 136 16.22 31.91 27.47
CA ASP L 136 17.09 31.35 26.45
C ASP L 136 18.27 32.30 26.19
N PRO L 137 18.08 33.50 25.60
CA PRO L 137 17.09 34.14 24.74
C PRO L 137 17.58 34.05 23.30
N VAL L 138 16.73 34.39 22.33
CA VAL L 138 17.13 34.34 20.94
C VAL L 138 16.85 35.68 20.29
N THR L 139 17.53 35.94 19.17
CA THR L 139 17.40 37.20 18.46
C THR L 139 16.76 36.97 17.10
N LEU L 140 15.89 37.88 16.71
CA LEU L 140 15.18 37.79 15.45
C LEU L 140 16.00 38.40 14.32
N LEU L 141 15.50 38.25 13.09
CA LEU L 141 16.17 38.85 11.95
C LEU L 141 16.15 40.37 12.03
N ASP L 142 15.05 40.95 12.50
CA ASP L 142 14.95 42.40 12.63
C ASP L 142 15.85 42.95 13.73
N GLY L 143 16.44 42.10 14.55
CA GLY L 143 17.33 42.52 15.61
C GLY L 143 16.73 42.45 17.00
N SER L 144 15.41 42.32 17.10
CA SER L 144 14.78 42.22 18.42
C SER L 144 15.12 40.88 19.06
N THR L 145 15.17 40.89 20.39
CA THR L 145 15.49 39.70 21.17
C THR L 145 14.26 39.24 21.94
N VAL L 146 13.97 37.94 21.87
CA VAL L 146 12.84 37.37 22.56
C VAL L 146 13.32 36.22 23.44
N ASP L 147 12.48 35.84 24.39
CA ASP L 147 12.77 34.74 25.32
C ASP L 147 11.88 33.57 24.93
N LEU L 148 12.48 32.53 24.37
CA LEU L 148 11.70 31.41 23.85
C LEU L 148 10.96 30.65 24.94
N GLU L 149 11.34 30.84 26.20
CA GLU L 149 10.64 30.16 27.29
C GLU L 149 9.21 30.65 27.40
N HIS L 150 8.98 31.94 27.13
CA HIS L 150 7.66 32.55 27.31
C HIS L 150 7.10 33.21 26.07
N TYR L 151 7.88 33.37 25.01
CA TYR L 151 7.41 34.12 23.86
C TYR L 151 6.29 33.39 23.13
N GLY L 152 5.26 34.15 22.74
CA GLY L 152 4.18 33.64 21.93
C GLY L 152 3.09 32.92 22.69
N ILE L 153 3.32 32.57 23.96
CA ILE L 153 2.31 31.84 24.71
C ILE L 153 1.10 32.72 24.99
N SER L 154 1.34 34.00 25.31
CA SER L 154 0.25 34.89 25.61
C SER L 154 -0.68 35.06 24.41
N ARG L 155 -0.10 35.21 23.21
CA ARG L 155 -0.93 35.35 22.02
C ARG L 155 -1.72 34.08 21.75
N VAL L 156 -1.10 32.91 21.94
CA VAL L 156 -1.81 31.66 21.72
C VAL L 156 -2.98 31.53 22.67
N TYR L 157 -2.78 31.86 23.95
CA TYR L 157 -3.88 31.85 24.90
C TYR L 157 -4.97 32.82 24.48
N ALA L 158 -4.58 34.06 24.15
CA ALA L 158 -5.56 35.09 23.82
C ALA L 158 -6.33 34.78 22.56
N TRP L 159 -5.81 33.91 21.71
CA TRP L 159 -6.59 33.50 20.54
C TRP L 159 -7.39 32.24 20.78
N HIS L 160 -6.88 31.31 21.60
CA HIS L 160 -7.54 30.01 21.75
C HIS L 160 -8.64 30.06 22.80
N LEU L 161 -8.33 30.56 23.99
CA LEU L 161 -9.31 30.54 25.07
C LEU L 161 -10.60 31.28 24.74
N PRO L 162 -10.58 32.48 24.16
CA PRO L 162 -11.87 33.12 23.81
C PRO L 162 -12.72 32.31 22.87
N TRP L 163 -12.12 31.59 21.92
CA TRP L 163 -12.92 30.78 21.00
C TRP L 163 -13.53 29.58 21.70
N MET L 164 -12.79 28.96 22.62
CA MET L 164 -13.37 27.88 23.41
C MET L 164 -14.52 28.41 24.26
N ALA L 165 -14.36 29.61 24.83
CA ALA L 165 -15.46 30.20 25.59
C ALA L 165 -16.66 30.47 24.70
N VAL L 166 -16.42 30.92 23.46
CA VAL L 166 -17.51 31.17 22.54
C VAL L 166 -18.25 29.88 22.21
N GLY L 167 -17.51 28.80 21.96
CA GLY L 167 -18.15 27.53 21.69
C GLY L 167 -18.97 27.03 22.86
N ALA L 168 -18.41 27.16 24.08
CA ALA L 168 -19.17 26.76 25.26
C ALA L 168 -20.43 27.60 25.42
N ALA L 169 -20.33 28.90 25.15
CA ALA L 169 -21.49 29.77 25.24
C ALA L 169 -22.54 29.37 24.22
N TRP L 170 -22.13 29.04 23.00
CA TRP L 170 -23.07 28.60 21.98
C TRP L 170 -23.80 27.32 22.42
N ILE L 171 -23.03 26.36 22.94
CA ILE L 171 -23.63 25.11 23.38
C ILE L 171 -24.62 25.36 24.51
N PHE L 172 -24.22 26.18 25.49
CA PHE L 172 -25.11 26.42 26.63
C PHE L 172 -26.33 27.23 26.23
N PHE L 173 -26.18 28.17 25.29
CA PHE L 173 -27.33 28.92 24.79
C PHE L 173 -28.35 27.99 24.17
N TRP L 174 -27.89 27.11 23.27
CA TRP L 174 -28.84 26.20 22.64
C TRP L 174 -29.37 25.15 23.61
N PHE L 175 -28.61 24.84 24.66
CA PHE L 175 -29.08 23.86 25.65
C PHE L 175 -30.14 24.45 26.57
N VAL L 176 -30.02 25.72 26.94
CA VAL L 176 -31.01 26.33 27.82
C VAL L 176 -32.23 26.81 27.04
N ARG L 177 -32.04 27.31 25.81
CA ARG L 177 -33.19 27.73 25.02
C ARG L 177 -34.10 26.55 24.69
N LYS L 178 -33.51 25.42 24.31
CA LYS L 178 -34.24 24.19 24.07
C LYS L 178 -33.60 23.08 24.89
N GLY L 179 -34.39 22.42 25.73
CA GLY L 179 -33.90 21.35 26.55
C GLY L 179 -33.56 20.13 25.72
N ILE L 180 -32.83 19.21 26.34
CA ILE L 180 -32.45 17.98 25.65
C ILE L 180 -33.64 17.04 25.60
N ILE L 181 -34.21 16.72 26.76
CA ILE L 181 -35.39 15.87 26.79
C ILE L 181 -36.56 16.56 26.09
N THR L 182 -36.74 17.85 26.35
CA THR L 182 -37.86 18.57 25.77
C THR L 182 -37.80 18.55 24.25
N SER L 183 -36.64 18.91 23.68
CA SER L 183 -36.51 18.94 22.23
C SER L 183 -36.56 17.54 21.64
N TYR L 184 -36.02 16.53 22.33
CA TYR L 184 -36.12 15.17 21.83
C TYR L 184 -37.58 14.74 21.74
N ILE L 185 -38.35 14.99 22.79
CA ILE L 185 -39.77 14.64 22.77
C ILE L 185 -40.48 15.39 21.66
N ARG L 186 -40.17 16.67 21.52
CA ARG L 186 -40.79 17.49 20.48
C ARG L 186 -40.51 16.92 19.10
N VAL L 187 -39.25 16.55 18.84
CA VAL L 187 -38.88 15.99 17.55
C VAL L 187 -39.57 14.65 17.32
N ALA L 188 -39.58 13.80 18.35
CA ALA L 188 -40.21 12.49 18.22
C ALA L 188 -41.71 12.58 18.01
N GLU L 189 -42.33 13.66 18.49
CA GLU L 189 -43.81 13.82 18.34
C GLU L 189 -44.11 14.41 16.96
N GLY L 190 -43.20 14.24 16.00
CA GLY L 190 -43.43 14.73 14.63
C GLY L 190 -43.06 16.19 14.46
N LYS L 191 -43.34 17.02 15.47
CA LYS L 191 -43.10 18.48 15.37
C LYS L 191 -41.62 18.80 15.61
N ALA L 192 -40.73 18.39 14.71
CA ALA L 192 -39.30 18.76 14.83
C ALA L 192 -39.09 20.07 14.06
N ASP L 193 -40.07 20.98 14.11
CA ASP L 193 -39.98 22.27 13.38
C ASP L 193 -40.13 23.42 14.37
N ASP L 194 -40.89 23.23 15.45
CA ASP L 194 -40.98 24.28 16.51
C ASP L 194 -39.83 24.11 17.50
N VAL L 195 -38.97 23.11 17.30
CA VAL L 195 -37.75 22.96 18.16
C VAL L 195 -36.68 23.89 17.57
N ILE L 196 -36.54 23.93 16.25
CA ILE L 196 -35.59 24.89 15.59
C ILE L 196 -36.29 25.52 14.38
N GLY L 197 -36.49 26.84 14.42
CA GLY L 197 -37.15 27.57 13.32
C GLY L 197 -37.01 29.07 13.52
N ASP L 198 -36.66 29.83 12.48
CA ASP L 198 -36.42 31.30 12.59
C ASP L 198 -37.46 31.95 13.51
N ASP L 199 -37.03 32.41 14.68
CA ASP L 199 -35.90 33.37 14.81
C ASP L 199 -34.61 32.62 15.16
N ASP L 200 -34.70 31.30 15.38
CA ASP L 200 -33.52 30.49 15.76
C ASP L 200 -32.47 30.56 14.65
N ARG L 201 -32.90 30.45 13.40
CA ARG L 201 -31.96 30.48 12.24
C ARG L 201 -31.33 31.88 12.13
N ARG L 202 -32.09 32.93 12.48
CA ARG L 202 -31.52 34.31 12.46
C ARG L 202 -30.34 34.36 13.44
N ILE L 203 -30.55 33.93 14.69
CA ILE L 203 -29.46 33.91 15.71
C ILE L 203 -28.26 33.16 15.14
N GLY L 204 -28.50 31.99 14.54
CA GLY L 204 -27.40 31.22 13.93
C GLY L 204 -26.64 32.01 12.89
N ALA L 205 -27.33 32.68 11.98
CA ALA L 205 -26.68 33.45 10.90
C ALA L 205 -25.94 34.66 11.48
N ILE L 206 -26.48 35.30 12.51
CA ILE L 206 -25.77 36.44 13.20
C ILE L 206 -24.46 35.89 13.77
N VAL L 207 -24.52 34.74 14.45
CA VAL L 207 -23.29 34.13 15.05
C VAL L 207 -22.29 33.85 13.93
N LEU L 208 -22.75 33.31 12.79
CA LEU L 208 -21.80 32.96 11.72
C LEU L 208 -21.16 34.21 11.13
N ALA L 209 -21.94 35.27 10.93
CA ALA L 209 -21.38 36.50 10.39
C ALA L 209 -20.35 37.09 11.34
N LEU L 210 -20.66 37.09 12.65
CA LEU L 210 -19.70 37.59 13.63
C LEU L 210 -18.44 36.74 13.65
N THR L 211 -18.59 35.43 13.55
CA THR L 211 -17.42 34.55 13.55
C THR L 211 -16.54 34.80 12.33
N ILE L 212 -17.16 34.92 11.16
CA ILE L 212 -16.38 35.19 9.94
C ILE L 212 -15.69 36.54 10.06
N LEU L 213 -16.39 37.55 10.59
CA LEU L 213 -15.79 38.87 10.76
C LEU L 213 -14.60 38.81 11.70
N ALA L 214 -14.73 38.08 12.81
CA ALA L 214 -13.62 37.95 13.75
C ALA L 214 -12.45 37.22 13.12
N THR L 215 -12.72 36.17 12.34
CA THR L 215 -11.65 35.44 11.67
C THR L 215 -10.92 36.34 10.68
N ILE L 216 -11.66 37.10 9.87
CA ILE L 216 -11.04 38.01 8.92
C ILE L 216 -10.30 39.11 9.65
N VAL L 217 -10.93 39.71 10.66
CA VAL L 217 -10.27 40.75 11.44
C VAL L 217 -9.06 40.19 12.14
N GLY L 218 -9.19 39.01 12.75
CA GLY L 218 -8.05 38.41 13.42
C GLY L 218 -6.92 38.09 12.47
N TYR L 219 -7.26 37.58 11.28
CA TYR L 219 -6.23 37.29 10.29
C TYR L 219 -5.54 38.56 9.82
N ALA L 220 -6.31 39.62 9.54
CA ALA L 220 -5.71 40.87 9.11
C ALA L 220 -4.89 41.52 10.21
N VAL L 221 -5.38 41.49 11.45
CA VAL L 221 -4.64 42.09 12.55
C VAL L 221 -3.31 41.37 12.76
N THR L 222 -3.34 40.04 12.75
CA THR L 222 -2.09 39.29 12.92
C THR L 222 -1.24 39.30 11.67
N ASN L 223 -1.70 39.95 10.60
CA ASN L 223 -0.84 40.20 9.45
C ASN L 223 -0.14 41.54 9.55
N SER L 224 -0.78 42.52 10.18
CA SER L 224 -0.10 43.78 10.48
C SER L 224 1.09 43.54 11.40
N THR L 225 0.86 42.86 12.51
CA THR L 225 1.96 42.28 13.28
C THR L 225 2.55 41.12 12.50
N PHE L 226 3.85 40.90 12.65
CA PHE L 226 4.58 39.89 11.91
C PHE L 226 4.27 39.95 10.41
N PRO L 227 4.52 41.10 9.77
CA PRO L 227 4.21 41.20 8.33
C PRO L 227 5.12 40.38 7.45
N ARG L 228 6.27 39.93 7.95
CA ARG L 228 7.24 39.18 7.17
C ARG L 228 7.52 37.88 7.92
N THR L 229 6.92 36.79 7.46
CA THR L 229 7.11 35.48 8.03
C THR L 229 7.60 34.52 6.96
N ILE L 230 8.19 33.41 7.39
CA ILE L 230 8.75 32.43 6.46
C ILE L 230 8.19 31.05 6.79
N PRO L 231 8.10 30.16 5.82
CA PRO L 231 7.63 28.80 6.11
C PRO L 231 8.66 28.02 6.92
N LEU L 232 8.20 26.92 7.51
CA LEU L 232 9.08 26.06 8.28
C LEU L 232 10.22 25.56 7.42
N GLN L 233 11.44 25.65 7.95
CA GLN L 233 12.64 25.24 7.23
C GLN L 233 12.89 23.77 7.51
N ALA L 234 12.84 22.94 6.46
CA ALA L 234 12.96 21.51 6.60
C ALA L 234 13.75 20.96 5.42
N GLY L 235 14.25 19.74 5.59
CA GLY L 235 14.96 19.07 4.53
C GLY L 235 16.29 18.48 4.96
N LEU L 236 16.71 17.41 4.30
CA LEU L 236 18.01 16.81 4.60
C LEU L 236 19.12 17.79 4.24
N GLN L 237 20.16 17.77 5.07
CA GLN L 237 21.29 18.68 4.89
C GLN L 237 22.29 18.13 3.89
N LYS L 238 23.27 18.95 3.54
CA LYS L 238 24.30 18.55 2.61
C LYS L 238 25.19 17.49 3.26
N PRO L 239 25.88 16.68 2.44
CA PRO L 239 26.69 15.60 3.00
C PRO L 239 27.75 16.11 3.96
N LEU L 240 27.98 15.34 5.02
CA LEU L 240 28.91 15.73 6.06
C LEU L 240 30.35 15.40 5.66
N THR L 241 31.29 16.02 6.37
CA THR L 241 32.71 15.77 6.15
C THR L 241 33.24 14.89 7.26
N PRO L 242 33.68 13.66 6.96
CA PRO L 242 34.13 12.77 8.03
C PRO L 242 35.45 13.20 8.65
N ILE L 243 35.88 12.47 9.66
CA ILE L 243 37.16 12.73 10.32
C ILE L 243 38.27 12.10 9.49
N GLU L 244 39.44 12.73 9.49
CA GLU L 244 40.58 12.25 8.70
C GLU L 244 41.84 12.03 9.53
N THR L 245 41.75 12.09 10.85
CA THR L 245 42.92 11.95 11.71
C THR L 245 42.66 10.94 12.82
N GLU L 246 43.63 10.06 13.09
CA GLU L 246 44.83 9.92 12.27
C GLU L 246 45.39 8.50 12.06
N GLY L 247 44.60 7.42 11.98
CA GLY L 247 43.14 7.42 11.97
C GLY L 247 42.53 7.06 13.32
N THR L 248 41.19 7.03 13.47
CA THR L 248 40.16 7.16 12.42
C THR L 248 40.31 6.09 11.35
N VAL L 249 40.01 4.86 11.75
CA VAL L 249 40.12 3.67 10.91
C VAL L 249 39.63 3.93 9.49
N GLY L 250 40.41 3.50 8.51
CA GLY L 250 40.08 3.70 7.11
C GLY L 250 40.72 4.91 6.46
N VAL L 251 41.41 5.75 7.23
CA VAL L 251 42.05 6.94 6.68
C VAL L 251 43.54 6.89 7.00
N GLY L 252 44.31 7.63 6.21
CA GLY L 252 45.74 7.73 6.42
C GLY L 252 46.50 6.56 5.84
N LYS L 253 47.81 6.75 5.63
CA LYS L 253 48.67 5.65 5.12
C LYS L 253 49.02 4.70 6.28
N GLU L 254 48.92 5.18 7.52
CA GLU L 254 49.27 4.35 8.70
C GLU L 254 47.98 3.98 9.44
N ASN L 255 47.68 2.67 9.52
CA ASN L 255 46.42 2.21 10.18
C ASN L 255 46.54 0.73 10.56
N VAL L 256 45.88 0.31 11.65
CA VAL L 256 45.85 -1.13 12.03
C VAL L 256 44.63 -1.75 11.38
N THR L 257 44.75 -3.00 10.90
CA THR L 257 43.59 -3.70 10.28
C THR L 257 43.37 -5.02 11.01
N THR L 258 42.29 -5.12 11.78
CA THR L 258 42.04 -6.34 12.58
C THR L 258 40.91 -7.18 11.98
N GLU L 259 40.94 -8.50 12.21
CA GLU L 259 39.91 -9.42 11.68
C GLU L 259 39.60 -10.49 12.74
N LEU L 260 38.33 -10.66 13.09
CA LEU L 260 37.95 -11.64 14.14
C LEU L 260 38.00 -13.06 13.59
N ASN L 261 38.65 -13.98 14.31
CA ASN L 261 38.67 -15.40 13.88
C ASN L 261 38.05 -16.26 14.99
N GLY L 262 36.77 -16.01 15.31
CA GLY L 262 36.09 -16.82 16.34
C GLY L 262 36.11 -16.18 17.70
N GLY L 263 35.05 -16.37 18.48
CA GLY L 263 34.99 -15.84 19.86
C GLY L 263 34.14 -16.73 20.76
N VAL L 264 34.26 -16.57 22.07
CA VAL L 264 33.47 -17.40 23.04
C VAL L 264 32.96 -16.48 24.15
N TYR L 265 31.64 -16.38 24.32
CA TYR L 265 31.10 -15.58 25.46
C TYR L 265 30.36 -16.52 26.41
N LYS L 266 30.73 -16.49 27.70
CA LYS L 266 30.09 -17.39 28.70
C LYS L 266 28.65 -16.93 28.94
N VAL L 267 27.68 -17.82 28.74
CA VAL L 267 26.25 -17.49 29.01
C VAL L 267 25.71 -18.50 30.04
N PRO L 268 25.31 -18.08 31.26
CA PRO L 268 25.51 -16.71 31.73
C PRO L 268 26.91 -16.42 32.31
N GLY L 269 27.43 -15.22 32.08
CA GLY L 269 28.76 -14.84 32.58
C GLY L 269 29.16 -13.44 32.15
N ARG L 270 30.46 -13.21 31.93
CA ARG L 270 30.94 -11.85 31.57
C ARG L 270 32.18 -11.94 30.67
N GLU L 271 32.60 -13.14 30.28
CA GLU L 271 33.86 -13.29 29.49
C GLU L 271 33.58 -13.18 27.99
N LEU L 272 34.62 -12.87 27.20
CA LEU L 272 34.52 -12.78 25.73
C LEU L 272 35.93 -13.05 25.19
N THR L 273 36.32 -14.32 25.11
CA THR L 273 37.67 -14.69 24.60
C THR L 273 37.65 -14.62 23.09
N ILE L 274 38.07 -13.49 22.51
CA ILE L 274 37.99 -13.29 21.03
C ILE L 274 39.39 -13.40 20.42
N ASN L 275 39.52 -14.16 19.33
CA ASN L 275 40.83 -14.32 18.64
C ASN L 275 40.93 -13.26 17.55
N VAL L 276 41.84 -12.30 17.70
CA VAL L 276 41.91 -11.16 16.74
C VAL L 276 43.19 -11.25 15.90
N LYS L 277 43.06 -11.25 14.56
CA LYS L 277 44.25 -11.25 13.68
C LYS L 277 44.67 -9.79 13.43
N VAL L 278 45.73 -9.32 14.08
CA VAL L 278 46.13 -7.89 13.98
C VAL L 278 47.23 -7.71 12.94
N LYS L 279 47.00 -6.88 11.93
CA LYS L 279 48.08 -6.54 10.96
C LYS L 279 48.53 -5.13 11.32
N ASN L 280 49.83 -4.92 11.57
CA ASN L 280 50.28 -3.58 12.06
C ASN L 280 51.48 -3.07 11.27
N ASN L 281 51.41 -3.06 9.93
CA ASN L 281 50.82 -2.00 9.08
C ASN L 281 51.32 -0.58 9.41
N THR L 282 51.38 -0.18 10.69
CA THR L 282 51.88 1.17 11.09
C THR L 282 53.42 1.18 11.19
N SER L 283 53.97 2.10 11.98
CA SER L 283 55.45 2.25 12.07
C SER L 283 55.96 2.11 13.50
N GLN L 284 55.12 2.46 14.49
CA GLN L 284 55.57 2.42 15.91
C GLN L 284 55.03 1.17 16.59
N PRO L 285 55.81 0.43 17.41
CA PRO L 285 55.31 -0.74 18.15
C PRO L 285 53.94 -0.48 18.81
N LEU L 286 52.89 -1.16 18.35
CA LEU L 286 51.51 -0.86 18.85
C LEU L 286 51.04 -1.94 19.83
N ARG L 287 50.38 -1.52 20.92
CA ARG L 287 49.83 -2.48 21.92
C ARG L 287 48.35 -2.15 22.14
N LEU L 288 47.48 -3.17 22.10
CA LEU L 288 46.02 -2.95 22.28
C LEU L 288 45.76 -2.33 23.66
N GLY L 289 44.95 -1.27 23.70
CA GLY L 289 44.72 -0.57 24.98
C GLY L 289 43.26 -0.34 25.30
N GLU L 290 42.35 -0.53 24.34
CA GLU L 290 40.92 -0.21 24.61
C GLU L 290 39.98 -0.90 23.61
N TYR L 291 38.79 -1.31 24.08
CA TYR L 291 37.77 -1.91 23.17
C TYR L 291 36.42 -1.26 23.49
N THR L 292 35.97 -0.31 22.67
CA THR L 292 34.63 0.31 22.89
C THR L 292 33.60 -0.49 22.10
N ALA L 293 32.76 -1.26 22.81
CA ALA L 293 31.71 -2.06 22.13
C ALA L 293 30.53 -1.15 21.83
N ALA L 294 29.64 -0.95 22.80
CA ALA L 294 28.49 -0.03 22.63
C ALA L 294 28.75 1.23 23.45
N GLY L 295 29.99 1.71 23.47
CA GLY L 295 30.35 2.85 24.34
C GLY L 295 31.13 2.35 25.54
N LEU L 296 30.84 1.12 26.00
CA LEU L 296 31.56 0.50 27.14
C LEU L 296 33.06 0.52 26.85
N ARG L 297 33.82 1.35 27.58
CA ARG L 297 35.28 1.46 27.33
C ARG L 297 36.00 0.38 28.12
N PHE L 298 36.22 -0.79 27.53
CA PHE L 298 36.99 -1.87 28.20
C PHE L 298 38.48 -1.56 28.02
N LEU L 299 39.11 -0.89 29.00
CA LEU L 299 40.54 -0.46 28.84
C LEU L 299 41.50 -1.56 29.31
N ASN L 300 42.57 -1.81 28.55
CA ASN L 300 43.61 -2.81 28.95
C ASN L 300 44.38 -2.24 30.14
N PRO L 301 44.38 -2.91 31.31
CA PRO L 301 45.03 -2.37 32.52
C PRO L 301 46.47 -1.87 32.31
N ASP L 302 47.28 -2.59 31.53
CA ASP L 302 48.71 -2.20 31.32
C ASP L 302 48.80 -0.86 30.60
N VAL L 303 48.34 -0.79 29.34
CA VAL L 303 48.45 0.46 28.54
C VAL L 303 47.79 1.62 29.31
N PHE L 304 46.54 1.46 29.71
CA PHE L 304 45.81 2.54 30.41
C PHE L 304 46.21 2.54 31.89
N THR L 305 47.42 3.04 32.20
CA THR L 305 47.92 3.09 33.60
C THR L 305 46.98 3.95 34.45
N THR L 306 46.62 5.14 33.95
CA THR L 306 45.69 6.04 34.69
C THR L 306 44.26 5.80 34.19
N LYS L 307 43.34 5.48 35.11
CA LYS L 307 41.90 5.31 34.73
C LYS L 307 41.37 6.67 34.27
N PRO L 308 40.77 6.86 33.05
CA PRO L 308 40.33 8.21 32.64
C PRO L 308 39.02 8.71 33.29
N ASP L 309 38.50 9.85 32.85
CA ASP L 309 37.30 10.44 33.50
C ASP L 309 36.03 10.12 32.68
N PHE L 310 35.59 8.86 32.68
CA PHE L 310 34.43 8.43 31.86
C PHE L 310 33.33 7.89 32.79
N PRO L 311 32.01 8.05 32.49
CA PRO L 311 30.94 7.47 33.28
C PRO L 311 31.28 6.06 33.78
N ASP L 312 31.29 5.86 35.10
CA ASP L 312 31.68 4.56 35.71
C ASP L 312 30.89 3.40 35.10
N TYR L 313 29.58 3.57 34.86
CA TYR L 313 28.72 2.44 34.37
C TYR L 313 29.23 1.88 33.03
N LEU L 314 30.08 2.62 32.30
CA LEU L 314 30.65 2.14 31.02
C LEU L 314 32.15 1.90 31.17
N LEU L 315 32.84 2.68 32.01
CA LEU L 315 34.32 2.57 32.12
C LEU L 315 34.71 1.28 32.83
N ALA L 316 35.19 0.28 32.07
CA ALA L 316 35.66 -0.98 32.66
C ALA L 316 37.19 -1.03 32.55
N ASP L 317 37.91 -0.93 33.68
CA ASP L 317 39.40 -0.89 33.64
C ASP L 317 39.93 -2.33 33.71
N ARG L 318 39.26 -3.27 33.03
CA ARG L 318 39.66 -4.70 33.07
C ARG L 318 39.51 -5.36 31.68
N GLY L 319 39.87 -4.67 30.59
CA GLY L 319 39.87 -5.33 29.27
C GLY L 319 41.15 -6.14 29.18
N LEU L 320 41.25 -7.23 29.93
CA LEU L 320 42.53 -7.99 30.07
C LEU L 320 42.97 -8.78 28.83
N SER L 321 44.20 -9.32 28.89
CA SER L 321 44.75 -10.21 27.83
C SER L 321 44.90 -9.52 26.46
N VAL L 322 46.09 -9.00 26.18
CA VAL L 322 46.36 -8.48 24.81
C VAL L 322 47.47 -9.40 24.29
N ASP L 323 48.61 -9.45 25.00
CA ASP L 323 49.79 -10.29 24.67
C ASP L 323 50.98 -9.76 25.47
N ALA L 324 50.83 -8.57 26.10
CA ALA L 324 51.94 -7.91 26.83
C ALA L 324 53.16 -7.85 25.90
N THR L 325 52.92 -7.70 24.60
CA THR L 325 54.02 -7.70 23.59
C THR L 325 53.69 -6.71 22.48
N PRO L 326 54.46 -5.61 22.31
CA PRO L 326 54.26 -4.69 21.18
C PRO L 326 54.31 -5.47 19.87
N ILE L 327 53.28 -5.35 19.03
CA ILE L 327 53.21 -6.19 17.79
C ILE L 327 53.86 -5.47 16.60
N ALA L 328 53.69 -4.16 16.47
CA ALA L 328 54.19 -3.43 15.27
C ALA L 328 55.74 -3.33 15.29
N PRO L 329 56.42 -2.99 14.17
CA PRO L 329 55.79 -2.77 12.86
C PRO L 329 55.88 -3.86 11.78
N GLY L 330 54.96 -3.81 10.81
CA GLY L 330 55.00 -4.72 9.69
C GLY L 330 54.52 -6.13 9.95
N GLU L 331 54.30 -6.51 11.20
CA GLU L 331 53.99 -7.90 11.51
C GLU L 331 52.50 -8.13 11.57
N ALA L 332 52.05 -9.21 10.93
CA ALA L 332 50.67 -9.68 11.01
C ALA L 332 50.66 -10.92 11.89
N LYS L 333 50.01 -10.82 13.05
CA LYS L 333 49.95 -11.95 13.96
C LYS L 333 48.58 -12.02 14.61
N GLU L 334 48.26 -13.19 15.15
CA GLU L 334 46.99 -13.45 15.80
C GLU L 334 47.16 -13.33 17.31
N ILE L 335 46.37 -12.46 17.93
CA ILE L 335 46.41 -12.25 19.37
C ILE L 335 45.09 -12.69 19.97
N VAL L 336 45.14 -13.09 21.23
CA VAL L 336 43.97 -13.54 21.97
C VAL L 336 43.60 -12.48 22.98
N VAL L 337 42.38 -11.96 22.88
CA VAL L 337 41.89 -10.90 23.74
C VAL L 337 40.77 -11.48 24.60
N LYS L 338 40.86 -11.27 25.90
CA LYS L 338 39.92 -11.84 26.86
C LYS L 338 39.17 -10.70 27.56
N ILE L 339 38.10 -10.23 26.94
CA ILE L 339 37.28 -9.20 27.55
C ILE L 339 36.49 -9.82 28.70
N GLN L 340 36.64 -9.25 29.89
CA GLN L 340 35.94 -9.76 31.07
C GLN L 340 35.70 -8.62 32.04
N ASP L 341 34.43 -8.29 32.27
CA ASP L 341 34.06 -7.32 33.28
C ASP L 341 32.58 -7.48 33.57
N ALA L 342 32.19 -7.13 34.80
CA ALA L 342 30.79 -7.23 35.20
C ALA L 342 29.92 -6.30 34.36
N ARG L 343 30.48 -5.21 33.83
CA ARG L 343 29.70 -4.30 33.01
C ARG L 343 29.22 -4.97 31.73
N TRP L 344 29.97 -5.95 31.23
CA TRP L 344 29.55 -6.67 30.03
C TRP L 344 28.21 -7.35 30.26
N ASP L 345 27.95 -7.80 31.48
CA ASP L 345 26.67 -8.41 31.82
C ASP L 345 25.66 -7.40 32.32
N ILE L 346 26.10 -6.35 33.00
CA ILE L 346 25.19 -5.32 33.48
C ILE L 346 24.52 -4.62 32.30
N GLU L 347 25.29 -4.27 31.28
CA GLU L 347 24.75 -3.62 30.09
C GLU L 347 24.06 -4.59 29.16
N ARG L 348 23.81 -5.82 29.61
CA ARG L 348 23.06 -6.83 28.87
C ARG L 348 23.71 -7.16 27.53
N LEU L 349 25.00 -6.88 27.37
CA LEU L 349 25.69 -7.37 26.18
C LEU L 349 25.85 -8.88 26.22
N SER L 350 25.78 -9.49 27.40
CA SER L 350 25.78 -10.94 27.51
C SER L 350 24.50 -11.54 26.94
N ASP L 351 23.47 -10.74 26.72
CA ASP L 351 22.23 -11.21 26.12
C ASP L 351 22.34 -11.38 24.62
N LEU L 352 23.56 -11.40 24.09
CA LEU L 352 23.77 -11.65 22.67
C LEU L 352 23.24 -13.01 22.25
N ALA L 353 23.15 -13.96 23.19
CA ALA L 353 22.58 -15.26 22.87
C ALA L 353 21.10 -15.16 22.51
N TYR L 354 20.39 -14.21 23.12
CA TYR L 354 18.98 -14.01 22.81
C TYR L 354 18.76 -13.40 21.43
N ASP L 355 19.77 -12.76 20.86
CA ASP L 355 19.61 -12.10 19.58
C ASP L 355 19.59 -13.10 18.43
N THR L 356 19.05 -12.65 17.30
CA THR L 356 18.98 -13.47 16.10
C THR L 356 20.24 -13.42 15.26
N ASP L 357 21.29 -12.76 15.75
CA ASP L 357 22.56 -12.70 15.03
C ASP L 357 23.67 -12.60 16.08
N SER L 358 24.30 -13.73 16.39
CA SER L 358 25.37 -13.76 17.37
C SER L 358 26.64 -13.21 16.73
N GLN L 359 26.71 -11.89 16.68
CA GLN L 359 27.84 -11.19 16.06
C GLN L 359 28.19 -9.98 16.89
N ILE L 360 29.49 -9.79 17.12
CA ILE L 360 29.97 -8.67 17.88
C ILE L 360 30.49 -7.58 16.95
N GLY L 361 30.71 -6.40 17.49
CA GLY L 361 31.31 -5.30 16.75
C GLY L 361 31.89 -4.31 17.73
N GLY L 362 32.59 -3.34 17.18
CA GLY L 362 33.17 -2.29 18.00
C GLY L 362 34.47 -1.82 17.40
N LEU L 363 35.25 -1.11 18.21
CA LEU L 363 36.50 -0.52 17.79
C LEU L 363 37.63 -1.04 18.66
N LEU L 364 38.76 -1.33 18.03
CA LEU L 364 39.98 -1.71 18.74
C LEU L 364 40.97 -0.56 18.67
N PHE L 365 41.51 -0.16 19.81
CA PHE L 365 42.41 0.97 19.90
C PHE L 365 43.81 0.47 20.26
N PHE L 366 44.78 0.83 19.43
CA PHE L 366 46.17 0.48 19.67
C PHE L 366 46.97 1.75 19.90
N PHE L 367 47.97 1.67 20.78
CA PHE L 367 48.73 2.83 21.21
C PHE L 367 50.21 2.62 20.97
N SER L 368 50.89 3.70 20.60
CA SER L 368 52.32 3.69 20.38
C SER L 368 53.05 3.73 21.72
N PRO L 369 54.39 3.66 21.71
CA PRO L 369 55.12 4.00 22.94
C PRO L 369 54.78 5.40 23.44
N ASP L 370 54.57 6.35 22.53
CA ASP L 370 54.04 7.65 22.89
C ASP L 370 52.51 7.58 22.87
N GLY L 371 51.86 8.74 22.91
CA GLY L 371 50.42 8.77 23.07
C GLY L 371 49.61 8.56 21.81
N LYS L 372 50.26 8.33 20.67
CA LYS L 372 49.53 8.17 19.42
C LYS L 372 48.62 6.95 19.48
N ARG L 373 47.38 7.11 19.04
CA ARG L 373 46.37 6.07 19.09
C ARG L 373 45.89 5.73 17.69
N TYR L 374 45.83 4.44 17.40
CA TYR L 374 45.36 3.95 16.11
C TYR L 374 44.11 3.11 16.31
N ALA L 375 43.06 3.43 15.55
CA ALA L 375 41.76 2.77 15.71
C ALA L 375 41.58 1.70 14.64
N SER L 376 40.94 0.61 15.03
CA SER L 376 40.62 -0.47 14.10
C SER L 376 39.25 -1.01 14.42
N GLU L 377 38.47 -1.32 13.38
CA GLU L 377 37.12 -1.84 13.55
C GLU L 377 37.16 -3.35 13.59
N ILE L 378 36.59 -3.91 14.65
CA ILE L 378 36.52 -5.36 14.82
C ILE L 378 35.06 -5.79 14.82
N GLY L 379 34.79 -6.95 14.24
CA GLY L 379 33.44 -7.48 14.22
C GLY L 379 33.34 -8.80 13.51
N GLY L 380 32.38 -9.62 13.91
CA GLY L 380 32.17 -10.91 13.30
C GLY L 380 31.41 -11.85 14.20
N PRO L 381 31.16 -13.07 13.73
CA PRO L 381 30.43 -14.03 14.53
C PRO L 381 31.20 -14.47 15.76
N VAL L 382 30.47 -14.76 16.83
CA VAL L 382 31.01 -15.33 18.05
C VAL L 382 30.10 -16.48 18.46
N ILE L 383 30.67 -17.42 19.21
CA ILE L 383 29.98 -18.65 19.59
C ILE L 383 29.71 -18.61 21.09
N PRO L 384 28.47 -18.75 21.52
CA PRO L 384 28.18 -18.74 22.96
C PRO L 384 28.67 -20.02 23.63
N LYS L 385 29.17 -19.86 24.84
CA LYS L 385 29.58 -20.99 25.68
C LYS L 385 28.55 -21.14 26.80
N PHE L 386 27.72 -22.17 26.70
CA PHE L 386 26.66 -22.38 27.68
C PHE L 386 27.25 -23.06 28.91
N VAL L 387 27.30 -22.33 30.01
CA VAL L 387 27.84 -22.83 31.25
C VAL L 387 26.72 -23.02 32.25
N ALA L 388 26.99 -23.79 33.30
CA ALA L 388 26.00 -24.05 34.33
C ALA L 388 25.79 -22.81 35.20
CU CU M . 19.24 -28.42 -15.87
CAA HXG N . -8.78 -14.78 -30.19
CAJ HXG N . -8.88 -15.23 -31.68
CAL HXG N . -7.98 -14.38 -32.66
CAN HXG N . -6.47 -14.47 -32.38
CAQ HXG N . -5.89 -15.88 -32.63
CAZ HXG N . -4.36 -15.95 -32.64
OAF HXG N . -3.68 -16.59 -33.40
OAV HXG N . -3.82 -15.20 -31.67
CAT HXG N . -3.34 -15.86 -30.47
CBB HXG N . -1.90 -15.42 -30.21
OAY HXG N . -1.86 -13.95 -30.22
CBA HXG N . -2.13 -13.23 -29.10
OAG HXG N . -1.23 -12.99 -28.35
CAR HXG N . -3.55 -12.68 -28.90
CAO HXG N . -4.07 -12.83 -27.44
CAM HXG N . -4.45 -14.27 -27.07
CAK HXG N . -5.76 -14.80 -27.72
CAB HXG N . -5.99 -16.33 -27.55
CAU HXG N . -1.31 -16.04 -28.95
OAX HXG N . 0.00 -15.50 -28.60
PBD HXG N . 1.36 -16.14 -29.19
OAI HXG N . 1.16 -16.66 -30.58
OAH HXG N . 1.89 -17.05 -28.11
OAW HXG N . 2.30 -14.84 -29.27
CAP HXG N . 1.98 -13.76 -30.21
CAS HXG N . 2.35 -12.39 -29.64
NBC HXG N . 2.08 -11.16 -30.52
CAD HXG N . 2.54 -9.89 -29.78
CAE HXG N . 0.58 -11.04 -30.82
CAC HXG N . 2.86 -11.26 -31.85
H1 HXG N . -9.40 -15.31 -29.62
H2 HXG N . -9.01 -13.84 -30.11
H3 HXG N . -7.88 -14.91 -29.85
H4 HXG N . -9.82 -15.19 -31.98
H5 HXG N . -8.61 -16.19 -31.76
H6 HXG N . -8.28 -13.43 -32.60
H7 HXG N . -8.15 -14.67 -33.60
H8 HXG N . -6.28 -14.20 -31.45
H9 HXG N . -5.97 -13.81 -32.96
H10 HXG N . -6.23 -16.22 -33.50
H11 HXG N . -6.22 -16.51 -31.94
H12 HXG N . -3.40 -16.84 -30.55
H13 HXG N . -3.91 -15.59 -29.72
H14 HXG N . -1.34 -15.71 -30.99
H15 HXG N . -4.17 -13.13 -29.52
H16 HXG N . -3.54 -11.72 -29.17
H17 HXG N . -4.87 -12.25 -27.31
H18 HXG N . -3.38 -12.48 -26.81
H19 HXG N . -4.53 -14.37 -26.07
H20 HXG N . -3.71 -14.87 -27.34
H21 HXG N . -5.75 -14.57 -28.69
H22 HXG N . -6.54 -14.30 -27.34
H23 HXG N . -6.83 -16.63 -27.98
H24 HXG N . -6.05 -16.55 -26.60
H25 HXG N . -5.25 -16.83 -27.94
H26 HXG N . -1.24 -17.02 -29.04
H27 HXG N . -1.90 -15.89 -28.18
H29 HXG N . 1.02 -13.78 -30.43
H30 HXG N . 2.48 -13.92 -31.04
H31 HXG N . 3.32 -12.39 -29.40
H32 HXG N . 1.87 -12.26 -28.79
H33 HXG N . 2.38 -9.11 -30.33
H34 HXG N . 3.49 -9.95 -29.58
H35 HXG N . 2.05 -9.81 -28.95
H36 HXG N . 0.41 -10.21 -31.29
H37 HXG N . 0.08 -11.06 -29.99
H38 HXG N . 0.31 -11.79 -31.37
H39 HXG N . 2.74 -10.44 -32.35
H40 HXG N . 2.52 -12.01 -32.37
H41 HXG N . 3.80 -11.39 -31.66
CAA HXG O . -25.62 -14.72 -8.06
CAJ HXG O . -25.28 -13.85 -6.79
CAL HXG O . -26.44 -12.92 -6.34
CAN HXG O . -26.06 -11.87 -5.26
CAQ HXG O . -27.15 -10.79 -5.03
CAZ HXG O . -28.22 -11.20 -4.00
OAF HXG O . -28.65 -12.32 -3.89
OAV HXG O . -28.65 -10.18 -3.24
CAT HXG O . -27.86 -9.80 -2.09
CBB HXG O . -27.82 -8.27 -2.01
OAY HXG O . -27.47 -7.78 -3.34
CBA HXG O . -26.49 -6.86 -3.51
OAG HXG O . -26.58 -5.78 -2.99
CAR HXG O . -25.33 -7.36 -4.38
CAO HXG O . -24.35 -8.28 -3.62
CAM HXG O . -23.25 -8.87 -4.53
CAK HXG O . -22.26 -7.83 -5.15
CAB HXG O . -21.37 -7.10 -4.08
CAU HXG O . -29.17 -7.64 -1.67
OAX HXG O . -30.00 -7.61 -2.86
PBD HXG O . -31.60 -7.52 -2.75
OAI HXG O . -31.94 -6.27 -1.98
OAH HXG O . -32.11 -8.85 -2.29
OAW HXG O . -32.01 -7.27 -4.29
CAP HXG O . -32.10 -8.40 -5.24
CAS HXG O . -31.71 -7.97 -6.67
NBC HXG O . -30.26 -8.18 -7.10
CAD HXG O . -29.30 -7.64 -6.03
CAE HXG O . -29.99 -7.43 -8.42
CAC HXG O . -29.99 -9.68 -7.32
H1 HXG O . -24.86 -15.31 -8.29
H2 HXG O . -25.80 -14.13 -8.82
H3 HXG O . -26.41 -15.26 -7.88
H4 HXG O . -24.49 -13.28 -6.98
H5 HXG O . -25.02 -14.44 -6.04
H6 HXG O . -27.19 -13.48 -6.00
H7 HXG O . -26.79 -12.45 -7.13
H8 HXG O . -25.21 -11.45 -5.54
H9 HXG O . -25.86 -12.34 -4.41
H10 HXG O . -27.61 -10.61 -5.88
H11 HXG O . -26.72 -9.94 -4.76
H12 HXG O . -26.92 -10.17 -2.16
H13 HXG O . -28.26 -10.17 -1.27
H14 HXG O . -27.13 -7.99 -1.33
H15 HXG O . -24.85 -6.59 -4.75
H16 HXG O . -25.70 -7.85 -5.16
H17 HXG O . -24.88 -9.01 -3.19
H18 HXG O . -23.93 -7.77 -2.89
H19 HXG O . -22.73 -9.54 -4.02
H20 HXG O . -23.70 -9.38 -5.27
H21 HXG O . -22.77 -7.15 -5.66
H22 HXG O . -21.66 -8.28 -5.81
H23 HXG O . -20.88 -7.76 -3.55
H24 HXG O . -21.94 -6.58 -3.47
H25 HXG O . -20.73 -6.49 -4.51
H26 HXG O . -29.06 -6.71 -1.34
H27 HXG O . -29.62 -8.15 -0.96
H29 HXG O . -33.02 -8.76 -5.21
H30 HXG O . -31.50 -9.12 -4.94
H31 HXG O . -31.93 -7.02 -6.78
H32 HXG O . -32.28 -8.45 -7.33
H33 HXG O . -28.41 -7.57 -6.38
H34 HXG O . -29.28 -8.26 -5.27
H35 HXG O . -29.60 -6.77 -5.72
H36 HXG O . -29.09 -7.59 -8.72
H37 HXG O . -30.13 -6.48 -8.28
H38 HXG O . -30.61 -7.75 -9.10
H39 HXG O . -29.08 -9.81 -7.63
H40 HXG O . -30.60 -10.03 -7.98
H41 HXG O . -30.10 -10.17 -6.49
C1 D10 P . -31.47 -0.41 -2.39
C2 D10 P . -30.05 0.09 -2.27
C3 D10 P . -29.75 1.28 -3.15
C4 D10 P . -28.30 1.52 -3.42
C5 D10 P . -27.97 2.87 -4.01
C6 D10 P . -26.71 2.92 -4.84
C7 D10 P . -25.46 2.52 -4.09
C8 D10 P . -24.20 3.24 -4.53
C9 D10 P . -23.75 2.91 -5.92
C10 D10 P . -22.80 3.94 -6.50
H11 D10 P . -31.67 -0.99 -1.65
H12 D10 P . -31.58 -0.88 -3.23
H13 D10 P . -32.08 0.35 -2.38
H21 D10 P . -29.44 -0.63 -2.51
H22 D10 P . -29.87 0.34 -1.34
H31 D10 P . -30.13 2.08 -2.73
H32 D10 P . -30.22 1.16 -4.01
H41 D10 P . -27.97 0.82 -4.02
H42 D10 P . -27.80 1.43 -2.57
H51 D10 P . -27.90 3.52 -3.30
H52 D10 P . -28.73 3.14 -4.58
H61 D10 P . -26.60 3.82 -5.19
H62 D10 P . -26.82 2.31 -5.61
H71 D10 P . -25.32 1.55 -4.20
H72 D10 P . -25.59 2.69 -3.13
H81 D10 P . -23.48 3.01 -3.91
H82 D10 P . -24.35 4.21 -4.45
H91 D10 P . -24.53 2.85 -6.51
H92 D10 P . -23.30 2.04 -5.92
H101 D10 P . -22.13 4.19 -5.83
H102 D10 P . -23.30 4.74 -6.76
H103 D10 P . -22.36 3.57 -7.28
CAA HXG Q . 0.35 -20.89 27.96
CAJ HXG Q . 0.79 -21.89 29.09
CAL HXG Q . 2.06 -22.72 28.73
CAN HXG Q . 3.36 -21.90 28.54
CAQ HXG Q . 3.84 -21.22 29.85
CAZ HXG Q . 5.26 -20.69 29.80
OAF HXG Q . 6.11 -20.79 30.66
OAV HXG Q . 5.51 -20.05 28.66
CAT HXG Q . 5.54 -18.60 28.65
CBB HXG Q . 6.83 -18.12 27.99
OAY HXG Q . 6.98 -18.86 26.72
CBA HXG Q . 6.43 -18.42 25.58
OAG HXG Q . 7.06 -17.65 24.90
CAR HXG Q . 5.08 -18.98 25.13
CAO HXG Q . 4.07 -17.89 24.65
CAM HXG Q . 3.42 -17.10 25.81
CAK HXG Q . 2.39 -17.90 26.66
CAB HXG Q . 1.83 -17.11 27.89
CAU HXG Q . 6.91 -16.60 27.83
OAX HXG Q . 8.06 -16.18 27.06
PBD HXG Q . 9.49 -15.89 27.75
OAI HXG Q . 9.74 -16.85 28.88
OAH HXG Q . 9.56 -14.41 27.99
OAW HXG Q . 10.49 -16.26 26.55
CAP HXG Q . 10.60 -17.64 26.06
CAS HXG Q . 10.83 -17.68 24.56
NBC HXG Q . 11.05 -19.06 23.90
CAD HXG Q . 11.23 -18.86 22.38
CAE HXG Q . 9.83 -19.95 24.15
CAC HXG Q . 12.29 -19.74 24.47
H1 HXG Q . -0.48 -20.43 28.20
H2 HXG Q . 0.19 -21.38 27.13
H3 HXG Q . 1.04 -20.22 27.80
H4 HXG Q . 0.03 -22.50 29.30
H5 HXG Q . 0.97 -21.37 29.93
H6 HXG Q . 1.87 -23.24 27.89
H7 HXG Q . 2.22 -23.40 29.44
H8 HXG Q . 3.20 -21.20 27.85
H9 HXG Q . 4.08 -22.47 28.20
H10 HXG Q . 3.77 -21.89 30.59
H11 HXG Q . 3.23 -20.48 30.10
H12 HXG Q . 5.47 -18.23 29.58
H13 HXG Q . 4.77 -18.27 28.14
H14 HXG Q . 7.60 -18.42 28.57
H15 HXG Q . 4.67 -19.49 25.87
H16 HXG Q . 5.24 -19.63 24.40
H17 HXG Q . 3.34 -18.31 24.11
H18 HXG Q . 4.54 -17.27 24.03
H19 HXG Q . 2.97 -16.28 25.45
H20 HXG Q . 4.13 -16.77 26.40
H21 HXG Q . 2.82 -18.74 26.98
H22 HXG Q . 1.64 -18.19 26.07
H23 HXG Q . 1.18 -17.65 28.39
H24 HXG Q . 1.39 -16.30 27.58
H25 HXG Q . 2.56 -16.86 28.49
H26 HXG Q . 6.93 -16.17 28.71
H27 HXG Q . 6.11 -16.28 27.37
H29 HXG Q . 9.77 -18.14 26.29
H30 HXG Q . 11.33 -18.08 26.54
H31 HXG Q . 11.62 -17.12 24.35
H32 HXG Q . 10.06 -17.25 24.11
H33 HXG Q . 11.35 -19.74 21.96
H34 HXG Q . 12.01 -18.31 22.21
H35 HXG Q . 10.45 -18.44 22.01
H36 HXG Q . 9.91 -20.78 23.63
H37 HXG Q . 9.02 -19.49 23.88
H38 HXG Q . 9.77 -20.19 25.08
H39 HXG Q . 12.46 -20.57 23.98
H40 HXG Q . 12.17 -19.94 25.41
H41 HXG Q . 13.07 -19.15 24.37
CAA HXG R . -21.39 -7.28 19.10
CAJ HXG R . -21.98 -7.06 17.67
CAL HXG R . -23.28 -7.88 17.42
CAN HXG R . -23.93 -7.68 16.03
CAQ HXG R . -25.22 -8.50 15.83
CAZ HXG R . -26.03 -8.11 14.60
OAF HXG R . -27.18 -7.74 14.58
OAV HXG R . -25.31 -8.22 13.48
CAT HXG R . -24.79 -7.03 12.84
CBB HXG R . -25.32 -6.97 11.41
OAY HXG R . -25.11 -8.29 10.79
CBA HXG R . -24.08 -8.50 9.95
OAG HXG R . -24.29 -8.50 8.77
CAR HXG R . -22.69 -8.68 10.58
CAO HXG R . -21.79 -7.44 10.45
CAM HXG R . -20.41 -7.61 11.14
CAK HXG R . -19.40 -8.50 10.34
CAB HXG R . -18.72 -7.75 9.15
CAU HXG R . -26.82 -6.68 11.31
OAX HXG R . -27.59 -7.90 11.58
PBD HXG R . -28.51 -8.57 10.44
OAI HXG R . -27.79 -8.53 9.12
OAH HXG R . -29.91 -7.99 10.54
OAW HXG R . -28.58 -10.12 10.84
CAP HXG R . -28.84 -10.55 12.22
CAS HXG R . -28.38 -11.99 12.43
NBC HXG R . -26.89 -12.23 12.71
CAD HXG R . -26.02 -11.47 11.67
CAE HXG R . -26.56 -13.73 12.60
CAC HXG R . -26.53 -11.75 14.12
H1 HXG R . -20.53 -6.80 19.21
H2 HXG R . -21.22 -8.23 19.26
H3 HXG R . -22.00 -6.96 19.78
H4 HXG R . -21.31 -7.32 16.99
H5 HXG R . -22.18 -6.10 17.53
H6 HXG R . -23.94 -7.64 18.12
H7 HXG R . -23.09 -8.84 17.55
H8 HXG R . -23.27 -7.91 15.33
H9 HXG R . -24.13 -6.72 15.91
H10 HXG R . -25.80 -8.40 16.64
H11 HXG R . -25.00 -9.47 15.78
H12 HXG R . -23.80 -7.09 12.86
H13 HXG R . -25.05 -6.21 13.34
H14 HXG R . -24.81 -6.27 10.89
H15 HXG R . -22.26 -9.46 10.15
H16 HXG R . -22.79 -8.91 11.54
H17 HXG R . -22.26 -6.65 10.83
H18 HXG R . -21.65 -7.23 9.49
H19 HXG R . -19.99 -6.72 11.29
H20 HXG R . -20.57 -7.99 12.04
H21 HXG R . -19.88 -9.29 10.00
H22 HXG R . -18.69 -8.85 10.96
H23 HXG R . -18.21 -6.98 9.48
H24 HXG R . -19.40 -7.43 8.52
H25 HXG R . -18.12 -8.35 8.66
H26 HXG R . -27.06 -6.33 10.42
H27 HXG R . -27.07 -6.01 11.98
H29 HXG R . -29.80 -10.46 12.40
H30 HXG R . -28.37 -9.96 12.85
H31 HXG R . -28.62 -12.52 11.63
H32 HXG R . -28.89 -12.40 13.17
H33 HXG R . -25.11 -11.76 11.74
H34 HXG R . -26.06 -10.52 11.85
H35 HXG R . -26.35 -11.64 10.78
H36 HXG R . -25.63 -13.87 12.82
H37 HXG R . -26.74 -14.04 11.70
H38 HXG R . -27.11 -14.23 13.23
H39 HXG R . -25.59 -11.91 14.30
H40 HXG R . -27.07 -12.22 14.77
H41 HXG R . -26.70 -10.80 14.20
C1 D10 S . -28.73 -12.40 3.83
C2 D10 S . -27.38 -12.05 3.24
C3 D10 S . -26.70 -13.22 2.57
C4 D10 S . -25.22 -13.05 2.38
C5 D10 S . -24.58 -14.06 1.46
C6 D10 S . -23.12 -14.33 1.71
C7 D10 S . -22.24 -13.11 1.61
C8 D10 S . -20.84 -13.37 1.09
C9 D10 S . -19.98 -14.21 2.00
C10 D10 S . -18.80 -14.83 1.29
H11 D10 S . -29.22 -11.59 4.02
H12 D10 S . -28.60 -12.90 4.65
H13 D10 S . -29.23 -12.95 3.20
H21 D10 S . -26.81 -11.70 3.94
H22 D10 S . -27.51 -11.35 2.56
H31 D10 S . -27.12 -13.37 1.70
H32 D10 S . -26.85 -14.03 3.13
H41 D10 S . -24.78 -13.10 3.26
H42 D10 S . -25.05 -12.15 2.03
H51 D10 S . -24.69 -13.75 0.54
H52 D10 S . -25.07 -14.91 1.54
H61 D10 S . -22.81 -15.00 1.07
H62 D10 S . -23.02 -14.71 2.61
H71 D10 S . -22.16 -12.70 2.51
H72 D10 S . -22.66 -12.45 1.03
H81 D10 S . -20.40 -12.51 0.96
H82 D10 S . -20.91 -13.81 0.22
H91 D10 S . -20.53 -14.91 2.39
H92 D10 S . -19.65 -13.64 2.74
H101 D10 S . -18.38 -14.17 0.72
H102 D10 S . -19.11 -15.58 0.76
H103 D10 S . -18.16 -15.14 1.95
CAA HXG T . -11.00 32.39 5.07
CAJ HXG T . -11.16 33.92 5.38
CAL HXG T . -10.00 34.51 6.27
CAN HXG T . -8.60 34.50 5.60
CAQ HXG T . -8.51 35.43 4.37
CAZ HXG T . -7.08 35.65 3.86
OAF HXG T . -6.61 36.71 3.49
OAV HXG T . -6.38 34.52 3.83
CAT HXG T . -6.22 33.83 2.56
CBB HXG T . -4.74 33.56 2.33
OAY HXG T . -4.20 32.89 3.51
CBA HXG T . -4.26 31.55 3.68
OAG HXG T . -3.38 30.88 3.23
CAR HXG T . -5.43 30.96 4.47
CAO HXG T . -6.05 29.68 3.82
CAM HXG T . -6.92 29.98 2.58
CAK HXG T . -8.30 30.63 2.90
CAB HXG T . -9.06 31.16 1.63
CAU HXG T . -4.48 32.80 1.02
OAX HXG T . -3.08 32.41 0.88
PBD HXG T . -1.99 33.37 0.18
OAI HXG T . -2.28 34.82 0.49
OAH HXG T . -1.89 32.92 -1.25
OAW HXG T . -0.66 32.95 0.95
CAP HXG T . -0.51 33.20 2.39
CAS HXG T . 0.23 32.08 3.09
NBC HXG T . 0.55 32.25 4.58
CAD HXG T . 1.27 30.98 5.10
CAE HXG T . -0.74 32.45 5.38
CAC HXG T . 1.47 33.46 4.81
H1 HXG T . -11.76 32.06 4.55
H2 HXG T . -10.94 31.88 5.90
H3 HXG T . -10.18 32.23 4.56
H4 HXG T . -12.02 34.08 5.84
H5 HXG T . -11.19 34.43 4.53
H6 HXG T . -9.96 33.99 7.12
H7 HXG T . -10.21 35.44 6.52
H8 HXG T . -8.37 33.57 5.32
H9 HXG T . -7.90 34.76 6.26
H10 HXG T . -8.90 36.31 4.61
H11 HXG T . -9.06 35.07 3.63
H12 HXG T . -6.61 34.36 1.82
H13 HXG T . -6.72 32.98 2.62
H14 HXG T . -4.27 34.44 2.27
H15 HXG T . -6.13 31.63 4.59
H16 HXG T . -5.09 30.74 5.38
H17 HXG T . -6.61 29.20 4.48
H18 HXG T . -5.32 29.05 3.57
H19 HXG T . -7.07 29.15 2.06
H20 HXG T . -6.42 30.60 1.99
H21 HXG T . -8.16 31.38 3.53
H22 HXG T . -8.87 29.98 3.38
H23 HXG T . -9.93 31.55 1.87
H24 HXG T . -9.22 30.41 1.01
H25 HXG T . -8.51 31.82 1.17
H26 HXG T . -4.73 33.35 0.24
H27 HXG T . -5.01 31.99 1.00
H29 HXG T . -1.40 33.34 2.80
H30 HXG T . -0.02 34.05 2.50
H31 HXG T . 1.08 31.91 2.62
H32 HXG T . -0.30 31.25 2.99
H33 HXG T . 1.48 31.09 6.04
H34 HXG T . 2.09 30.85 4.60
H35 HXG T . 0.69 30.21 4.99
H36 HXG T . -0.55 32.42 6.34
H37 HXG T . -1.38 31.75 5.17
H38 HXG T . -1.14 33.30 5.16
H39 HXG T . 1.73 33.50 5.74
H40 HXG T . 1.00 34.28 4.57
H41 HXG T . 2.26 33.37 4.26
CAA HXG U . -27.33 11.81 -0.91
CAJ HXG U . -27.37 10.32 -0.40
CAL HXG U . -28.47 10.07 0.67
CAN HXG U . -28.62 8.61 1.15
CAQ HXG U . -29.77 8.42 2.17
CAZ HXG U . -30.04 6.98 2.56
OAF HXG U . -31.08 6.39 2.46
OAV HXG U . -28.93 6.39 3.06
CAT HXG U . -28.34 5.28 2.34
CBB HXG U . -28.33 4.05 3.23
OAY HXG U . -27.52 4.31 4.43
CBA HXG U . -26.21 4.01 4.44
OAG HXG U . -25.87 2.87 4.65
CAR HXG U . -25.21 5.13 4.15
CAO HXG U . -24.29 4.86 2.95
CAM HXG U . -23.32 6.02 2.66
CAK HXG U . -22.20 6.23 3.75
CAB HXG U . -21.20 5.04 3.84
CAU HXG U . -29.71 3.65 3.75
OAX HXG U . -30.11 4.52 4.86
PBD HXG U . -31.30 4.06 5.85
OAI HXG U . -30.72 3.07 6.81
OAH HXG U . -32.48 3.69 4.99
OAW HXG U . -31.63 5.41 6.65
CAP HXG U . -32.20 6.56 5.96
CAS HXG U . -32.28 7.80 6.86
NBC HXG U . -30.98 8.60 7.11
CAD HXG U . -29.91 7.71 7.76
CAE HXG U . -31.29 9.79 8.05
CAC HXG U . -30.44 9.15 5.78
H1 HXG U . -26.60 11.93 -1.55
H2 HXG U . -27.19 12.41 -0.14
H3 HXG U . -28.18 12.04 -1.33
H4 HXG U . -26.48 10.07 -0.02
H5 HXG U . -27.52 9.71 -1.16
H6 HXG U . -29.33 10.38 0.31
H7 HXG U . -28.28 10.65 1.46
H8 HXG U . -27.77 8.30 1.54
H9 HXG U . -28.78 8.03 0.36
H10 HXG U . -30.60 8.81 1.79
H11 HXG U . -29.57 8.94 2.98
H12 HXG U . -27.40 5.55 2.08
H13 HXG U . -28.83 5.10 1.49
H14 HXG U . -27.92 3.27 2.72
H15 HXG U . -24.67 5.27 4.97
H16 HXG U . -25.71 5.97 4.00
H17 HXG U . -24.86 4.68 2.14
H18 HXG U . -23.78 4.03 3.11
H19 HXG U . -22.87 5.87 1.79
H20 HXG U . -23.85 6.86 2.57
H21 HXG U . -22.64 6.37 4.62
H22 HXG U . -21.69 7.07 3.56
H23 HXG U . -20.79 4.87 2.98
H24 HXG U . -21.67 4.22 4.11
H25 HXG U . -20.50 5.22 4.50
H26 HXG U . -29.71 2.71 4.07
H27 HXG U . -30.38 3.71 3.03
H29 HXG U . -33.10 6.32 5.63
H30 HXG U . -31.65 6.77 5.17
H31 HXG U . -32.63 7.53 7.73
H32 HXG U . -32.94 8.44 6.49
H33 HXG U . -29.14 8.26 8.02
H34 HXG U . -29.61 7.04 7.12
H35 HXG U . -30.27 7.28 8.54
H36 HXG U . -30.47 10.26 8.25
H37 HXG U . -31.68 9.46 8.86
H38 HXG U . -31.92 10.38 7.62
H39 HXG U . -29.69 9.75 5.97
H40 HXG U . -31.13 9.66 5.32
H41 HXG U . -30.14 8.43 5.22
C1 D10 V . -29.53 -0.86 11.26
C2 D10 V . -28.03 -1.06 11.13
C3 D10 V . -27.28 -0.81 12.41
C4 D10 V . -25.81 -0.55 12.24
C5 D10 V . -25.01 -0.62 13.52
C6 D10 V . -23.75 0.20 13.52
C7 D10 V . -22.76 -0.14 12.42
C8 D10 V . -21.31 0.03 12.80
C9 D10 V . -20.88 1.45 13.04
C10 D10 V . -19.60 1.56 13.82
H11 D10 V . -29.97 -1.26 10.50
H12 D10 V . -29.73 0.08 11.30
H13 D10 V . -29.83 -1.29 12.08
H21 D10 V . -27.69 -0.45 10.44
H22 D10 V . -27.85 -1.98 10.84
H31 D10 V . -27.40 -1.61 13.00
H32 D10 V . -27.68 -0.05 12.87
H41 D10 V . -25.69 0.33 11.84
H42 D10 V . -25.45 -1.21 11.60
H51 D10 V . -24.77 -1.56 13.69
H52 D10 V . -25.57 -0.32 14.26
H61 D10 V . -23.30 0.10 14.39
H62 D10 V . -23.99 1.15 13.42
H71 D10 V . -22.94 0.42 11.65
H72 D10 V . -22.90 -1.08 12.16
H81 D10 V . -20.75 -0.34 12.07
H82 D10 V . -21.12 -0.50 13.60
H91 D10 V . -21.60 1.91 13.52
H92 D10 V . -20.77 1.90 12.17
H101 D10 V . -18.95 0.93 13.49
H102 D10 V . -19.77 1.38 14.77
H103 D10 V . -19.25 2.47 13.74
CU CU W . -4.96 19.06 -15.40
CAA HXG X . -28.75 18.36 -2.78
CAJ HXG X . -30.09 19.00 -2.54
CAL HXG X . -30.11 19.89 -1.33
CAN HXG X . -31.31 20.82 -1.22
CAQ HXG X . -32.61 20.10 -1.02
CAZ HXG X . -33.53 20.17 -2.20
OAF HXG X . -33.63 19.31 -3.05
OAV HXG X . -34.20 21.32 -2.24
CAT HXG X . -35.62 21.26 -2.04
CBB HXG X . -35.93 21.43 -0.57
OAY HXG X . -35.60 22.77 -0.14
CBA HXG X . -34.40 23.00 0.41
OAG HXG X . -34.07 22.51 1.47
CAR HXG X . -33.48 23.89 -0.39
CAO HXG X . -34.19 24.74 -1.40
CAM HXG X . -33.25 25.77 -2.04
CAK HXG X . -33.76 26.33 -3.34
CAB HXG X . -32.97 27.52 -3.81
CAU HXG X . -37.39 21.22 -0.22
OAX HXG X . -37.51 21.04 1.21
PBD HXG X . -38.37 22.08 2.07
OAI HXG X . -39.82 21.75 1.85
OAH HXG X . -37.87 23.48 1.83
OAW HXG X . -38.00 21.67 3.58
CAP HXG X . -36.64 21.86 4.07
CAS HXG X . -36.60 23.07 4.98
NBC HXG X . -35.32 23.90 5.03
CAD HXG X . -35.23 24.79 3.83
CAE HXG X . -34.10 23.03 5.10
CAC HXG X . -35.34 24.75 6.25
H1 HXG X . -28.40 18.00 -1.96
H2 HXG X . -28.13 19.03 -3.13
H3 HXG X . -28.85 17.64 -3.44
H4 HXG X . -30.76 18.29 -2.43
H5 HXG X . -30.34 19.53 -3.33
H6 HXG X . -29.30 20.45 -1.34
H7 HXG X . -30.08 19.33 -0.53
H8 HXG X . -31.38 21.36 -2.04
H9 HXG X . -31.18 21.43 -0.46
H10 HXG X . -33.06 20.49 -0.24
H11 HXG X . -32.44 19.16 -0.80
H12 HXG X . -35.97 20.39 -2.36
H13 HXG X . -36.05 21.97 -2.57
H14 HXG X . -35.40 20.78 -0.05
H15 HXG X . -32.82 23.33 -0.84
H16 HXG X . -32.99 24.47 0.23
H17 HXG X . -34.92 25.21 -0.98
H18 HXG X . -34.55 24.17 -2.11
H19 HXG X . -32.38 25.35 -2.20
H20 HXG X . -33.13 26.51 -1.40
H21 HXG X . -34.70 26.58 -3.23
H22 HXG X . -33.71 25.62 -4.02
H23 HXG X . -33.19 27.70 -4.75
H24 HXG X . -32.02 27.35 -3.72
H25 HXG X . -33.21 28.30 -3.27
H26 HXG X . -37.74 20.42 -0.69
H27 HXG X . -37.91 22.00 -0.51
H29 HXG X . -36.04 22.00 3.30
H30 HXG X . -36.35 21.07 4.56
H31 HXG X . -36.79 22.76 5.89
H32 HXG X . -37.33 23.67 4.73
H33 HXG X . -34.32 25.12 3.75
H34 HXG X . -35.83 25.54 3.95
H35 HXG X . -35.47 24.29 3.04
H36 HXG X . -33.36 23.54 5.44
H37 HXG X . -33.88 22.71 4.21
H38 HXG X . -34.28 22.27 5.67
H39 HXG X . -34.68 25.45 6.17
H40 HXG X . -35.16 24.21 7.03
H41 HXG X . -36.22 25.16 6.34
C1 D12 Y . -30.82 25.54 2.16
C2 D12 Y . -29.67 25.65 1.10
C3 D12 Y . -30.16 25.41 -0.35
C4 D12 Y . -29.09 25.35 -1.47
C5 D12 Y . -29.70 25.31 -2.91
C6 D12 Y . -28.68 25.32 -4.08
C7 D12 Y . -29.33 25.52 -5.49
C8 D12 Y . -28.35 25.37 -6.69
C9 D12 Y . -27.29 26.50 -6.80
C10 D12 Y . -26.25 26.30 -7.94
C11 D12 Y . -25.14 27.39 -8.01
C12 D12 Y . -24.13 27.17 -9.19
H11 D12 Y . -30.49 25.76 3.06
H12 D12 Y . -31.18 24.63 2.17
H13 D12 Y . -31.55 26.15 1.94
H21 D12 Y . -28.96 25.00 1.30
H22 D12 Y . -29.25 26.55 1.15
H31 D12 Y . -30.82 26.12 -0.58
H32 D12 Y . -30.68 24.56 -0.37
H41 D12 Y . -28.51 24.56 -1.35
H42 D12 Y . -28.51 26.15 -1.40
H51 D12 Y . -30.29 26.10 -3.02
H52 D12 Y . -30.28 24.52 -2.99
H61 D12 Y . -28.18 24.46 -4.08
H62 D12 Y . -28.01 26.03 -3.93
H71 D12 Y . -29.74 26.43 -5.52
H72 D12 Y . -30.08 24.87 -5.59
H81 D12 Y . -28.85 25.33 -7.54
H82 D12 Y . -27.88 24.51 -6.61
H91 D12 Y . -26.80 26.59 -5.94
H92 D12 Y . -27.75 27.37 -6.93
H101 D12 Y . -26.72 26.26 -8.80
H102 D12 Y . -25.81 25.42 -7.82
H111 D12 Y . -24.65 27.42 -7.14
H112 D12 Y . -25.58 28.28 -8.10
H121 D12 Y . -23.42 27.83 -9.17
H122 D12 Y . -24.59 27.23 -10.05
H123 D12 Y . -23.72 26.28 -9.11
CAA HXG Z . -30.61 24.23 -20.18
CAJ HXG Z . -31.57 23.98 -21.39
CAL HXG Z . -32.74 23.00 -21.09
CAN HXG Z . -33.66 22.71 -22.29
CAQ HXG Z . -34.76 21.63 -21.99
CAZ HXG Z . -36.13 22.24 -21.61
OAF HXG Z . -37.18 21.94 -22.10
OAV HXG Z . -36.02 23.14 -20.63
CAT HXG Z . -36.14 24.55 -20.95
CBB HXG Z . -37.35 25.13 -20.22
OAY HXG Z . -37.55 26.54 -20.58
CBA HXG Z . -36.85 27.50 -19.93
OAG HXG Z . -35.81 27.89 -20.40
CAR HXG Z . -37.49 28.02 -18.64
CAO HXG Z . -36.69 29.19 -17.97
CAM HXG Z . -35.41 28.72 -17.25
CAK HXG Z . -34.45 29.89 -16.82
CAB HXG Z . -34.99 30.74 -15.62
CAU HXG Z . -38.67 24.45 -20.59
OAX HXG Z . -39.80 25.15 -19.98
PBD HXG Z . -40.41 24.65 -18.59
OAI HXG Z . -39.30 24.60 -17.58
OAH HXG Z . -41.26 23.44 -18.86
OAW HXG Z . -41.41 25.80 -18.11
CAP HXG Z . -42.45 26.30 -19.00
CAS HXG Z . -43.33 27.32 -18.28
NBC HXG Z . -42.64 28.51 -17.61
CAD HXG Z . -41.56 29.10 -18.55
CAE HXG Z . -41.98 28.10 -16.27
CAC HXG Z . -43.69 29.61 -17.31
H1 HXG Z . -29.87 24.81 -20.43
H2 HXG Z . -30.25 23.37 -19.87
H3 HXG Z . -31.10 24.64 -19.44
H4 HXG Z . -31.04 23.62 -22.16
H5 HXG Z . -31.95 24.85 -21.71
H6 HXG Z . -33.28 23.37 -20.34
H7 HXG Z . -32.35 22.15 -20.76
H8 HXG Z . -33.09 22.41 -23.06
H9 HXG Z . -34.08 23.55 -22.59
H10 HXG Z . -34.47 21.06 -21.25
H11 HXG Z . -34.89 21.04 -22.78
H12 HXG Z . -36.25 24.68 -21.94
H13 HXG Z . -35.31 25.01 -20.69
H14 HXG Z . -37.21 25.06 -19.23
H15 HXG Z . -37.56 27.28 -17.99
H16 HXG Z . -38.41 28.32 -18.85
H17 HXG Z . -37.27 29.67 -17.33
H18 HXG Z . -36.44 29.85 -18.66
H19 HXG Z . -34.92 28.09 -17.83
H20 HXG Z . -35.67 28.21 -16.44
H21 HXG Z . -34.31 30.48 -17.61
H22 HXG Z . -33.55 29.53 -16.60
H23 HXG Z . -35.87 31.12 -15.84
H24 HXG Z . -34.37 31.47 -15.40
H25 HXG Z . -35.09 30.16 -14.83
H26 HXG Z . -38.67 23.51 -20.28
H27 HXG Z . -38.80 24.44 -21.55
H29 HXG Z . -42.99 25.53 -19.34
H30 HXG Z . -42.02 26.71 -19.80
H31 HXG Z . -43.86 26.85 -17.60
H32 HXG Z . -43.99 27.68 -18.94
H33 HXG Z . -40.80 28.50 -18.60
H34 HXG Z . -41.27 29.96 -18.21
H35 HXG Z . -41.94 29.23 -19.44
H36 HXG Z . -41.83 28.88 -15.72
H37 HXG Z . -41.13 27.66 -16.43
H38 HXG Z . -42.57 27.49 -15.79
H39 HXG Z . -43.26 30.37 -16.87
H40 HXG Z . -44.38 29.25 -16.73
H41 HXG Z . -44.09 29.91 -18.14
C1 D10 AA . -5.29 27.52 -6.28
C2 D10 AA . -5.06 28.99 -6.06
C3 D10 AA . -3.59 29.35 -6.00
C4 D10 AA . -3.31 30.81 -6.24
C5 D10 AA . -3.13 31.18 -7.70
C6 D10 AA . -3.25 32.66 -8.03
C7 D10 AA . -4.59 33.33 -7.73
C8 D10 AA . -5.81 32.59 -8.20
C9 D10 AA . -7.05 33.43 -8.31
C10 D10 AA . -8.33 32.63 -8.33
H11 D10 AA . -6.22 27.30 -6.08
H12 D10 AA . -4.71 27.00 -5.70
H13 D10 AA . -5.10 27.29 -7.21
H21 D10 AA . -5.49 29.26 -5.23
H22 D10 AA . -5.48 29.48 -6.79
H31 D10 AA . -3.11 28.82 -6.66
H32 D10 AA . -3.25 29.11 -5.11
H41 D10 AA . -2.48 31.05 -5.76
H42 D10 AA . -4.04 31.34 -5.85
H51 D10 AA . -3.80 30.68 -8.23
H52 D10 AA . -2.25 30.87 -7.99
H61 D10 AA . -3.06 32.78 -8.98
H62 D10 AA . -2.56 33.14 -7.52
H71 D10 AA . -4.58 34.21 -8.16
H72 D10 AA . -4.66 33.47 -6.77
H81 D10 AA . -5.99 31.84 -7.58
H82 D10 AA . -5.63 32.19 -9.08
H91 D10 AA . -6.99 33.96 -9.13
H92 D10 AA . -7.07 34.05 -7.55
H101 D10 AA . -8.52 32.31 -7.42
H102 D10 AA . -8.23 31.87 -8.92
H103 D10 AA . -9.06 33.19 -8.63
CU CU BA . 2.43 -23.14 -9.20
CAA HXG CA . -24.91 -21.22 -12.90
CAJ HXG CA . -26.19 -21.80 -13.46
CAL HXG CA . -26.55 -21.27 -14.82
CAN HXG CA . -27.62 -22.05 -15.57
CAQ HXG CA . -28.97 -22.00 -14.92
CAZ HXG CA . -29.40 -23.30 -14.33
OAF HXG CA . -29.28 -23.61 -13.17
OAV HXG CA . -29.89 -24.12 -15.25
CAT HXG CA . -31.31 -24.43 -15.17
CBB HXG CA . -32.09 -23.44 -16.01
OAY HXG CA . -31.78 -23.62 -17.41
CBA HXG CA . -30.84 -22.86 -17.99
OAG HXG CA . -30.95 -21.67 -18.10
CAR HXG CA . -29.62 -23.61 -18.45
CAO HXG CA . -29.84 -25.08 -18.65
CAM HXG CA . -28.65 -25.76 -19.32
CAK HXG CA . -28.61 -27.25 -19.13
CAB HXG CA . -27.60 -27.93 -20.01
CAU HXG CA . -33.58 -23.57 -15.86
OAX HXG CA . -34.22 -22.37 -16.38
PBD HXG CA . -35.21 -22.47 -17.62
OAI HXG CA . -36.53 -23.01 -17.11
OAH HXG CA . -34.54 -23.17 -18.77
OAW HXG CA . -35.44 -20.94 -18.03
CAP HXG CA . -34.32 -20.18 -18.56
CAS HXG CA . -34.48 -20.00 -20.05
NBC HXG CA . -33.23 -19.91 -20.91
CAD HXG CA . -32.63 -21.26 -21.11
CAE HXG CA . -32.20 -19.01 -20.28
CAC HXG CA . -33.59 -19.35 -22.24
H1 HXG CA . -24.92 -20.26 -13.02
H2 HXG CA . -24.16 -21.61 -13.37
H3 HXG CA . -24.85 -21.43 -11.95
H4 HXG CA . -26.92 -21.60 -12.83
H5 HXG CA . -26.10 -22.78 -13.51
H6 HXG CA . -25.73 -21.25 -15.36
H7 HXG CA . -26.85 -20.34 -14.72
H8 HXG CA . -27.34 -22.98 -15.65
H9 HXG CA . -27.68 -21.68 -16.48
H10 HXG CA . -29.62 -21.71 -15.59
H11 HXG CA . -28.96 -21.31 -14.22
H12 HXG CA . -31.60 -24.39 -14.24
H13 HXG CA . -31.45 -25.34 -15.50
H14 HXG CA . -31.83 -22.52 -15.74
H15 HXG CA . -28.91 -23.49 -17.81
H16 HXG CA . -29.32 -23.22 -19.30
H17 HXG CA . -30.63 -25.23 -19.19
H18 HXG CA . -29.99 -25.51 -17.78
H19 HXG CA . -27.82 -25.37 -18.95
H20 HXG CA . -28.69 -25.56 -20.28
H21 HXG CA . -29.50 -27.62 -19.32
H22 HXG CA . -28.39 -27.45 -18.19
H23 HXG CA . -27.45 -28.84 -19.71
H24 HXG CA . -26.76 -27.44 -20.00
H25 HXG CA . -27.93 -27.96 -20.93
H26 HXG CA . -33.82 -23.68 -14.92
H27 HXG CA . -33.90 -24.36 -16.35
H29 HXG CA . -33.48 -20.63 -18.35
H30 HXG CA . -34.29 -19.29 -18.12
H31 HXG CA . -35.00 -19.19 -20.20
H32 HXG CA . -35.01 -20.74 -20.38
H33 HXG CA . -31.73 -21.18 -21.44
H34 HXG CA . -33.17 -21.75 -21.76
H35 HXG CA . -32.63 -21.75 -20.28
H36 HXG CA . -31.58 -18.71 -20.97
H37 HXG CA . -31.71 -19.49 -19.61
H38 HXG CA . -32.64 -18.24 -19.90
H39 HXG CA . -32.87 -19.50 -22.87
H40 HXG CA . -33.74 -18.39 -22.16
H41 HXG CA . -34.40 -19.78 -22.56
C1 D12 DA . -28.78 -20.99 -21.25
C2 D12 DA . -27.62 -21.20 -20.21
C3 D12 DA . -26.79 -22.51 -20.40
C4 D12 DA . -26.01 -23.01 -19.15
C5 D12 DA . -25.16 -24.29 -19.38
C6 D12 DA . -24.63 -24.97 -18.08
C7 D12 DA . -23.57 -26.07 -18.31
C8 D12 DA . -23.03 -26.74 -17.01
C9 D12 DA . -21.83 -27.73 -17.23
C10 D12 DA . -20.44 -27.04 -17.32
C11 D12 DA . -19.23 -28.00 -17.51
C12 D12 DA . -17.83 -27.31 -17.46
H11 D12 DA . -29.27 -20.17 -21.05
H12 D12 DA . -29.39 -21.75 -21.20
H13 D12 DA . -28.40 -20.95 -22.15
H21 D12 DA . -28.00 -21.20 -19.29
H22 D12 DA . -27.01 -20.41 -20.24
H31 D12 DA . -26.15 -22.39 -21.15
H32 D12 DA . -27.41 -23.22 -20.70
H41 D12 DA . -26.67 -23.19 -18.43
H42 D12 DA . -25.43 -22.28 -18.81
H51 D12 DA . -24.38 -24.07 -19.96
H52 D12 DA . -25.70 -24.95 -19.89
H61 D12 DA . -25.40 -25.35 -17.57
H62 D12 DA . -24.25 -24.27 -17.49
H71 D12 DA . -22.80 -25.69 -18.80
H72 D12 DA . -23.95 -26.77 -18.90
H81 D12 DA . -23.78 -27.22 -16.56
H82 D12 DA . -22.73 -26.03 -16.39
H91 D12 DA . -21.98 -28.23 -18.07
H92 D12 DA . -21.80 -28.40 -16.50
H101 D12 DA . -20.30 -26.51 -16.50
H102 D12 DA . -20.45 -26.38 -18.07
H111 D12 DA . -19.34 -28.48 -18.37
H112 D12 DA . -19.28 -28.70 -16.80
H121 D12 DA . -17.11 -27.96 -17.58
H122 D12 DA . -17.72 -26.86 -16.61
H123 D12 DA . -17.77 -26.64 -18.17
CAA HXG EA . -20.31 -38.58 -8.84
CAJ HXG EA . -21.06 -39.71 -8.05
CAL HXG EA . -22.50 -39.34 -7.62
CAN HXG EA . -23.19 -40.43 -6.76
CAQ HXG EA . -24.67 -40.11 -6.40
CAZ HXG EA . -25.68 -40.61 -7.46
OAF HXG EA . -26.36 -41.60 -7.35
OAV HXG EA . -25.72 -39.80 -8.53
CAT HXG EA . -25.93 -40.34 -9.87
CBB HXG EA . -27.27 -39.83 -10.40
OAY HXG EA . -27.62 -40.41 -11.70
CBA HXG EA . -26.73 -40.45 -12.70
OAG HXG EA . -26.31 -41.52 -13.05
CAR HXG EA . -26.32 -39.11 -13.32
CAO HXG EA . -25.35 -39.25 -14.53
CAM HXG EA . -23.90 -39.57 -14.12
CAK HXG EA . -22.97 -40.02 -15.30
CAB HXG EA . -22.73 -38.88 -16.35
CAU HXG EA . -28.45 -40.18 -9.50
OAX HXG EA . -29.74 -39.94 -10.14
PBD HXG EA . -31.09 -40.53 -9.48
OAI HXG EA . -32.19 -39.55 -9.76
OAH HXG EA . -30.83 -40.97 -8.07
OAW HXG EA . -31.50 -41.85 -10.32
CAP HXG EA . -30.52 -42.69 -11.01
CAS HXG EA . -31.07 -43.16 -12.36
NBC HXG EA . -31.44 -42.10 -13.42
CAD HXG EA . -30.31 -41.08 -13.58
CAE HXG EA . -32.74 -41.35 -13.05
CAC HXG EA . -31.67 -42.82 -14.77
H1 HXG EA . -19.39 -38.85 -9.07
H2 HXG EA . -20.28 -37.76 -8.30
H3 HXG EA . -20.80 -38.38 -9.66
H4 HXG EA . -20.53 -39.96 -7.25
H5 HXG EA . -21.09 -40.53 -8.61
H6 HXG EA . -23.05 -39.16 -8.41
H7 HXG EA . -22.48 -38.49 -7.10
H8 HXG EA . -22.66 -40.57 -5.93
H9 HXG EA . -23.15 -41.28 -7.25
H10 HXG EA . -24.77 -39.13 -6.27
H11 HXG EA . -24.91 -40.52 -5.53
H12 HXG EA . -25.91 -41.33 -9.87
H13 HXG EA . -25.17 -40.03 -10.45
H14 HXG EA . -27.22 -38.83 -10.51
H15 HXG EA . -25.89 -38.54 -12.63
H16 HXG EA . -27.15 -38.63 -13.61
H17 HXG EA . -25.36 -38.41 -15.08
H18 HXG EA . -25.68 -39.96 -15.14
H19 HXG EA . -23.91 -40.28 -13.42
H20 HXG EA . -23.50 -38.76 -13.68
H21 HXG EA . -23.39 -40.80 -15.75
H22 HXG EA . -22.10 -40.33 -14.94
H23 HXG EA . -23.57 -38.60 -16.75
H24 HXG EA . -22.13 -39.19 -17.08
H25 HXG EA . -22.31 -38.10 -15.91
H26 HXG EA . -28.42 -39.64 -8.67
H27 HXG EA . -28.40 -41.12 -9.24
H29 HXG EA . -30.31 -43.46 -10.43
H30 HXG EA . -29.68 -42.19 -11.15
H31 HXG EA . -31.89 -43.71 -12.20
H32 HXG EA . -30.42 -43.78 -12.77
H33 HXG EA . -30.52 -40.47 -14.31
H34 HXG EA . -29.47 -41.54 -13.79
H35 HXG EA . -30.20 -40.57 -12.77
H36 HXG EA . -33.06 -40.84 -13.81
H37 HXG EA . -32.57 -40.74 -12.32
H38 HXG EA . -33.42 -41.99 -12.79
H39 HXG EA . -32.38 -43.47 -14.67
H40 HXG EA . -31.92 -42.17 -15.44
H41 HXG EA . -30.86 -43.27 -15.04
C1 D10 FA . -0.94 -20.19 -21.30
C2 D10 FA . -0.66 -20.64 -22.70
C3 D10 FA . 0.72 -20.26 -23.18
C4 D10 FA . 1.22 -21.05 -24.36
C5 D10 FA . 1.92 -22.34 -24.00
C6 D10 FA . 2.07 -23.35 -25.12
C7 D10 FA . 0.79 -23.90 -25.73
C8 D10 FA . -0.26 -24.35 -24.74
C9 D10 FA . -1.29 -25.29 -25.31
C10 D10 FA . -2.55 -25.36 -24.50
H11 D10 FA . -1.90 -20.26 -21.12
H12 D10 FA . -0.65 -19.27 -21.18
H13 D10 FA . -0.47 -20.76 -20.67
H21 D10 FA . -1.32 -20.25 -23.31
H22 D10 FA . -0.74 -21.62 -22.75
H31 D10 FA . 1.36 -20.37 -22.44
H32 D10 FA . 0.71 -19.31 -23.43
H41 D10 FA . 1.84 -20.49 -24.87
H42 D10 FA . 0.45 -21.25 -24.95
H51 D10 FA . 1.44 -22.76 -23.25
H52 D10 FA . 2.82 -22.11 -23.67
H61 D10 FA . 2.60 -24.11 -24.78
H62 D10 FA . 2.59 -22.93 -25.84
H71 D10 FA . 1.02 -24.66 -26.29
H72 D10 FA . 0.40 -23.23 -26.31
H81 D10 FA . -0.72 -23.56 -24.38
H82 D10 FA . 0.19 -24.81 -23.99
H91 D10 FA . -0.91 -26.18 -25.38
H92 D10 FA . -1.52 -24.98 -26.22
H101 D10 FA . -3.08 -24.55 -24.63
H102 D10 FA . -2.33 -25.44 -23.56
H103 D10 FA . -3.08 -26.12 -24.78
CU CU GA . 2.80 4.15 24.72
CAA HXG HA . -20.58 -8.86 25.85
CAJ HXG HA . -21.64 -9.51 26.71
CAL HXG HA . -21.45 -10.99 26.86
CAN HXG HA . -22.26 -11.65 27.98
CAQ HXG HA . -23.74 -11.62 27.73
CAZ HXG HA . -24.48 -10.69 28.66
OAF HXG HA . -24.80 -9.57 28.39
OAV HXG HA . -24.71 -11.27 29.84
CAT HXG HA . -26.08 -11.56 30.17
CBB HXG HA . -26.42 -12.96 29.72
OAY HXG HA . -25.68 -13.93 30.50
CBA HXG HA . -24.51 -14.40 30.02
OAG HXG HA . -24.46 -15.07 29.02
CAR HXG HA . -23.30 -14.02 30.81
CAO HXG HA . -23.58 -13.60 32.22
CAM HXG HA . -22.32 -13.43 33.05
CAK HXG HA . -22.49 -12.60 34.29
CAB HXG HA . -21.32 -12.66 35.22
CAU HXG HA . -27.89 -13.31 29.87
OAX HXG HA . -28.17 -14.49 29.09
PBD HXG HA . -28.68 -15.82 29.82
OAI HXG HA . -30.14 -15.63 30.15
OAH HXG HA . -27.72 -16.22 30.90
OAW HXG HA . -28.59 -16.93 28.65
CAP HXG HA . -27.29 -17.30 28.13
CAS HXG HA . -26.90 -18.67 28.66
NBC HXG HA . -25.42 -18.96 28.89
CAD HXG HA . -24.95 -18.32 30.14
CAE HXG HA . -24.59 -18.50 27.73
CAC HXG HA . -25.25 -20.45 29.02
H1 HXG HA . -20.44 -9.39 25.04
H2 HXG HA . -19.75 -8.81 26.35
H3 HXG HA . -20.86 -7.96 25.61
H4 HXG HA . -22.52 -9.34 26.29
H5 HXG HA . -21.64 -9.08 27.59
H6 HXG HA . -20.50 -11.16 27.05
H7 HXG HA . -21.66 -11.43 26.02
H8 HXG HA . -22.07 -11.18 28.82
H9 HXG HA . -21.97 -12.58 28.07
H10 HXG HA . -24.09 -12.51 27.83
H11 HXG HA . -23.91 -11.34 26.81
H12 HXG HA . -26.67 -10.91 29.73
H13 HXG HA . -26.21 -11.48 31.14
H14 HXG HA . -26.19 -13.06 28.77
H15 HXG HA . -22.83 -13.29 30.36
H16 HXG HA . -22.69 -14.79 30.83
H17 HXG HA . -24.15 -14.26 32.66
H18 HXG HA . -24.06 -12.75 32.21
H19 HXG HA . -21.62 -13.01 32.48
H20 HXG HA . -21.99 -14.31 33.31
H21 HXG HA . -23.30 -12.90 34.76
H22 HXG HA . -22.64 -11.66 34.02
H23 HXG HA . -21.37 -11.95 35.88
H24 HXG HA . -20.48 -12.57 34.72
H25 HXG HA . -21.31 -13.52 35.69
H26 HXG HA . -28.44 -12.56 29.57
H27 HXG HA . -28.08 -13.47 30.82
H29 HXG HA . -26.62 -16.63 28.39
H30 HXG HA . -27.32 -17.33 27.15
H31 HXG HA . -27.26 -19.34 28.04
H32 HXG HA . -27.36 -18.79 29.52
H33 HXG HA . -23.97 -18.32 30.15
H34 HXG HA . -25.26 -18.82 30.91
H35 HXG HA . -25.27 -17.41 30.19
H36 HXG HA . -23.75 -18.97 27.73
H37 HXG HA . -24.43 -17.55 27.81
H38 HXG HA . -25.06 -18.68 26.90
H39 HXG HA . -24.38 -20.63 29.39
H40 HXG HA . -25.32 -20.85 28.14
H41 HXG HA . -25.94 -20.80 29.60
C1 D12 IA . -21.37 -17.12 29.53
C2 D12 IA . -20.50 -15.81 29.43
C3 D12 IA . -19.88 -15.35 30.79
C4 D12 IA . -19.38 -13.88 30.79
C5 D12 IA . -18.88 -13.31 32.14
C6 D12 IA . -18.92 -11.76 32.23
C7 D12 IA . -18.05 -11.14 33.36
C8 D12 IA . -17.88 -9.59 33.28
C9 D12 IA . -16.58 -9.04 33.95
C10 D12 IA . -16.20 -7.58 33.56
C11 D12 IA . -14.72 -7.16 33.80
C12 D12 IA . -14.38 -5.75 33.19
H11 D12 IA . -21.80 -17.32 28.68
H12 D12 IA . -22.06 -16.99 30.21
H13 D12 IA . -20.81 -17.87 29.79
H21 D12 IA . -21.05 -15.07 29.07
H22 D12 IA . -19.76 -15.95 28.77
H31 D12 IA . -19.13 -15.95 31.04
H32 D12 IA . -20.56 -15.46 31.50
H41 D12 IA . -20.13 -13.31 30.47
H42 D12 IA . -18.66 -13.79 30.11
H51 D12 IA . -17.95 -13.62 32.31
H52 D12 IA . -19.42 -13.70 32.88
H61 D12 IA . -19.86 -11.45 32.33
H62 D12 IA . -18.61 -11.39 31.36
H71 D12 IA . -17.15 -11.55 33.32
H72 D12 IA . -18.43 -11.38 34.25
H81 D12 IA . -18.66 -9.13 33.68
H82 D12 IA . -17.86 -9.32 32.33
H91 D12 IA . -15.82 -9.63 33.71
H92 D12 IA . -16.66 -9.11 34.94
H101 D12 IA . -16.79 -6.94 34.04
H102 D12 IA . -16.40 -7.46 32.60
H111 D12 IA . -14.13 -7.84 33.41
H112 D12 IA . -14.54 -7.16 34.78
H121 D12 IA . -13.46 -5.49 33.41
H122 D12 IA . -14.98 -5.08 33.56
H123 D12 IA . -14.49 -5.77 32.23
CAA HXG JA . -17.44 3.64 40.07
CAJ HXG JA . -18.65 4.54 40.52
CAL HXG JA . -19.97 4.22 39.78
CAN HXG JA . -21.19 5.06 40.19
CAQ HXG JA . -22.39 4.87 39.24
CAZ HXG JA . -23.73 5.40 39.82
OAF HXG JA . -24.01 6.57 39.88
OAV HXG JA . -24.55 4.43 40.24
CAT HXG JA . -24.11 3.59 41.34
CBB HXG JA . -25.33 2.86 41.91
OAY HXG JA . -24.94 2.04 43.06
CBA HXG JA . -24.09 1.01 42.88
OAG HXG JA . -22.94 1.16 43.20
CAR HXG JA . -24.65 -0.29 42.30
CAO HXG JA . -24.29 -1.57 43.12
CAM HXG JA . -22.79 -1.96 43.04
CAK HXG JA . -21.98 -1.79 44.38
CAB HXG JA . -22.33 -2.87 45.46
CAU HXG JA . -26.42 3.81 42.41
OAX HXG JA . -27.29 3.15 43.37
PBD HXG JA . -28.50 2.21 42.88
OAI HXG JA . -28.08 1.24 41.81
OAH HXG JA . -29.71 3.07 42.67
OAW HXG JA . -28.78 1.35 44.20
CAP HXG JA . -27.71 0.56 44.82
CAS HXG JA . -28.28 -0.65 45.55
NBC HXG JA . -28.76 -1.86 44.72
CAD HXG JA . -27.59 -2.45 43.93
CAE HXG JA . -29.87 -1.44 43.73
CAC HXG JA . -29.32 -2.93 45.68
H1 HXG JA . -16.63 3.88 40.56
H2 HXG JA . -17.27 3.75 39.12
H3 HXG JA . -17.65 2.70 40.25
H4 HXG JA . -18.42 5.49 40.36
H5 HXG JA . -18.80 4.45 41.49
H6 HXG JA . -20.18 3.25 39.90
H7 HXG JA . -19.82 4.34 38.80
H8 HXG JA . -20.93 6.02 40.22
H9 HXG JA . -21.45 4.82 41.12
H10 HXG JA . -22.47 3.92 39.03
H11 HXG JA . -22.22 5.32 38.38
H12 HXG JA . -23.68 4.13 42.04
H13 HXG JA . -23.43 2.94 40.99
H14 HXG JA . -25.71 2.26 41.21
H15 HXG JA . -24.31 -0.38 41.38
H16 HXG JA . -25.65 -0.21 42.21
H17 HXG JA . -24.87 -2.33 42.81
H18 HXG JA . -24.53 -1.41 44.06
H19 HXG JA . -22.36 -1.43 42.33
H20 HXG JA . -22.70 -2.91 42.76
H21 HXG JA . -22.17 -0.88 44.75
H22 HXG JA . -21.00 -1.82 44.19
H23 HXG JA . -23.28 -2.81 45.69
H24 HXG JA . -21.80 -2.73 46.27
H25 HXG JA . -22.16 -3.76 45.10
H26 HXG JA . -26.95 4.17 41.66
H27 HXG JA . -26.00 4.58 42.87
H29 HXG JA . -27.20 1.14 45.42
H30 HXG JA . -27.08 0.26 44.11
H31 HXG JA . -29.03 -0.36 46.11
H32 HXG JA . -27.59 -1.01 46.19
H33 HXG JA . -27.84 -3.32 43.57
H34 HXG JA . -26.83 -2.56 44.52
H35 HXG JA . -27.35 -1.87 43.20
H36 HXG JA . -30.25 -2.24 43.33
H37 HXG JA . -29.50 -0.89 43.03
H38 HXG JA . -30.56 -0.96 44.21
H39 HXG JA . -28.63 -3.21 46.30
H40 HXG JA . -29.63 -3.69 45.16
H41 HXG JA . -30.07 -2.57 46.17
C1 D10 KA . 4.79 -7.73 27.06
C2 D10 KA . 5.49 -8.58 28.08
C3 D10 KA . 6.99 -8.66 27.86
C4 D10 KA . 7.78 -9.11 29.06
C5 D10 KA . 8.17 -7.98 29.98
C6 D10 KA . 8.59 -8.40 31.39
C7 D10 KA . 7.56 -9.10 32.24
C8 D10 KA . 6.19 -8.46 32.27
C9 D10 KA . 5.32 -8.89 33.42
C10 D10 KA . 3.85 -8.63 33.21
H11 D10 KA . 3.83 -7.90 27.11
H12 D10 KA . 5.11 -7.95 26.17
H13 D10 KA . 4.96 -6.80 27.25
H21 D10 KA . 5.13 -9.50 28.05
H22 D10 KA . 5.33 -8.22 28.98
H31 D10 KA . 7.31 -7.79 27.57
H32 D10 KA . 7.16 -9.30 27.12
H41 D10 KA . 8.59 -9.56 28.75
H42 D10 KA . 7.24 -9.77 29.55
H51 D10 KA . 7.43 -7.36 30.06
H52 D10 KA . 8.91 -7.50 29.58
H61 D10 KA . 8.90 -7.59 31.87
H62 D10 KA . 9.37 -9.00 31.31
H71 D10 KA . 7.89 -9.15 33.17
H72 D10 KA . 7.46 -10.03 31.93
H81 D10 KA . 5.72 -8.69 31.43
H82 D10 KA . 6.30 -7.49 32.31
H91 D10 KA . 5.62 -8.41 34.23
H92 D10 KA . 5.46 -9.85 33.58
H101 D10 KA . 3.50 -9.29 32.59
H102 D10 KA . 3.74 -7.74 32.84
H103 D10 KA . 3.39 -8.70 34.06
CU CU LA . 9.57 29.10 -22.17
CU CU MA . 20.53 6.85 31.00
#